data_7WRW
#
_entry.id   7WRW
#
_cell.length_a   279.030
_cell.length_b   279.030
_cell.length_c   105.680
_cell.angle_alpha   90.000
_cell.angle_beta   90.000
_cell.angle_gamma   120.000
#
_symmetry.space_group_name_H-M   'P 32 2 1'
#
_entity_poly.entity_id   1
_entity_poly.type   'polypeptide(L)'
_entity_poly.pdbx_seq_one_letter_code
;MTGNDVQGAEKADAIGMVLGTEDVTPTVFWFAVSHGASVGLDDLVVVETRKPDGTPVRFYGLVDNVRKRHEGVTFESDVE
DVVAGLLPASVSYAARVLVTRVDPENFIPPQPGDHVRHAAGRELAMALSADKMEEAAFPGGLLADGQPLPLNFRFINGES
GGHINISGISGVATKTSYALFLLHSIFRSGVMDRTAQGSGGRQSGTAGGRALIFNVKGEDLLFLDKPNARMVEKEDKVVR
AKGLSADRYALLGLPAEPFRDVQLLAPPRAGAAGTAIVPQTDQRSEGVTPFVFTIREFCARRMLPYVFSDASASLNLGFV
IGNIEEKLFRLAAAQTGKGTGLIVHDWQFEDSETPPENLDFSELGGVNLQTFEQLISYLEYKLLEEREGEGDPKWVLKQS
PGTLRAFTRRLRGVQKYLSPLIRGDLTPEQAEGYRPDPLRRGIQLTVVDIHALSAHAQMFVVGVLLREVFEYKERVGRQD
TVFVVLDELNKYAPREGDSPIKDVLLDIAERGRSLGIILIGAQQTASEVERRIVSNAAIRVVGRLDLAEAERPEYRFLPQ
SFRGRAGILQPGTMLVSQPDVPNPVLVNYPFPAWATRRDEVDDLGGKAAAEVGAGLLR
;
_entity_poly.pdbx_strand_id   B,C,F,D,E,A
#
# COMPACT_ATOMS: atom_id res chain seq x y z
N ASP A 13 5.03 -52.07 -20.82
CA ASP A 13 4.36 -50.77 -20.72
C ASP A 13 3.76 -50.45 -19.35
N ALA A 14 4.38 -50.91 -18.28
CA ALA A 14 3.89 -50.67 -16.94
C ALA A 14 4.94 -49.88 -16.18
N ILE A 15 4.56 -48.71 -15.72
CA ILE A 15 5.46 -47.87 -14.97
C ILE A 15 5.14 -47.90 -13.47
N GLY A 16 3.88 -48.10 -13.11
CA GLY A 16 3.53 -48.17 -11.71
C GLY A 16 2.06 -48.43 -11.51
N MET A 17 1.65 -48.32 -10.23
CA MET A 17 0.26 -48.53 -9.83
C MET A 17 -0.23 -47.41 -8.93
N VAL A 18 -1.44 -46.93 -9.22
CA VAL A 18 -2.04 -45.84 -8.46
C VAL A 18 -2.16 -46.26 -7.00
N LEU A 19 -1.68 -45.38 -6.12
CA LEU A 19 -1.51 -45.69 -4.71
C LEU A 19 -2.78 -45.38 -3.93
N GLY A 20 -3.06 -46.21 -2.94
CA GLY A 20 -4.24 -46.02 -2.12
C GLY A 20 -3.91 -45.48 -0.74
N THR A 21 -2.63 -45.45 -0.37
CA THR A 21 -2.27 -44.89 0.92
C THR A 21 -2.35 -43.37 0.93
N GLU A 22 -2.36 -42.74 -0.24
CA GLU A 22 -2.57 -41.32 -0.38
C GLU A 22 -3.91 -41.08 -1.06
N ASP A 23 -4.53 -39.93 -0.80
CA ASP A 23 -5.79 -39.64 -1.44
C ASP A 23 -5.66 -39.75 -2.96
N VAL A 24 -6.70 -40.25 -3.61
CA VAL A 24 -6.77 -40.28 -5.07
C VAL A 24 -7.83 -39.28 -5.48
N THR A 25 -7.43 -38.19 -6.12
CA THR A 25 -8.36 -37.18 -6.59
C THR A 25 -8.24 -37.01 -8.10
N PRO A 26 -9.25 -36.43 -8.76
CA PRO A 26 -9.14 -36.23 -10.22
C PRO A 26 -8.06 -35.24 -10.63
N THR A 27 -7.73 -34.25 -9.80
CA THR A 27 -6.68 -33.32 -10.17
C THR A 27 -5.28 -33.84 -9.81
N VAL A 28 -5.13 -34.52 -8.67
CA VAL A 28 -3.83 -34.91 -8.13
C VAL A 28 -3.96 -36.32 -7.56
N PHE A 29 -2.93 -37.15 -7.77
CA PHE A 29 -2.88 -38.48 -7.18
C PHE A 29 -1.46 -38.97 -7.21
N TRP A 30 -1.18 -40.00 -6.40
CA TRP A 30 0.13 -40.61 -6.28
C TRP A 30 0.12 -42.02 -6.86
N PHE A 31 1.30 -42.50 -7.25
CA PHE A 31 1.42 -43.89 -7.66
C PHE A 31 2.76 -44.43 -7.20
N ALA A 32 2.86 -45.76 -7.15
CA ALA A 32 4.09 -46.43 -6.74
C ALA A 32 4.84 -46.91 -7.97
N VAL A 33 6.13 -46.61 -8.02
CA VAL A 33 6.93 -46.95 -9.19
C VAL A 33 7.24 -48.45 -9.17
N SER A 34 6.99 -49.12 -10.28
CA SER A 34 7.28 -50.53 -10.37
C SER A 34 8.79 -50.77 -10.27
N HIS A 35 9.16 -51.96 -9.80
CA HIS A 35 10.57 -52.31 -9.73
C HIS A 35 11.15 -52.35 -11.13
N GLY A 36 12.36 -51.81 -11.27
CA GLY A 36 12.99 -51.75 -12.57
C GLY A 36 12.53 -50.60 -13.45
N ALA A 37 11.73 -49.70 -12.92
CA ALA A 37 11.32 -48.51 -13.65
C ALA A 37 11.87 -47.29 -12.93
N SER A 38 12.15 -46.23 -13.70
CA SER A 38 12.61 -44.98 -13.14
C SER A 38 11.67 -43.88 -13.59
N VAL A 39 11.26 -43.05 -12.64
CA VAL A 39 10.29 -42.00 -12.87
C VAL A 39 10.94 -40.67 -12.53
N GLY A 40 11.11 -39.83 -13.53
CA GLY A 40 11.78 -38.57 -13.36
C GLY A 40 10.80 -37.50 -12.92
N LEU A 41 11.35 -36.33 -12.63
CA LEU A 41 10.51 -35.33 -12.00
C LEU A 41 9.48 -34.80 -13.00
N ASP A 42 9.86 -34.64 -14.26
CA ASP A 42 8.94 -34.01 -15.22
C ASP A 42 8.18 -34.99 -16.08
N ASP A 43 8.26 -36.29 -15.79
CA ASP A 43 7.80 -37.29 -16.75
C ASP A 43 6.30 -37.18 -16.99
N LEU A 44 5.91 -37.25 -18.27
CA LEU A 44 4.50 -37.21 -18.65
C LEU A 44 3.92 -38.62 -18.68
N VAL A 45 2.87 -38.86 -17.90
CA VAL A 45 2.35 -40.20 -17.65
C VAL A 45 0.85 -40.25 -17.92
N VAL A 46 0.35 -41.44 -18.25
CA VAL A 46 -1.07 -41.64 -18.53
C VAL A 46 -1.55 -42.85 -17.74
N VAL A 47 -2.72 -42.70 -17.13
CA VAL A 47 -3.33 -43.79 -16.39
C VAL A 47 -4.77 -43.88 -16.85
N GLU A 48 -5.23 -45.10 -17.07
CA GLU A 48 -6.59 -45.33 -17.53
C GLU A 48 -7.35 -46.13 -16.48
N THR A 49 -8.54 -45.68 -16.14
CA THR A 49 -9.37 -46.37 -15.16
C THR A 49 -10.72 -46.72 -15.77
N ARG A 50 -11.40 -47.66 -15.13
CA ARG A 50 -12.71 -48.14 -15.57
C ARG A 50 -13.79 -47.64 -14.61
N LYS A 51 -14.78 -46.95 -15.15
CA LYS A 51 -15.93 -46.54 -14.36
C LYS A 51 -16.73 -47.77 -13.91
N PRO A 52 -17.49 -47.65 -12.80
CA PRO A 52 -18.41 -48.75 -12.43
C PRO A 52 -19.30 -49.19 -13.57
N ASP A 53 -19.73 -48.24 -14.39
CA ASP A 53 -20.47 -48.48 -15.61
C ASP A 53 -19.68 -49.25 -16.67
N GLY A 54 -18.37 -49.40 -16.50
CA GLY A 54 -17.60 -50.12 -17.48
C GLY A 54 -16.94 -49.28 -18.56
N THR A 55 -17.30 -48.00 -18.67
CA THR A 55 -16.70 -47.14 -19.66
C THR A 55 -15.36 -46.62 -19.16
N PRO A 56 -14.37 -46.47 -20.05
CA PRO A 56 -13.04 -46.09 -19.58
C PRO A 56 -12.82 -44.58 -19.58
N VAL A 57 -11.95 -44.17 -18.66
CA VAL A 57 -11.54 -42.78 -18.53
C VAL A 57 -10.02 -42.72 -18.46
N ARG A 58 -9.43 -41.92 -19.34
CA ARG A 58 -7.95 -41.76 -19.42
C ARG A 58 -7.53 -40.47 -18.73
N PHE A 59 -6.52 -40.55 -17.86
CA PHE A 59 -6.01 -39.34 -17.18
C PHE A 59 -4.60 -39.08 -17.69
N TYR A 60 -4.36 -37.87 -18.20
CA TYR A 60 -3.01 -37.49 -18.69
C TYR A 60 -2.41 -36.54 -17.65
N GLY A 61 -1.22 -36.86 -17.15
CA GLY A 61 -0.63 -36.04 -16.09
C GLY A 61 0.88 -35.90 -16.21
N LEU A 62 1.42 -34.96 -15.44
CA LEU A 62 2.88 -34.68 -15.39
C LEU A 62 3.35 -34.94 -13.96
N VAL A 63 4.48 -35.62 -13.78
CA VAL A 63 4.96 -35.90 -12.40
C VAL A 63 5.59 -34.62 -11.85
N ASP A 64 5.07 -34.12 -10.73
CA ASP A 64 5.61 -32.87 -10.12
C ASP A 64 6.38 -33.21 -8.85
N ASN A 65 6.11 -34.36 -8.25
CA ASN A 65 6.83 -34.76 -7.02
C ASN A 65 7.25 -36.24 -7.13
N VAL A 66 8.51 -36.53 -6.80
CA VAL A 66 9.04 -37.92 -6.85
C VAL A 66 9.76 -38.15 -5.50
N ARG A 67 9.54 -39.28 -4.84
CA ARG A 67 10.22 -39.50 -3.53
C ARG A 67 10.54 -40.98 -3.29
N LYS A 68 11.50 -41.24 -2.41
CA LYS A 68 11.90 -42.61 -1.98
C LYS A 68 11.93 -42.63 -0.45
N ARG A 69 11.33 -43.64 0.17
CA ARG A 69 11.28 -43.73 1.66
C ARG A 69 11.49 -45.17 2.11
N HIS A 70 11.80 -45.37 3.40
CA HIS A 70 11.91 -46.72 4.00
C HIS A 70 10.60 -46.93 4.77
N GLU A 71 9.78 -47.88 4.34
CA GLU A 71 8.44 -48.14 4.94
C GLU A 71 8.42 -48.74 6.35
N GLY A 72 9.35 -49.65 6.67
CA GLY A 72 9.26 -50.33 7.98
C GLY A 72 10.35 -49.99 8.97
N VAL A 73 11.19 -48.99 8.72
CA VAL A 73 12.31 -48.71 9.66
C VAL A 73 11.83 -47.84 10.82
N THR A 74 11.95 -48.37 12.05
CA THR A 74 11.55 -47.69 13.31
C THR A 74 12.45 -46.48 13.61
N PHE A 75 13.76 -46.62 13.44
CA PHE A 75 14.70 -45.52 13.79
C PHE A 75 15.68 -45.27 12.64
N GLU A 76 16.10 -44.01 12.48
CA GLU A 76 17.06 -43.59 11.43
C GLU A 76 18.46 -44.19 11.67
N SER A 77 18.81 -44.51 12.92
CA SER A 77 20.13 -45.11 13.30
C SER A 77 20.26 -46.57 12.84
N ASP A 78 19.16 -47.23 12.47
CA ASP A 78 19.13 -48.63 11.98
C ASP A 78 19.33 -48.67 10.46
N VAL A 79 19.53 -47.52 9.83
CA VAL A 79 19.65 -47.43 8.34
C VAL A 79 20.82 -48.28 7.85
N GLU A 80 21.95 -48.27 8.56
CA GLU A 80 23.11 -49.07 8.08
C GLU A 80 22.70 -50.55 8.05
N ASP A 81 22.03 -51.03 9.10
CA ASP A 81 21.56 -52.44 9.16
C ASP A 81 20.49 -52.69 8.09
N VAL A 82 19.56 -51.74 7.91
CA VAL A 82 18.44 -51.90 6.94
C VAL A 82 19.00 -52.04 5.51
N VAL A 83 19.98 -51.22 5.15
CA VAL A 83 20.56 -51.28 3.78
C VAL A 83 21.23 -52.65 3.58
N ALA A 84 21.91 -53.14 4.63
CA ALA A 84 22.60 -54.45 4.62
C ALA A 84 21.59 -55.60 4.45
N GLY A 85 20.37 -55.45 4.95
CA GLY A 85 19.33 -56.49 4.89
C GLY A 85 19.21 -57.21 6.21
N LEU A 86 20.01 -56.81 7.19
CA LEU A 86 19.98 -57.39 8.56
C LEU A 86 18.62 -57.08 9.19
N LEU A 87 18.10 -55.88 8.96
CA LEU A 87 16.78 -55.45 9.54
C LEU A 87 15.74 -55.48 8.42
N PRO A 88 14.49 -55.90 8.69
CA PRO A 88 13.47 -55.99 7.65
C PRO A 88 12.84 -54.64 7.33
N ALA A 89 12.92 -54.24 6.06
CA ALA A 89 12.32 -52.98 5.57
C ALA A 89 12.16 -53.05 4.06
N SER A 90 11.28 -52.23 3.50
CA SER A 90 11.11 -52.21 2.03
C SER A 90 11.27 -50.78 1.52
N VAL A 91 12.15 -50.55 0.55
CA VAL A 91 12.31 -49.18 -0.01
C VAL A 91 11.04 -48.88 -0.81
N SER A 92 10.47 -47.69 -0.64
CA SER A 92 9.24 -47.35 -1.38
C SER A 92 9.53 -46.18 -2.33
N TYR A 93 9.32 -46.40 -3.63
CA TYR A 93 9.57 -45.36 -4.67
C TYR A 93 8.21 -44.91 -5.20
N ALA A 94 7.87 -43.64 -5.01
CA ALA A 94 6.54 -43.14 -5.43
C ALA A 94 6.64 -41.79 -6.13
N ALA A 95 5.63 -41.46 -6.92
CA ALA A 95 5.58 -40.17 -7.66
C ALA A 95 4.20 -39.55 -7.54
N ARG A 96 4.10 -38.22 -7.67
CA ARG A 96 2.80 -37.52 -7.61
C ARG A 96 2.50 -37.02 -9.02
N VAL A 97 1.28 -37.26 -9.51
CA VAL A 97 0.94 -36.84 -10.89
C VAL A 97 0.00 -35.63 -10.85
N LEU A 98 0.35 -34.57 -11.57
CA LEU A 98 -0.52 -33.38 -11.66
C LEU A 98 -1.36 -33.55 -12.91
N VAL A 99 -2.67 -33.75 -12.75
CA VAL A 99 -3.55 -34.02 -13.94
C VAL A 99 -3.57 -32.80 -14.85
N THR A 100 -3.39 -33.01 -16.15
CA THR A 100 -3.44 -31.90 -17.14
C THR A 100 -4.66 -32.08 -18.03
N ARG A 101 -5.06 -33.33 -18.31
CA ARG A 101 -6.24 -33.56 -19.19
C ARG A 101 -6.92 -34.90 -18.86
N VAL A 102 -8.23 -34.99 -19.12
CA VAL A 102 -9.04 -36.23 -19.00
C VAL A 102 -9.75 -36.38 -20.35
N ASP A 103 -9.52 -37.48 -21.08
CA ASP A 103 -10.08 -37.62 -22.45
C ASP A 103 -11.60 -37.54 -22.39
N PRO A 104 -12.24 -38.24 -21.45
CA PRO A 104 -13.68 -38.12 -21.23
C PRO A 104 -13.66 -37.17 -20.04
N GLU A 105 -14.35 -36.04 -20.11
CA GLU A 105 -14.24 -35.04 -19.01
C GLU A 105 -15.14 -35.43 -17.84
N ASN A 106 -14.69 -36.41 -17.05
CA ASN A 106 -15.40 -36.89 -15.84
C ASN A 106 -14.47 -36.67 -14.65
N PHE A 107 -14.87 -35.81 -13.71
CA PHE A 107 -14.00 -35.52 -12.54
C PHE A 107 -14.29 -36.50 -11.39
N ILE A 108 -13.92 -37.75 -11.64
CA ILE A 108 -14.02 -38.93 -10.72
C ILE A 108 -12.59 -39.43 -10.49
N PRO A 109 -12.23 -39.92 -9.29
CA PRO A 109 -10.88 -40.38 -9.02
C PRO A 109 -10.54 -41.72 -9.70
N PRO A 110 -9.26 -41.96 -10.08
CA PRO A 110 -8.84 -43.22 -10.67
C PRO A 110 -8.79 -44.25 -9.53
N GLN A 111 -9.00 -45.53 -9.81
CA GLN A 111 -9.01 -46.49 -8.71
C GLN A 111 -7.58 -46.82 -8.30
N PRO A 112 -7.33 -47.00 -6.99
CA PRO A 112 -6.03 -47.52 -6.57
C PRO A 112 -5.77 -48.87 -7.21
N GLY A 113 -4.55 -49.06 -7.68
CA GLY A 113 -4.21 -50.26 -8.40
C GLY A 113 -4.25 -50.13 -9.90
N ASP A 114 -4.76 -49.02 -10.44
CA ASP A 114 -4.73 -48.81 -11.88
C ASP A 114 -3.30 -48.67 -12.38
N HIS A 115 -3.07 -49.13 -13.60
CA HIS A 115 -1.75 -49.12 -14.19
C HIS A 115 -1.40 -47.74 -14.73
N VAL A 116 -0.22 -47.26 -14.37
CA VAL A 116 0.33 -45.99 -14.84
C VAL A 116 1.45 -46.31 -15.81
N ARG A 117 1.46 -45.63 -16.96
CA ARG A 117 2.47 -45.87 -17.98
C ARG A 117 2.94 -44.52 -18.53
N HIS A 118 4.16 -44.51 -19.05
CA HIS A 118 4.66 -43.35 -19.77
C HIS A 118 3.83 -43.10 -21.02
N ALA A 119 3.41 -41.85 -21.21
CA ALA A 119 2.86 -41.43 -22.50
C ALA A 119 3.95 -41.43 -23.57
N ALA A 120 3.71 -42.16 -24.66
CA ALA A 120 4.79 -42.33 -25.61
C ALA A 120 4.36 -42.07 -27.05
N GLY A 121 3.13 -42.42 -27.39
CA GLY A 121 2.77 -42.34 -28.79
C GLY A 121 1.71 -41.31 -29.05
N ARG A 122 0.53 -41.77 -29.41
CA ARG A 122 -0.64 -40.89 -29.42
C ARG A 122 -0.98 -40.39 -28.02
N GLU A 123 -0.63 -41.16 -26.99
CA GLU A 123 -0.90 -40.69 -25.63
C GLU A 123 -0.12 -39.42 -25.33
N LEU A 124 1.12 -39.32 -25.82
CA LEU A 124 1.94 -38.14 -25.56
C LEU A 124 1.38 -36.93 -26.27
N ALA A 125 0.91 -37.10 -27.51
CA ALA A 125 0.27 -36.02 -28.23
C ALA A 125 -0.98 -35.56 -27.50
N MET A 126 -1.75 -36.50 -26.94
CA MET A 126 -2.94 -36.10 -26.20
C MET A 126 -2.58 -35.29 -24.96
N ALA A 127 -1.51 -35.68 -24.26
CA ALA A 127 -1.09 -35.01 -23.03
C ALA A 127 -0.65 -33.59 -23.29
N LEU A 128 0.06 -33.37 -24.38
CA LEU A 128 0.53 -32.05 -24.76
C LEU A 128 -0.44 -31.32 -25.66
N SER A 129 -1.71 -31.75 -25.67
CA SER A 129 -2.77 -31.06 -26.42
C SER A 129 -2.36 -30.77 -27.86
N ALA A 130 -1.66 -31.72 -28.49
CA ALA A 130 -1.29 -31.59 -29.90
C ALA A 130 -2.48 -31.65 -30.82
N ASP A 131 -3.57 -32.29 -30.42
CA ASP A 131 -4.78 -32.26 -31.25
C ASP A 131 -5.32 -30.85 -31.38
N LYS A 132 -5.13 -29.98 -30.38
CA LYS A 132 -5.55 -28.59 -30.56
C LYS A 132 -4.63 -27.84 -31.51
N MET A 133 -3.37 -28.27 -31.62
CA MET A 133 -2.41 -27.56 -32.45
C MET A 133 -2.58 -27.86 -33.93
N GLU A 134 -2.86 -29.14 -34.26
CA GLU A 134 -3.11 -29.58 -35.63
C GLU A 134 -1.87 -29.26 -36.47
N GLU A 135 -2.00 -28.62 -37.62
CA GLU A 135 -0.86 -28.40 -38.49
C GLU A 135 0.08 -27.32 -37.96
N ALA A 136 -0.34 -26.56 -36.96
CA ALA A 136 0.43 -25.46 -36.41
C ALA A 136 1.51 -25.90 -35.44
N ALA A 137 1.57 -27.17 -35.06
CA ALA A 137 2.64 -27.59 -34.16
C ALA A 137 3.96 -27.64 -34.92
N PHE A 138 5.01 -27.17 -34.25
CA PHE A 138 6.38 -27.22 -34.75
C PHE A 138 7.27 -27.48 -33.54
N PRO A 139 8.50 -27.94 -33.75
CA PRO A 139 9.35 -28.34 -32.60
C PRO A 139 9.74 -27.16 -31.72
N GLY A 140 9.44 -27.25 -30.43
CA GLY A 140 9.95 -26.27 -29.49
C GLY A 140 11.09 -26.78 -28.62
N GLY A 141 11.58 -27.98 -28.91
CA GLY A 141 12.63 -28.60 -28.13
C GLY A 141 12.41 -30.09 -28.02
N LEU A 142 13.22 -30.72 -27.16
CA LEU A 142 13.24 -32.17 -26.94
C LEU A 142 12.78 -32.51 -25.54
N LEU A 143 11.96 -33.55 -25.43
CA LEU A 143 11.53 -34.11 -24.16
C LEU A 143 12.54 -35.15 -23.71
N ALA A 144 12.28 -35.72 -22.53
CA ALA A 144 13.27 -36.52 -21.81
C ALA A 144 13.97 -37.54 -22.70
N ASP A 145 13.21 -38.27 -23.51
CA ASP A 145 13.82 -39.35 -24.29
C ASP A 145 13.68 -39.11 -25.79
N GLY A 146 14.03 -37.91 -26.24
CA GLY A 146 14.08 -37.63 -27.66
C GLY A 146 12.75 -37.35 -28.31
N GLN A 147 11.66 -37.40 -27.59
CA GLN A 147 10.38 -37.00 -28.18
C GLN A 147 10.35 -35.47 -28.34
N PRO A 148 9.91 -34.96 -29.49
CA PRO A 148 9.81 -33.51 -29.67
C PRO A 148 8.62 -32.92 -28.92
N LEU A 149 8.76 -31.64 -28.54
CA LEU A 149 7.69 -30.90 -27.85
C LEU A 149 6.92 -30.04 -28.85
N PRO A 150 5.64 -30.32 -29.12
CA PRO A 150 4.88 -29.48 -30.07
C PRO A 150 4.60 -28.10 -29.51
N LEU A 151 4.92 -27.08 -30.30
CA LEU A 151 4.65 -25.68 -29.97
C LEU A 151 3.61 -25.13 -30.94
N ASN A 152 2.56 -24.51 -30.43
CA ASN A 152 1.46 -24.10 -31.30
C ASN A 152 1.80 -22.76 -31.97
N PHE A 153 2.19 -22.81 -33.25
CA PHE A 153 2.64 -21.61 -33.94
C PHE A 153 1.56 -20.53 -33.98
N ARG A 154 0.28 -20.91 -33.95
CA ARG A 154 -0.77 -19.91 -33.99
C ARG A 154 -0.72 -18.96 -32.80
N PHE A 155 -0.04 -19.35 -31.73
CA PHE A 155 0.11 -18.48 -30.57
C PHE A 155 1.39 -17.69 -30.59
N ILE A 156 2.17 -17.79 -31.66
CA ILE A 156 3.36 -16.97 -31.87
C ILE A 156 3.14 -15.94 -32.96
N ASN A 157 2.42 -16.27 -34.01
CA ASN A 157 2.30 -15.35 -35.12
C ASN A 157 1.11 -14.41 -34.99
N GLY A 158 0.34 -14.50 -33.92
CA GLY A 158 -0.73 -13.56 -33.69
C GLY A 158 -2.12 -14.01 -34.10
N GLU A 159 -2.27 -15.23 -34.62
CA GLU A 159 -3.63 -15.69 -34.97
C GLU A 159 -4.45 -15.75 -33.68
N SER A 160 -4.01 -16.51 -32.69
CA SER A 160 -4.76 -16.54 -31.41
C SER A 160 -3.85 -16.21 -30.23
N GLY A 161 -2.55 -16.06 -30.45
CA GLY A 161 -1.60 -15.80 -29.34
C GLY A 161 -0.57 -14.76 -29.68
N GLY A 162 0.04 -14.12 -28.68
CA GLY A 162 0.94 -13.01 -28.99
C GLY A 162 2.40 -13.35 -29.16
N HIS A 163 3.27 -12.88 -28.27
CA HIS A 163 4.72 -13.03 -28.52
C HIS A 163 5.38 -14.04 -27.58
N ILE A 164 6.71 -14.08 -27.59
CA ILE A 164 7.46 -15.01 -26.69
C ILE A 164 8.30 -14.20 -25.71
N ASN A 165 8.38 -14.66 -24.46
CA ASN A 165 9.18 -14.00 -23.43
C ASN A 165 10.02 -15.02 -22.68
N ILE A 166 11.34 -14.83 -22.71
CA ILE A 166 12.29 -15.76 -22.11
C ILE A 166 12.90 -15.10 -20.89
N SER A 167 13.02 -15.86 -19.80
CA SER A 167 13.51 -15.33 -18.53
C SER A 167 14.58 -16.25 -18.00
N GLY A 168 15.50 -15.70 -17.21
CA GLY A 168 16.54 -16.53 -16.62
C GLY A 168 17.81 -15.75 -16.34
N ILE A 169 18.66 -16.37 -15.54
CA ILE A 169 19.92 -15.76 -15.12
C ILE A 169 20.80 -15.55 -16.33
N SER A 170 21.08 -14.29 -16.65
CA SER A 170 21.94 -13.99 -17.77
C SER A 170 23.37 -14.46 -17.47
N GLY A 171 23.95 -15.18 -18.42
CA GLY A 171 25.26 -15.78 -18.25
C GLY A 171 25.16 -17.26 -17.89
N VAL A 172 24.10 -17.62 -17.18
CA VAL A 172 23.85 -19.00 -16.81
C VAL A 172 22.77 -19.62 -17.67
N ALA A 173 21.58 -19.02 -17.70
CA ALA A 173 20.54 -19.44 -18.64
C ALA A 173 20.90 -19.02 -20.05
N THR A 174 20.60 -19.88 -21.01
CA THR A 174 21.06 -19.68 -22.39
C THR A 174 19.94 -19.03 -23.24
N LYS A 175 19.48 -17.84 -22.82
CA LYS A 175 18.26 -17.26 -23.40
C LYS A 175 18.38 -17.01 -24.89
N THR A 176 19.46 -16.36 -25.30
CA THR A 176 19.60 -15.98 -26.70
C THR A 176 19.77 -17.19 -27.60
N SER A 177 20.46 -18.23 -27.13
CA SER A 177 20.59 -19.44 -27.94
C SER A 177 19.24 -20.08 -28.19
N TYR A 178 18.38 -20.11 -27.16
CA TYR A 178 17.04 -20.69 -27.33
C TYR A 178 16.19 -19.84 -28.27
N ALA A 179 16.37 -18.53 -28.28
CA ALA A 179 15.62 -17.72 -29.22
C ALA A 179 16.03 -18.09 -30.64
N LEU A 180 17.34 -18.18 -30.88
CA LEU A 180 17.82 -18.45 -32.24
C LEU A 180 17.36 -19.84 -32.69
N PHE A 181 17.37 -20.81 -31.77
CA PHE A 181 16.79 -22.10 -32.07
C PHE A 181 15.33 -21.98 -32.50
N LEU A 182 14.54 -21.15 -31.81
CA LEU A 182 13.12 -21.08 -32.15
C LEU A 182 12.95 -20.47 -33.53
N LEU A 183 13.75 -19.46 -33.87
CA LEU A 183 13.76 -18.95 -35.23
C LEU A 183 14.11 -20.05 -36.23
N HIS A 184 15.14 -20.86 -35.90
CA HIS A 184 15.50 -21.98 -36.76
C HIS A 184 14.32 -22.95 -36.93
N SER A 185 13.67 -23.29 -35.84
CA SER A 185 12.51 -24.17 -35.89
C SER A 185 11.42 -23.55 -36.75
N ILE A 186 11.11 -22.27 -36.54
CA ILE A 186 10.01 -21.64 -37.26
C ILE A 186 10.34 -21.55 -38.75
N PHE A 187 11.58 -21.20 -39.06
CA PHE A 187 12.01 -21.03 -40.46
C PHE A 187 12.15 -22.37 -41.19
N ARG A 188 12.72 -23.39 -40.54
CA ARG A 188 13.03 -24.65 -41.25
C ARG A 188 11.97 -25.76 -41.07
N SER A 189 11.01 -25.62 -40.16
CA SER A 189 10.06 -26.72 -40.00
C SER A 189 8.94 -26.71 -41.02
N GLY A 190 8.67 -25.56 -41.63
CA GLY A 190 7.58 -25.48 -42.60
C GLY A 190 6.25 -25.09 -42.02
N VAL A 191 6.20 -24.81 -40.72
CA VAL A 191 4.94 -24.41 -40.10
C VAL A 191 4.41 -23.08 -40.67
N MET A 192 5.28 -22.20 -41.18
CA MET A 192 4.78 -20.94 -41.75
C MET A 192 3.90 -21.20 -42.96
N ASP A 193 4.28 -22.14 -43.82
CA ASP A 193 3.41 -22.48 -44.92
C ASP A 193 2.21 -23.27 -44.43
N ARG A 194 2.41 -24.19 -43.48
CA ARG A 194 1.28 -24.97 -42.97
C ARG A 194 0.20 -24.06 -42.38
N THR A 195 0.58 -23.10 -41.54
CA THR A 195 -0.43 -22.23 -40.93
C THR A 195 -1.01 -21.21 -41.92
N ALA A 196 -0.26 -20.89 -42.98
CA ALA A 196 -0.79 -19.99 -43.99
C ALA A 196 -1.89 -20.66 -44.79
N GLN A 197 -1.78 -21.97 -45.00
CA GLN A 197 -2.77 -22.76 -45.75
C GLN A 197 -4.21 -22.44 -45.33
N THR A 206 3.83 -13.72 -47.43
CA THR A 206 2.64 -13.87 -46.58
C THR A 206 2.75 -15.16 -45.82
N ALA A 207 3.19 -16.20 -46.52
CA ALA A 207 3.53 -17.50 -45.92
C ALA A 207 5.00 -17.59 -45.54
N GLY A 208 5.71 -16.46 -45.49
CA GLY A 208 7.11 -16.43 -45.16
C GLY A 208 7.38 -15.71 -43.84
N GLY A 209 8.66 -15.54 -43.56
CA GLY A 209 9.08 -15.00 -42.28
C GLY A 209 10.39 -14.27 -42.39
N ARG A 210 10.53 -13.20 -41.62
CA ARG A 210 11.73 -12.39 -41.51
C ARG A 210 12.11 -12.27 -40.04
N ALA A 211 13.36 -11.90 -39.80
CA ALA A 211 13.82 -11.67 -38.42
C ALA A 211 14.83 -10.53 -38.35
N LEU A 212 14.73 -9.73 -37.30
CA LEU A 212 15.63 -8.61 -37.01
C LEU A 212 16.22 -8.81 -35.62
N ILE A 213 17.54 -8.86 -35.54
CA ILE A 213 18.22 -9.23 -34.30
C ILE A 213 19.43 -8.32 -34.10
N PHE A 214 19.68 -7.93 -32.85
CA PHE A 214 20.71 -6.93 -32.57
C PHE A 214 21.87 -7.60 -31.85
N ASN A 215 23.07 -7.38 -32.38
CA ASN A 215 24.26 -7.93 -31.78
C ASN A 215 24.80 -6.94 -30.77
N VAL A 216 24.66 -7.31 -29.49
CA VAL A 216 25.21 -6.46 -28.40
C VAL A 216 26.16 -7.28 -27.52
N LYS A 217 26.36 -8.57 -27.81
CA LYS A 217 27.16 -9.48 -26.94
C LYS A 217 28.64 -9.56 -27.29
N GLY A 218 29.09 -8.87 -28.34
CA GLY A 218 30.50 -8.99 -28.79
C GLY A 218 30.42 -9.35 -30.26
N GLU A 219 31.01 -10.46 -30.73
CA GLU A 219 30.69 -10.74 -32.11
C GLU A 219 29.91 -12.04 -32.21
N ASP A 220 29.15 -12.38 -31.18
CA ASP A 220 28.52 -13.70 -31.12
C ASP A 220 27.48 -13.84 -32.22
N LEU A 221 26.65 -12.83 -32.40
CA LEU A 221 25.64 -12.92 -33.43
C LEU A 221 26.17 -12.68 -34.83
N LEU A 222 27.49 -12.61 -35.03
CA LEU A 222 28.01 -12.10 -36.30
C LEU A 222 28.50 -13.19 -37.24
N PHE A 223 28.45 -14.45 -36.83
CA PHE A 223 28.87 -15.59 -37.65
C PHE A 223 27.79 -16.63 -37.75
N LEU A 224 26.53 -16.24 -37.62
CA LEU A 224 25.48 -17.24 -37.77
C LEU A 224 25.17 -17.54 -39.23
N ASP A 225 26.06 -17.11 -40.11
CA ASP A 225 25.97 -17.32 -41.55
C ASP A 225 26.70 -18.59 -41.96
N LYS A 226 27.60 -19.06 -41.14
CA LYS A 226 28.57 -20.10 -41.35
C LYS A 226 28.25 -21.32 -40.50
N PRO A 227 28.60 -22.52 -40.96
CA PRO A 227 28.35 -23.72 -40.16
C PRO A 227 29.24 -23.81 -38.95
N ASN A 228 28.71 -24.39 -37.91
CA ASN A 228 29.42 -24.52 -36.64
C ASN A 228 30.17 -25.85 -36.66
N ALA A 229 31.49 -25.79 -36.75
CA ALA A 229 32.29 -27.01 -36.81
C ALA A 229 32.18 -27.80 -35.52
N ARG A 230 32.03 -27.12 -34.38
CA ARG A 230 31.99 -27.84 -33.09
C ARG A 230 30.61 -28.48 -32.82
N MET A 231 29.61 -28.22 -33.66
CA MET A 231 28.25 -28.79 -33.39
C MET A 231 28.28 -30.32 -33.47
N VAL A 232 28.94 -30.87 -34.49
CA VAL A 232 28.95 -32.35 -34.68
C VAL A 232 29.59 -33.02 -33.45
N GLU A 233 30.83 -32.64 -33.12
CA GLU A 233 31.50 -33.20 -31.95
C GLU A 233 30.63 -33.13 -30.71
N LYS A 234 30.23 -31.93 -30.29
CA LYS A 234 29.39 -31.82 -29.10
C LYS A 234 28.09 -32.61 -29.25
N GLU A 235 27.51 -32.64 -30.45
CA GLU A 235 26.25 -33.34 -30.63
C GLU A 235 26.43 -34.83 -30.38
N ASP A 236 27.45 -35.43 -30.98
CA ASP A 236 27.65 -36.86 -30.85
C ASP A 236 27.90 -37.25 -29.40
N LYS A 237 28.68 -36.45 -28.66
CA LYS A 237 28.88 -36.71 -27.25
C LYS A 237 27.55 -36.83 -26.51
N VAL A 238 26.66 -35.86 -26.68
CA VAL A 238 25.37 -35.90 -25.98
C VAL A 238 24.53 -37.07 -26.48
N VAL A 239 24.59 -37.32 -27.78
CA VAL A 239 23.83 -38.41 -28.44
C VAL A 239 24.20 -39.73 -27.78
N ARG A 240 25.50 -40.03 -27.71
CA ARG A 240 26.00 -41.30 -27.12
C ARG A 240 25.63 -41.37 -25.63
N ALA A 241 25.74 -40.26 -24.91
CA ALA A 241 25.42 -40.24 -23.46
C ALA A 241 23.97 -40.67 -23.23
N LYS A 242 23.02 -39.87 -23.72
CA LYS A 242 21.60 -40.12 -23.53
C LYS A 242 21.07 -41.23 -24.42
N GLY A 243 21.89 -41.79 -25.31
CA GLY A 243 21.44 -42.93 -26.10
C GLY A 243 20.38 -42.62 -27.12
N LEU A 244 20.33 -41.39 -27.62
CA LEU A 244 19.41 -41.06 -28.69
C LEU A 244 19.75 -41.87 -29.94
N SER A 245 18.71 -42.16 -30.75
CA SER A 245 18.90 -42.97 -31.96
C SER A 245 19.70 -42.22 -33.04
N ALA A 246 19.33 -40.98 -33.35
CA ALA A 246 20.05 -40.21 -34.36
C ALA A 246 20.45 -38.88 -33.71
N ASP A 247 20.92 -37.95 -34.55
CA ASP A 247 21.31 -36.60 -34.15
C ASP A 247 20.11 -35.79 -33.64
N ARG A 248 20.32 -34.94 -32.59
CA ARG A 248 19.18 -34.24 -31.97
C ARG A 248 18.39 -33.38 -32.95
N TYR A 249 19.05 -32.76 -33.92
CA TYR A 249 18.31 -32.05 -34.97
C TYR A 249 17.42 -33.01 -35.78
N ALA A 250 17.94 -34.20 -36.07
CA ALA A 250 17.18 -35.20 -36.85
C ALA A 250 15.92 -35.63 -36.12
N LEU A 251 16.01 -35.74 -34.79
CA LEU A 251 14.86 -36.12 -33.98
C LEU A 251 13.76 -35.06 -34.02
N LEU A 252 14.13 -33.79 -34.13
CA LEU A 252 13.08 -32.78 -34.29
C LEU A 252 12.59 -32.68 -35.73
N GLY A 253 13.28 -33.30 -36.68
CA GLY A 253 12.91 -33.10 -38.05
C GLY A 253 13.39 -31.80 -38.63
N LEU A 254 14.49 -31.30 -38.14
CA LEU A 254 15.06 -30.04 -38.57
C LEU A 254 16.44 -30.27 -39.17
N PRO A 255 16.76 -29.60 -40.28
CA PRO A 255 18.12 -29.69 -40.82
C PRO A 255 19.12 -28.97 -39.93
N ALA A 256 20.31 -29.53 -39.83
CA ALA A 256 21.38 -28.91 -39.04
C ALA A 256 22.21 -28.04 -39.98
N GLU A 257 21.72 -26.83 -40.23
CA GLU A 257 22.33 -25.88 -41.14
C GLU A 257 22.17 -24.46 -40.61
N PRO A 258 22.99 -23.52 -41.08
CA PRO A 258 22.89 -22.13 -40.63
C PRO A 258 21.77 -21.37 -41.33
N PHE A 259 21.67 -20.09 -40.97
CA PHE A 259 20.60 -19.24 -41.49
C PHE A 259 20.89 -18.85 -42.94
N ARG A 260 19.86 -18.90 -43.78
CA ARG A 260 20.12 -18.98 -45.21
C ARG A 260 20.46 -17.62 -45.81
N ASP A 261 19.67 -16.60 -45.53
CA ASP A 261 19.77 -15.30 -46.21
C ASP A 261 20.02 -14.22 -45.17
N VAL A 262 21.29 -13.93 -44.89
CA VAL A 262 21.65 -13.16 -43.71
C VAL A 262 22.29 -11.84 -44.12
N GLN A 263 21.95 -10.77 -43.40
CA GLN A 263 22.50 -9.44 -43.64
C GLN A 263 23.16 -8.93 -42.37
N LEU A 264 24.43 -8.55 -42.47
CA LEU A 264 25.20 -8.02 -41.33
C LEU A 264 25.47 -6.53 -41.52
N LEU A 265 24.88 -5.71 -40.65
CA LEU A 265 25.08 -4.26 -40.67
C LEU A 265 25.89 -3.82 -39.47
N ALA A 266 26.77 -2.84 -39.68
CA ALA A 266 27.71 -2.34 -38.67
C ALA A 266 27.84 -0.84 -38.81
N PRO A 267 28.20 -0.14 -37.73
CA PRO A 267 28.33 1.30 -37.76
C PRO A 267 29.62 1.70 -38.61
N PRO A 268 29.65 2.95 -39.02
CA PRO A 268 30.67 3.33 -40.04
C PRO A 268 31.96 3.88 -39.44
N ARG A 269 32.72 3.01 -38.78
CA ARG A 269 34.08 3.31 -38.32
C ARG A 269 34.19 4.64 -37.56
N ALA A 270 35.16 5.46 -37.95
CA ALA A 270 35.37 6.74 -37.28
C ALA A 270 35.80 7.82 -38.28
N ALA A 273 37.01 13.25 -40.65
CA ALA A 273 36.39 14.00 -41.77
C ALA A 273 36.73 13.28 -43.09
N GLY A 274 36.38 12.00 -43.20
CA GLY A 274 36.65 11.22 -44.42
C GLY A 274 35.38 10.73 -45.08
N THR A 275 35.24 10.99 -46.39
CA THR A 275 34.06 10.55 -47.18
C THR A 275 34.00 9.02 -47.25
N ALA A 276 35.16 8.37 -47.35
CA ALA A 276 35.23 6.89 -47.49
C ALA A 276 34.59 6.23 -46.28
N ILE A 277 33.80 5.17 -46.51
CA ILE A 277 33.08 4.45 -45.40
C ILE A 277 33.41 2.95 -45.44
N VAL A 278 33.75 2.41 -44.28
CA VAL A 278 34.06 0.97 -44.04
C VAL A 278 33.64 0.72 -42.59
N PRO A 279 32.84 -0.47 -42.16
CA PRO A 279 32.22 -0.94 -40.91
C PRO A 279 33.22 -1.07 -39.77
N GLN A 280 32.69 -0.95 -38.54
CA GLN A 280 33.48 -0.99 -37.31
C GLN A 280 33.92 -2.39 -36.93
N THR A 281 33.69 -3.39 -37.75
CA THR A 281 33.96 -4.75 -37.32
C THR A 281 35.43 -5.10 -37.52
N ASP A 282 35.96 -5.90 -36.59
CA ASP A 282 37.36 -6.31 -36.58
C ASP A 282 37.55 -7.78 -36.94
N GLN A 283 37.01 -8.74 -36.17
CA GLN A 283 37.31 -10.15 -36.47
C GLN A 283 36.56 -10.65 -37.70
N ARG A 284 35.32 -10.20 -37.90
CA ARG A 284 34.62 -10.47 -39.16
C ARG A 284 34.60 -9.21 -40.02
N SER A 285 35.36 -9.22 -41.12
CA SER A 285 35.39 -8.08 -42.03
C SER A 285 34.73 -8.35 -43.38
N GLU A 286 34.43 -9.61 -43.70
CA GLU A 286 33.92 -10.00 -45.00
C GLU A 286 32.41 -10.19 -44.94
N GLY A 287 31.68 -9.55 -45.85
CA GLY A 287 30.24 -9.65 -45.82
C GLY A 287 29.51 -8.62 -44.99
N VAL A 288 30.22 -7.77 -44.25
CA VAL A 288 29.61 -6.80 -43.35
C VAL A 288 29.42 -5.46 -44.05
N THR A 289 28.21 -4.93 -43.99
CA THR A 289 27.82 -3.72 -44.69
C THR A 289 27.63 -2.58 -43.70
N PRO A 290 28.19 -1.41 -43.97
CA PRO A 290 27.95 -0.26 -43.09
C PRO A 290 26.55 0.30 -43.28
N PHE A 291 25.97 0.76 -42.17
CA PHE A 291 24.65 1.37 -42.16
C PHE A 291 24.78 2.77 -41.61
N VAL A 292 24.11 3.73 -42.25
CA VAL A 292 24.17 5.12 -41.84
C VAL A 292 22.79 5.74 -42.04
N PHE A 293 22.52 6.79 -41.27
CA PHE A 293 21.31 7.58 -41.45
C PHE A 293 21.73 8.92 -42.04
N THR A 294 20.82 9.54 -42.78
CA THR A 294 21.08 10.88 -43.29
C THR A 294 20.32 11.92 -42.47
N ILE A 295 20.90 13.11 -42.40
CA ILE A 295 20.19 14.24 -41.82
C ILE A 295 18.80 14.38 -42.43
N ARG A 296 18.69 14.29 -43.77
CA ARG A 296 17.39 14.51 -44.38
C ARG A 296 16.39 13.47 -43.92
N GLU A 297 16.80 12.19 -43.92
CA GLU A 297 15.93 11.13 -43.44
C GLU A 297 15.62 11.30 -41.96
N PHE A 298 16.61 11.74 -41.17
CA PHE A 298 16.38 12.03 -39.76
C PHE A 298 15.18 12.95 -39.60
N CYS A 299 15.16 14.07 -40.33
CA CYS A 299 14.05 15.00 -40.23
C CYS A 299 12.79 14.46 -40.88
N ALA A 300 12.93 13.93 -42.10
CA ALA A 300 11.79 13.44 -42.86
C ALA A 300 11.05 12.32 -42.15
N ARG A 301 11.76 11.44 -41.44
CA ARG A 301 11.14 10.26 -40.86
C ARG A 301 10.93 10.37 -39.36
N ARG A 302 10.95 11.59 -38.82
CA ARG A 302 10.61 11.85 -37.41
C ARG A 302 11.41 10.97 -36.46
N MET A 303 12.73 10.92 -36.70
CA MET A 303 13.66 10.24 -35.81
C MET A 303 13.94 10.99 -34.51
N LEU A 304 13.61 12.29 -34.43
CA LEU A 304 14.04 13.09 -33.29
C LEU A 304 13.67 12.48 -31.93
N PRO A 305 12.45 12.02 -31.68
CA PRO A 305 12.15 11.48 -30.35
C PRO A 305 13.09 10.37 -29.92
N TYR A 306 13.64 9.60 -30.86
CA TYR A 306 14.43 8.46 -30.42
C TYR A 306 15.82 8.85 -30.00
N VAL A 307 16.12 10.15 -29.98
CA VAL A 307 17.35 10.61 -29.34
C VAL A 307 17.21 10.61 -27.83
N PHE A 308 15.99 10.75 -27.31
CA PHE A 308 15.79 10.96 -25.87
C PHE A 308 15.42 9.63 -25.24
N SER A 309 16.44 8.82 -24.97
CA SER A 309 16.21 7.48 -24.46
C SER A 309 16.30 7.38 -22.95
N ASP A 310 16.50 8.50 -22.24
CA ASP A 310 16.61 8.47 -20.79
C ASP A 310 15.20 8.55 -20.22
N ALA A 311 14.64 7.38 -19.95
CA ALA A 311 13.29 7.20 -19.43
C ALA A 311 13.28 6.99 -17.95
N SER A 312 14.46 6.77 -17.36
CA SER A 312 14.51 6.31 -15.98
C SER A 312 13.82 7.31 -15.06
N ALA A 313 14.04 8.59 -15.30
CA ALA A 313 13.32 9.70 -14.69
C ALA A 313 13.79 10.93 -15.42
N SER A 314 12.86 11.82 -15.76
CA SER A 314 13.26 12.97 -16.54
C SER A 314 12.15 14.04 -16.47
N LEU A 315 12.33 15.08 -17.27
CA LEU A 315 11.42 16.20 -17.44
C LEU A 315 10.43 15.89 -18.58
N ASN A 316 9.37 16.69 -18.69
CA ASN A 316 8.42 16.54 -19.79
C ASN A 316 8.87 17.44 -20.93
N LEU A 317 9.66 16.86 -21.84
CA LEU A 317 10.07 17.46 -23.08
C LEU A 317 9.13 17.14 -24.25
N GLY A 318 8.02 16.43 -24.00
CA GLY A 318 7.14 15.97 -25.07
C GLY A 318 6.68 17.09 -26.00
N PHE A 319 6.23 18.20 -25.43
CA PHE A 319 5.86 19.37 -26.24
C PHE A 319 7.04 19.88 -27.05
N VAL A 320 8.24 19.93 -26.46
CA VAL A 320 9.34 20.51 -27.22
C VAL A 320 9.75 19.57 -28.33
N ILE A 321 9.84 18.28 -28.01
CA ILE A 321 10.23 17.31 -29.00
C ILE A 321 9.22 17.28 -30.13
N GLY A 322 7.93 17.24 -29.80
CA GLY A 322 6.91 17.23 -30.84
C GLY A 322 6.99 18.44 -31.74
N ASN A 323 7.19 19.61 -31.15
CA ASN A 323 7.21 20.84 -31.93
C ASN A 323 8.42 20.87 -32.85
N ILE A 324 9.60 20.59 -32.31
CA ILE A 324 10.77 20.63 -33.17
C ILE A 324 10.73 19.52 -34.20
N GLU A 325 10.17 18.36 -33.82
CA GLU A 325 10.05 17.27 -34.77
C GLU A 325 9.23 17.69 -35.98
N GLU A 326 8.09 18.36 -35.76
CA GLU A 326 7.21 18.78 -36.85
C GLU A 326 7.88 19.85 -37.71
N LYS A 327 8.54 20.81 -37.07
CA LYS A 327 9.29 21.80 -37.83
C LYS A 327 10.29 21.11 -38.75
N LEU A 328 11.05 20.14 -38.21
CA LEU A 328 12.06 19.48 -39.03
C LEU A 328 11.42 18.69 -40.16
N PHE A 329 10.28 18.06 -39.89
CA PHE A 329 9.55 17.33 -40.92
C PHE A 329 9.09 18.25 -42.04
N ARG A 330 8.47 19.36 -41.69
CA ARG A 330 8.03 20.31 -42.71
C ARG A 330 9.23 20.88 -43.44
N LEU A 331 10.30 21.15 -42.72
CA LEU A 331 11.49 21.68 -43.36
C LEU A 331 12.07 20.66 -44.32
N ALA A 332 12.05 19.38 -43.94
CA ALA A 332 12.60 18.34 -44.80
C ALA A 332 11.74 18.16 -46.04
N ALA A 333 10.42 18.28 -45.89
CA ALA A 333 9.53 18.17 -47.05
C ALA A 333 9.75 19.31 -48.04
N ALA A 334 9.99 20.52 -47.53
CA ALA A 334 10.28 21.67 -48.40
C ALA A 334 11.58 21.50 -49.18
N GLN A 335 12.53 20.71 -48.68
CA GLN A 335 13.80 20.53 -49.36
C GLN A 335 13.59 20.02 -50.78
N THR A 336 13.97 20.83 -51.75
CA THR A 336 13.93 20.40 -53.14
C THR A 336 15.23 19.77 -53.60
N GLY A 337 16.36 20.12 -52.97
CA GLY A 337 17.64 19.57 -53.35
C GLY A 337 17.68 18.06 -53.23
N LYS A 338 18.56 17.46 -54.03
CA LYS A 338 18.81 16.03 -54.01
C LYS A 338 19.74 15.57 -52.89
N GLY A 339 20.41 16.50 -52.21
CA GLY A 339 21.43 16.11 -51.26
C GLY A 339 20.86 15.39 -50.05
N THR A 340 21.77 14.90 -49.22
CA THR A 340 21.38 14.23 -48.00
C THR A 340 21.32 15.16 -46.80
N GLY A 341 21.91 16.34 -46.88
CA GLY A 341 21.80 17.28 -45.79
C GLY A 341 20.51 18.07 -45.84
N LEU A 342 20.37 18.96 -44.86
CA LEU A 342 19.20 19.81 -44.72
C LEU A 342 19.61 21.26 -44.91
N ILE A 343 18.96 21.93 -45.86
CA ILE A 343 19.27 23.31 -46.24
C ILE A 343 18.31 24.24 -45.52
N VAL A 344 18.84 25.17 -44.73
CA VAL A 344 18.03 26.15 -44.03
C VAL A 344 18.47 27.54 -44.50
N HIS A 345 17.52 28.47 -44.58
CA HIS A 345 17.82 29.81 -45.08
C HIS A 345 17.73 30.91 -44.03
N ASP A 346 17.38 30.60 -42.79
CA ASP A 346 17.16 31.62 -41.76
C ASP A 346 18.22 31.60 -40.66
N TRP A 347 19.39 30.99 -40.93
CA TRP A 347 20.50 30.93 -39.99
C TRP A 347 21.49 32.04 -40.31
N GLN A 348 21.65 32.93 -39.35
CA GLN A 348 22.63 34.04 -39.44
C GLN A 348 23.48 33.96 -38.19
N PHE A 349 24.73 34.42 -38.26
CA PHE A 349 25.65 34.27 -37.10
C PHE A 349 26.17 35.64 -36.68
N GLU A 350 25.31 36.44 -36.05
CA GLU A 350 25.73 37.75 -35.54
C GLU A 350 26.78 37.48 -34.46
N ASP A 351 26.52 36.48 -33.62
CA ASP A 351 27.51 36.07 -32.59
C ASP A 351 27.30 34.60 -32.23
N SER A 352 27.48 33.69 -33.18
CA SER A 352 27.37 32.24 -32.88
C SER A 352 28.78 31.69 -32.92
N GLU A 353 29.18 30.91 -31.90
CA GLU A 353 30.54 30.33 -31.84
C GLU A 353 30.82 29.67 -33.19
N THR A 354 29.78 29.12 -33.80
CA THR A 354 29.93 28.42 -35.11
C THR A 354 30.63 29.27 -36.17
N PRO A 355 31.57 28.69 -36.94
CA PRO A 355 32.27 29.40 -37.99
C PRO A 355 31.64 29.29 -39.39
N PRO A 356 31.65 30.37 -40.19
CA PRO A 356 31.15 30.30 -41.55
C PRO A 356 31.98 29.39 -42.49
N GLU A 357 33.20 29.04 -42.11
CA GLU A 357 34.05 28.14 -42.93
C GLU A 357 33.55 26.71 -42.76
N ASN A 358 33.86 25.79 -43.69
CA ASN A 358 33.45 24.37 -43.46
C ASN A 358 31.92 24.26 -43.42
N LEU A 359 31.23 25.28 -43.90
CA LEU A 359 29.75 25.24 -43.90
C LEU A 359 29.30 25.08 -45.34
N ASP A 360 28.71 23.94 -45.68
CA ASP A 360 28.25 23.83 -47.09
C ASP A 360 27.20 24.91 -47.25
N PHE A 361 27.33 25.75 -48.28
CA PHE A 361 26.36 26.83 -48.51
C PHE A 361 25.63 26.51 -49.81
N SER A 362 24.32 26.74 -49.83
CA SER A 362 23.56 26.51 -51.05
C SER A 362 23.90 27.56 -52.10
N GLU A 363 23.66 27.20 -53.35
CA GLU A 363 23.73 28.17 -54.43
C GLU A 363 22.74 29.32 -54.23
N LEU A 364 21.77 29.17 -53.32
CA LEU A 364 20.75 30.19 -53.00
C LEU A 364 21.04 30.91 -51.69
N GLY A 365 22.28 30.88 -51.20
CA GLY A 365 22.59 31.49 -49.93
C GLY A 365 22.09 30.76 -48.70
N GLY A 366 21.58 29.54 -48.84
CA GLY A 366 21.19 28.74 -47.70
C GLY A 366 22.35 27.90 -47.17
N VAL A 367 22.37 27.68 -45.85
CA VAL A 367 23.34 26.78 -45.24
C VAL A 367 22.83 25.36 -45.38
N ASN A 368 23.67 24.45 -45.86
CA ASN A 368 23.29 23.04 -45.93
C ASN A 368 23.97 22.27 -44.81
N LEU A 369 23.16 21.78 -43.89
CA LEU A 369 23.64 21.12 -42.70
C LEU A 369 24.14 19.73 -43.10
N GLN A 370 25.43 19.46 -42.88
CA GLN A 370 25.97 18.15 -43.21
C GLN A 370 26.31 17.30 -42.00
N THR A 371 26.30 17.87 -40.80
CA THR A 371 26.63 17.09 -39.63
C THR A 371 25.61 17.31 -38.53
N PHE A 372 25.47 16.28 -37.68
CA PHE A 372 24.52 16.33 -36.58
C PHE A 372 24.81 17.50 -35.65
N GLU A 373 26.09 17.79 -35.38
CA GLU A 373 26.42 18.95 -34.53
C GLU A 373 25.92 20.25 -35.15
N GLN A 374 25.99 20.36 -36.48
CA GLN A 374 25.44 21.57 -37.11
C GLN A 374 23.93 21.65 -36.92
N LEU A 375 23.24 20.50 -36.93
CA LEU A 375 21.79 20.52 -36.79
C LEU A 375 21.39 20.96 -35.40
N ILE A 376 22.16 20.54 -34.39
CA ILE A 376 21.93 20.98 -33.03
C ILE A 376 22.29 22.46 -32.88
N SER A 377 23.39 22.90 -33.49
CA SER A 377 23.71 24.33 -33.53
C SER A 377 22.56 25.14 -34.10
N TYR A 378 21.94 24.66 -35.16
CA TYR A 378 20.84 25.43 -35.75
C TYR A 378 19.63 25.43 -34.81
N LEU A 379 19.36 24.30 -34.14
CA LEU A 379 18.26 24.27 -33.19
C LEU A 379 18.54 25.21 -32.01
N GLU A 380 19.79 25.26 -31.53
CA GLU A 380 20.16 26.22 -30.50
C GLU A 380 19.85 27.64 -30.95
N TYR A 381 20.20 27.96 -32.19
CA TYR A 381 19.97 29.30 -32.71
C TYR A 381 18.49 29.64 -32.75
N LYS A 382 17.66 28.75 -33.33
CA LYS A 382 16.22 29.01 -33.45
C LYS A 382 15.53 29.12 -32.09
N LEU A 383 16.00 28.37 -31.10
CA LEU A 383 15.36 28.37 -29.79
C LEU A 383 16.00 29.33 -28.79
N LEU A 384 17.24 29.74 -29.00
CA LEU A 384 17.95 30.38 -27.92
C LEU A 384 18.74 31.60 -28.32
N GLU A 385 18.97 31.81 -29.61
CA GLU A 385 19.71 32.97 -30.05
C GLU A 385 18.96 33.89 -31.02
N GLU A 386 17.77 33.49 -31.49
CA GLU A 386 17.24 34.05 -32.74
C GLU A 386 16.99 35.55 -32.63
N ARG A 387 16.23 35.97 -31.64
CA ARG A 387 15.80 37.38 -31.56
C ARG A 387 16.35 37.99 -30.28
N GLU A 388 17.66 38.20 -30.23
CA GLU A 388 18.34 38.65 -29.02
C GLU A 388 18.00 37.75 -27.83
N GLY A 389 17.86 36.46 -28.07
CA GLY A 389 17.73 35.50 -26.99
C GLY A 389 16.35 34.93 -26.79
N GLU A 390 15.32 35.56 -27.36
CA GLU A 390 13.97 35.03 -27.11
C GLU A 390 13.56 33.99 -28.13
N GLY A 391 14.28 33.90 -29.25
CA GLY A 391 14.12 32.82 -30.19
C GLY A 391 12.93 33.02 -31.10
N ASP A 392 12.89 32.21 -32.15
CA ASP A 392 11.87 32.35 -33.19
C ASP A 392 10.53 31.82 -32.67
N PRO A 393 9.52 32.67 -32.51
CA PRO A 393 8.27 32.21 -31.89
C PRO A 393 7.62 31.01 -32.59
N LYS A 394 7.82 30.82 -33.90
CA LYS A 394 7.28 29.63 -34.58
C LYS A 394 7.86 28.33 -34.01
N TRP A 395 9.10 28.38 -33.54
CA TRP A 395 9.77 27.19 -33.02
C TRP A 395 9.62 27.07 -31.51
N VAL A 396 9.84 28.15 -30.77
CA VAL A 396 9.57 28.10 -29.34
C VAL A 396 8.10 28.49 -29.19
N LEU A 397 7.24 27.53 -28.91
CA LEU A 397 5.82 27.85 -28.88
C LEU A 397 5.44 28.08 -27.42
N LYS A 398 5.85 29.26 -26.94
CA LYS A 398 5.63 29.67 -25.56
C LYS A 398 6.31 28.75 -24.56
N GLN A 399 7.29 27.94 -24.98
CA GLN A 399 7.92 27.03 -24.05
C GLN A 399 8.94 27.78 -23.18
N SER A 400 9.15 27.32 -21.95
CA SER A 400 9.97 28.10 -21.01
C SER A 400 11.45 28.03 -21.40
N PRO A 401 12.23 29.07 -21.08
CA PRO A 401 13.67 28.99 -21.36
C PRO A 401 14.34 27.77 -20.73
N GLY A 402 13.90 27.37 -19.53
CA GLY A 402 14.55 26.25 -18.88
C GLY A 402 14.30 24.93 -19.60
N THR A 403 13.08 24.75 -20.07
CA THR A 403 12.78 23.56 -20.85
C THR A 403 13.53 23.54 -22.18
N LEU A 404 13.56 24.67 -22.89
CA LEU A 404 14.32 24.71 -24.13
C LEU A 404 15.78 24.34 -23.91
N ARG A 405 16.41 24.88 -22.87
CA ARG A 405 17.85 24.63 -22.74
C ARG A 405 18.10 23.20 -22.27
N ALA A 406 17.13 22.62 -21.55
CA ALA A 406 17.22 21.21 -21.22
C ALA A 406 17.24 20.36 -22.49
N PHE A 407 16.27 20.59 -23.38
CA PHE A 407 16.24 19.97 -24.70
C PHE A 407 17.57 20.17 -25.43
N THR A 408 18.03 21.41 -25.50
CA THR A 408 19.31 21.69 -26.15
C THR A 408 20.46 20.93 -25.49
N ARG A 409 20.56 20.98 -24.16
CA ARG A 409 21.78 20.45 -23.56
C ARG A 409 21.83 18.92 -23.73
N ARG A 410 20.67 18.26 -23.71
CA ARG A 410 20.64 16.81 -23.91
C ARG A 410 21.05 16.44 -25.34
N LEU A 411 20.60 17.20 -26.34
CA LEU A 411 21.12 16.99 -27.69
C LEU A 411 22.63 17.20 -27.75
N ARG A 412 23.14 18.26 -27.11
CA ARG A 412 24.59 18.45 -27.12
C ARG A 412 25.29 17.29 -26.45
N GLY A 413 24.68 16.71 -25.42
CA GLY A 413 25.37 15.69 -24.64
C GLY A 413 25.58 14.43 -25.45
N VAL A 414 24.61 14.06 -26.29
CA VAL A 414 24.69 12.83 -27.06
C VAL A 414 25.21 13.07 -28.47
N GLN A 415 25.51 14.31 -28.84
CA GLN A 415 25.88 14.55 -30.23
C GLN A 415 27.14 13.79 -30.64
N LYS A 416 28.14 13.70 -29.76
CA LYS A 416 29.38 13.01 -30.12
C LYS A 416 29.11 11.54 -30.44
N TYR A 417 28.15 10.92 -29.75
CA TYR A 417 27.98 9.48 -29.92
C TYR A 417 27.09 9.16 -31.13
N LEU A 418 26.10 10.00 -31.38
CA LEU A 418 25.22 9.82 -32.53
C LEU A 418 25.76 10.45 -33.81
N SER A 419 26.79 11.28 -33.73
CA SER A 419 27.22 12.02 -34.92
C SER A 419 27.75 11.12 -36.03
N PRO A 420 28.58 10.11 -35.77
CA PRO A 420 28.99 9.22 -36.88
C PRO A 420 27.84 8.46 -37.54
N LEU A 421 26.74 8.17 -36.84
CA LEU A 421 25.64 7.41 -37.45
C LEU A 421 24.73 8.30 -38.29
N ILE A 422 24.66 9.59 -38.01
CA ILE A 422 23.83 10.53 -38.76
C ILE A 422 24.73 11.50 -39.53
N ARG A 423 24.71 11.37 -40.85
CA ARG A 423 25.58 12.14 -41.73
C ARG A 423 24.73 12.84 -42.78
N GLY A 424 25.03 14.12 -43.01
CA GLY A 424 24.41 14.84 -44.11
C GLY A 424 25.39 15.04 -45.24
N ASP A 425 26.69 14.80 -44.99
CA ASP A 425 27.71 15.05 -46.01
C ASP A 425 27.80 13.94 -47.04
N LEU A 426 27.23 12.78 -46.77
CA LEU A 426 27.16 11.70 -47.75
C LEU A 426 26.36 12.15 -48.96
N THR A 427 26.67 11.53 -50.09
CA THR A 427 25.99 11.76 -51.37
C THR A 427 24.74 10.91 -51.47
N PRO A 428 23.89 11.15 -52.48
CA PRO A 428 22.66 10.33 -52.56
C PRO A 428 22.92 8.88 -52.93
N GLU A 429 23.94 8.63 -53.74
CA GLU A 429 24.32 7.26 -54.04
C GLU A 429 24.65 6.50 -52.78
N GLN A 430 25.53 7.04 -51.94
CA GLN A 430 25.94 6.26 -50.78
C GLN A 430 24.75 6.06 -49.84
N ALA A 431 23.92 7.09 -49.73
CA ALA A 431 22.84 7.06 -48.76
C ALA A 431 21.85 5.94 -49.06
N GLU A 432 21.39 5.86 -50.30
CA GLU A 432 20.44 4.82 -50.66
C GLU A 432 21.05 3.44 -50.46
N GLY A 433 22.37 3.35 -50.66
CA GLY A 433 23.04 2.07 -50.51
C GLY A 433 23.17 1.62 -49.06
N TYR A 434 23.45 2.56 -48.15
CA TYR A 434 23.80 2.24 -46.78
C TYR A 434 22.62 2.32 -45.81
N ARG A 435 21.45 2.74 -46.28
CA ARG A 435 20.28 2.82 -45.41
C ARG A 435 19.89 1.45 -44.86
N PRO A 436 19.75 1.32 -43.54
CA PRO A 436 19.40 0.01 -42.94
C PRO A 436 17.96 -0.35 -43.20
N ASP A 437 17.75 -1.42 -43.98
CA ASP A 437 16.40 -1.95 -44.22
C ASP A 437 16.28 -3.37 -43.69
N PRO A 438 15.65 -3.58 -42.53
CA PRO A 438 15.36 -4.96 -42.09
C PRO A 438 14.42 -5.70 -43.01
N LEU A 439 13.75 -5.00 -43.93
CA LEU A 439 12.77 -5.63 -44.80
C LEU A 439 13.28 -5.79 -46.23
N ARG A 440 14.59 -5.69 -46.45
CA ARG A 440 15.15 -5.80 -47.81
C ARG A 440 14.75 -7.12 -48.45
N ARG A 441 14.39 -7.05 -49.75
CA ARG A 441 13.99 -8.24 -50.48
C ARG A 441 15.14 -9.25 -50.57
N GLY A 442 14.80 -10.53 -50.46
CA GLY A 442 15.80 -11.58 -50.48
C GLY A 442 16.62 -11.73 -49.22
N ILE A 443 16.15 -11.19 -48.11
CA ILE A 443 16.84 -11.25 -46.82
C ILE A 443 15.89 -11.88 -45.82
N GLN A 444 16.36 -12.87 -45.06
CA GLN A 444 15.47 -13.46 -44.07
C GLN A 444 15.85 -13.06 -42.64
N LEU A 445 17.14 -12.86 -42.39
CA LEU A 445 17.66 -12.56 -41.06
C LEU A 445 18.60 -11.37 -41.13
N THR A 446 18.23 -10.29 -40.46
CA THR A 446 19.04 -9.07 -40.39
C THR A 446 19.69 -8.95 -39.02
N VAL A 447 21.02 -8.80 -39.00
CA VAL A 447 21.79 -8.66 -37.76
C VAL A 447 22.40 -7.27 -37.74
N VAL A 448 21.96 -6.44 -36.80
CA VAL A 448 22.47 -5.08 -36.66
C VAL A 448 23.49 -5.09 -35.53
N ASP A 449 24.74 -4.77 -35.86
CA ASP A 449 25.84 -4.83 -34.89
C ASP A 449 25.94 -3.50 -34.15
N ILE A 450 25.52 -3.48 -32.89
CA ILE A 450 25.51 -2.27 -32.08
C ILE A 450 26.47 -2.33 -30.90
N HIS A 451 27.31 -3.37 -30.77
CA HIS A 451 28.06 -3.55 -29.53
C HIS A 451 29.13 -2.50 -29.37
N ALA A 452 29.63 -1.95 -30.48
CA ALA A 452 30.63 -0.91 -30.36
C ALA A 452 30.05 0.44 -29.96
N LEU A 453 28.74 0.64 -30.12
CA LEU A 453 28.11 1.91 -29.86
C LEU A 453 27.81 2.10 -28.36
N SER A 454 27.69 3.37 -27.95
CA SER A 454 27.31 3.70 -26.58
C SER A 454 25.81 3.48 -26.38
N ALA A 455 25.41 3.39 -25.10
CA ALA A 455 24.00 3.13 -24.80
C ALA A 455 23.08 4.09 -25.53
N HIS A 456 23.52 5.33 -25.74
CA HIS A 456 22.67 6.32 -26.39
C HIS A 456 22.53 6.00 -27.87
N ALA A 457 23.61 5.56 -28.51
CA ALA A 457 23.52 5.17 -29.91
C ALA A 457 22.79 3.84 -30.06
N GLN A 458 22.93 2.95 -29.08
CA GLN A 458 22.17 1.72 -29.10
C GLN A 458 20.67 1.99 -29.04
N MET A 459 20.25 2.75 -28.04
CA MET A 459 18.82 3.05 -27.90
C MET A 459 18.28 3.82 -29.10
N PHE A 460 19.11 4.66 -29.70
CA PHE A 460 18.71 5.40 -30.88
C PHE A 460 18.44 4.46 -32.03
N VAL A 461 19.44 3.64 -32.37
CA VAL A 461 19.35 2.73 -33.52
C VAL A 461 18.21 1.74 -33.34
N VAL A 462 18.06 1.19 -32.13
CA VAL A 462 16.99 0.24 -31.93
C VAL A 462 15.65 0.93 -32.07
N GLY A 463 15.55 2.15 -31.53
CA GLY A 463 14.27 2.85 -31.61
C GLY A 463 13.85 3.13 -33.04
N VAL A 464 14.76 3.73 -33.81
CA VAL A 464 14.46 4.09 -35.19
C VAL A 464 14.09 2.86 -36.01
N LEU A 465 14.81 1.76 -35.83
CA LEU A 465 14.58 0.61 -36.70
C LEU A 465 13.25 -0.04 -36.37
N LEU A 466 12.96 -0.20 -35.08
CA LEU A 466 11.70 -0.79 -34.68
C LEU A 466 10.52 0.08 -35.13
N ARG A 467 10.66 1.40 -35.00
CA ARG A 467 9.55 2.26 -35.41
C ARG A 467 9.38 2.24 -36.91
N GLU A 468 10.49 2.11 -37.65
CA GLU A 468 10.41 1.98 -39.10
C GLU A 468 9.60 0.76 -39.48
N VAL A 469 9.89 -0.38 -38.86
CA VAL A 469 9.18 -1.60 -39.22
C VAL A 469 7.72 -1.49 -38.85
N PHE A 470 7.43 -0.87 -37.71
CA PHE A 470 6.04 -0.74 -37.27
C PHE A 470 5.24 0.16 -38.21
N GLU A 471 5.78 1.34 -38.54
CA GLU A 471 5.11 2.22 -39.49
C GLU A 471 4.83 1.50 -40.81
N TYR A 472 5.83 0.77 -41.33
CA TYR A 472 5.67 0.12 -42.62
C TYR A 472 4.54 -0.91 -42.59
N LYS A 473 4.45 -1.70 -41.52
CA LYS A 473 3.37 -2.66 -41.41
C LYS A 473 2.02 -1.96 -41.25
N GLU A 474 2.00 -0.81 -40.58
CA GLU A 474 0.76 -0.02 -40.50
C GLU A 474 0.29 0.41 -41.88
N ARG A 475 1.22 0.92 -42.70
CA ARG A 475 0.85 1.45 -44.02
C ARG A 475 0.42 0.34 -44.97
N VAL A 476 1.26 -0.68 -45.17
CA VAL A 476 0.94 -1.78 -46.07
C VAL A 476 0.03 -2.81 -45.41
N GLY A 477 0.52 -3.53 -44.41
CA GLY A 477 -0.36 -4.55 -43.80
C GLY A 477 0.42 -5.68 -43.16
N ARG A 478 -0.25 -6.77 -42.81
CA ARG A 478 0.46 -7.87 -42.12
C ARG A 478 1.59 -8.37 -43.02
N GLN A 479 1.28 -8.63 -44.30
CA GLN A 479 2.32 -9.06 -45.27
C GLN A 479 3.12 -10.23 -44.68
N ASP A 480 4.43 -10.04 -44.60
CA ASP A 480 5.37 -11.03 -44.01
C ASP A 480 5.44 -10.82 -42.49
N THR A 481 5.44 -11.91 -41.72
CA THR A 481 5.57 -11.88 -40.27
C THR A 481 7.03 -11.61 -39.90
N VAL A 482 7.26 -10.57 -39.12
CA VAL A 482 8.60 -10.09 -38.81
C VAL A 482 8.87 -10.36 -37.32
N PHE A 483 9.94 -11.10 -37.04
CA PHE A 483 10.29 -11.44 -35.68
C PHE A 483 11.39 -10.51 -35.21
N VAL A 484 11.22 -9.93 -34.03
CA VAL A 484 12.21 -9.05 -33.42
C VAL A 484 12.75 -9.75 -32.20
N VAL A 485 14.04 -10.05 -32.20
CA VAL A 485 14.69 -10.76 -31.11
C VAL A 485 15.50 -9.75 -30.31
N LEU A 486 15.10 -9.53 -29.07
CA LEU A 486 15.68 -8.48 -28.23
C LEU A 486 16.03 -9.05 -26.88
N ASP A 487 17.22 -8.75 -26.41
CA ASP A 487 17.71 -9.18 -25.11
C ASP A 487 17.71 -7.96 -24.21
N GLU A 488 17.94 -8.18 -22.92
CA GLU A 488 17.97 -7.11 -21.91
C GLU A 488 16.69 -6.27 -21.98
N LEU A 489 15.56 -6.96 -21.97
CA LEU A 489 14.28 -6.27 -22.11
C LEU A 489 14.10 -5.18 -21.05
N ASN A 490 14.57 -5.40 -19.81
CA ASN A 490 14.50 -4.36 -18.77
C ASN A 490 15.18 -3.04 -19.17
N LYS A 491 16.26 -3.12 -19.95
CA LYS A 491 16.91 -1.91 -20.44
C LYS A 491 15.97 -1.09 -21.29
N TYR A 492 15.35 -1.73 -22.31
CA TYR A 492 14.58 -0.99 -23.31
C TYR A 492 13.21 -0.61 -22.79
N ALA A 493 12.61 -1.48 -21.98
CA ALA A 493 11.26 -1.27 -21.47
C ALA A 493 11.26 -1.49 -19.95
N PRO A 494 11.80 -0.54 -19.21
CA PRO A 494 11.80 -0.62 -17.74
C PRO A 494 10.38 -0.73 -17.21
N ARG A 495 10.25 -1.21 -15.98
CA ARG A 495 8.92 -1.35 -15.40
C ARG A 495 8.29 0.02 -15.13
N GLU A 496 9.06 0.99 -14.62
CA GLU A 496 8.44 2.23 -14.19
C GLU A 496 8.72 3.43 -15.09
N GLY A 497 9.81 3.44 -15.87
CA GLY A 497 10.10 4.58 -16.71
C GLY A 497 9.09 4.79 -17.83
N ASP A 498 9.40 5.78 -18.68
CA ASP A 498 8.58 6.08 -19.85
C ASP A 498 9.45 6.74 -20.91
N SER A 499 9.58 6.09 -22.06
CA SER A 499 10.52 6.47 -23.10
C SER A 499 9.86 6.28 -24.46
N PRO A 500 10.46 6.84 -25.52
CA PRO A 500 9.94 6.53 -26.87
C PRO A 500 10.20 5.10 -27.25
N ILE A 501 11.38 4.60 -26.93
CA ILE A 501 11.70 3.26 -27.36
C ILE A 501 10.82 2.27 -26.63
N LYS A 502 10.46 2.58 -25.40
CA LYS A 502 9.50 1.75 -24.69
C LYS A 502 8.12 1.83 -25.33
N ASP A 503 7.80 2.97 -25.92
CA ASP A 503 6.50 3.13 -26.54
C ASP A 503 6.39 2.27 -27.79
N VAL A 504 7.45 2.19 -28.60
CA VAL A 504 7.34 1.35 -29.79
C VAL A 504 7.26 -0.12 -29.39
N LEU A 505 7.91 -0.50 -28.28
CA LEU A 505 7.78 -1.87 -27.80
C LEU A 505 6.40 -2.14 -27.24
N LEU A 506 5.79 -1.13 -26.60
CA LEU A 506 4.38 -1.24 -26.23
C LEU A 506 3.50 -1.41 -27.47
N ASP A 507 3.73 -0.60 -28.52
CA ASP A 507 2.95 -0.75 -29.74
C ASP A 507 3.12 -2.15 -30.33
N ILE A 508 4.35 -2.65 -30.37
CA ILE A 508 4.58 -4.00 -30.89
C ILE A 508 3.88 -5.04 -30.02
N ALA A 509 3.91 -4.89 -28.70
CA ALA A 509 3.29 -5.90 -27.85
C ALA A 509 1.78 -5.87 -27.99
N GLU A 510 1.21 -4.67 -28.08
CA GLU A 510 -0.25 -4.55 -28.00
C GLU A 510 -0.91 -4.63 -29.36
N ARG A 511 -0.21 -4.25 -30.42
CA ARG A 511 -0.79 -4.28 -31.74
C ARG A 511 -0.09 -5.24 -32.69
N GLY A 512 0.97 -5.92 -32.27
CA GLY A 512 1.79 -6.65 -33.23
C GLY A 512 1.14 -7.91 -33.76
N ARG A 513 0.30 -8.56 -32.98
CA ARG A 513 -0.38 -9.76 -33.44
C ARG A 513 -1.07 -9.49 -34.78
N SER A 514 -1.94 -8.49 -34.81
CA SER A 514 -2.65 -8.19 -36.05
C SER A 514 -1.73 -7.58 -37.08
N LEU A 515 -0.71 -6.87 -36.63
CA LEU A 515 0.15 -6.18 -37.58
C LEU A 515 1.21 -7.09 -38.17
N GLY A 516 1.50 -8.21 -37.52
CA GLY A 516 2.51 -9.14 -37.98
C GLY A 516 3.90 -8.92 -37.43
N ILE A 517 4.07 -8.17 -36.34
CA ILE A 517 5.38 -7.93 -35.76
C ILE A 517 5.41 -8.65 -34.43
N ILE A 518 6.29 -9.63 -34.31
CA ILE A 518 6.28 -10.56 -33.20
C ILE A 518 7.57 -10.40 -32.43
N LEU A 519 7.46 -10.33 -31.12
CA LEU A 519 8.59 -10.02 -30.24
C LEU A 519 9.07 -11.30 -29.56
N ILE A 520 10.33 -11.66 -29.78
CA ILE A 520 10.96 -12.72 -29.01
C ILE A 520 11.91 -12.03 -28.02
N GLY A 521 11.45 -11.79 -26.81
CA GLY A 521 12.16 -10.94 -25.87
C GLY A 521 12.66 -11.71 -24.68
N ALA A 522 13.80 -11.29 -24.16
CA ALA A 522 14.39 -11.95 -23.01
C ALA A 522 14.87 -10.92 -21.99
N GLN A 523 14.88 -11.35 -20.74
CA GLN A 523 15.35 -10.53 -19.64
C GLN A 523 15.74 -11.46 -18.50
N GLN A 524 16.50 -10.93 -17.55
CA GLN A 524 16.87 -11.77 -16.43
C GLN A 524 15.68 -12.01 -15.52
N THR A 525 14.84 -11.00 -15.32
CA THR A 525 13.62 -11.15 -14.52
C THR A 525 12.47 -10.39 -15.17
N ALA A 526 11.30 -11.02 -15.26
CA ALA A 526 10.18 -10.31 -15.84
C ALA A 526 9.66 -9.24 -14.91
N SER A 527 10.00 -9.29 -13.63
CA SER A 527 9.49 -8.28 -12.73
C SER A 527 10.12 -6.91 -12.98
N GLU A 528 11.22 -6.85 -13.74
CA GLU A 528 11.84 -5.58 -14.09
C GLU A 528 11.41 -5.05 -15.45
N VAL A 529 10.43 -5.68 -16.10
CA VAL A 529 9.98 -5.28 -17.43
C VAL A 529 8.56 -4.75 -17.32
N GLU A 530 8.23 -3.80 -18.19
CA GLU A 530 6.89 -3.23 -18.24
C GLU A 530 5.82 -4.32 -18.26
N ARG A 531 4.86 -4.19 -17.35
CA ARG A 531 3.84 -5.22 -17.20
C ARG A 531 3.06 -5.45 -18.49
N ARG A 532 2.95 -4.46 -19.36
CA ARG A 532 2.16 -4.68 -20.59
C ARG A 532 2.96 -5.42 -21.67
N ILE A 533 4.28 -5.31 -21.67
CA ILE A 533 5.07 -6.12 -22.60
C ILE A 533 5.02 -7.60 -22.20
N VAL A 534 5.21 -7.88 -20.91
CA VAL A 534 5.28 -9.27 -20.45
C VAL A 534 3.92 -9.93 -20.51
N SER A 535 2.89 -9.21 -20.09
CA SER A 535 1.53 -9.75 -20.08
C SER A 535 1.05 -10.17 -21.46
N ASN A 536 1.62 -9.62 -22.54
CA ASN A 536 1.16 -9.94 -23.88
C ASN A 536 1.96 -11.04 -24.58
N ALA A 537 2.81 -11.76 -23.85
CA ALA A 537 3.53 -12.90 -24.42
C ALA A 537 2.72 -14.17 -24.22
N ALA A 538 2.30 -14.80 -25.32
CA ALA A 538 1.56 -16.05 -25.23
C ALA A 538 2.47 -17.19 -24.78
N ILE A 539 3.71 -17.19 -25.23
CA ILE A 539 4.69 -18.22 -24.89
C ILE A 539 5.64 -17.63 -23.85
N ARG A 540 5.75 -18.31 -22.71
CA ARG A 540 6.69 -17.94 -21.66
C ARG A 540 7.69 -19.07 -21.48
N VAL A 541 8.97 -18.73 -21.50
CA VAL A 541 10.06 -19.69 -21.39
C VAL A 541 10.98 -19.24 -20.27
N VAL A 542 11.37 -20.18 -19.43
CA VAL A 542 12.09 -19.92 -18.19
C VAL A 542 13.34 -20.79 -18.20
N GLY A 543 14.51 -20.18 -18.19
CA GLY A 543 15.75 -20.86 -17.88
C GLY A 543 15.96 -20.85 -16.38
N ARG A 544 17.21 -21.11 -15.95
CA ARG A 544 17.48 -21.14 -14.51
C ARG A 544 17.10 -19.79 -13.89
N LEU A 545 16.19 -19.84 -12.93
CA LEU A 545 15.69 -18.64 -12.28
C LEU A 545 16.41 -18.41 -10.97
N ASP A 546 16.58 -17.15 -10.61
CA ASP A 546 17.12 -16.82 -9.30
C ASP A 546 16.16 -17.28 -8.19
N LEU A 547 16.73 -17.48 -7.01
CA LEU A 547 15.98 -18.03 -5.89
C LEU A 547 14.82 -17.10 -5.50
N ALA A 548 15.10 -15.82 -5.34
CA ALA A 548 14.08 -14.88 -4.93
C ALA A 548 13.04 -14.60 -6.02
N GLU A 549 13.44 -14.66 -7.30
CA GLU A 549 12.53 -14.27 -8.36
C GLU A 549 11.41 -15.28 -8.61
N ALA A 550 11.62 -16.57 -8.28
CA ALA A 550 10.64 -17.59 -8.66
C ALA A 550 9.30 -17.38 -7.97
N GLU A 551 9.30 -16.86 -6.75
CA GLU A 551 8.06 -16.63 -6.00
C GLU A 551 7.42 -15.27 -6.27
N ARG A 552 8.03 -14.45 -7.11
CA ARG A 552 7.46 -13.17 -7.46
C ARG A 552 6.13 -13.35 -8.19
N PRO A 553 5.29 -12.31 -8.20
CA PRO A 553 4.02 -12.39 -8.95
C PRO A 553 4.19 -12.65 -10.44
N GLU A 554 5.30 -12.24 -11.06
CA GLU A 554 5.40 -12.44 -12.50
C GLU A 554 5.73 -13.88 -12.87
N TYR A 555 6.04 -14.73 -11.90
CA TYR A 555 6.31 -16.14 -12.17
C TYR A 555 5.25 -17.04 -11.56
N ARG A 556 4.01 -16.58 -11.54
CA ARG A 556 2.94 -17.40 -10.99
C ARG A 556 2.63 -18.60 -11.88
N PHE A 557 2.94 -18.54 -13.17
CA PHE A 557 2.67 -19.68 -14.04
C PHE A 557 3.58 -20.87 -13.75
N LEU A 558 4.64 -20.68 -12.97
CA LEU A 558 5.40 -21.80 -12.46
C LEU A 558 4.81 -22.23 -11.12
N PRO A 559 4.32 -23.46 -11.01
CA PRO A 559 3.84 -23.97 -9.72
C PRO A 559 4.97 -24.10 -8.70
N GLN A 560 4.60 -24.08 -7.43
CA GLN A 560 5.60 -24.21 -6.37
C GLN A 560 6.48 -25.44 -6.56
N SER A 561 5.93 -26.56 -7.05
CA SER A 561 6.74 -27.75 -7.30
C SER A 561 7.97 -27.43 -8.13
N PHE A 562 7.86 -26.47 -9.03
CA PHE A 562 8.91 -26.26 -10.00
C PHE A 562 10.03 -25.38 -9.45
N ARG A 563 9.76 -24.61 -8.39
CA ARG A 563 10.67 -23.53 -8.01
C ARG A 563 12.03 -24.06 -7.59
N GLY A 564 12.04 -25.07 -6.72
CA GLY A 564 13.30 -25.62 -6.26
C GLY A 564 14.11 -26.20 -7.41
N ARG A 565 13.43 -26.91 -8.32
CA ARG A 565 14.08 -27.41 -9.52
C ARG A 565 14.58 -26.27 -10.40
N ALA A 566 13.79 -25.19 -10.51
CA ALA A 566 14.15 -24.11 -11.41
C ALA A 566 15.36 -23.33 -10.92
N GLY A 567 15.69 -23.46 -9.64
CA GLY A 567 16.82 -22.73 -9.11
C GLY A 567 18.15 -23.32 -9.55
N ILE A 568 18.13 -24.58 -9.99
CA ILE A 568 19.34 -25.30 -10.31
C ILE A 568 19.33 -25.85 -11.74
N LEU A 569 18.37 -25.42 -12.56
CA LEU A 569 18.33 -25.86 -13.96
C LEU A 569 19.66 -25.62 -14.65
N GLN A 570 20.09 -26.61 -15.43
CA GLN A 570 21.41 -26.50 -16.05
C GLN A 570 21.32 -25.66 -17.32
N PRO A 571 22.43 -25.09 -17.80
CA PRO A 571 22.38 -24.38 -19.07
C PRO A 571 21.93 -25.28 -20.21
N GLY A 572 21.08 -24.73 -21.08
CA GLY A 572 20.47 -25.48 -22.14
C GLY A 572 19.10 -26.00 -21.81
N THR A 573 18.69 -25.91 -20.56
CA THR A 573 17.47 -26.54 -20.09
C THR A 573 16.44 -25.46 -19.82
N MET A 574 15.31 -25.51 -20.52
CA MET A 574 14.28 -24.51 -20.36
C MET A 574 12.95 -25.16 -20.02
N LEU A 575 12.13 -24.43 -19.29
CA LEU A 575 10.73 -24.78 -19.06
C LEU A 575 9.88 -23.90 -19.96
N VAL A 576 9.13 -24.49 -20.88
CA VAL A 576 8.29 -23.71 -21.77
C VAL A 576 6.84 -23.88 -21.38
N SER A 577 6.13 -22.77 -21.36
CA SER A 577 4.74 -22.69 -20.96
C SER A 577 3.99 -22.00 -22.09
N GLN A 578 2.90 -22.62 -22.54
CA GLN A 578 2.09 -22.11 -23.64
C GLN A 578 0.63 -22.34 -23.29
N PRO A 579 -0.28 -21.59 -23.94
CA PRO A 579 -1.70 -21.64 -23.52
C PRO A 579 -2.35 -23.01 -23.64
N ASP A 580 -1.96 -23.82 -24.63
CA ASP A 580 -2.74 -25.04 -24.91
C ASP A 580 -2.61 -26.06 -23.78
N VAL A 581 -1.42 -26.23 -23.23
CA VAL A 581 -1.15 -27.23 -22.20
C VAL A 581 -0.97 -26.53 -20.87
N PRO A 582 -1.56 -27.04 -19.79
CA PRO A 582 -1.67 -26.28 -18.53
C PRO A 582 -0.38 -26.03 -17.78
N ASN A 583 0.51 -27.00 -17.71
CA ASN A 583 1.68 -26.78 -16.87
C ASN A 583 2.93 -26.59 -17.71
N PRO A 584 4.02 -26.09 -17.13
CA PRO A 584 5.25 -25.94 -17.91
C PRO A 584 5.88 -27.29 -18.17
N VAL A 585 6.49 -27.43 -19.35
CA VAL A 585 7.19 -28.68 -19.69
C VAL A 585 8.69 -28.40 -19.85
N LEU A 586 9.50 -29.20 -19.17
CA LEU A 586 10.95 -29.09 -19.28
C LEU A 586 11.39 -29.58 -20.64
N VAL A 587 12.42 -28.97 -21.20
CA VAL A 587 12.79 -29.22 -22.58
C VAL A 587 14.27 -28.93 -22.76
N ASN A 588 14.88 -29.61 -23.73
CA ASN A 588 16.28 -29.38 -24.08
C ASN A 588 16.34 -29.08 -25.58
N TYR A 589 17.42 -28.46 -26.01
CA TYR A 589 17.49 -28.13 -27.42
C TYR A 589 18.92 -28.28 -27.90
N PRO A 590 19.12 -28.62 -29.18
CA PRO A 590 20.46 -28.96 -29.67
C PRO A 590 21.44 -27.80 -29.63
N PHE A 591 22.71 -28.15 -29.83
CA PHE A 591 23.72 -27.13 -29.99
C PHE A 591 23.48 -26.38 -31.30
N PRO A 592 23.86 -25.11 -31.37
CA PRO A 592 23.63 -24.36 -32.60
C PRO A 592 24.36 -24.99 -33.76
N ALA A 593 23.64 -25.14 -34.87
CA ALA A 593 24.22 -25.52 -36.16
C ALA A 593 24.96 -24.37 -36.81
N TRP A 594 24.91 -23.19 -36.22
CA TRP A 594 25.55 -21.98 -36.71
C TRP A 594 26.61 -21.52 -35.73
N ALA A 595 27.56 -20.73 -36.25
CA ALA A 595 28.69 -20.27 -35.46
C ALA A 595 28.26 -19.10 -34.58
N THR A 596 28.63 -19.16 -33.30
CA THR A 596 28.34 -18.11 -32.33
C THR A 596 29.62 -17.50 -31.78
N ARG A 597 30.78 -17.90 -32.29
CA ARG A 597 31.98 -17.14 -32.04
C ARG A 597 32.93 -17.37 -33.20
N ARG A 598 33.99 -16.59 -33.20
CA ARG A 598 34.89 -16.59 -34.36
C ARG A 598 35.62 -17.91 -34.48
N ASP A 599 35.87 -18.58 -33.36
CA ASP A 599 36.67 -19.79 -33.34
C ASP A 599 35.98 -20.97 -34.01
N GLU A 600 34.67 -20.85 -34.26
CA GLU A 600 33.91 -22.02 -34.79
C GLU A 600 33.60 -21.86 -36.28
N VAL A 601 34.59 -21.48 -37.09
CA VAL A 601 34.34 -21.31 -38.55
C VAL A 601 35.49 -21.95 -39.34
N ASP A 602 35.18 -22.98 -40.13
CA ASP A 602 36.19 -23.67 -40.98
C ASP A 602 36.49 -22.84 -42.23
N ASP A 603 37.62 -23.10 -42.88
CA ASP A 603 37.99 -22.38 -44.12
C ASP A 603 37.09 -22.87 -45.26
N ASP B 13 36.65 -43.52 3.15
CA ASP B 13 36.43 -42.10 2.78
C ASP B 13 34.94 -41.72 2.64
N ALA B 14 34.05 -42.67 2.89
CA ALA B 14 32.62 -42.33 2.90
C ALA B 14 32.22 -41.62 4.17
N ILE B 15 31.23 -40.75 4.04
CA ILE B 15 30.82 -39.84 5.10
C ILE B 15 29.47 -40.22 5.68
N GLY B 16 28.60 -40.89 4.92
CA GLY B 16 27.32 -41.30 5.42
C GLY B 16 26.54 -42.08 4.38
N MET B 17 25.29 -42.38 4.72
CA MET B 17 24.35 -43.06 3.85
C MET B 17 23.04 -42.30 3.78
N VAL B 18 22.46 -42.24 2.59
CA VAL B 18 21.17 -41.60 2.43
C VAL B 18 20.15 -42.26 3.34
N LEU B 19 19.41 -41.44 4.07
CA LEU B 19 18.46 -41.88 5.07
C LEU B 19 17.09 -42.10 4.44
N GLY B 20 16.38 -43.11 4.92
CA GLY B 20 15.09 -43.39 4.32
C GLY B 20 13.93 -43.04 5.21
N THR B 21 14.25 -42.63 6.44
CA THR B 21 13.24 -42.21 7.39
C THR B 21 12.76 -40.80 7.12
N GLU B 22 13.54 -40.01 6.40
CA GLU B 22 13.09 -38.77 5.78
C GLU B 22 12.97 -39.01 4.28
N ASP B 23 12.04 -38.28 3.66
CA ASP B 23 11.83 -38.40 2.22
C ASP B 23 13.12 -38.10 1.45
N VAL B 24 13.35 -38.86 0.40
CA VAL B 24 14.44 -38.60 -0.53
C VAL B 24 13.83 -38.03 -1.80
N THR B 25 14.18 -36.78 -2.12
CA THR B 25 13.73 -36.09 -3.33
C THR B 25 14.93 -35.65 -4.15
N PRO B 26 14.74 -35.33 -5.42
CA PRO B 26 15.89 -34.96 -6.25
C PRO B 26 16.57 -33.69 -5.78
N THR B 27 15.82 -32.79 -5.16
CA THR B 27 16.33 -31.47 -4.76
C THR B 27 16.80 -31.45 -3.29
N VAL B 28 16.14 -32.20 -2.42
CA VAL B 28 16.44 -32.20 -0.98
C VAL B 28 16.40 -33.63 -0.45
N PHE B 29 17.36 -33.97 0.41
CA PHE B 29 17.36 -35.27 1.06
C PHE B 29 18.28 -35.18 2.27
N TRP B 30 18.11 -36.17 3.15
CA TRP B 30 18.86 -36.34 4.38
C TRP B 30 19.77 -37.56 4.27
N PHE B 31 20.80 -37.57 5.12
CA PHE B 31 21.68 -38.72 5.21
C PHE B 31 22.22 -38.84 6.62
N ALA B 32 22.48 -40.07 7.03
CA ALA B 32 23.02 -40.34 8.36
C ALA B 32 24.54 -40.29 8.30
N VAL B 33 25.16 -39.55 9.23
CA VAL B 33 26.61 -39.45 9.24
C VAL B 33 27.17 -40.77 9.77
N SER B 34 28.06 -41.38 8.99
CA SER B 34 28.67 -42.61 9.45
C SER B 34 29.55 -42.35 10.67
N HIS B 35 29.72 -43.39 11.46
CA HIS B 35 30.51 -43.27 12.69
C HIS B 35 31.91 -42.77 12.38
N GLY B 36 32.41 -41.89 13.25
CA GLY B 36 33.74 -41.35 13.14
C GLY B 36 33.92 -40.32 12.05
N ALA B 37 32.84 -39.80 11.50
CA ALA B 37 32.89 -38.76 10.49
C ALA B 37 32.28 -37.50 11.05
N SER B 38 32.81 -36.35 10.66
CA SER B 38 32.28 -35.07 11.11
C SER B 38 31.66 -34.34 9.92
N VAL B 39 30.44 -33.87 10.09
CA VAL B 39 29.71 -33.20 9.02
C VAL B 39 29.34 -31.82 9.50
N GLY B 40 29.92 -30.81 8.86
CA GLY B 40 29.63 -29.44 9.19
C GLY B 40 28.43 -28.90 8.45
N LEU B 41 28.05 -27.68 8.83
CA LEU B 41 26.84 -27.11 8.27
C LEU B 41 27.04 -26.70 6.82
N ASP B 42 28.22 -26.23 6.44
CA ASP B 42 28.36 -25.73 5.07
C ASP B 42 29.08 -26.72 4.15
N ASP B 43 29.05 -28.01 4.46
CA ASP B 43 29.91 -28.96 3.77
C ASP B 43 29.35 -29.33 2.39
N LEU B 44 30.25 -29.39 1.41
CA LEU B 44 29.93 -29.77 0.04
C LEU B 44 30.06 -31.28 -0.12
N VAL B 45 28.97 -31.94 -0.52
CA VAL B 45 28.91 -33.40 -0.60
C VAL B 45 28.49 -33.84 -1.99
N VAL B 46 28.86 -35.07 -2.35
CA VAL B 46 28.42 -35.70 -3.58
C VAL B 46 27.91 -37.10 -3.27
N VAL B 47 26.78 -37.46 -3.87
CA VAL B 47 26.20 -38.79 -3.68
C VAL B 47 25.94 -39.36 -5.06
N GLU B 48 26.32 -40.61 -5.27
CA GLU B 48 26.11 -41.26 -6.56
C GLU B 48 25.09 -42.37 -6.39
N THR B 49 24.07 -42.40 -7.25
CA THR B 49 23.04 -43.42 -7.26
C THR B 49 22.98 -44.10 -8.63
N ARG B 50 22.45 -45.32 -8.65
CA ARG B 50 22.37 -46.08 -9.90
C ARG B 50 20.91 -46.24 -10.29
N LYS B 51 20.61 -45.88 -11.54
CA LYS B 51 19.30 -46.15 -12.12
C LYS B 51 19.13 -47.66 -12.28
N PRO B 52 17.89 -48.12 -12.55
CA PRO B 52 17.69 -49.57 -12.76
C PRO B 52 18.52 -50.18 -13.87
N ASP B 53 18.81 -49.44 -14.94
CA ASP B 53 19.61 -49.99 -16.02
C ASP B 53 21.10 -49.94 -15.73
N GLY B 54 21.49 -49.47 -14.55
CA GLY B 54 22.88 -49.40 -14.17
C GLY B 54 23.58 -48.11 -14.49
N THR B 55 22.90 -47.15 -15.18
CA THR B 55 23.57 -45.87 -15.44
C THR B 55 23.60 -45.03 -14.17
N PRO B 56 24.71 -44.37 -13.90
CA PRO B 56 24.83 -43.64 -12.63
C PRO B 56 24.39 -42.19 -12.75
N VAL B 57 23.81 -41.69 -11.67
CA VAL B 57 23.42 -40.29 -11.56
C VAL B 57 24.09 -39.72 -10.32
N ARG B 58 24.83 -38.63 -10.50
CA ARG B 58 25.52 -38.01 -9.38
C ARG B 58 24.72 -36.82 -8.90
N PHE B 59 24.62 -36.67 -7.59
CA PHE B 59 23.99 -35.48 -7.02
C PHE B 59 25.05 -34.68 -6.27
N TYR B 60 25.21 -33.42 -6.64
CA TYR B 60 26.11 -32.55 -5.90
C TYR B 60 25.27 -31.58 -5.07
N GLY B 61 25.59 -31.46 -3.80
CA GLY B 61 24.75 -30.62 -2.98
C GLY B 61 25.54 -29.99 -1.85
N LEU B 62 24.82 -29.26 -1.02
CA LEU B 62 25.36 -28.52 0.10
C LEU B 62 24.55 -28.90 1.32
N VAL B 63 25.19 -29.01 2.47
CA VAL B 63 24.45 -29.26 3.71
C VAL B 63 23.90 -27.96 4.23
N ASP B 64 22.64 -27.95 4.66
CA ASP B 64 22.05 -26.75 5.25
C ASP B 64 21.49 -26.95 6.65
N ASN B 65 21.15 -28.19 7.03
CA ASN B 65 20.78 -28.55 8.39
C ASN B 65 21.63 -29.71 8.86
N VAL B 66 21.94 -29.73 10.14
CA VAL B 66 22.63 -30.86 10.75
C VAL B 66 22.14 -30.98 12.19
N ARG B 67 21.92 -32.20 12.66
CA ARG B 67 21.34 -32.40 13.98
C ARG B 67 21.80 -33.72 14.59
N LYS B 68 21.71 -33.78 15.92
CA LYS B 68 21.88 -35.02 16.68
C LYS B 68 20.65 -35.25 17.55
N ARG B 69 20.16 -36.49 17.56
CA ARG B 69 19.01 -36.86 18.38
C ARG B 69 19.37 -38.05 19.26
N HIS B 70 18.52 -38.31 20.26
CA HIS B 70 18.43 -39.61 20.93
C HIS B 70 17.27 -40.41 20.34
N GLU B 71 17.58 -41.57 19.77
CA GLU B 71 16.59 -42.38 19.06
C GLU B 71 15.51 -42.92 19.98
N GLY B 72 15.88 -43.79 20.93
CA GLY B 72 14.87 -44.26 21.87
C GLY B 72 15.13 -43.85 23.31
N VAL B 73 14.46 -42.79 23.79
CA VAL B 73 14.46 -42.46 25.21
C VAL B 73 13.02 -42.10 25.62
N THR B 74 12.42 -42.84 26.57
CA THR B 74 11.03 -42.59 26.91
C THR B 74 10.85 -41.23 27.59
N PHE B 75 11.78 -40.82 28.45
CA PHE B 75 11.60 -39.62 29.24
C PHE B 75 12.81 -38.70 29.12
N GLU B 76 12.54 -37.40 29.15
CA GLU B 76 13.60 -36.41 29.19
C GLU B 76 14.48 -36.55 30.43
N SER B 77 13.92 -37.04 31.54
CA SER B 77 14.68 -37.19 32.79
C SER B 77 15.73 -38.29 32.72
N ASP B 78 15.65 -39.17 31.74
CA ASP B 78 16.51 -40.36 31.71
C ASP B 78 17.94 -40.05 31.29
N VAL B 79 18.22 -38.81 30.87
CA VAL B 79 19.46 -38.52 30.15
C VAL B 79 20.67 -38.79 31.02
N GLU B 80 20.57 -38.52 32.32
CA GLU B 80 21.72 -38.78 33.17
C GLU B 80 22.09 -40.26 33.13
N ASP B 81 21.09 -41.13 32.97
CA ASP B 81 21.37 -42.56 32.92
C ASP B 81 22.00 -42.97 31.60
N VAL B 82 21.52 -42.42 30.48
CA VAL B 82 21.97 -42.91 29.18
C VAL B 82 23.44 -42.57 28.95
N VAL B 83 23.92 -41.45 29.49
CA VAL B 83 25.35 -41.15 29.39
C VAL B 83 26.15 -42.14 30.22
N ALA B 84 25.62 -42.53 31.38
CA ALA B 84 26.26 -43.56 32.20
C ALA B 84 26.18 -44.93 31.54
N GLY B 85 25.16 -45.16 30.73
CA GLY B 85 24.99 -46.41 30.04
C GLY B 85 23.99 -47.36 30.66
N LEU B 86 23.36 -46.98 31.77
CA LEU B 86 22.45 -47.89 32.45
C LEU B 86 21.19 -48.15 31.62
N LEU B 87 20.75 -47.17 30.81
CA LEU B 87 19.65 -47.35 29.87
C LEU B 87 20.17 -47.27 28.44
N PRO B 88 19.47 -47.88 27.48
CA PRO B 88 20.02 -47.99 26.11
C PRO B 88 19.72 -46.74 25.30
N ALA B 89 20.76 -46.21 24.64
CA ALA B 89 20.60 -45.00 23.86
C ALA B 89 21.52 -45.06 22.65
N SER B 90 21.01 -44.57 21.52
CA SER B 90 21.82 -44.36 20.32
C SER B 90 21.65 -42.92 19.86
N VAL B 91 22.75 -42.27 19.52
CA VAL B 91 22.72 -40.91 19.00
C VAL B 91 22.63 -40.95 17.48
N SER B 92 21.60 -40.33 16.93
CA SER B 92 21.40 -40.27 15.49
C SER B 92 21.94 -38.94 14.98
N TYR B 93 22.98 -39.00 14.15
CA TYR B 93 23.65 -37.82 13.62
C TYR B 93 23.23 -37.70 12.15
N ALA B 94 22.41 -36.70 11.83
CA ALA B 94 21.89 -36.58 10.47
C ALA B 94 22.11 -35.17 9.91
N ALA B 95 22.19 -35.12 8.59
CA ALA B 95 22.48 -33.90 7.86
C ALA B 95 21.53 -33.82 6.67
N ARG B 96 21.04 -32.61 6.38
CA ARG B 96 20.20 -32.37 5.22
C ARG B 96 21.03 -31.78 4.09
N VAL B 97 20.85 -32.30 2.88
CA VAL B 97 21.59 -31.84 1.71
C VAL B 97 20.65 -31.04 0.81
N LEU B 98 21.11 -29.86 0.38
CA LEU B 98 20.43 -29.06 -0.63
C LEU B 98 21.16 -29.20 -1.96
N VAL B 99 20.53 -29.87 -2.91
CA VAL B 99 21.16 -30.27 -4.17
C VAL B 99 21.42 -29.05 -5.04
N THR B 100 22.70 -28.83 -5.40
CA THR B 100 23.05 -27.72 -6.28
C THR B 100 23.19 -28.14 -7.74
N ARG B 101 23.51 -29.40 -8.00
CA ARG B 101 23.78 -29.90 -9.34
C ARG B 101 23.42 -31.38 -9.43
N VAL B 102 22.92 -31.79 -10.59
CA VAL B 102 22.62 -33.20 -10.89
C VAL B 102 23.35 -33.56 -12.17
N ASP B 103 24.33 -34.48 -12.07
CA ASP B 103 25.39 -34.55 -13.07
C ASP B 103 24.90 -35.06 -14.41
N PRO B 104 24.06 -36.09 -14.48
CA PRO B 104 23.37 -36.40 -15.74
C PRO B 104 22.00 -35.75 -15.91
N GLU B 105 21.65 -34.80 -15.03
CA GLU B 105 20.34 -34.08 -15.02
C GLU B 105 19.16 -35.03 -15.25
N ASN B 106 19.09 -36.04 -14.39
CA ASN B 106 17.91 -36.87 -14.20
C ASN B 106 17.35 -36.51 -12.83
N PHE B 107 16.17 -35.89 -12.80
CA PHE B 107 15.58 -35.55 -11.51
C PHE B 107 14.84 -36.77 -10.95
N ILE B 108 15.63 -37.73 -10.48
CA ILE B 108 15.12 -38.92 -9.79
C ILE B 108 15.57 -38.87 -8.34
N PRO B 109 14.93 -39.58 -7.42
CA PRO B 109 15.42 -39.59 -6.04
C PRO B 109 16.60 -40.52 -5.90
N PRO B 110 17.64 -40.13 -5.16
CA PRO B 110 18.66 -41.10 -4.74
C PRO B 110 18.06 -42.26 -3.99
N GLN B 111 18.73 -43.44 -4.05
CA GLN B 111 18.24 -44.55 -3.25
C GLN B 111 18.63 -44.36 -1.78
N PRO B 112 17.76 -44.73 -0.85
CA PRO B 112 18.18 -44.83 0.55
C PRO B 112 19.35 -45.80 0.68
N GLY B 113 20.35 -45.38 1.46
CA GLY B 113 21.53 -46.16 1.70
C GLY B 113 22.66 -45.92 0.74
N ASP B 114 22.47 -45.04 -0.25
CA ASP B 114 23.55 -44.60 -1.12
C ASP B 114 24.60 -43.83 -0.35
N HIS B 115 25.85 -44.00 -0.78
CA HIS B 115 26.95 -43.45 -0.02
C HIS B 115 27.13 -41.96 -0.32
N VAL B 116 27.41 -41.21 0.74
CA VAL B 116 27.63 -39.77 0.65
C VAL B 116 29.10 -39.51 0.97
N ARG B 117 29.76 -38.71 0.15
CA ARG B 117 31.15 -38.36 0.36
C ARG B 117 31.32 -36.84 0.32
N HIS B 118 32.35 -36.37 1.02
CA HIS B 118 32.76 -34.99 0.88
C HIS B 118 33.31 -34.76 -0.52
N ALA B 119 32.84 -33.70 -1.16
CA ALA B 119 33.32 -33.41 -2.49
C ALA B 119 34.79 -32.99 -2.41
N ALA B 120 35.66 -33.72 -3.12
CA ALA B 120 37.07 -33.46 -3.29
C ALA B 120 37.32 -33.10 -4.77
N GLY B 121 38.60 -33.10 -5.17
CA GLY B 121 38.93 -32.62 -6.50
C GLY B 121 38.08 -33.29 -7.56
N ARG B 122 37.81 -32.57 -8.64
CA ARG B 122 36.84 -32.97 -9.67
C ARG B 122 35.40 -32.98 -9.18
N GLU B 123 35.13 -33.70 -8.07
CA GLU B 123 33.78 -33.65 -7.47
C GLU B 123 33.47 -32.28 -6.87
N LEU B 124 34.46 -31.66 -6.22
CA LEU B 124 34.26 -30.32 -5.69
C LEU B 124 34.18 -29.31 -6.82
N ALA B 125 35.04 -29.46 -7.83
CA ALA B 125 34.97 -28.61 -9.00
C ALA B 125 33.61 -28.70 -9.66
N MET B 126 33.07 -29.92 -9.78
CA MET B 126 31.73 -30.07 -10.33
C MET B 126 30.71 -29.35 -9.47
N ALA B 127 30.86 -29.42 -8.15
CA ALA B 127 29.84 -28.87 -7.25
C ALA B 127 29.83 -27.35 -7.32
N LEU B 128 30.99 -26.74 -7.48
CA LEU B 128 31.09 -25.31 -7.65
C LEU B 128 31.14 -24.89 -9.13
N SER B 129 30.73 -25.77 -10.04
CA SER B 129 30.54 -25.38 -11.45
C SER B 129 31.83 -24.85 -12.06
N ALA B 130 32.99 -25.36 -11.61
CA ALA B 130 34.26 -24.91 -12.15
C ALA B 130 34.38 -25.15 -13.65
N ASP B 131 33.66 -26.15 -14.18
CA ASP B 131 33.66 -26.44 -15.61
C ASP B 131 32.98 -25.34 -16.41
N LYS B 132 32.00 -24.65 -15.82
CA LYS B 132 31.42 -23.51 -16.52
C LYS B 132 32.37 -22.32 -16.54
N MET B 133 33.28 -22.24 -15.56
CA MET B 133 34.12 -21.04 -15.45
C MET B 133 35.32 -21.12 -16.37
N GLU B 134 35.88 -22.33 -16.53
CA GLU B 134 37.04 -22.58 -17.38
C GLU B 134 38.17 -21.70 -16.86
N GLU B 135 38.88 -20.95 -17.71
CA GLU B 135 40.03 -20.19 -17.26
C GLU B 135 39.65 -18.93 -16.50
N ALA B 136 38.37 -18.59 -16.43
CA ALA B 136 37.94 -17.40 -15.70
C ALA B 136 37.88 -17.64 -14.19
N ALA B 137 38.11 -18.86 -13.72
CA ALA B 137 38.06 -19.08 -12.29
C ALA B 137 39.32 -18.54 -11.64
N PHE B 138 39.15 -17.88 -10.50
CA PHE B 138 40.24 -17.32 -9.73
C PHE B 138 39.86 -17.36 -8.26
N PRO B 139 40.84 -17.33 -7.36
CA PRO B 139 40.54 -17.59 -5.94
C PRO B 139 39.56 -16.58 -5.37
N GLY B 140 38.50 -17.10 -4.75
CA GLY B 140 37.54 -16.24 -4.09
C GLY B 140 37.62 -16.37 -2.58
N GLY B 141 38.52 -17.24 -2.14
CA GLY B 141 38.68 -17.50 -0.69
C GLY B 141 38.84 -18.98 -0.43
N LEU B 142 39.26 -19.34 0.78
CA LEU B 142 39.46 -20.76 1.14
C LEU B 142 38.12 -21.36 1.55
N LEU B 143 37.97 -22.66 1.31
CA LEU B 143 36.75 -23.41 1.69
C LEU B 143 36.97 -24.03 3.07
N ALA B 144 36.14 -25.02 3.38
CA ALA B 144 36.20 -25.71 4.69
C ALA B 144 37.62 -26.15 5.04
N ASP B 145 38.33 -26.79 4.12
CA ASP B 145 39.66 -27.31 4.48
C ASP B 145 40.73 -26.99 3.44
N GLY B 146 41.13 -25.72 3.33
CA GLY B 146 42.23 -25.35 2.42
C GLY B 146 41.88 -25.41 0.95
N GLN B 147 40.65 -25.78 0.61
CA GLN B 147 40.26 -25.82 -0.79
C GLN B 147 39.85 -24.43 -1.29
N PRO B 148 40.47 -23.91 -2.35
CA PRO B 148 40.06 -22.61 -2.89
C PRO B 148 38.66 -22.64 -3.48
N LEU B 149 37.97 -21.49 -3.37
CA LEU B 149 36.64 -21.31 -3.95
C LEU B 149 36.77 -20.62 -5.29
N PRO B 150 36.50 -21.31 -6.39
CA PRO B 150 36.57 -20.69 -7.71
C PRO B 150 35.51 -19.61 -7.87
N LEU B 151 35.94 -18.41 -8.25
CA LEU B 151 35.08 -17.29 -8.61
C LEU B 151 35.11 -17.08 -10.12
N ASN B 152 33.95 -16.85 -10.73
CA ASN B 152 33.92 -16.64 -12.18
C ASN B 152 34.24 -15.19 -12.54
N PHE B 153 35.46 -14.92 -12.99
CA PHE B 153 35.85 -13.54 -13.27
C PHE B 153 34.99 -12.91 -14.34
N ARG B 154 34.37 -13.71 -15.22
CA ARG B 154 33.51 -13.16 -16.25
C ARG B 154 32.23 -12.55 -15.70
N PHE B 155 31.85 -12.88 -14.48
CA PHE B 155 30.75 -12.16 -13.83
C PHE B 155 31.23 -10.97 -13.01
N ILE B 156 32.53 -10.68 -13.01
CA ILE B 156 33.06 -9.49 -12.36
C ILE B 156 33.45 -8.42 -13.37
N ASN B 157 34.09 -8.79 -14.49
CA ASN B 157 34.63 -7.78 -15.38
C ASN B 157 33.68 -7.38 -16.50
N GLY B 158 32.46 -7.90 -16.56
CA GLY B 158 31.57 -7.37 -17.62
C GLY B 158 31.26 -8.32 -18.76
N GLU B 159 32.04 -9.38 -18.96
CA GLU B 159 31.74 -10.28 -20.10
C GLU B 159 30.32 -10.83 -19.95
N SER B 160 29.99 -11.46 -18.83
CA SER B 160 28.61 -11.95 -18.69
C SER B 160 28.00 -11.47 -17.38
N GLY B 161 28.80 -10.83 -16.54
CA GLY B 161 28.30 -10.43 -15.20
C GLY B 161 28.69 -9.02 -14.86
N GLY B 162 28.04 -8.43 -13.86
CA GLY B 162 28.26 -7.02 -13.50
C GLY B 162 29.27 -6.79 -12.40
N HIS B 163 28.83 -6.30 -11.25
CA HIS B 163 29.78 -5.85 -10.20
C HIS B 163 29.69 -6.67 -8.92
N ILE B 164 30.29 -6.19 -7.83
CA ILE B 164 30.32 -6.94 -6.55
C ILE B 164 29.65 -6.11 -5.45
N ASN B 165 28.76 -6.72 -4.68
CA ASN B 165 28.10 -6.02 -3.56
C ASN B 165 28.34 -6.82 -2.27
N ILE B 166 28.93 -6.18 -1.26
CA ILE B 166 29.29 -6.85 0.03
C ILE B 166 28.40 -6.26 1.12
N SER B 167 27.81 -7.11 1.96
CA SER B 167 26.87 -6.62 2.99
C SER B 167 27.25 -7.21 4.35
N GLY B 168 27.30 -6.40 5.41
CA GLY B 168 27.60 -6.94 6.74
C GLY B 168 27.43 -5.87 7.80
N ILE B 169 27.39 -6.25 9.08
CA ILE B 169 27.28 -5.22 10.14
C ILE B 169 28.57 -4.41 10.10
N SER B 170 28.47 -3.09 10.18
CA SER B 170 29.69 -2.23 10.08
C SER B 170 30.53 -2.34 11.33
N GLY B 171 31.82 -2.63 11.16
CA GLY B 171 32.78 -2.75 12.27
C GLY B 171 32.87 -4.16 12.79
N VAL B 172 31.94 -5.05 12.41
CA VAL B 172 31.99 -6.47 12.83
C VAL B 172 32.25 -7.28 11.57
N ALA B 173 31.37 -7.17 10.59
CA ALA B 173 31.61 -7.88 9.33
C ALA B 173 32.81 -7.20 8.69
N THR B 174 33.74 -7.99 8.18
CA THR B 174 34.96 -7.42 7.57
C THR B 174 34.72 -7.15 6.09
N LYS B 175 33.78 -6.25 5.75
CA LYS B 175 33.42 -5.95 4.35
C LYS B 175 34.56 -5.28 3.58
N THR B 176 35.24 -4.31 4.18
CA THR B 176 36.33 -3.60 3.47
C THR B 176 37.50 -4.54 3.19
N SER B 177 37.85 -5.40 4.13
CA SER B 177 38.99 -6.31 3.95
C SER B 177 38.75 -7.32 2.81
N TYR B 178 37.54 -7.85 2.68
CA TYR B 178 37.27 -8.84 1.62
C TYR B 178 37.44 -8.18 0.25
N ALA B 179 37.00 -6.93 0.11
CA ALA B 179 37.12 -6.22 -1.18
C ALA B 179 38.60 -6.08 -1.53
N LEU B 180 39.45 -5.76 -0.56
CA LEU B 180 40.90 -5.62 -0.82
C LEU B 180 41.47 -6.97 -1.22
N PHE B 181 41.03 -8.04 -0.57
CA PHE B 181 41.51 -9.40 -0.90
C PHE B 181 41.10 -9.77 -2.32
N LEU B 182 39.87 -9.45 -2.71
CA LEU B 182 39.39 -9.76 -4.08
C LEU B 182 40.23 -8.97 -5.07
N LEU B 183 40.52 -7.71 -4.77
CA LEU B 183 41.35 -6.92 -5.71
C LEU B 183 42.72 -7.57 -5.80
N HIS B 184 43.28 -7.96 -4.65
CA HIS B 184 44.60 -8.62 -4.63
C HIS B 184 44.52 -9.92 -5.41
N SER B 185 43.45 -10.68 -5.22
CA SER B 185 43.31 -11.93 -5.99
C SER B 185 43.18 -11.61 -7.48
N ILE B 186 42.36 -10.65 -7.87
CA ILE B 186 42.17 -10.36 -9.32
C ILE B 186 43.49 -9.93 -9.94
N PHE B 187 44.22 -9.05 -9.27
CA PHE B 187 45.51 -8.53 -9.78
C PHE B 187 46.59 -9.61 -9.82
N ARG B 188 46.67 -10.48 -8.81
CA ARG B 188 47.79 -11.45 -8.74
C ARG B 188 47.44 -12.87 -9.19
N SER B 189 46.17 -13.21 -9.43
CA SER B 189 45.82 -14.57 -9.91
C SER B 189 46.42 -14.80 -11.29
N GLY B 190 46.37 -13.77 -12.13
CA GLY B 190 46.75 -13.89 -13.54
C GLY B 190 45.51 -14.13 -14.38
N VAL B 191 44.34 -14.07 -13.75
CA VAL B 191 43.03 -14.30 -14.42
C VAL B 191 42.79 -13.23 -15.49
N MET B 192 43.26 -12.01 -15.29
CA MET B 192 43.09 -10.97 -16.34
C MET B 192 43.82 -11.43 -17.60
N ASP B 193 45.03 -11.96 -17.46
CA ASP B 193 45.74 -12.45 -18.66
C ASP B 193 44.95 -13.60 -19.29
N ARG B 194 44.45 -14.53 -18.48
CA ARG B 194 43.74 -15.69 -19.03
C ARG B 194 42.49 -15.24 -19.78
N THR B 195 41.70 -14.36 -19.16
CA THR B 195 40.43 -13.89 -19.77
C THR B 195 40.67 -13.07 -21.04
N ALA B 196 41.74 -12.28 -21.07
CA ALA B 196 42.03 -11.44 -22.26
C ALA B 196 42.24 -12.30 -23.50
N GLN B 197 42.94 -13.43 -23.36
CA GLN B 197 43.25 -14.39 -24.46
C GLN B 197 42.05 -14.56 -25.40
N THR B 206 40.90 -4.33 -21.22
CA THR B 206 41.49 -5.33 -22.14
C THR B 206 42.89 -5.73 -21.65
N ALA B 207 42.95 -6.81 -20.86
CA ALA B 207 44.16 -7.48 -20.33
C ALA B 207 44.85 -6.67 -19.21
N GLY B 208 44.21 -5.63 -18.70
CA GLY B 208 44.84 -4.80 -17.66
C GLY B 208 43.86 -4.47 -16.57
N GLY B 209 44.35 -4.13 -15.38
CA GLY B 209 43.44 -3.81 -14.28
C GLY B 209 43.93 -2.65 -13.45
N ARG B 210 42.99 -1.86 -12.92
CA ARG B 210 43.31 -0.69 -12.07
C ARG B 210 42.26 -0.61 -10.96
N ALA B 211 42.58 0.08 -9.88
CA ALA B 211 41.58 0.21 -8.80
C ALA B 211 41.58 1.65 -8.29
N LEU B 212 40.41 2.09 -7.82
CA LEU B 212 40.25 3.43 -7.22
C LEU B 212 39.59 3.18 -5.87
N ILE B 213 40.22 3.60 -4.78
CA ILE B 213 39.64 3.37 -3.43
C ILE B 213 39.47 4.73 -2.77
N PHE B 214 38.35 4.92 -2.07
CA PHE B 214 38.11 6.18 -1.34
C PHE B 214 38.32 5.88 0.14
N ASN B 215 39.23 6.60 0.76
CA ASN B 215 39.54 6.35 2.19
C ASN B 215 38.67 7.26 3.02
N VAL B 216 37.71 6.70 3.75
CA VAL B 216 36.79 7.55 4.55
C VAL B 216 36.98 7.30 6.05
N LYS B 217 37.58 6.17 6.43
CA LYS B 217 37.76 5.91 7.88
C LYS B 217 39.21 6.17 8.26
N GLY B 218 39.47 7.26 8.96
CA GLY B 218 40.84 7.60 9.41
C GLY B 218 41.83 7.58 8.27
N GLU B 219 43.00 7.01 8.51
CA GLU B 219 44.04 6.91 7.46
C GLU B 219 44.39 5.43 7.28
N ASP B 220 43.44 4.56 7.63
CA ASP B 220 43.63 3.08 7.60
C ASP B 220 44.01 2.60 6.20
N LEU B 221 43.45 3.18 5.15
CA LEU B 221 43.74 2.70 3.78
C LEU B 221 44.94 3.40 3.17
N LEU B 222 45.64 4.24 3.93
CA LEU B 222 46.82 4.97 3.39
C LEU B 222 48.08 4.11 3.37
N PHE B 223 48.06 2.88 3.87
CA PHE B 223 49.32 2.08 3.83
C PHE B 223 49.05 0.72 3.19
N LEU B 224 48.70 0.71 1.92
CA LEU B 224 48.46 -0.58 1.22
C LEU B 224 49.70 -0.99 0.46
N ASP B 225 50.71 -0.12 0.41
CA ASP B 225 51.96 -0.42 -0.33
C ASP B 225 53.01 -0.96 0.65
N LYS B 226 52.64 -1.11 1.92
CA LYS B 226 53.56 -1.57 2.97
C LYS B 226 53.16 -2.96 3.41
N PRO B 227 54.10 -3.90 3.63
CA PRO B 227 53.79 -5.24 4.07
C PRO B 227 53.22 -5.22 5.49
N ASN B 228 52.32 -6.14 5.80
CA ASN B 228 51.68 -6.19 7.14
C ASN B 228 52.55 -6.99 8.09
N ALA B 229 52.97 -6.38 9.19
CA ALA B 229 53.82 -7.05 10.18
C ALA B 229 53.08 -8.20 10.87
N ARG B 230 51.80 -8.00 11.14
CA ARG B 230 50.97 -8.99 11.90
C ARG B 230 50.61 -10.23 11.07
N MET B 231 50.75 -10.21 9.76
CA MET B 231 50.23 -11.36 8.98
C MET B 231 50.83 -12.72 9.30
N VAL B 232 52.15 -12.85 9.33
CA VAL B 232 52.72 -14.22 9.52
C VAL B 232 52.38 -14.82 10.89
N GLU B 233 52.37 -14.02 11.94
CA GLU B 233 52.00 -14.63 13.24
C GLU B 233 50.56 -15.10 13.11
N LYS B 234 49.66 -14.24 12.64
CA LYS B 234 48.24 -14.63 12.58
C LYS B 234 48.07 -15.76 11.56
N GLU B 235 48.73 -15.67 10.42
CA GLU B 235 48.57 -16.75 9.42
C GLU B 235 49.12 -18.05 9.98
N ASP B 236 50.27 -17.99 10.65
CA ASP B 236 50.89 -19.22 11.22
C ASP B 236 49.96 -19.80 12.27
N LYS B 237 49.35 -18.96 13.10
CA LYS B 237 48.45 -19.49 14.15
C LYS B 237 47.31 -20.25 13.49
N VAL B 238 46.72 -19.70 12.42
CA VAL B 238 45.61 -20.41 11.72
C VAL B 238 46.13 -21.69 11.06
N VAL B 239 47.34 -21.64 10.51
CA VAL B 239 47.86 -22.85 9.81
C VAL B 239 47.97 -23.98 10.83
N ARG B 240 48.49 -23.71 12.01
CA ARG B 240 48.64 -24.78 13.03
C ARG B 240 47.27 -25.32 13.46
N ALA B 241 46.30 -24.44 13.66
CA ALA B 241 44.96 -24.87 14.11
C ALA B 241 44.28 -25.76 13.07
N LYS B 242 44.36 -25.43 11.79
CA LYS B 242 43.68 -26.26 10.77
C LYS B 242 44.62 -27.31 10.19
N GLY B 243 45.92 -27.20 10.49
CA GLY B 243 46.92 -28.19 10.05
C GLY B 243 46.97 -28.46 8.56
N LEU B 244 47.10 -27.45 7.71
CA LEU B 244 47.26 -27.80 6.27
C LEU B 244 48.73 -27.67 5.85
N SER B 245 49.05 -28.17 4.66
CA SER B 245 50.42 -28.22 4.09
C SER B 245 51.07 -26.85 3.96
N ALA B 246 50.31 -25.83 3.55
CA ALA B 246 50.93 -24.51 3.34
C ALA B 246 50.05 -23.40 3.92
N ASP B 247 50.54 -22.17 3.90
CA ASP B 247 49.80 -20.99 4.38
C ASP B 247 48.69 -20.65 3.40
N ARG B 248 47.69 -19.90 3.84
CA ARG B 248 46.51 -19.62 2.99
C ARG B 248 46.91 -18.96 1.68
N TYR B 249 47.88 -18.04 1.66
CA TYR B 249 48.24 -17.44 0.35
C TYR B 249 48.76 -18.51 -0.61
N ALA B 250 49.62 -19.40 -0.14
CA ALA B 250 50.15 -20.48 -1.01
C ALA B 250 49.07 -21.42 -1.52
N LEU B 251 48.12 -21.77 -0.66
CA LEU B 251 47.02 -22.69 -1.08
C LEU B 251 46.14 -22.10 -2.19
N LEU B 252 45.87 -20.80 -2.12
CA LEU B 252 45.09 -20.06 -3.13
C LEU B 252 45.94 -19.87 -4.40
N GLY B 253 47.26 -19.81 -4.24
CA GLY B 253 48.13 -19.55 -5.39
C GLY B 253 48.49 -18.11 -5.58
N LEU B 254 48.24 -17.29 -4.55
CA LEU B 254 48.53 -15.83 -4.60
C LEU B 254 49.74 -15.52 -3.72
N PRO B 255 50.66 -14.65 -4.15
CA PRO B 255 51.82 -14.31 -3.34
C PRO B 255 51.38 -13.44 -2.16
N ALA B 256 52.05 -13.57 -1.02
CA ALA B 256 51.72 -12.75 0.16
C ALA B 256 52.52 -11.45 0.10
N GLU B 257 52.01 -10.45 -0.61
CA GLU B 257 52.73 -9.17 -0.73
C GLU B 257 51.75 -8.02 -0.85
N PRO B 258 52.17 -6.76 -0.63
CA PRO B 258 51.30 -5.59 -0.73
C PRO B 258 51.13 -5.14 -2.19
N PHE B 259 50.21 -4.21 -2.45
CA PHE B 259 49.95 -3.74 -3.84
C PHE B 259 51.20 -3.12 -4.44
N ARG B 260 51.53 -3.52 -5.67
CA ARG B 260 52.79 -3.14 -6.37
C ARG B 260 52.89 -1.67 -6.78
N ASP B 261 51.87 -1.08 -7.42
CA ASP B 261 52.07 0.33 -7.85
C ASP B 261 50.95 1.16 -7.28
N VAL B 262 51.25 2.03 -6.33
CA VAL B 262 50.15 2.74 -5.63
C VAL B 262 50.37 4.25 -5.67
N GLN B 263 49.29 4.99 -5.90
CA GLN B 263 49.30 6.46 -5.88
C GLN B 263 48.39 6.84 -4.71
N LEU B 264 48.85 7.63 -3.76
CA LEU B 264 47.97 8.02 -2.62
C LEU B 264 47.74 9.52 -2.72
N LEU B 265 46.49 9.96 -2.77
CA LEU B 265 46.18 11.40 -2.92
C LEU B 265 45.33 11.86 -1.73
N ALA B 266 45.59 13.07 -1.24
CA ALA B 266 44.84 13.64 -0.10
C ALA B 266 44.47 15.08 -0.44
N PRO B 267 43.43 15.68 0.18
CA PRO B 267 43.05 17.04 -0.13
C PRO B 267 44.12 17.97 0.43
N PRO B 268 44.37 19.13 -0.20
CA PRO B 268 45.41 20.03 0.26
C PRO B 268 45.04 20.60 1.63
N ARG B 269 46.05 20.80 2.47
CA ARG B 269 45.80 21.36 3.82
C ARG B 269 45.24 22.77 3.62
N ALA B 270 44.20 23.13 4.36
CA ALA B 270 43.65 24.49 4.16
C ALA B 270 44.75 25.48 4.53
N GLY B 271 45.04 26.41 3.62
CA GLY B 271 46.09 27.42 3.85
C GLY B 271 45.55 28.81 3.60
N ALA B 272 45.82 29.74 4.51
CA ALA B 272 45.29 31.11 4.31
C ALA B 272 46.25 31.88 3.40
N ALA B 273 45.84 32.11 2.16
CA ALA B 273 46.65 32.87 1.17
C ALA B 273 48.06 32.28 1.03
N GLY B 274 48.19 30.95 0.98
CA GLY B 274 49.54 30.36 0.84
C GLY B 274 49.63 29.51 -0.41
N THR B 275 50.54 29.87 -1.32
CA THR B 275 50.76 29.12 -2.58
C THR B 275 51.30 27.73 -2.29
N ALA B 276 52.10 27.56 -1.22
CA ALA B 276 52.65 26.23 -0.86
C ALA B 276 51.49 25.29 -0.51
N ILE B 277 51.53 24.07 -1.04
CA ILE B 277 50.42 23.10 -0.81
C ILE B 277 50.95 21.83 -0.16
N VAL B 278 50.29 21.38 0.91
CA VAL B 278 50.72 20.15 1.63
C VAL B 278 49.47 19.31 1.85
N PRO B 279 49.55 17.97 1.85
CA PRO B 279 48.41 17.10 2.08
C PRO B 279 47.90 17.25 3.52
N GLN B 280 46.61 17.02 3.73
CA GLN B 280 45.98 17.18 5.07
C GLN B 280 46.18 15.93 5.95
N THR B 281 46.85 14.90 5.45
CA THR B 281 47.13 13.66 6.23
C THR B 281 48.11 13.95 7.37
N ASP B 282 47.86 13.35 8.53
CA ASP B 282 48.75 13.50 9.71
C ASP B 282 49.61 12.24 9.89
N GLN B 283 49.02 11.06 9.70
CA GLN B 283 49.72 9.76 9.86
C GLN B 283 50.81 9.50 8.82
N ARG B 284 50.57 9.85 7.56
CA ARG B 284 51.61 9.59 6.52
C ARG B 284 51.80 10.82 5.65
N SER B 285 53.05 11.18 5.35
CA SER B 285 53.30 12.36 4.51
C SER B 285 54.16 12.00 3.29
N GLU B 286 54.71 10.80 3.21
CA GLU B 286 55.62 10.47 2.07
C GLU B 286 54.93 9.52 1.11
N GLY B 287 54.97 9.87 -0.18
CA GLY B 287 54.31 9.09 -1.25
C GLY B 287 52.88 9.54 -1.42
N VAL B 288 52.49 10.60 -0.71
CA VAL B 288 51.12 11.15 -0.75
C VAL B 288 51.19 12.49 -1.49
N THR B 289 50.33 12.68 -2.48
CA THR B 289 50.34 13.93 -3.27
C THR B 289 49.03 14.68 -3.04
N PRO B 290 49.05 16.01 -2.80
CA PRO B 290 47.83 16.75 -2.61
C PRO B 290 47.08 16.82 -3.95
N PHE B 291 45.75 16.77 -3.92
CA PHE B 291 45.00 16.83 -5.19
C PHE B 291 44.13 18.08 -5.20
N VAL B 292 44.21 18.87 -6.27
CA VAL B 292 43.39 20.12 -6.35
C VAL B 292 42.68 20.16 -7.70
N PHE B 293 41.60 20.92 -7.78
CA PHE B 293 40.85 21.11 -9.03
C PHE B 293 41.00 22.57 -9.43
N THR B 294 41.34 22.87 -10.68
CA THR B 294 41.49 24.29 -11.08
C THR B 294 40.11 24.90 -11.34
N ILE B 295 40.01 26.21 -11.23
CA ILE B 295 38.71 26.90 -11.50
C ILE B 295 38.36 26.71 -12.97
N ARG B 296 39.32 26.77 -13.87
CA ARG B 296 38.95 26.57 -15.29
C ARG B 296 38.38 25.17 -15.48
N GLU B 297 39.03 24.15 -14.91
CA GLU B 297 38.56 22.76 -15.07
C GLU B 297 37.19 22.56 -14.44
N PHE B 298 36.92 23.24 -13.32
CA PHE B 298 35.61 23.06 -12.64
C PHE B 298 34.50 23.46 -13.60
N CYS B 299 34.66 24.59 -14.28
CA CYS B 299 33.72 25.08 -15.31
C CYS B 299 33.83 24.26 -16.60
N ALA B 300 35.04 23.96 -17.03
CA ALA B 300 35.26 23.22 -18.29
C ALA B 300 34.76 21.79 -18.23
N ARG B 301 34.84 21.16 -17.06
CA ARG B 301 34.44 19.74 -16.94
C ARG B 301 33.04 19.60 -16.36
N ARG B 302 32.31 20.71 -16.23
CA ARG B 302 30.92 20.73 -15.73
C ARG B 302 30.79 20.04 -14.36
N MET B 303 31.58 20.47 -13.39
CA MET B 303 31.56 19.89 -12.04
C MET B 303 30.53 20.60 -11.16
N LEU B 304 29.81 21.59 -11.69
CA LEU B 304 28.88 22.38 -10.84
C LEU B 304 27.78 21.51 -10.27
N PRO B 305 27.18 20.57 -11.02
CA PRO B 305 26.10 19.75 -10.51
C PRO B 305 26.49 18.92 -9.27
N TYR B 306 27.72 18.45 -9.21
CA TYR B 306 28.26 17.61 -8.12
C TYR B 306 28.30 18.33 -6.77
N VAL B 307 28.35 19.66 -6.75
CA VAL B 307 28.32 20.45 -5.49
C VAL B 307 26.98 20.20 -4.78
N PHE B 308 25.89 20.13 -5.54
CA PHE B 308 24.54 19.95 -4.99
C PHE B 308 24.28 18.46 -4.76
N SER B 309 24.91 17.92 -3.73
CA SER B 309 24.84 16.48 -3.43
C SER B 309 23.74 16.18 -2.43
N ASP B 310 22.94 17.16 -2.05
CA ASP B 310 21.92 16.82 -1.04
C ASP B 310 20.67 16.27 -1.71
N ALA B 311 20.45 14.96 -1.58
CA ALA B 311 19.27 14.28 -2.14
C ALA B 311 18.24 14.05 -1.04
N SER B 312 18.54 14.53 0.17
CA SER B 312 17.67 14.30 1.34
C SER B 312 16.27 14.86 1.09
N ALA B 313 16.18 16.04 0.48
CA ALA B 313 14.86 16.68 0.22
C ALA B 313 14.74 17.02 -1.26
N SER B 314 13.51 17.18 -1.74
CA SER B 314 13.27 17.44 -3.18
C SER B 314 13.06 18.94 -3.45
N LEU B 315 13.90 19.47 -4.32
CA LEU B 315 13.83 20.89 -4.77
C LEU B 315 14.17 20.90 -6.27
N ASN B 316 13.75 21.92 -7.01
CA ASN B 316 14.07 21.83 -8.45
C ASN B 316 14.99 22.98 -8.88
N LEU B 317 16.28 22.79 -8.59
CA LEU B 317 17.38 23.69 -9.00
C LEU B 317 18.00 23.12 -10.27
N GLY B 318 17.42 22.07 -10.83
CA GLY B 318 18.00 21.44 -12.02
C GLY B 318 18.07 22.41 -13.18
N PHE B 319 17.02 23.20 -13.39
CA PHE B 319 17.11 24.16 -14.50
C PHE B 319 18.20 25.17 -14.20
N VAL B 320 18.24 25.69 -12.98
CA VAL B 320 19.28 26.71 -12.64
C VAL B 320 20.67 26.08 -12.73
N ILE B 321 20.87 24.88 -12.20
CA ILE B 321 22.22 24.27 -12.27
C ILE B 321 22.57 24.01 -13.74
N GLY B 322 21.64 23.52 -14.53
CA GLY B 322 21.96 23.26 -15.94
C GLY B 322 22.32 24.52 -16.68
N ASN B 323 21.55 25.59 -16.48
CA ASN B 323 21.83 26.86 -17.19
C ASN B 323 23.18 27.43 -16.75
N ILE B 324 23.46 27.48 -15.45
CA ILE B 324 24.76 28.05 -15.00
C ILE B 324 25.93 27.18 -15.46
N GLU B 325 25.78 25.86 -15.44
CA GLU B 325 26.91 25.01 -15.87
C GLU B 325 27.21 25.31 -17.35
N GLU B 326 26.21 25.45 -18.19
CA GLU B 326 26.50 25.73 -19.61
C GLU B 326 27.20 27.08 -19.72
N LYS B 327 26.72 28.09 -19.00
CA LYS B 327 27.33 29.43 -19.12
C LYS B 327 28.80 29.39 -18.69
N LEU B 328 29.09 28.73 -17.57
CA LEU B 328 30.48 28.62 -17.07
C LEU B 328 31.32 27.83 -18.06
N PHE B 329 30.74 26.78 -18.64
CA PHE B 329 31.47 25.96 -19.61
C PHE B 329 31.87 26.81 -20.79
N ARG B 330 30.94 27.63 -21.27
CA ARG B 330 31.20 28.51 -22.44
C ARG B 330 32.28 29.53 -22.06
N LEU B 331 32.23 30.05 -20.84
CA LEU B 331 33.26 31.02 -20.41
C LEU B 331 34.62 30.33 -20.41
N ALA B 332 34.67 29.10 -19.91
CA ALA B 332 35.95 28.37 -19.86
C ALA B 332 36.47 28.17 -21.28
N ALA B 333 35.59 27.80 -22.21
CA ALA B 333 36.01 27.57 -23.61
C ALA B 333 36.54 28.87 -24.21
N ALA B 334 35.90 29.99 -23.89
CA ALA B 334 36.30 31.32 -24.40
C ALA B 334 37.69 31.72 -23.91
N GLN B 335 38.10 31.29 -22.72
CA GLN B 335 39.42 31.70 -22.19
C GLN B 335 40.50 31.33 -23.20
N THR B 336 41.39 32.28 -23.50
CA THR B 336 42.46 32.08 -24.49
C THR B 336 43.81 31.87 -23.78
N GLY B 337 43.86 32.13 -22.49
CA GLY B 337 45.11 32.01 -21.72
C GLY B 337 45.41 30.57 -21.32
N LYS B 338 46.60 30.32 -20.79
CA LYS B 338 46.95 28.97 -20.30
C LYS B 338 46.73 28.93 -18.78
N GLY B 339 46.17 30.00 -18.22
CA GLY B 339 45.94 30.16 -16.77
C GLY B 339 44.91 29.21 -16.22
N THR B 340 45.00 28.94 -14.91
CA THR B 340 44.11 27.98 -14.21
C THR B 340 42.91 28.69 -13.58
N GLY B 341 42.78 29.99 -13.78
CA GLY B 341 41.63 30.73 -13.23
C GLY B 341 40.64 31.08 -14.33
N LEU B 342 39.49 31.65 -13.98
CA LEU B 342 38.51 32.04 -15.01
C LEU B 342 38.45 33.57 -15.08
N ILE B 343 38.63 34.13 -16.28
CA ILE B 343 38.62 35.60 -16.47
C ILE B 343 37.22 36.03 -16.92
N VAL B 344 36.64 37.01 -16.23
CA VAL B 344 35.27 37.50 -16.56
C VAL B 344 35.33 39.02 -16.76
N HIS B 345 34.74 39.52 -17.84
CA HIS B 345 34.76 40.99 -18.12
C HIS B 345 33.49 41.73 -17.74
N ASP B 346 32.47 41.05 -17.22
CA ASP B 346 31.21 41.79 -16.92
C ASP B 346 30.99 41.93 -15.43
N TRP B 347 32.01 41.77 -14.60
CA TRP B 347 31.78 41.86 -13.15
C TRP B 347 32.12 43.27 -12.70
N GLN B 348 31.15 43.99 -12.12
CA GLN B 348 31.38 45.37 -11.64
C GLN B 348 30.74 45.51 -10.26
N PHE B 349 31.39 46.19 -9.32
CA PHE B 349 30.90 46.17 -7.91
C PHE B 349 30.46 47.54 -7.38
N GLU B 350 29.31 48.04 -7.80
CA GLU B 350 28.81 49.32 -7.22
C GLU B 350 28.58 49.08 -5.73
N ASP B 351 27.69 48.13 -5.42
CA ASP B 351 27.38 47.72 -4.03
C ASP B 351 27.45 46.19 -4.01
N SER B 352 28.60 45.62 -4.35
CA SER B 352 28.74 44.14 -4.39
C SER B 352 28.99 43.64 -2.97
N GLU B 353 29.37 44.56 -2.09
CA GLU B 353 29.62 44.26 -0.65
C GLU B 353 30.74 43.23 -0.45
N THR B 354 31.57 43.04 -1.47
CA THR B 354 32.77 42.19 -1.47
C THR B 354 33.79 43.15 -2.07
N PRO B 355 34.97 43.71 -1.34
CA PRO B 355 35.95 44.76 -1.64
C PRO B 355 36.69 44.45 -2.94
N PRO B 356 37.02 45.46 -3.79
CA PRO B 356 37.77 45.18 -5.01
C PRO B 356 39.11 44.60 -4.56
N GLU B 357 39.78 45.23 -3.58
CA GLU B 357 41.03 44.72 -2.94
C GLU B 357 42.00 44.20 -3.99
N ASN B 358 42.48 42.97 -3.79
CA ASN B 358 43.34 42.26 -4.77
C ASN B 358 42.42 41.26 -5.49
N LEU B 359 42.19 41.47 -6.78
CA LEU B 359 41.35 40.56 -7.58
C LEU B 359 42.14 40.09 -8.80
N ASP B 360 43.44 40.36 -8.83
CA ASP B 360 44.30 39.88 -9.95
C ASP B 360 43.71 40.26 -11.30
N PHE B 361 43.46 41.55 -11.54
CA PHE B 361 42.85 41.95 -12.83
C PHE B 361 43.76 41.57 -14.00
N SER B 362 43.13 41.21 -15.11
CA SER B 362 43.77 40.80 -16.39
C SER B 362 44.31 42.00 -17.16
N GLU B 363 45.06 41.73 -18.22
CA GLU B 363 45.64 42.80 -19.07
C GLU B 363 44.50 43.64 -19.68
N LEU B 364 43.41 43.00 -20.10
CA LEU B 364 42.28 43.70 -20.75
C LEU B 364 41.20 44.11 -19.73
N GLY B 365 41.55 44.20 -18.46
CA GLY B 365 40.60 44.68 -17.43
C GLY B 365 39.67 43.61 -16.91
N GLY B 366 39.84 42.37 -17.37
CA GLY B 366 39.01 41.26 -16.89
C GLY B 366 39.41 40.88 -15.48
N VAL B 367 38.47 40.38 -14.68
CA VAL B 367 38.80 39.93 -13.31
C VAL B 367 39.13 38.44 -13.41
N ASN B 368 40.28 38.01 -12.91
CA ASN B 368 40.60 36.56 -12.99
C ASN B 368 40.17 35.93 -11.66
N LEU B 369 39.16 35.07 -11.71
CA LEU B 369 38.70 34.44 -10.45
C LEU B 369 39.74 33.40 -10.06
N GLN B 370 40.26 33.50 -8.84
CA GLN B 370 41.32 32.57 -8.40
C GLN B 370 40.79 31.69 -7.27
N THR B 371 39.62 32.00 -6.73
CA THR B 371 39.15 31.16 -5.61
C THR B 371 37.67 30.83 -5.75
N PHE B 372 37.23 29.79 -5.05
CA PHE B 372 35.83 29.34 -5.11
C PHE B 372 34.90 30.44 -4.61
N GLU B 373 35.30 31.19 -3.58
CA GLU B 373 34.43 32.29 -3.09
C GLU B 373 34.24 33.32 -4.22
N GLN B 374 35.30 33.67 -4.95
CA GLN B 374 35.13 34.69 -6.01
C GLN B 374 34.17 34.17 -7.07
N LEU B 375 34.25 32.89 -7.43
CA LEU B 375 33.33 32.36 -8.47
C LEU B 375 31.90 32.47 -7.94
N ILE B 376 31.67 32.13 -6.67
CA ILE B 376 30.29 32.21 -6.12
C ILE B 376 29.84 33.67 -6.09
N SER B 377 30.74 34.59 -5.73
CA SER B 377 30.41 36.03 -5.70
C SER B 377 30.04 36.50 -7.10
N TYR B 378 30.79 36.04 -8.11
CA TYR B 378 30.46 36.41 -9.49
C TYR B 378 29.10 35.84 -9.88
N LEU B 379 28.83 34.58 -9.53
CA LEU B 379 27.54 33.94 -9.89
C LEU B 379 26.42 34.72 -9.20
N GLU B 380 26.62 35.06 -7.94
CA GLU B 380 25.63 35.81 -7.16
C GLU B 380 25.43 37.20 -7.77
N TYR B 381 26.49 37.81 -8.27
CA TYR B 381 26.34 39.13 -8.92
C TYR B 381 25.48 38.99 -10.19
N LYS B 382 25.78 38.01 -11.04
CA LYS B 382 25.02 37.87 -12.30
C LYS B 382 23.55 37.51 -12.05
N LEU B 383 23.31 36.56 -11.16
CA LEU B 383 21.93 36.13 -10.81
C LEU B 383 21.16 37.13 -9.94
N LEU B 384 21.83 37.84 -9.02
CA LEU B 384 21.04 38.69 -8.10
C LEU B 384 21.43 40.18 -8.06
N GLU B 385 22.52 40.62 -8.67
CA GLU B 385 22.83 42.07 -8.50
C GLU B 385 23.06 42.83 -9.82
N GLU B 386 23.10 42.15 -10.97
CA GLU B 386 23.50 42.85 -12.22
C GLU B 386 22.59 44.01 -12.64
N ARG B 387 21.27 43.88 -12.54
CA ARG B 387 20.47 45.01 -13.07
C ARG B 387 19.47 45.48 -12.03
N GLU B 388 19.96 46.21 -11.01
CA GLU B 388 19.15 46.72 -9.88
C GLU B 388 18.47 45.57 -9.14
N GLY B 389 19.18 44.45 -8.99
CA GLY B 389 18.70 43.24 -8.31
C GLY B 389 17.99 42.28 -9.26
N GLU B 390 17.71 42.71 -10.49
CA GLU B 390 17.02 41.83 -11.48
C GLU B 390 17.95 40.71 -11.96
N GLY B 391 19.22 41.02 -12.19
CA GLY B 391 20.20 40.03 -12.66
C GLY B 391 20.29 39.99 -14.17
N ASP B 392 21.35 39.39 -14.70
CA ASP B 392 21.50 39.31 -16.18
C ASP B 392 20.43 38.36 -16.71
N PRO B 393 19.62 38.76 -17.70
CA PRO B 393 18.55 37.94 -18.22
C PRO B 393 19.06 36.64 -18.85
N LYS B 394 20.21 36.71 -19.49
CA LYS B 394 20.78 35.48 -20.10
C LYS B 394 21.13 34.47 -19.00
N TRP B 395 21.64 34.94 -17.87
CA TRP B 395 21.98 34.05 -16.72
C TRP B 395 20.73 33.55 -16.00
N VAL B 396 19.76 34.41 -15.69
CA VAL B 396 18.54 33.90 -15.01
C VAL B 396 17.48 33.72 -16.09
N LEU B 397 17.25 32.50 -16.55
CA LEU B 397 16.30 32.36 -17.66
C LEU B 397 14.87 32.32 -17.14
N LYS B 398 14.33 33.47 -16.74
CA LYS B 398 12.95 33.61 -16.22
C LYS B 398 12.76 32.71 -14.99
N GLN B 399 13.76 32.64 -14.12
CA GLN B 399 13.70 31.78 -12.91
C GLN B 399 13.32 32.67 -11.74
N SER B 400 12.54 32.15 -10.80
CA SER B 400 12.05 32.95 -9.65
C SER B 400 13.20 33.41 -8.74
N PRO B 401 13.09 34.57 -8.09
CA PRO B 401 14.15 35.07 -7.22
C PRO B 401 14.41 34.11 -6.06
N GLY B 402 13.36 33.51 -5.51
CA GLY B 402 13.54 32.54 -4.40
C GLY B 402 14.37 31.36 -4.85
N THR B 403 14.11 30.88 -6.06
CA THR B 403 14.88 29.74 -6.62
C THR B 403 16.34 30.14 -6.79
N LEU B 404 16.59 31.35 -7.27
CA LEU B 404 17.99 31.80 -7.46
C LEU B 404 18.70 31.90 -6.12
N ARG B 405 18.06 32.49 -5.12
CA ARG B 405 18.73 32.64 -3.81
C ARG B 405 19.00 31.26 -3.20
N ALA B 406 18.06 30.33 -3.33
CA ALA B 406 18.25 28.98 -2.75
C ALA B 406 19.48 28.33 -3.35
N PHE B 407 19.64 28.44 -4.66
CA PHE B 407 20.82 27.85 -5.36
C PHE B 407 22.07 28.57 -4.86
N THR B 408 21.98 29.89 -4.76
CA THR B 408 23.12 30.74 -4.31
C THR B 408 23.45 30.44 -2.85
N ARG B 409 22.45 30.33 -1.99
CA ARG B 409 22.66 30.08 -0.55
C ARG B 409 23.35 28.73 -0.37
N ARG B 410 22.94 27.72 -1.11
CA ARG B 410 23.56 26.38 -1.00
C ARG B 410 25.02 26.46 -1.44
N LEU B 411 25.32 27.23 -2.48
CA LEU B 411 26.72 27.37 -2.92
C LEU B 411 27.54 28.03 -1.82
N ARG B 412 27.01 29.06 -1.17
CA ARG B 412 27.74 29.73 -0.07
C ARG B 412 27.83 28.78 1.13
N GLY B 413 26.80 28.00 1.36
CA GLY B 413 26.79 27.07 2.50
C GLY B 413 27.92 26.06 2.45
N VAL B 414 28.26 25.57 1.26
CA VAL B 414 29.34 24.57 1.09
C VAL B 414 30.64 25.24 0.65
N GLN B 415 30.66 26.56 0.59
CA GLN B 415 31.85 27.27 0.08
C GLN B 415 33.10 27.07 0.95
N LYS B 416 32.96 27.11 2.27
CA LYS B 416 34.15 26.96 3.13
C LYS B 416 34.75 25.56 2.93
N TYR B 417 33.91 24.54 2.85
CA TYR B 417 34.33 23.13 2.71
C TYR B 417 35.02 22.84 1.37
N LEU B 418 34.52 23.39 0.26
CA LEU B 418 35.10 23.05 -1.06
C LEU B 418 36.20 24.04 -1.45
N SER B 419 36.40 25.09 -0.67
CA SER B 419 37.35 26.13 -1.11
C SER B 419 38.77 25.59 -1.26
N PRO B 420 39.29 24.75 -0.36
CA PRO B 420 40.65 24.24 -0.50
C PRO B 420 40.83 23.40 -1.78
N LEU B 421 39.83 22.61 -2.13
CA LEU B 421 39.86 21.73 -3.32
C LEU B 421 39.87 22.51 -4.64
N ILE B 422 39.11 23.60 -4.77
CA ILE B 422 39.03 24.33 -6.07
C ILE B 422 39.80 25.65 -5.98
N ARG B 423 40.87 25.81 -6.77
CA ARG B 423 41.72 27.02 -6.72
C ARG B 423 42.16 27.46 -8.10
N GLY B 424 42.33 28.77 -8.30
CA GLY B 424 42.80 29.32 -9.59
C GLY B 424 44.17 29.97 -9.46
N ASP B 425 44.75 29.92 -8.26
CA ASP B 425 46.06 30.51 -7.91
C ASP B 425 47.18 29.78 -8.66
N LEU B 426 47.01 28.48 -8.87
CA LEU B 426 48.10 27.64 -9.44
C LEU B 426 48.55 27.94 -10.85
N THR B 427 49.79 27.59 -11.13
CA THR B 427 50.48 27.73 -12.43
C THR B 427 50.00 26.53 -13.27
N PRO B 428 50.14 26.56 -14.60
CA PRO B 428 49.71 25.43 -15.41
C PRO B 428 50.50 24.19 -15.00
N GLU B 429 51.81 24.32 -14.82
CA GLU B 429 52.62 23.14 -14.45
C GLU B 429 52.19 22.61 -13.09
N GLN B 430 51.89 23.50 -12.14
CA GLN B 430 51.47 23.04 -10.79
C GLN B 430 50.14 22.28 -10.92
N ALA B 431 49.22 22.78 -11.74
CA ALA B 431 47.91 22.13 -11.88
C ALA B 431 48.06 20.72 -12.43
N GLU B 432 48.95 20.53 -13.41
CA GLU B 432 49.11 19.18 -14.01
C GLU B 432 49.59 18.22 -12.94
N GLY B 433 50.52 18.63 -12.09
CA GLY B 433 51.01 17.73 -11.05
C GLY B 433 49.94 17.37 -10.03
N TYR B 434 49.13 18.35 -9.61
CA TYR B 434 48.13 18.12 -8.54
C TYR B 434 46.77 17.63 -9.04
N ARG B 435 46.51 17.59 -10.35
CA ARG B 435 45.18 17.10 -10.79
C ARG B 435 45.08 15.63 -10.37
N PRO B 436 43.98 15.15 -9.77
CA PRO B 436 43.89 13.76 -9.36
C PRO B 436 43.54 12.91 -10.57
N ASP B 437 44.35 11.90 -10.86
CA ASP B 437 44.09 11.03 -12.03
C ASP B 437 44.13 9.57 -11.58
N PRO B 438 43.02 8.82 -11.59
CA PRO B 438 43.02 7.41 -11.26
C PRO B 438 43.46 6.54 -12.45
N LEU B 439 43.54 7.14 -13.64
CA LEU B 439 43.92 6.43 -14.89
C LEU B 439 45.37 6.73 -15.25
N ARG B 440 46.14 7.28 -14.32
CA ARG B 440 47.56 7.63 -14.58
C ARG B 440 48.31 6.37 -14.99
N ARG B 441 49.15 6.46 -16.01
CA ARG B 441 49.91 5.27 -16.49
C ARG B 441 50.96 4.89 -15.46
N GLY B 442 51.19 3.59 -15.28
CA GLY B 442 52.20 3.09 -14.32
C GLY B 442 51.65 2.99 -12.92
N ILE B 443 50.35 3.18 -12.74
CA ILE B 443 49.68 3.10 -11.41
C ILE B 443 48.62 2.02 -11.48
N GLN B 444 48.57 1.14 -10.48
CA GLN B 444 47.51 0.09 -10.49
C GLN B 444 46.47 0.42 -9.44
N LEU B 445 46.89 0.91 -8.27
CA LEU B 445 45.91 1.23 -7.21
C LEU B 445 46.00 2.70 -6.85
N THR B 446 44.86 3.37 -6.81
CA THR B 446 44.81 4.80 -6.44
C THR B 446 43.93 4.94 -5.21
N VAL B 447 44.44 5.58 -4.17
CA VAL B 447 43.63 5.75 -2.94
C VAL B 447 43.40 7.25 -2.74
N VAL B 448 42.15 7.66 -2.61
CA VAL B 448 41.84 9.10 -2.40
C VAL B 448 41.37 9.26 -0.97
N ASP B 449 42.02 10.11 -0.20
CA ASP B 449 41.66 10.30 1.23
C ASP B 449 40.57 11.36 1.32
N ILE B 450 39.38 10.98 1.78
CA ILE B 450 38.27 11.97 1.91
C ILE B 450 37.79 12.05 3.35
N HIS B 451 38.50 11.45 4.30
CA HIS B 451 38.05 11.49 5.72
C HIS B 451 38.10 12.92 6.27
N ALA B 452 39.10 13.71 5.86
CA ALA B 452 39.30 15.08 6.35
C ALA B 452 38.16 15.98 5.89
N LEU B 453 37.66 15.73 4.68
CA LEU B 453 36.59 16.53 4.05
C LEU B 453 35.24 16.28 4.71
N SER B 454 34.33 17.24 4.54
CA SER B 454 32.95 17.14 5.07
C SER B 454 32.10 16.25 4.16
N ALA B 455 30.90 15.90 4.59
CA ALA B 455 30.06 15.02 3.77
C ALA B 455 29.81 15.67 2.41
N HIS B 456 29.49 16.97 2.40
CA HIS B 456 29.27 17.65 1.09
C HIS B 456 30.56 17.58 0.27
N ALA B 457 31.70 17.83 0.90
CA ALA B 457 32.98 17.76 0.17
C ALA B 457 33.23 16.34 -0.32
N GLN B 458 32.94 15.33 0.51
CA GLN B 458 33.19 13.93 0.11
C GLN B 458 32.34 13.56 -1.09
N MET B 459 31.07 13.94 -1.09
CA MET B 459 30.17 13.60 -2.23
C MET B 459 30.67 14.30 -3.49
N PHE B 460 31.13 15.53 -3.38
CA PHE B 460 31.61 16.27 -4.58
C PHE B 460 32.82 15.56 -5.17
N VAL B 461 33.78 15.18 -4.33
CA VAL B 461 35.02 14.53 -4.83
C VAL B 461 34.67 13.17 -5.45
N VAL B 462 33.84 12.38 -4.79
CA VAL B 462 33.54 11.04 -5.36
C VAL B 462 32.84 11.22 -6.70
N GLY B 463 31.86 12.12 -6.78
CA GLY B 463 31.12 12.32 -8.03
C GLY B 463 31.98 12.83 -9.16
N VAL B 464 32.83 13.82 -8.91
CA VAL B 464 33.65 14.35 -10.02
C VAL B 464 34.62 13.28 -10.52
N LEU B 465 35.29 12.58 -9.61
CA LEU B 465 36.27 11.55 -10.02
C LEU B 465 35.56 10.40 -10.74
N LEU B 466 34.44 9.97 -10.21
CA LEU B 466 33.71 8.86 -10.85
C LEU B 466 33.24 9.34 -12.23
N ARG B 467 32.71 10.55 -12.31
CA ARG B 467 32.22 11.06 -13.60
C ARG B 467 33.40 11.21 -14.55
N GLU B 468 34.54 11.68 -14.09
CA GLU B 468 35.67 11.85 -15.03
C GLU B 468 36.09 10.49 -15.59
N VAL B 469 36.17 9.48 -14.74
CA VAL B 469 36.59 8.13 -15.23
C VAL B 469 35.53 7.62 -16.20
N PHE B 470 34.26 7.80 -15.87
CA PHE B 470 33.19 7.28 -16.75
C PHE B 470 33.19 7.98 -18.11
N GLU B 471 33.30 9.30 -18.13
CA GLU B 471 33.29 10.02 -19.43
C GLU B 471 34.52 9.62 -20.24
N TYR B 472 35.67 9.45 -19.60
CA TYR B 472 36.92 9.12 -20.33
C TYR B 472 36.75 7.77 -21.04
N LYS B 473 36.12 6.81 -20.37
CA LYS B 473 35.87 5.51 -21.00
C LYS B 473 34.94 5.72 -22.18
N GLU B 474 33.92 6.57 -22.06
CA GLU B 474 33.00 6.73 -23.20
C GLU B 474 33.73 7.27 -24.42
N ARG B 475 34.54 8.31 -24.29
CA ARG B 475 35.23 8.80 -25.52
C ARG B 475 36.33 7.84 -25.96
N VAL B 476 37.22 7.47 -25.04
CA VAL B 476 38.39 6.61 -25.36
C VAL B 476 38.05 5.14 -25.66
N GLY B 477 37.14 4.54 -24.89
CA GLY B 477 36.84 3.10 -25.06
C GLY B 477 37.26 2.33 -23.82
N ARG B 478 37.03 1.02 -23.79
CA ARG B 478 37.41 0.23 -22.59
C ARG B 478 38.87 -0.19 -22.67
N GLN B 479 39.80 0.69 -22.31
CA GLN B 479 41.23 0.30 -22.39
C GLN B 479 41.52 -0.85 -21.42
N ASP B 480 41.07 -0.74 -20.18
CA ASP B 480 41.31 -1.82 -19.20
C ASP B 480 40.21 -1.77 -18.14
N THR B 481 39.97 -2.89 -17.46
CA THR B 481 38.87 -2.90 -16.45
C THR B 481 39.31 -2.10 -15.23
N VAL B 482 38.46 -1.17 -14.79
CA VAL B 482 38.76 -0.29 -13.62
C VAL B 482 37.80 -0.67 -12.51
N PHE B 483 38.32 -0.90 -11.31
CA PHE B 483 37.47 -1.29 -10.17
C PHE B 483 37.36 -0.14 -9.19
N VAL B 484 36.13 0.21 -8.81
CA VAL B 484 35.89 1.31 -7.84
C VAL B 484 35.46 0.67 -6.52
N VAL B 485 36.20 0.91 -5.45
CA VAL B 485 35.80 0.33 -4.14
C VAL B 485 35.19 1.45 -3.29
N LEU B 486 33.87 1.40 -3.09
CA LEU B 486 33.17 2.46 -2.35
C LEU B 486 32.40 1.81 -1.19
N ASP B 487 32.71 2.21 0.04
CA ASP B 487 32.03 1.72 1.26
C ASP B 487 30.82 2.64 1.56
N GLU B 488 29.96 2.26 2.50
CA GLU B 488 28.79 3.08 2.88
C GLU B 488 27.99 3.47 1.65
N LEU B 489 27.56 2.50 0.84
CA LEU B 489 26.79 2.75 -0.41
C LEU B 489 25.50 3.51 -0.09
N ASN B 490 24.84 3.26 1.03
CA ASN B 490 23.59 3.97 1.40
C ASN B 490 23.83 5.49 1.45
N LYS B 491 24.99 5.96 1.90
CA LYS B 491 25.28 7.41 1.93
C LYS B 491 25.30 7.98 0.51
N TYR B 492 25.91 7.29 -0.45
CA TYR B 492 26.00 7.81 -1.84
C TYR B 492 24.84 7.34 -2.74
N ALA B 493 24.17 6.25 -2.39
CA ALA B 493 23.07 5.78 -3.26
C ALA B 493 21.83 5.49 -2.42
N PRO B 494 21.18 6.52 -1.86
CA PRO B 494 20.01 6.33 -1.04
C PRO B 494 18.88 5.68 -1.83
N ARG B 495 18.11 4.82 -1.17
CA ARG B 495 17.03 4.06 -1.82
C ARG B 495 15.95 4.98 -2.39
N GLU B 496 15.54 6.01 -1.66
CA GLU B 496 14.43 6.84 -2.18
C GLU B 496 14.89 8.22 -2.66
N GLY B 497 16.16 8.56 -2.51
CA GLY B 497 16.63 9.89 -2.94
C GLY B 497 16.91 10.00 -4.43
N ASP B 498 17.12 11.24 -4.91
CA ASP B 498 17.54 11.47 -6.32
C ASP B 498 18.68 12.49 -6.29
N SER B 499 19.83 12.19 -6.88
CA SER B 499 20.95 13.16 -6.84
C SER B 499 21.96 12.92 -7.96
N PRO B 500 22.87 13.87 -8.25
CA PRO B 500 23.85 13.73 -9.31
C PRO B 500 24.83 12.59 -9.03
N ILE B 501 25.27 12.48 -7.79
CA ILE B 501 26.23 11.40 -7.38
C ILE B 501 25.55 10.06 -7.53
N LYS B 502 24.27 9.97 -7.21
CA LYS B 502 23.53 8.69 -7.38
C LYS B 502 23.51 8.35 -8.86
N ASP B 503 23.30 9.34 -9.73
CA ASP B 503 23.23 9.11 -11.20
C ASP B 503 24.58 8.57 -11.70
N VAL B 504 25.70 9.08 -11.23
CA VAL B 504 26.97 8.50 -11.77
C VAL B 504 27.09 7.05 -11.33
N LEU B 505 26.70 6.73 -10.09
CA LEU B 505 26.73 5.33 -9.62
C LEU B 505 25.72 4.52 -10.44
N LEU B 506 24.56 5.09 -10.76
CA LEU B 506 23.55 4.38 -11.59
C LEU B 506 24.15 4.09 -12.96
N ASP B 507 24.84 5.07 -13.55
CA ASP B 507 25.46 4.89 -14.89
C ASP B 507 26.51 3.79 -14.80
N ILE B 508 27.29 3.80 -13.73
CA ILE B 508 28.34 2.76 -13.54
C ILE B 508 27.67 1.40 -13.35
N ALA B 509 26.61 1.32 -12.57
CA ALA B 509 25.99 -0.01 -12.40
C ALA B 509 25.34 -0.48 -13.70
N GLU B 510 24.56 0.39 -14.34
CA GLU B 510 23.87 -0.01 -15.59
C GLU B 510 24.81 -0.14 -16.79
N ARG B 511 25.71 0.80 -17.02
CA ARG B 511 26.52 0.76 -18.26
C ARG B 511 28.00 0.45 -18.04
N GLY B 512 28.44 0.23 -16.81
CA GLY B 512 29.87 -0.05 -16.57
C GLY B 512 30.32 -1.39 -17.07
N ARG B 513 29.43 -2.35 -17.20
CA ARG B 513 29.87 -3.70 -17.62
C ARG B 513 30.49 -3.52 -19.01
N SER B 514 29.81 -2.82 -19.91
CA SER B 514 30.35 -2.56 -21.27
C SER B 514 31.60 -1.67 -21.25
N LEU B 515 31.55 -0.59 -20.47
CA LEU B 515 32.63 0.41 -20.33
C LEU B 515 33.88 -0.09 -19.58
N GLY B 516 33.75 -1.09 -18.72
CA GLY B 516 34.95 -1.57 -18.01
C GLY B 516 35.09 -0.97 -16.63
N ILE B 517 34.06 -0.26 -16.16
CA ILE B 517 34.08 0.31 -14.79
C ILE B 517 33.32 -0.68 -13.92
N ILE B 518 33.97 -1.27 -12.93
CA ILE B 518 33.29 -2.28 -12.07
C ILE B 518 33.23 -1.73 -10.66
N LEU B 519 32.06 -1.80 -10.03
CA LEU B 519 31.90 -1.24 -8.68
C LEU B 519 31.89 -2.36 -7.64
N ILE B 520 32.79 -2.26 -6.66
CA ILE B 520 32.80 -3.19 -5.52
C ILE B 520 32.27 -2.36 -4.37
N GLY B 521 31.02 -2.55 -3.96
CA GLY B 521 30.42 -1.66 -2.95
C GLY B 521 29.97 -2.39 -1.71
N ALA B 522 30.17 -1.76 -0.56
CA ALA B 522 29.80 -2.37 0.72
C ALA B 522 28.78 -1.48 1.45
N GLN B 523 27.73 -2.08 1.98
CA GLN B 523 26.74 -1.30 2.75
C GLN B 523 26.30 -2.13 3.95
N GLN B 524 25.86 -1.52 5.04
CA GLN B 524 25.43 -2.34 6.20
C GLN B 524 24.24 -3.21 5.80
N THR B 525 23.26 -2.62 5.10
CA THR B 525 22.10 -3.40 4.61
C THR B 525 21.79 -2.97 3.19
N ALA B 526 21.43 -3.91 2.32
CA ALA B 526 21.09 -3.62 0.91
C ALA B 526 19.72 -2.92 0.79
N SER B 527 18.89 -3.03 1.83
CA SER B 527 17.54 -2.42 1.90
C SER B 527 17.61 -0.89 1.84
N GLU B 528 18.68 -0.30 2.34
CA GLU B 528 18.84 1.16 2.35
C GLU B 528 19.60 1.67 1.13
N VAL B 529 19.98 0.79 0.20
CA VAL B 529 20.71 1.20 -1.03
C VAL B 529 19.70 1.22 -2.19
N GLU B 530 19.92 2.02 -3.22
CA GLU B 530 18.98 2.07 -4.35
C GLU B 530 18.83 0.67 -4.92
N ARG B 531 17.60 0.27 -5.22
CA ARG B 531 17.30 -1.08 -5.74
C ARG B 531 18.02 -1.27 -7.09
N ARG B 532 18.08 -0.24 -7.92
CA ARG B 532 18.73 -0.39 -9.25
C ARG B 532 20.21 -0.73 -9.10
N ILE B 533 20.93 -0.14 -8.16
CA ILE B 533 22.39 -0.43 -8.02
C ILE B 533 22.63 -1.85 -7.50
N VAL B 534 21.87 -2.26 -6.49
CA VAL B 534 22.01 -3.60 -5.84
C VAL B 534 21.62 -4.69 -6.82
N SER B 535 20.60 -4.44 -7.64
CA SER B 535 20.10 -5.41 -8.64
C SER B 535 21.12 -5.73 -9.72
N ASN B 536 22.05 -4.83 -10.02
CA ASN B 536 23.04 -5.04 -11.10
C ASN B 536 24.31 -5.70 -10.57
N ALA B 537 24.31 -6.16 -9.32
CA ALA B 537 25.52 -6.83 -8.79
C ALA B 537 25.47 -8.32 -9.10
N ALA B 538 26.43 -8.83 -9.87
CA ALA B 538 26.48 -10.25 -10.18
C ALA B 538 26.90 -11.07 -8.98
N ILE B 539 27.85 -10.55 -8.21
CA ILE B 539 28.40 -11.23 -7.04
C ILE B 539 27.86 -10.55 -5.80
N ARG B 540 27.33 -11.32 -4.87
CA ARG B 540 26.82 -10.81 -3.62
C ARG B 540 27.54 -11.51 -2.47
N VAL B 541 28.12 -10.73 -1.57
CA VAL B 541 28.84 -11.28 -0.43
C VAL B 541 28.19 -10.78 0.84
N VAL B 542 27.99 -11.69 1.80
CA VAL B 542 27.33 -11.36 3.05
C VAL B 542 28.26 -11.75 4.19
N GLY B 543 28.68 -10.75 4.98
CA GLY B 543 29.26 -10.96 6.30
C GLY B 543 28.17 -11.13 7.34
N ARG B 544 28.53 -10.97 8.62
CA ARG B 544 27.50 -11.07 9.64
C ARG B 544 26.42 -10.04 9.38
N LEU B 545 25.19 -10.49 9.27
CA LEU B 545 24.04 -9.62 9.07
C LEU B 545 23.35 -9.33 10.39
N ASP B 546 22.65 -8.22 10.42
CA ASP B 546 21.78 -7.94 11.55
C ASP B 546 20.63 -8.94 11.58
N LEU B 547 20.10 -9.17 12.78
CA LEU B 547 18.99 -10.09 12.93
C LEU B 547 17.81 -9.65 12.09
N ALA B 548 17.50 -8.35 12.11
CA ALA B 548 16.34 -7.83 11.39
C ALA B 548 16.51 -7.83 9.88
N GLU B 549 17.72 -8.02 9.36
CA GLU B 549 17.91 -7.76 7.94
C GLU B 549 17.81 -8.99 7.06
N ALA B 550 18.07 -10.18 7.61
CA ALA B 550 18.19 -11.37 6.77
C ALA B 550 16.85 -11.78 6.17
N GLU B 551 15.75 -11.43 6.86
CA GLU B 551 14.40 -11.75 6.39
C GLU B 551 13.88 -10.74 5.38
N ARG B 552 14.55 -9.60 5.24
CA ARG B 552 14.11 -8.59 4.30
C ARG B 552 14.20 -9.10 2.88
N PRO B 553 13.43 -8.50 1.97
CA PRO B 553 13.39 -8.98 0.57
C PRO B 553 14.73 -8.94 -0.15
N GLU B 554 15.60 -7.99 0.18
CA GLU B 554 16.85 -7.89 -0.54
C GLU B 554 17.81 -9.02 -0.21
N TYR B 555 17.55 -9.77 0.86
CA TYR B 555 18.43 -10.88 1.22
C TYR B 555 17.73 -12.23 1.00
N ARG B 556 16.72 -12.25 0.13
CA ARG B 556 16.04 -13.50 -0.14
C ARG B 556 16.92 -14.47 -0.90
N PHE B 557 18.04 -14.02 -1.47
CA PHE B 557 18.96 -14.98 -2.07
C PHE B 557 19.63 -15.87 -1.03
N LEU B 558 19.49 -15.56 0.25
CA LEU B 558 19.88 -16.48 1.32
C LEU B 558 18.68 -17.37 1.65
N PRO B 559 18.82 -18.69 1.57
CA PRO B 559 17.75 -19.57 2.07
C PRO B 559 17.51 -19.40 3.57
N GLN B 560 16.28 -19.77 3.99
CA GLN B 560 15.93 -19.64 5.41
C GLN B 560 16.93 -20.34 6.30
N SER B 561 17.53 -21.41 5.79
CA SER B 561 18.52 -22.22 6.54
C SER B 561 19.77 -21.39 6.88
N PHE B 562 20.01 -20.29 6.16
CA PHE B 562 21.24 -19.56 6.43
C PHE B 562 21.02 -18.41 7.39
N ARG B 563 19.79 -17.92 7.52
CA ARG B 563 19.52 -16.75 8.35
C ARG B 563 20.12 -16.88 9.74
N GLY B 564 19.78 -17.94 10.47
CA GLY B 564 20.17 -18.02 11.87
C GLY B 564 21.67 -18.11 12.04
N ARG B 565 22.31 -18.97 11.25
CA ARG B 565 23.76 -18.99 11.16
C ARG B 565 24.31 -17.61 10.82
N ALA B 566 23.73 -16.93 9.81
CA ALA B 566 24.31 -15.67 9.34
C ALA B 566 24.29 -14.57 10.40
N GLY B 567 23.41 -14.68 11.40
CA GLY B 567 23.36 -13.64 12.40
C GLY B 567 24.56 -13.66 13.34
N ILE B 568 25.26 -14.78 13.41
CA ILE B 568 26.36 -14.98 14.35
C ILE B 568 27.69 -15.20 13.65
N LEU B 569 27.74 -15.04 12.34
CA LEU B 569 28.98 -15.23 11.59
C LEU B 569 30.13 -14.46 12.23
N GLN B 570 31.30 -15.09 12.27
CA GLN B 570 32.46 -14.46 12.90
C GLN B 570 33.19 -13.57 11.89
N PRO B 571 33.85 -12.50 12.35
CA PRO B 571 34.61 -11.64 11.42
C PRO B 571 35.65 -12.43 10.63
N GLY B 572 35.70 -12.18 9.33
CA GLY B 572 36.53 -12.92 8.40
C GLY B 572 35.78 -13.97 7.59
N THR B 573 34.56 -14.29 8.02
CA THR B 573 33.74 -15.35 7.48
C THR B 573 32.67 -14.71 6.62
N MET B 574 32.67 -15.03 5.34
CA MET B 574 31.73 -14.45 4.39
C MET B 574 31.00 -15.55 3.64
N LEU B 575 29.74 -15.29 3.28
CA LEU B 575 28.98 -16.12 2.35
C LEU B 575 29.01 -15.46 0.97
N VAL B 576 29.64 -16.10 0.00
CA VAL B 576 29.73 -15.55 -1.35
C VAL B 576 28.80 -16.33 -2.26
N SER B 577 28.05 -15.59 -3.07
CA SER B 577 26.98 -16.07 -3.91
C SER B 577 27.23 -15.53 -5.31
N GLN B 578 27.32 -16.43 -6.28
CA GLN B 578 27.63 -16.06 -7.66
C GLN B 578 26.72 -16.84 -8.61
N PRO B 579 26.44 -16.30 -9.79
CA PRO B 579 25.36 -16.86 -10.61
C PRO B 579 25.60 -18.30 -11.04
N ASP B 580 26.85 -18.74 -11.14
CA ASP B 580 27.09 -20.11 -11.61
C ASP B 580 26.61 -21.15 -10.62
N VAL B 581 26.71 -20.90 -9.32
CA VAL B 581 26.31 -21.84 -8.29
C VAL B 581 25.00 -21.35 -7.67
N PRO B 582 24.01 -22.23 -7.46
CA PRO B 582 22.68 -21.73 -7.06
C PRO B 582 22.63 -21.23 -5.64
N ASN B 583 23.28 -21.89 -4.71
CA ASN B 583 23.15 -21.46 -3.33
C ASN B 583 24.45 -20.81 -2.83
N PRO B 584 24.42 -20.09 -1.71
CA PRO B 584 25.65 -19.42 -1.27
C PRO B 584 26.63 -20.38 -0.60
N VAL B 585 27.91 -20.00 -0.68
CA VAL B 585 29.04 -20.80 -0.25
C VAL B 585 29.75 -20.03 0.85
N LEU B 586 29.83 -20.63 2.05
CA LEU B 586 30.60 -20.00 3.13
C LEU B 586 32.09 -20.09 2.85
N VAL B 587 32.84 -19.04 3.20
CA VAL B 587 34.22 -18.88 2.73
C VAL B 587 35.04 -18.17 3.81
N ASN B 588 36.35 -18.43 3.81
CA ASN B 588 37.27 -17.68 4.65
C ASN B 588 38.40 -17.14 3.77
N TYR B 589 39.03 -16.07 4.21
CA TYR B 589 40.12 -15.55 3.39
C TYR B 589 41.27 -15.17 4.30
N PRO B 590 42.50 -15.14 3.77
CA PRO B 590 43.68 -14.92 4.61
C PRO B 590 43.72 -13.52 5.20
N PHE B 591 44.56 -13.34 6.20
CA PHE B 591 44.80 -12.00 6.71
C PHE B 591 45.49 -11.17 5.64
N PRO B 592 45.32 -9.85 5.68
CA PRO B 592 45.93 -9.00 4.64
C PRO B 592 47.44 -9.06 4.69
N ALA B 593 48.04 -9.26 3.52
CA ALA B 593 49.49 -9.12 3.44
C ALA B 593 49.91 -7.65 3.36
N TRP B 594 48.96 -6.74 3.30
CA TRP B 594 49.18 -5.30 3.20
C TRP B 594 48.80 -4.66 4.52
N ALA B 595 49.35 -3.47 4.78
CA ALA B 595 49.00 -2.77 5.99
C ALA B 595 47.63 -2.14 5.82
N THR B 596 46.77 -2.31 6.81
CA THR B 596 45.47 -1.69 6.82
C THR B 596 45.31 -0.69 7.96
N ARG B 597 46.34 -0.51 8.79
CA ARG B 597 46.37 0.52 9.82
C ARG B 597 47.80 1.04 9.90
N ARG B 598 47.96 2.17 10.58
CA ARG B 598 49.29 2.68 10.89
C ARG B 598 50.12 1.68 11.68
N ASP B 599 49.51 1.01 12.65
CA ASP B 599 50.31 0.10 13.51
C ASP B 599 50.62 -1.21 12.79
N GLU B 600 49.83 -1.58 11.79
CA GLU B 600 50.08 -2.86 11.08
C GLU B 600 51.25 -2.71 10.11
N VAL B 601 51.85 -1.53 10.04
CA VAL B 601 52.99 -1.32 9.11
C VAL B 601 54.27 -1.18 9.92
N ASP B 602 55.23 -2.07 9.69
CA ASP B 602 56.53 -2.01 10.40
C ASP B 602 57.63 -2.42 9.41
N ASP B 603 58.73 -1.67 9.37
CA ASP B 603 59.87 -1.92 8.46
C ASP B 603 60.24 -3.41 8.48
N ASP C 13 -37.87 -29.77 28.60
CA ASP C 13 -37.15 -28.54 28.90
C ASP C 13 -35.65 -28.79 29.03
N ALA C 14 -35.20 -29.90 28.46
CA ALA C 14 -33.78 -30.19 28.31
C ALA C 14 -33.50 -30.60 26.88
N ILE C 15 -32.50 -29.97 26.28
CA ILE C 15 -32.08 -30.24 24.91
C ILE C 15 -30.70 -30.83 24.82
N GLY C 16 -29.94 -30.82 25.92
CA GLY C 16 -28.64 -31.42 25.90
C GLY C 16 -27.91 -31.20 27.20
N MET C 17 -26.65 -31.64 27.22
CA MET C 17 -25.78 -31.54 28.38
C MET C 17 -24.38 -31.11 27.97
N VAL C 18 -23.79 -30.21 28.78
CA VAL C 18 -22.48 -29.62 28.49
C VAL C 18 -21.40 -30.71 28.43
N LEU C 19 -20.55 -30.64 27.41
CA LEU C 19 -19.60 -31.70 27.11
C LEU C 19 -18.23 -31.44 27.73
N GLY C 20 -17.60 -32.50 28.19
CA GLY C 20 -16.28 -32.37 28.76
C GLY C 20 -15.20 -32.92 27.86
N THR C 21 -15.60 -33.55 26.75
CA THR C 21 -14.63 -34.02 25.77
C THR C 21 -13.98 -32.87 25.03
N GLU C 22 -14.70 -31.76 24.88
CA GLU C 22 -14.15 -30.48 24.42
C GLU C 22 -14.00 -29.58 25.63
N ASP C 23 -13.06 -28.64 25.55
CA ASP C 23 -12.88 -27.67 26.63
C ASP C 23 -14.17 -26.91 26.87
N VAL C 24 -14.46 -26.64 28.14
CA VAL C 24 -15.55 -25.78 28.55
C VAL C 24 -14.94 -24.47 29.00
N THR C 25 -15.20 -23.41 28.25
CA THR C 25 -14.69 -22.09 28.53
C THR C 25 -15.86 -21.14 28.79
N PRO C 26 -15.60 -20.01 29.46
CA PRO C 26 -16.69 -19.05 29.70
C PRO C 26 -17.27 -18.47 28.43
N THR C 27 -16.45 -18.30 27.40
CA THR C 27 -16.91 -17.64 26.19
C THR C 27 -17.46 -18.62 25.17
N VAL C 28 -16.91 -19.84 25.13
CA VAL C 28 -17.34 -20.85 24.18
C VAL C 28 -17.30 -22.22 24.83
N PHE C 29 -18.29 -23.05 24.54
CA PHE C 29 -18.31 -24.43 25.01
C PHE C 29 -19.19 -25.27 24.08
N TRP C 30 -19.09 -26.59 24.24
CA TRP C 30 -19.82 -27.58 23.48
C TRP C 30 -20.79 -28.34 24.39
N PHE C 31 -21.90 -28.82 23.80
CA PHE C 31 -22.81 -29.72 24.52
C PHE C 31 -23.32 -30.76 23.53
N ALA C 32 -23.76 -31.90 24.07
CA ALA C 32 -24.37 -32.97 23.28
C ALA C 32 -25.89 -32.89 23.29
N VAL C 33 -26.49 -32.83 22.11
CA VAL C 33 -27.93 -32.78 22.00
C VAL C 33 -28.52 -34.07 22.54
N SER C 34 -29.38 -33.98 23.55
CA SER C 34 -30.01 -35.16 24.10
C SER C 34 -30.95 -35.77 23.07
N HIS C 35 -31.17 -37.07 23.21
CA HIS C 35 -32.00 -37.79 22.26
C HIS C 35 -33.39 -37.17 22.22
N GLY C 36 -33.96 -37.09 21.02
CA GLY C 36 -35.30 -36.55 20.88
C GLY C 36 -35.38 -35.05 20.73
N ALA C 37 -34.24 -34.38 20.65
CA ALA C 37 -34.22 -32.95 20.43
C ALA C 37 -33.40 -32.68 19.18
N SER C 38 -33.79 -31.65 18.44
CA SER C 38 -33.03 -31.15 17.31
C SER C 38 -32.57 -29.73 17.63
N VAL C 39 -31.28 -29.47 17.45
CA VAL C 39 -30.68 -28.18 17.73
C VAL C 39 -30.17 -27.59 16.43
N GLY C 40 -30.77 -26.48 16.01
CA GLY C 40 -30.39 -25.84 14.77
C GLY C 40 -29.14 -24.99 14.89
N LEU C 41 -28.70 -24.46 13.76
CA LEU C 41 -27.46 -23.72 13.77
C LEU C 41 -27.60 -22.40 14.53
N ASP C 42 -28.75 -21.73 14.43
CA ASP C 42 -28.92 -20.40 15.01
C ASP C 42 -29.77 -20.39 16.27
N ASP C 43 -29.81 -21.50 16.99
CA ASP C 43 -30.66 -21.61 18.17
C ASP C 43 -30.07 -20.81 19.34
N LEU C 44 -30.94 -20.13 20.08
CA LEU C 44 -30.57 -19.42 21.29
C LEU C 44 -30.74 -20.33 22.50
N VAL C 45 -29.66 -20.58 23.23
CA VAL C 45 -29.71 -21.51 24.35
C VAL C 45 -29.23 -20.84 25.63
N VAL C 46 -29.65 -21.39 26.76
CA VAL C 46 -29.22 -20.93 28.07
C VAL C 46 -28.80 -22.14 28.89
N VAL C 47 -27.69 -22.02 29.60
CA VAL C 47 -27.21 -23.06 30.49
C VAL C 47 -26.95 -22.43 31.85
N GLU C 48 -27.31 -23.16 32.89
CA GLU C 48 -27.19 -22.68 34.26
C GLU C 48 -26.27 -23.61 35.03
N THR C 49 -25.23 -23.04 35.62
CA THR C 49 -24.30 -23.74 36.48
C THR C 49 -24.31 -23.09 37.86
N ARG C 50 -23.84 -23.84 38.86
CA ARG C 50 -23.77 -23.36 40.23
C ARG C 50 -22.31 -23.40 40.70
N LYS C 51 -21.86 -22.28 41.29
CA LYS C 51 -20.53 -22.16 41.84
C LYS C 51 -20.35 -23.13 42.98
N PRO C 52 -19.10 -23.39 43.42
CA PRO C 52 -18.92 -24.18 44.64
C PRO C 52 -19.65 -23.62 45.85
N ASP C 53 -19.75 -22.31 46.00
CA ASP C 53 -20.47 -21.75 47.14
C ASP C 53 -21.98 -21.83 47.00
N GLY C 54 -22.50 -22.37 45.89
CA GLY C 54 -23.94 -22.46 45.69
C GLY C 54 -24.55 -21.35 44.85
N THR C 55 -23.79 -20.32 44.48
CA THR C 55 -24.31 -19.26 43.63
C THR C 55 -24.53 -19.78 42.20
N PRO C 56 -25.69 -19.52 41.61
CA PRO C 56 -25.91 -19.91 40.22
C PRO C 56 -25.47 -18.85 39.23
N VAL C 57 -24.89 -19.30 38.13
CA VAL C 57 -24.44 -18.44 37.03
C VAL C 57 -25.09 -18.92 35.75
N ARG C 58 -25.77 -18.02 35.05
CA ARG C 58 -26.48 -18.36 33.81
C ARG C 58 -25.70 -17.86 32.59
N PHE C 59 -25.54 -18.73 31.59
CA PHE C 59 -24.86 -18.40 30.35
C PHE C 59 -25.88 -18.39 29.21
N TYR C 60 -26.06 -17.23 28.59
CA TYR C 60 -26.89 -17.11 27.40
C TYR C 60 -25.97 -17.13 26.18
N GLY C 61 -26.33 -17.92 25.18
CA GLY C 61 -25.47 -18.07 24.02
C GLY C 61 -26.20 -18.48 22.77
N LEU C 62 -25.44 -18.49 21.69
CA LEU C 62 -25.93 -18.80 20.37
C LEU C 62 -25.10 -19.97 19.87
N VAL C 63 -25.76 -20.94 19.31
CA VAL C 63 -25.06 -22.01 18.62
C VAL C 63 -24.48 -21.43 17.36
N ASP C 64 -23.20 -21.74 17.06
CA ASP C 64 -22.59 -21.38 15.79
C ASP C 64 -22.11 -22.57 14.98
N ASN C 65 -22.00 -23.75 15.59
CA ASN C 65 -21.59 -24.99 14.95
C ASN C 65 -22.49 -26.10 15.44
N VAL C 66 -22.95 -26.94 14.52
CA VAL C 66 -23.61 -28.20 14.85
C VAL C 66 -23.02 -29.31 14.00
N ARG C 67 -22.90 -30.50 14.58
CA ARG C 67 -22.28 -31.62 13.90
C ARG C 67 -22.88 -32.92 14.40
N LYS C 68 -22.75 -33.96 13.57
CA LYS C 68 -23.04 -35.33 13.96
C LYS C 68 -21.87 -36.21 13.54
N ARG C 69 -21.41 -37.05 14.47
CA ARG C 69 -20.22 -37.90 14.21
C ARG C 69 -20.50 -39.33 14.64
N HIS C 70 -19.66 -40.26 14.18
CA HIS C 70 -19.76 -41.70 14.58
C HIS C 70 -18.62 -41.95 15.57
N GLU C 71 -18.95 -42.43 16.77
CA GLU C 71 -17.90 -42.61 17.80
C GLU C 71 -17.36 -44.05 17.81
N GLY C 72 -16.24 -44.29 17.13
CA GLY C 72 -15.61 -45.60 17.23
C GLY C 72 -15.90 -46.55 16.08
N VAL C 73 -16.46 -46.07 14.97
CA VAL C 73 -16.58 -46.89 13.76
C VAL C 73 -15.20 -47.32 13.26
N THR C 74 -14.29 -46.35 13.09
CA THR C 74 -12.87 -46.52 12.73
C THR C 74 -12.63 -46.99 11.29
N PHE C 75 -13.67 -47.14 10.47
CA PHE C 75 -13.50 -47.49 9.06
C PHE C 75 -14.62 -46.85 8.26
N GLU C 76 -14.26 -46.17 7.16
CA GLU C 76 -15.29 -45.63 6.26
C GLU C 76 -16.11 -46.75 5.63
N SER C 77 -15.46 -47.81 5.17
CA SER C 77 -16.16 -48.89 4.48
C SER C 77 -17.19 -49.57 5.38
N ASP C 78 -17.07 -49.47 6.70
CA ASP C 78 -18.02 -50.07 7.63
C ASP C 78 -19.41 -49.45 7.56
N VAL C 79 -19.58 -48.28 6.93
CA VAL C 79 -20.81 -47.50 7.06
C VAL C 79 -22.03 -48.31 6.62
N GLU C 80 -21.91 -49.02 5.49
CA GLU C 80 -22.97 -49.92 5.04
C GLU C 80 -23.40 -50.87 6.16
N ASP C 81 -22.42 -51.58 6.75
CA ASP C 81 -22.71 -52.54 7.82
C ASP C 81 -23.31 -51.86 9.06
N VAL C 82 -22.84 -50.66 9.38
CA VAL C 82 -23.37 -49.94 10.53
C VAL C 82 -24.84 -49.59 10.33
N VAL C 83 -25.27 -49.38 9.08
CA VAL C 83 -26.67 -49.07 8.79
C VAL C 83 -27.55 -50.28 9.04
N ALA C 84 -27.07 -51.48 8.71
CA ALA C 84 -27.77 -52.69 9.14
C ALA C 84 -27.82 -52.77 10.67
N GLY C 85 -26.72 -52.44 11.35
CA GLY C 85 -26.61 -52.64 12.79
C GLY C 85 -25.69 -53.77 13.17
N LEU C 86 -25.01 -54.39 12.20
CA LEU C 86 -24.01 -55.42 12.50
C LEU C 86 -22.85 -54.88 13.32
N LEU C 87 -22.47 -53.60 13.11
CA LEU C 87 -21.37 -52.98 13.87
C LEU C 87 -21.91 -52.02 14.94
N PRO C 88 -21.30 -52.02 16.14
CA PRO C 88 -21.76 -51.12 17.20
C PRO C 88 -21.26 -49.69 16.99
N ALA C 89 -22.19 -48.79 16.72
CA ALA C 89 -21.86 -47.38 16.58
C ALA C 89 -23.01 -46.55 17.11
N SER C 90 -22.68 -45.43 17.74
CA SER C 90 -23.67 -44.46 18.20
C SER C 90 -23.42 -43.13 17.50
N VAL C 91 -24.51 -42.45 17.14
CA VAL C 91 -24.43 -41.14 16.49
C VAL C 91 -24.29 -40.08 17.56
N SER C 92 -23.21 -39.31 17.50
CA SER C 92 -22.96 -38.23 18.44
C SER C 92 -23.44 -36.91 17.83
N TYR C 93 -24.43 -36.31 18.46
CA TYR C 93 -25.03 -35.03 18.04
C TYR C 93 -24.52 -33.96 19.01
N ALA C 94 -23.70 -33.04 18.50
CA ALA C 94 -23.04 -32.02 19.32
C ALA C 94 -23.22 -30.64 18.71
N ALA C 95 -23.28 -29.64 19.59
CA ALA C 95 -23.41 -28.24 19.21
C ALA C 95 -22.44 -27.40 20.02
N ARG C 96 -21.89 -26.37 19.38
CA ARG C 96 -20.99 -25.42 20.03
C ARG C 96 -21.73 -24.13 20.29
N VAL C 97 -21.58 -23.57 21.49
CA VAL C 97 -22.35 -22.41 21.90
C VAL C 97 -21.41 -21.22 22.04
N LEU C 98 -21.77 -20.11 21.41
CA LEU C 98 -21.01 -18.88 21.53
C LEU C 98 -21.75 -18.00 22.53
N VAL C 99 -21.13 -17.72 23.66
CA VAL C 99 -21.81 -17.04 24.78
C VAL C 99 -22.00 -15.56 24.46
N THR C 100 -23.25 -15.08 24.57
CA THR C 100 -23.55 -13.67 24.35
C THR C 100 -23.72 -12.87 25.65
N ARG C 101 -24.08 -13.53 26.74
CA ARG C 101 -24.39 -12.84 27.99
C ARG C 101 -24.11 -13.78 29.14
N VAL C 102 -23.77 -13.21 30.29
CA VAL C 102 -23.60 -13.98 31.53
C VAL C 102 -24.36 -13.27 32.64
N ASP C 103 -25.26 -14.00 33.32
CA ASP C 103 -26.24 -13.33 34.19
C ASP C 103 -25.59 -12.71 35.43
N PRO C 104 -24.89 -13.45 36.29
CA PRO C 104 -24.06 -12.78 37.31
C PRO C 104 -22.73 -12.28 36.76
N GLU C 105 -22.40 -12.58 35.50
CA GLU C 105 -21.14 -12.19 34.86
C GLU C 105 -19.95 -12.41 35.76
N ASN C 106 -19.84 -13.65 36.22
CA ASN C 106 -18.57 -14.19 36.63
C ASN C 106 -18.10 -15.15 35.54
N PHE C 107 -16.98 -14.85 34.90
CA PHE C 107 -16.48 -15.63 33.77
C PHE C 107 -15.84 -16.93 34.28
N ILE C 108 -16.69 -17.81 34.78
CA ILE C 108 -16.30 -19.15 35.22
C ILE C 108 -16.78 -20.17 34.18
N PRO C 109 -16.11 -21.30 34.03
CA PRO C 109 -16.56 -22.28 33.06
C PRO C 109 -17.77 -23.02 33.57
N PRO C 110 -18.77 -23.25 32.73
CA PRO C 110 -19.85 -24.16 33.12
C PRO C 110 -19.27 -25.53 33.47
N GLN C 111 -19.94 -26.22 34.37
CA GLN C 111 -19.55 -27.59 34.66
C GLN C 111 -20.02 -28.51 33.53
N PRO C 112 -19.15 -29.41 33.05
CA PRO C 112 -19.61 -30.42 32.09
C PRO C 112 -20.68 -31.31 32.69
N GLY C 113 -21.69 -31.63 31.90
CA GLY C 113 -22.84 -32.37 32.36
C GLY C 113 -24.01 -31.51 32.80
N ASP C 114 -23.82 -30.19 32.90
CA ASP C 114 -24.93 -29.31 33.23
C ASP C 114 -25.94 -29.28 32.09
N HIS C 115 -27.19 -29.03 32.44
CA HIS C 115 -28.25 -29.11 31.46
C HIS C 115 -28.33 -27.82 30.67
N VAL C 116 -28.45 -27.96 29.34
CA VAL C 116 -28.68 -26.85 28.42
C VAL C 116 -30.16 -26.83 28.06
N ARG C 117 -30.72 -25.63 27.91
CA ARG C 117 -32.13 -25.46 27.54
C ARG C 117 -32.25 -24.38 26.48
N HIS C 118 -33.26 -24.52 25.62
CA HIS C 118 -33.66 -23.44 24.73
C HIS C 118 -34.14 -22.22 25.50
N ALA C 119 -33.82 -21.04 24.99
CA ALA C 119 -34.27 -19.80 25.62
C ALA C 119 -35.74 -19.57 25.30
N ALA C 120 -36.54 -19.32 26.34
CA ALA C 120 -37.94 -19.02 26.15
C ALA C 120 -38.36 -18.01 27.20
N GLY C 121 -39.18 -17.04 26.80
CA GLY C 121 -39.76 -16.12 27.75
C GLY C 121 -38.76 -15.16 28.32
N ARG C 122 -38.60 -15.19 29.65
CA ARG C 122 -37.60 -14.35 30.31
C ARG C 122 -36.19 -14.75 29.92
N GLU C 123 -35.99 -16.04 29.73
CA GLU C 123 -34.64 -16.53 29.31
C GLU C 123 -34.31 -15.91 27.95
N LEU C 124 -35.24 -15.98 27.01
CA LEU C 124 -35.03 -15.43 25.65
C LEU C 124 -34.65 -13.96 25.75
N ALA C 125 -35.58 -13.14 26.25
CA ALA C 125 -35.40 -11.68 26.41
C ALA C 125 -34.02 -11.39 26.97
N MET C 126 -33.66 -12.01 28.09
CA MET C 126 -32.32 -11.80 28.63
C MET C 126 -31.24 -12.13 27.61
N ALA C 127 -31.43 -13.20 26.82
CA ALA C 127 -30.45 -13.51 25.78
C ALA C 127 -30.40 -12.41 24.73
N LEU C 128 -31.52 -11.76 24.46
CA LEU C 128 -31.58 -10.72 23.44
C LEU C 128 -31.52 -9.31 24.03
N SER C 129 -31.02 -9.18 25.25
CA SER C 129 -30.83 -7.86 25.87
C SER C 129 -32.08 -6.99 25.81
N ALA C 130 -33.25 -7.60 25.96
CA ALA C 130 -34.48 -6.84 25.92
C ALA C 130 -34.66 -6.01 27.19
N ASP C 131 -34.01 -6.41 28.30
CA ASP C 131 -34.04 -5.58 29.49
C ASP C 131 -33.37 -4.24 29.25
N LYS C 132 -32.39 -4.19 28.34
CA LYS C 132 -31.75 -2.93 28.00
C LYS C 132 -32.65 -2.04 27.15
N MET C 133 -33.50 -2.65 26.31
CA MET C 133 -34.38 -1.87 25.44
C MET C 133 -35.58 -1.33 26.18
N GLU C 134 -36.16 -2.11 27.11
CA GLU C 134 -37.35 -1.69 27.87
C GLU C 134 -38.45 -1.34 26.87
N GLU C 135 -39.10 -0.17 27.00
CA GLU C 135 -40.23 0.21 26.17
C GLU C 135 -39.86 0.46 24.73
N ALA C 136 -38.56 0.59 24.43
CA ALA C 136 -38.09 0.88 23.09
C ALA C 136 -38.06 -0.36 22.19
N ALA C 137 -38.23 -1.56 22.74
CA ALA C 137 -38.27 -2.77 21.93
C ALA C 137 -39.53 -2.82 21.07
N PHE C 138 -39.37 -3.17 19.81
CA PHE C 138 -40.46 -3.30 18.86
C PHE C 138 -40.14 -4.45 17.91
N PRO C 139 -41.14 -5.01 17.24
CA PRO C 139 -40.92 -6.19 16.39
C PRO C 139 -40.00 -5.89 15.21
N GLY C 140 -38.92 -6.65 15.10
CA GLY C 140 -38.04 -6.54 13.95
C GLY C 140 -38.10 -7.77 13.07
N GLY C 141 -38.89 -8.76 13.48
CA GLY C 141 -39.02 -10.00 12.70
C GLY C 141 -39.23 -11.22 13.57
N LEU C 142 -39.52 -12.36 12.94
CA LEU C 142 -39.75 -13.63 13.68
C LEU C 142 -38.41 -14.35 13.77
N LEU C 143 -37.94 -14.76 14.94
CA LEU C 143 -36.61 -15.40 14.93
C LEU C 143 -36.72 -16.89 14.57
N ALA C 144 -37.50 -17.19 13.53
CA ALA C 144 -37.75 -18.51 12.89
C ALA C 144 -38.61 -19.44 13.77
N ASP C 145 -39.12 -18.92 14.88
CA ASP C 145 -40.00 -19.70 15.80
C ASP C 145 -41.13 -18.78 16.26
N GLY C 146 -41.91 -19.22 17.26
CA GLY C 146 -43.02 -18.40 17.76
C GLY C 146 -42.62 -17.06 18.37
N GLN C 147 -41.60 -17.07 19.21
CA GLN C 147 -41.16 -15.81 19.90
C GLN C 147 -40.64 -14.82 18.87
N PRO C 148 -40.90 -13.51 19.01
CA PRO C 148 -40.44 -12.50 18.06
C PRO C 148 -39.17 -11.77 18.53
N LEU C 149 -38.31 -11.40 17.57
CA LEU C 149 -37.05 -10.66 17.85
C LEU C 149 -37.36 -9.19 18.11
N PRO C 150 -36.77 -8.55 19.14
CA PRO C 150 -37.01 -7.15 19.45
C PRO C 150 -35.89 -6.23 18.95
N LEU C 151 -36.26 -5.12 18.30
CA LEU C 151 -35.29 -4.12 17.78
C LEU C 151 -35.36 -2.86 18.66
N ASN C 152 -34.21 -2.36 19.11
CA ASN C 152 -34.20 -1.17 19.97
C ASN C 152 -34.43 0.07 19.10
N PHE C 153 -35.60 0.69 19.23
CA PHE C 153 -35.91 1.84 18.39
C PHE C 153 -35.04 3.03 18.74
N ARG C 154 -34.58 3.12 20.00
CA ARG C 154 -33.63 4.18 20.35
C ARG C 154 -32.38 4.17 19.48
N PHE C 155 -32.01 3.04 18.89
CA PHE C 155 -30.90 3.01 17.95
C PHE C 155 -31.32 3.24 16.51
N ILE C 156 -32.61 3.47 16.25
CA ILE C 156 -33.09 3.75 14.90
C ILE C 156 -33.51 5.20 14.72
N ASN C 157 -34.08 5.81 15.77
CA ASN C 157 -34.59 7.18 15.70
C ASN C 157 -33.57 8.24 16.09
N GLY C 158 -32.37 7.88 16.54
CA GLY C 158 -31.34 8.86 16.82
C GLY C 158 -31.04 9.13 18.27
N GLU C 159 -31.82 8.60 19.20
CA GLU C 159 -31.59 8.87 20.62
C GLU C 159 -30.20 8.42 21.06
N SER C 160 -29.88 7.15 20.83
CA SER C 160 -28.56 6.63 21.14
C SER C 160 -27.88 5.99 19.93
N GLY C 161 -28.56 5.91 18.79
CA GLY C 161 -28.03 5.23 17.62
C GLY C 161 -28.66 5.71 16.33
N GLY C 162 -27.98 5.38 15.23
CA GLY C 162 -28.22 5.95 13.92
C GLY C 162 -29.23 5.29 13.02
N HIS C 163 -28.78 4.80 11.88
CA HIS C 163 -29.66 4.44 10.79
C HIS C 163 -29.61 2.94 10.55
N ILE C 164 -30.16 2.50 9.43
CA ILE C 164 -30.21 1.10 9.08
C ILE C 164 -29.59 0.93 7.71
N ASN C 165 -28.71 -0.07 7.58
CA ASN C 165 -28.06 -0.39 6.31
C ASN C 165 -28.32 -1.86 6.01
N ILE C 166 -28.91 -2.15 4.85
CA ILE C 166 -29.31 -3.50 4.45
C ILE C 166 -28.43 -3.95 3.30
N SER C 167 -27.80 -5.10 3.48
CA SER C 167 -26.87 -5.63 2.50
C SER C 167 -27.37 -6.98 2.02
N GLY C 168 -27.13 -7.27 0.75
CA GLY C 168 -27.43 -8.57 0.21
C GLY C 168 -27.53 -8.51 -1.29
N ILE C 169 -27.40 -9.70 -1.90
CA ILE C 169 -27.44 -9.82 -3.36
C ILE C 169 -28.76 -9.25 -3.87
N SER C 170 -28.66 -8.26 -4.76
CA SER C 170 -29.87 -7.65 -5.30
C SER C 170 -30.57 -8.63 -6.23
N GLY C 171 -31.88 -8.75 -6.06
CA GLY C 171 -32.63 -9.67 -6.85
C GLY C 171 -33.02 -10.89 -6.03
N VAL C 172 -32.10 -11.38 -5.22
CA VAL C 172 -32.34 -12.56 -4.39
C VAL C 172 -32.55 -12.16 -2.93
N ALA C 173 -31.73 -11.27 -2.40
CA ALA C 173 -31.98 -10.73 -1.07
C ALA C 173 -33.06 -9.67 -1.21
N THR C 174 -34.01 -9.69 -0.28
CA THR C 174 -35.19 -8.84 -0.39
C THR C 174 -35.01 -7.58 0.45
N LYS C 175 -34.02 -6.78 0.05
CA LYS C 175 -33.66 -5.59 0.81
C LYS C 175 -34.85 -4.65 0.97
N THR C 176 -35.49 -4.29 -0.14
CA THR C 176 -36.60 -3.34 -0.09
C THR C 176 -37.78 -3.90 0.69
N SER C 177 -38.09 -5.19 0.49
CA SER C 177 -39.19 -5.81 1.22
C SER C 177 -38.98 -5.73 2.72
N TYR C 178 -37.78 -6.05 3.19
CA TYR C 178 -37.51 -5.93 4.62
C TYR C 178 -37.52 -4.48 5.08
N ALA C 179 -37.16 -3.56 4.19
CA ALA C 179 -37.28 -2.16 4.54
C ALA C 179 -38.74 -1.78 4.76
N LEU C 180 -39.58 -2.12 3.78
CA LEU C 180 -41.00 -1.77 3.91
C LEU C 180 -41.62 -2.44 5.12
N PHE C 181 -41.24 -3.69 5.40
CA PHE C 181 -41.70 -4.34 6.61
C PHE C 181 -41.28 -3.55 7.85
N LEU C 182 -40.02 -3.12 7.90
CA LEU C 182 -39.56 -2.34 9.05
C LEU C 182 -40.34 -1.06 9.21
N LEU C 183 -40.66 -0.37 8.11
CA LEU C 183 -41.48 0.82 8.20
C LEU C 183 -42.86 0.49 8.72
N HIS C 184 -43.45 -0.59 8.21
CA HIS C 184 -44.72 -1.06 8.72
C HIS C 184 -44.62 -1.38 10.20
N SER C 185 -43.59 -2.10 10.60
CA SER C 185 -43.43 -2.37 12.02
C SER C 185 -43.27 -1.10 12.81
N ILE C 186 -42.59 -0.10 12.26
CA ILE C 186 -42.32 1.10 13.07
C ILE C 186 -43.57 1.95 13.22
N PHE C 187 -44.35 2.05 12.14
CA PHE C 187 -45.59 2.81 12.19
C PHE C 187 -46.62 2.12 13.07
N ARG C 188 -46.75 0.81 12.92
CA ARG C 188 -47.86 0.10 13.54
C ARG C 188 -47.54 -0.47 14.92
N SER C 189 -46.26 -0.69 15.27
CA SER C 189 -45.95 -1.25 16.59
C SER C 189 -46.34 -0.32 17.75
N GLY C 190 -46.58 0.94 17.47
CA GLY C 190 -46.75 1.90 18.54
C GLY C 190 -45.50 2.24 19.31
N VAL C 191 -44.33 1.83 18.82
CA VAL C 191 -43.10 2.14 19.53
C VAL C 191 -42.85 3.64 19.58
N MET C 192 -43.31 4.38 18.56
CA MET C 192 -43.07 5.82 18.52
C MET C 192 -43.79 6.54 19.67
N ASP C 193 -45.05 6.16 19.92
CA ASP C 193 -45.73 6.67 21.11
C ASP C 193 -44.95 6.31 22.39
N ARG C 194 -44.51 5.05 22.51
CA ARG C 194 -43.74 4.64 23.68
C ARG C 194 -42.46 5.44 23.80
N THR C 195 -41.75 5.65 22.67
CA THR C 195 -40.43 6.27 22.75
C THR C 195 -40.55 7.75 23.12
N ALA C 196 -41.61 8.43 22.64
CA ALA C 196 -41.73 9.86 22.86
C ALA C 196 -41.88 10.20 24.35
N GLN C 197 -42.69 9.39 25.08
CA GLN C 197 -42.88 9.49 26.53
C GLN C 197 -43.32 10.88 26.98
N THR C 206 -41.34 14.01 17.76
CA THR C 206 -42.40 13.59 18.68
C THR C 206 -42.95 12.20 18.34
N ALA C 207 -44.25 12.00 18.57
CA ALA C 207 -44.89 10.70 18.36
C ALA C 207 -45.21 10.43 16.89
N GLY C 208 -45.01 11.42 16.02
CA GLY C 208 -45.29 11.25 14.62
C GLY C 208 -44.17 10.56 13.86
N GLY C 209 -44.54 10.00 12.72
CA GLY C 209 -43.60 9.31 11.86
C GLY C 209 -43.91 9.55 10.39
N ARG C 210 -42.90 9.94 9.61
CA ARG C 210 -43.04 10.16 8.17
C ARG C 210 -42.00 9.33 7.43
N ALA C 211 -42.31 9.06 6.16
CA ALA C 211 -41.44 8.24 5.35
C ALA C 211 -41.41 8.80 3.94
N LEU C 212 -40.21 8.87 3.37
CA LEU C 212 -39.99 9.30 2.01
C LEU C 212 -39.32 8.15 1.27
N ILE C 213 -39.93 7.73 0.16
CA ILE C 213 -39.45 6.57 -0.59
C ILE C 213 -39.53 6.87 -2.07
N PHE C 214 -38.51 6.46 -2.81
CA PHE C 214 -38.43 6.69 -4.24
C PHE C 214 -38.70 5.39 -4.97
N ASN C 215 -39.57 5.45 -5.99
CA ASN C 215 -39.94 4.29 -6.81
C ASN C 215 -38.90 4.10 -7.91
N VAL C 216 -37.72 3.65 -7.50
CA VAL C 216 -36.67 3.30 -8.44
C VAL C 216 -37.03 2.02 -9.17
N LYS C 217 -37.61 1.07 -8.41
CA LYS C 217 -38.11 -0.22 -8.98
C LYS C 217 -39.11 0.12 -10.09
N GLY C 218 -39.08 -0.60 -11.22
CA GLY C 218 -39.88 -0.18 -12.39
C GLY C 218 -41.35 -0.04 -12.11
N GLU C 219 -41.97 -1.02 -11.44
CA GLU C 219 -43.40 -0.90 -11.07
C GLU C 219 -43.68 -1.78 -9.87
N ASP C 220 -43.15 -1.40 -8.71
CA ASP C 220 -43.32 -2.22 -7.49
C ASP C 220 -43.80 -1.35 -6.33
N LEU C 221 -43.19 -0.19 -6.11
CA LEU C 221 -43.48 0.62 -4.88
C LEU C 221 -44.64 1.59 -5.00
N LEU C 222 -45.46 1.59 -6.06
CA LEU C 222 -46.54 2.62 -6.05
C LEU C 222 -47.94 2.02 -5.83
N PHE C 223 -48.04 0.78 -5.35
CA PHE C 223 -49.38 0.16 -5.10
C PHE C 223 -49.46 -0.07 -3.59
N LEU C 224 -48.70 0.69 -2.80
CA LEU C 224 -48.70 0.50 -1.33
C LEU C 224 -50.08 0.84 -0.68
N ASP C 225 -50.93 1.47 -1.50
CA ASP C 225 -52.31 1.85 -1.12
C ASP C 225 -53.25 0.65 -1.04
N LYS C 226 -53.22 -0.22 -2.07
CA LYS C 226 -54.05 -1.45 -2.13
C LYS C 226 -53.66 -2.51 -1.10
N PRO C 227 -54.57 -3.42 -0.69
CA PRO C 227 -54.26 -4.48 0.27
C PRO C 227 -53.72 -5.65 -0.56
N ASN C 228 -53.13 -6.65 0.09
CA ASN C 228 -52.54 -7.79 -0.66
C ASN C 228 -53.36 -9.06 -0.45
N ALA C 229 -53.93 -9.55 -1.55
CA ALA C 229 -54.80 -10.74 -1.60
C ALA C 229 -53.94 -12.00 -1.61
N ARG C 230 -52.69 -11.86 -2.05
CA ARG C 230 -51.79 -13.05 -2.12
C ARG C 230 -51.13 -13.25 -0.75
N MET C 231 -51.19 -12.22 0.09
CA MET C 231 -50.55 -12.32 1.42
C MET C 231 -51.13 -13.52 2.16
N VAL C 232 -52.45 -13.54 2.32
CA VAL C 232 -53.14 -14.60 3.11
C VAL C 232 -52.83 -15.99 2.55
N GLU C 233 -52.90 -16.15 1.23
CA GLU C 233 -52.60 -17.48 0.62
C GLU C 233 -51.22 -17.94 1.08
N LYS C 234 -50.20 -17.13 0.81
CA LYS C 234 -48.80 -17.51 1.16
C LYS C 234 -48.59 -17.51 2.67
N GLU C 235 -49.20 -16.57 3.41
CA GLU C 235 -49.01 -16.57 4.88
C GLU C 235 -49.51 -17.92 5.40
N ASP C 236 -50.76 -18.23 5.08
CA ASP C 236 -51.41 -19.50 5.51
C ASP C 236 -50.49 -20.67 5.20
N LYS C 237 -49.88 -20.69 4.00
CA LYS C 237 -48.94 -21.76 3.65
C LYS C 237 -47.90 -21.93 4.74
N VAL C 238 -47.30 -20.83 5.19
CA VAL C 238 -46.23 -20.99 6.14
C VAL C 238 -46.79 -21.37 7.51
N VAL C 239 -47.89 -20.73 7.92
CA VAL C 239 -48.50 -21.09 9.20
C VAL C 239 -48.84 -22.57 9.23
N ARG C 240 -49.40 -23.10 8.14
CA ARG C 240 -49.63 -24.53 8.03
C ARG C 240 -48.33 -25.32 8.15
N ALA C 241 -47.24 -24.79 7.58
CA ALA C 241 -45.96 -25.49 7.64
C ALA C 241 -45.44 -25.60 9.07
N LYS C 242 -45.45 -24.49 9.84
CA LYS C 242 -45.00 -24.48 11.23
C LYS C 242 -45.92 -23.60 12.08
N GLY C 243 -47.18 -24.04 12.18
CA GLY C 243 -48.21 -23.27 12.89
C GLY C 243 -48.10 -23.41 14.39
N LEU C 244 -46.97 -22.97 14.97
CA LEU C 244 -46.82 -23.12 16.44
C LEU C 244 -47.92 -22.32 17.16
N SER C 245 -48.15 -21.07 16.74
CA SER C 245 -49.23 -20.27 17.40
C SER C 245 -49.72 -19.13 16.51
N ALA C 246 -51.05 -18.96 16.44
CA ALA C 246 -51.71 -17.83 15.74
C ALA C 246 -51.26 -17.64 14.29
N ASP C 247 -50.99 -16.38 13.91
CA ASP C 247 -50.58 -15.94 12.55
C ASP C 247 -49.22 -15.24 12.62
N ARG C 248 -48.52 -15.13 11.48
CA ARG C 248 -47.16 -14.52 11.40
C ARG C 248 -47.19 -13.04 11.77
N TYR C 249 -48.18 -12.29 11.26
CA TYR C 249 -48.28 -10.84 11.59
C TYR C 249 -48.76 -10.74 13.03
N ALA C 250 -49.80 -11.53 13.33
CA ALA C 250 -50.44 -11.59 14.66
C ALA C 250 -49.38 -11.89 15.73
N LEU C 251 -48.47 -12.82 15.45
CA LEU C 251 -47.40 -13.14 16.43
C LEU C 251 -46.61 -11.87 16.71
N LEU C 252 -46.25 -11.15 15.64
CA LEU C 252 -45.54 -9.88 15.77
C LEU C 252 -46.34 -8.84 16.53
N GLY C 253 -47.66 -9.02 16.67
CA GLY C 253 -48.48 -7.99 17.26
C GLY C 253 -48.70 -6.80 16.36
N LEU C 254 -48.58 -7.00 15.06
CA LEU C 254 -48.75 -5.95 14.08
C LEU C 254 -49.98 -6.22 13.23
N PRO C 255 -50.74 -5.19 12.91
CA PRO C 255 -51.91 -5.37 12.04
C PRO C 255 -51.51 -5.72 10.61
N ALA C 256 -52.27 -6.62 9.99
CA ALA C 256 -52.01 -7.00 8.61
C ALA C 256 -52.85 -6.13 7.67
N GLU C 257 -52.42 -4.88 7.51
CA GLU C 257 -53.10 -3.91 6.66
C GLU C 257 -52.07 -3.06 5.96
N PRO C 258 -52.41 -2.47 4.81
CA PRO C 258 -51.43 -1.65 4.08
C PRO C 258 -51.20 -0.30 4.75
N PHE C 259 -50.33 0.50 4.13
CA PHE C 259 -49.94 1.78 4.70
C PHE C 259 -51.08 2.77 4.61
N ARG C 260 -51.34 3.47 5.73
CA ARG C 260 -52.59 4.19 5.93
C ARG C 260 -52.69 5.44 5.05
N ASP C 261 -51.71 6.33 5.13
CA ASP C 261 -51.76 7.64 4.48
C ASP C 261 -50.66 7.69 3.43
N VAL C 262 -51.04 7.48 2.17
CA VAL C 262 -50.09 7.33 1.08
C VAL C 262 -50.27 8.46 0.09
N GLN C 263 -49.16 9.04 -0.35
CA GLN C 263 -49.12 10.06 -1.39
C GLN C 263 -48.22 9.58 -2.51
N LEU C 264 -48.73 9.60 -3.74
CA LEU C 264 -47.99 9.15 -4.91
C LEU C 264 -47.77 10.31 -5.86
N LEU C 265 -46.50 10.57 -6.19
CA LEU C 265 -46.09 11.67 -7.04
C LEU C 265 -45.35 11.13 -8.27
N ALA C 266 -45.62 11.74 -9.42
CA ALA C 266 -44.96 11.30 -10.66
C ALA C 266 -44.60 12.52 -11.51
N PRO C 267 -43.64 12.40 -12.44
CA PRO C 267 -43.24 13.52 -13.27
C PRO C 267 -44.32 13.90 -14.26
N PRO C 268 -44.43 15.18 -14.64
CA PRO C 268 -45.42 15.63 -15.59
C PRO C 268 -45.30 14.86 -16.91
N ARG C 269 -46.46 14.54 -17.48
CA ARG C 269 -46.59 13.69 -18.70
C ARG C 269 -45.83 14.31 -19.87
N ALA C 270 -45.14 13.43 -20.60
CA ALA C 270 -44.34 13.80 -21.78
C ALA C 270 -45.19 14.60 -22.76
N GLY C 271 -44.65 15.72 -23.23
CA GLY C 271 -45.32 16.55 -24.24
C GLY C 271 -44.37 17.62 -24.74
N ALA C 272 -44.69 18.27 -25.87
CA ALA C 272 -43.81 19.36 -26.35
C ALA C 272 -44.30 20.67 -25.73
N ALA C 273 -43.62 21.11 -24.66
CA ALA C 273 -43.99 22.36 -23.94
C ALA C 273 -45.49 22.37 -23.66
N GLY C 274 -46.15 21.19 -23.62
CA GLY C 274 -47.58 21.20 -23.43
C GLY C 274 -47.92 21.83 -22.10
N THR C 275 -48.76 22.84 -22.10
CA THR C 275 -49.04 23.56 -20.85
C THR C 275 -49.80 22.67 -19.87
N ALA C 276 -50.52 21.67 -20.37
CA ALA C 276 -51.25 20.78 -19.50
C ALA C 276 -50.28 19.85 -18.77
N ILE C 277 -50.65 19.51 -17.54
CA ILE C 277 -49.84 18.67 -16.67
C ILE C 277 -50.62 17.41 -16.37
N VAL C 278 -50.01 16.26 -16.63
CA VAL C 278 -50.61 14.95 -16.36
C VAL C 278 -49.51 14.11 -15.74
N PRO C 279 -49.81 13.06 -14.98
CA PRO C 279 -48.72 12.22 -14.47
C PRO C 279 -48.26 11.17 -15.48
N GLN C 280 -46.94 10.90 -15.47
CA GLN C 280 -46.31 9.96 -16.40
C GLN C 280 -46.43 8.53 -15.84
N THR C 281 -47.68 8.11 -15.71
CA THR C 281 -48.02 6.85 -15.07
C THR C 281 -48.72 5.92 -16.04
N ASP C 282 -48.32 4.65 -16.02
CA ASP C 282 -48.84 3.66 -16.96
C ASP C 282 -49.54 2.51 -16.26
N GLN C 283 -48.88 1.88 -15.29
CA GLN C 283 -49.48 0.72 -14.63
C GLN C 283 -50.66 1.15 -13.76
N ARG C 284 -50.52 2.25 -13.03
CA ARG C 284 -51.56 2.76 -12.15
C ARG C 284 -51.87 4.19 -12.52
N SER C 285 -53.11 4.46 -12.91
CA SER C 285 -53.50 5.79 -13.32
C SER C 285 -54.34 6.51 -12.26
N GLU C 286 -54.71 5.82 -11.19
CA GLU C 286 -55.61 6.37 -10.18
C GLU C 286 -54.82 6.82 -8.95
N GLY C 287 -55.15 8.01 -8.47
CA GLY C 287 -54.55 8.52 -7.26
C GLY C 287 -53.18 9.13 -7.42
N VAL C 288 -52.70 9.27 -8.65
CA VAL C 288 -51.35 9.77 -8.91
C VAL C 288 -51.39 11.29 -8.99
N THR C 289 -50.51 11.95 -8.26
CA THR C 289 -50.42 13.40 -8.27
C THR C 289 -49.18 13.84 -9.04
N PRO C 290 -49.29 14.79 -9.97
CA PRO C 290 -48.07 15.27 -10.64
C PRO C 290 -47.27 16.18 -9.72
N PHE C 291 -45.94 16.17 -9.92
CA PHE C 291 -45.06 17.11 -9.25
C PHE C 291 -44.20 17.82 -10.29
N VAL C 292 -44.01 19.13 -10.11
CA VAL C 292 -43.21 19.95 -11.01
C VAL C 292 -42.40 20.92 -10.17
N PHE C 293 -41.33 21.44 -10.75
CA PHE C 293 -40.53 22.50 -10.16
C PHE C 293 -40.70 23.75 -11.00
N THR C 294 -40.69 24.90 -10.37
CA THR C 294 -40.77 26.14 -11.14
C THR C 294 -39.39 26.77 -11.26
N ILE C 295 -39.17 27.44 -12.39
CA ILE C 295 -37.90 28.14 -12.63
C ILE C 295 -37.56 29.05 -11.47
N ARG C 296 -38.57 29.73 -10.91
CA ARG C 296 -38.28 30.67 -9.83
C ARG C 296 -37.82 29.93 -8.59
N GLU C 297 -38.50 28.85 -8.20
CA GLU C 297 -38.01 28.08 -7.06
C GLU C 297 -36.66 27.44 -7.36
N PHE C 298 -36.45 27.04 -8.62
CA PHE C 298 -35.18 26.45 -9.02
C PHE C 298 -34.04 27.40 -8.73
N CYS C 299 -34.22 28.68 -9.03
CA CYS C 299 -33.21 29.67 -8.69
C CYS C 299 -33.28 30.06 -7.22
N ALA C 300 -34.49 30.09 -6.65
CA ALA C 300 -34.64 30.55 -5.28
C ALA C 300 -34.11 29.54 -4.27
N ARG C 301 -34.17 28.25 -4.57
CA ARG C 301 -33.84 27.25 -3.57
C ARG C 301 -32.47 26.63 -3.81
N ARG C 302 -31.69 27.21 -4.71
CA ARG C 302 -30.33 26.76 -4.99
C ARG C 302 -30.32 25.33 -5.52
N MET C 303 -31.12 25.09 -6.56
CA MET C 303 -31.22 23.76 -7.13
C MET C 303 -30.13 23.46 -8.17
N LEU C 304 -29.36 24.47 -8.57
CA LEU C 304 -28.36 24.27 -9.61
C LEU C 304 -27.34 23.18 -9.31
N PRO C 305 -26.74 23.10 -8.12
CA PRO C 305 -25.70 22.08 -7.91
C PRO C 305 -26.15 20.66 -8.21
N TYR C 306 -27.43 20.35 -7.98
CA TYR C 306 -27.92 18.98 -8.09
C TYR C 306 -28.15 18.57 -9.53
N VAL C 307 -27.92 19.48 -10.48
CA VAL C 307 -27.90 19.08 -11.87
C VAL C 307 -26.64 18.28 -12.19
N PHE C 308 -25.54 18.57 -11.51
CA PHE C 308 -24.24 17.97 -11.86
C PHE C 308 -23.99 16.77 -10.94
N SER C 309 -24.46 15.61 -11.39
CA SER C 309 -24.51 14.43 -10.54
C SER C 309 -23.46 13.37 -10.87
N ASP C 310 -22.57 13.65 -11.82
CA ASP C 310 -21.58 12.61 -12.20
C ASP C 310 -20.28 12.82 -11.43
N ALA C 311 -19.93 11.89 -10.55
CA ALA C 311 -18.64 12.04 -9.84
C ALA C 311 -17.56 11.97 -10.92
N SER C 312 -16.73 13.01 -10.97
CA SER C 312 -15.61 13.17 -11.93
C SER C 312 -14.50 13.98 -11.25
N ALA C 313 -13.43 13.31 -10.84
CA ALA C 313 -12.28 13.94 -10.14
C ALA C 313 -11.58 14.98 -11.04
N SER C 314 -11.52 14.69 -12.34
CA SER C 314 -10.82 15.55 -13.33
C SER C 314 -11.43 16.96 -13.39
N LEU C 315 -12.76 17.10 -13.36
CA LEU C 315 -13.38 18.44 -13.49
C LEU C 315 -13.81 19.03 -12.14
N ASN C 316 -13.31 20.24 -11.84
CA ASN C 316 -13.68 20.98 -10.61
C ASN C 316 -14.46 22.22 -11.04
N LEU C 317 -15.79 22.16 -11.00
CA LEU C 317 -16.64 23.25 -11.44
C LEU C 317 -17.24 24.03 -10.26
N GLY C 318 -16.86 23.68 -9.04
CA GLY C 318 -17.55 24.19 -7.87
C GLY C 318 -17.58 25.70 -7.78
N PHE C 319 -16.51 26.36 -8.23
CA PHE C 319 -16.53 27.82 -8.24
C PHE C 319 -17.61 28.32 -9.18
N VAL C 320 -17.67 27.78 -10.39
CA VAL C 320 -18.66 28.25 -11.35
C VAL C 320 -20.06 27.98 -10.85
N ILE C 321 -20.30 26.75 -10.39
CA ILE C 321 -21.60 26.40 -9.84
C ILE C 321 -21.98 27.38 -8.73
N GLY C 322 -21.07 27.62 -7.79
CA GLY C 322 -21.40 28.47 -6.65
C GLY C 322 -21.70 29.87 -7.09
N ASN C 323 -20.91 30.39 -8.03
CA ASN C 323 -21.12 31.74 -8.54
C ASN C 323 -22.47 31.84 -9.25
N ILE C 324 -22.70 31.00 -10.27
CA ILE C 324 -23.96 31.09 -11.02
C ILE C 324 -25.16 30.81 -10.11
N GLU C 325 -24.99 29.92 -9.14
CA GLU C 325 -26.04 29.68 -8.16
C GLU C 325 -26.39 30.94 -7.39
N GLU C 326 -25.39 31.72 -6.98
CA GLU C 326 -25.67 32.95 -6.22
C GLU C 326 -26.29 34.01 -7.11
N LYS C 327 -25.82 34.14 -8.35
CA LYS C 327 -26.42 35.10 -9.26
C LYS C 327 -27.87 34.76 -9.53
N LEU C 328 -28.17 33.48 -9.76
CA LEU C 328 -29.56 33.06 -9.96
C LEU C 328 -30.39 33.27 -8.69
N PHE C 329 -29.82 32.97 -7.52
CA PHE C 329 -30.54 33.16 -6.27
C PHE C 329 -30.89 34.63 -6.04
N ARG C 330 -29.88 35.51 -6.09
CA ARG C 330 -30.18 36.92 -5.93
C ARG C 330 -31.09 37.42 -7.05
N LEU C 331 -30.93 36.88 -8.25
CA LEU C 331 -31.78 37.31 -9.34
C LEU C 331 -33.23 36.96 -9.06
N ALA C 332 -33.48 35.79 -8.46
CA ALA C 332 -34.84 35.39 -8.18
C ALA C 332 -35.42 36.19 -7.02
N ALA C 333 -34.58 36.50 -6.02
CA ALA C 333 -35.01 37.34 -4.91
C ALA C 333 -35.47 38.72 -5.38
N ALA C 334 -34.78 39.28 -6.38
CA ALA C 334 -35.12 40.61 -6.86
C ALA C 334 -36.43 40.63 -7.62
N GLN C 335 -36.91 39.48 -8.08
CA GLN C 335 -38.15 39.39 -8.85
C GLN C 335 -39.32 39.88 -8.02
N THR C 336 -40.03 40.89 -8.52
CA THR C 336 -41.16 41.43 -7.79
C THR C 336 -42.47 40.73 -8.11
N GLY C 337 -42.62 40.25 -9.34
CA GLY C 337 -43.83 39.54 -9.70
C GLY C 337 -43.95 38.21 -9.01
N LYS C 338 -45.18 37.71 -8.96
CA LYS C 338 -45.43 36.40 -8.38
C LYS C 338 -45.34 35.29 -9.43
N GLY C 339 -45.13 35.65 -10.71
CA GLY C 339 -45.05 34.67 -11.76
C GLY C 339 -43.94 33.66 -11.53
N THR C 340 -44.11 32.49 -12.15
CA THR C 340 -43.20 31.37 -11.91
C THR C 340 -41.93 31.45 -12.75
N GLY C 341 -41.93 32.21 -13.83
CA GLY C 341 -40.72 32.42 -14.60
C GLY C 341 -39.76 33.39 -13.93
N LEU C 342 -38.55 33.45 -14.48
CA LEU C 342 -37.54 34.42 -14.06
C LEU C 342 -37.46 35.55 -15.08
N ILE C 343 -37.53 36.80 -14.58
CA ILE C 343 -37.51 38.01 -15.40
C ILE C 343 -36.09 38.56 -15.43
N VAL C 344 -35.50 38.68 -16.62
CA VAL C 344 -34.16 39.25 -16.80
C VAL C 344 -34.26 40.41 -17.78
N HIS C 345 -33.50 41.48 -17.51
CA HIS C 345 -33.57 42.69 -18.31
C HIS C 345 -32.30 42.97 -19.09
N ASP C 346 -31.24 42.18 -18.91
CA ASP C 346 -29.95 42.43 -19.56
C ASP C 346 -29.63 41.43 -20.65
N TRP C 347 -30.66 40.80 -21.23
CA TRP C 347 -30.42 39.81 -22.30
C TRP C 347 -30.71 40.40 -23.67
N GLN C 348 -29.67 40.90 -24.35
CA GLN C 348 -29.81 41.47 -25.72
C GLN C 348 -29.17 40.42 -26.64
N PHE C 349 -29.87 40.02 -27.70
CA PHE C 349 -29.31 38.93 -28.53
C PHE C 349 -28.87 39.37 -29.93
N GLU C 350 -27.62 39.82 -30.05
CA GLU C 350 -27.06 40.06 -31.38
C GLU C 350 -26.47 38.79 -31.98
N ASP C 351 -25.72 38.01 -31.19
CA ASP C 351 -25.15 36.73 -31.62
C ASP C 351 -25.67 35.61 -30.74
N SER C 352 -26.99 35.40 -30.78
CA SER C 352 -27.67 34.32 -30.01
C SER C 352 -28.49 33.44 -30.96
N GLU C 353 -28.15 32.15 -31.03
CA GLU C 353 -28.83 31.18 -31.94
C GLU C 353 -30.32 31.04 -31.55
N THR C 354 -30.63 31.11 -30.26
CA THR C 354 -32.03 30.95 -29.79
C THR C 354 -32.92 31.99 -30.48
N PRO C 355 -34.12 31.61 -30.99
CA PRO C 355 -35.04 32.53 -31.66
C PRO C 355 -36.14 32.90 -30.67
N PRO C 356 -36.50 34.20 -30.52
CA PRO C 356 -37.50 34.62 -29.54
C PRO C 356 -38.96 34.13 -29.68
N GLU C 357 -39.51 34.15 -30.91
CA GLU C 357 -40.95 33.81 -31.18
C GLU C 357 -41.83 34.43 -30.10
N ASN C 358 -42.70 33.65 -29.44
CA ASN C 358 -43.48 34.18 -28.30
C ASN C 358 -42.61 33.94 -27.05
N LEU C 359 -41.69 34.86 -26.77
CA LEU C 359 -40.72 34.71 -25.65
C LEU C 359 -41.30 35.24 -24.35
N ASP C 360 -42.51 35.80 -24.40
CA ASP C 360 -43.22 36.35 -23.20
C ASP C 360 -42.38 37.44 -22.51
N PHE C 361 -42.14 38.54 -23.22
CA PHE C 361 -41.46 39.71 -22.69
C PHE C 361 -42.32 40.32 -21.59
N SER C 362 -41.65 40.79 -20.53
CA SER C 362 -42.31 41.54 -19.48
C SER C 362 -42.81 42.87 -20.03
N GLU C 363 -43.78 43.46 -19.32
CA GLU C 363 -44.28 44.78 -19.68
C GLU C 363 -43.21 45.84 -19.55
N LEU C 364 -42.14 45.56 -18.79
CA LEU C 364 -41.05 46.48 -18.57
C LEU C 364 -39.87 46.24 -19.52
N GLY C 365 -40.10 45.53 -20.62
CA GLY C 365 -39.02 45.29 -21.57
C GLY C 365 -38.05 44.19 -21.19
N GLY C 366 -38.34 43.41 -20.17
CA GLY C 366 -37.49 42.31 -19.76
C GLY C 366 -37.96 40.99 -20.31
N VAL C 367 -37.02 40.10 -20.58
CA VAL C 367 -37.34 38.77 -21.07
C VAL C 367 -37.71 37.89 -19.88
N ASN C 368 -38.81 37.16 -20.00
CA ASN C 368 -39.26 36.25 -18.94
C ASN C 368 -38.93 34.82 -19.36
N LEU C 369 -38.10 34.16 -18.56
CA LEU C 369 -37.64 32.81 -18.86
C LEU C 369 -38.65 31.81 -18.34
N GLN C 370 -39.24 31.01 -19.24
CA GLN C 370 -40.29 30.06 -18.88
C GLN C 370 -39.89 28.61 -19.05
N THR C 371 -38.81 28.32 -19.77
CA THR C 371 -38.36 26.95 -19.97
C THR C 371 -36.92 26.82 -19.47
N PHE C 372 -36.55 25.60 -19.08
CA PHE C 372 -35.19 25.34 -18.64
C PHE C 372 -34.18 25.59 -19.77
N GLU C 373 -34.58 25.29 -21.01
CA GLU C 373 -33.72 25.56 -22.16
C GLU C 373 -33.47 27.05 -22.31
N GLN C 374 -34.48 27.87 -22.04
CA GLN C 374 -34.31 29.32 -22.13
C GLN C 374 -33.37 29.82 -21.04
N LEU C 375 -33.48 29.27 -19.82
CA LEU C 375 -32.59 29.66 -18.74
C LEU C 375 -31.14 29.32 -19.07
N ILE C 376 -30.92 28.18 -19.73
CA ILE C 376 -29.56 27.84 -20.18
C ILE C 376 -29.10 28.81 -21.26
N SER C 377 -30.00 29.23 -22.14
CA SER C 377 -29.64 30.18 -23.19
C SER C 377 -29.24 31.53 -22.59
N TYR C 378 -29.94 31.97 -21.54
CA TYR C 378 -29.53 33.19 -20.86
C TYR C 378 -28.15 33.04 -20.21
N LEU C 379 -27.95 31.95 -19.44
CA LEU C 379 -26.65 31.70 -18.84
C LEU C 379 -25.57 31.66 -19.89
N GLU C 380 -25.84 30.95 -20.99
CA GLU C 380 -24.84 30.85 -22.08
C GLU C 380 -24.49 32.25 -22.60
N TYR C 381 -25.51 33.10 -22.80
CA TYR C 381 -25.26 34.46 -23.33
C TYR C 381 -24.39 35.26 -22.34
N LYS C 382 -24.72 35.19 -21.06
CA LYS C 382 -23.96 35.97 -20.04
C LYS C 382 -22.51 35.49 -19.98
N LEU C 383 -22.30 34.17 -19.93
CA LEU C 383 -20.96 33.54 -19.84
C LEU C 383 -20.13 33.61 -21.12
N LEU C 384 -20.73 33.41 -22.30
CA LEU C 384 -19.88 33.34 -23.53
C LEU C 384 -20.25 34.38 -24.60
N GLU C 385 -21.39 35.05 -24.48
CA GLU C 385 -21.78 35.99 -25.55
C GLU C 385 -21.79 37.45 -25.07
N GLU C 386 -21.73 37.69 -23.77
CA GLU C 386 -22.21 38.96 -23.21
C GLU C 386 -21.42 40.15 -23.73
N ARG C 387 -20.10 40.02 -23.86
CA ARG C 387 -19.24 41.17 -24.21
C ARG C 387 -18.23 40.78 -25.29
N GLU C 388 -18.70 40.71 -26.53
CA GLU C 388 -17.83 40.43 -27.67
C GLU C 388 -17.07 39.13 -27.47
N GLY C 389 -17.66 38.23 -26.66
CA GLY C 389 -17.03 36.99 -26.29
C GLY C 389 -16.37 36.98 -24.91
N GLU C 390 -16.12 38.15 -24.31
CA GLU C 390 -15.47 38.18 -23.00
C GLU C 390 -16.42 37.72 -21.89
N GLY C 391 -17.73 37.80 -22.16
CA GLY C 391 -18.74 37.52 -21.16
C GLY C 391 -18.95 38.67 -20.19
N ASP C 392 -19.83 38.44 -19.22
CA ASP C 392 -20.07 39.43 -18.16
C ASP C 392 -19.03 39.26 -17.05
N PRO C 393 -18.25 40.29 -16.73
CA PRO C 393 -17.24 40.14 -15.66
C PRO C 393 -17.82 39.68 -14.34
N LYS C 394 -19.04 40.10 -14.02
CA LYS C 394 -19.57 39.73 -12.73
C LYS C 394 -20.12 38.32 -12.73
N TRP C 395 -20.06 37.62 -13.85
CA TRP C 395 -20.58 36.27 -13.88
C TRP C 395 -19.51 35.25 -14.18
N VAL C 396 -18.41 35.64 -14.83
CA VAL C 396 -17.45 34.61 -15.10
C VAL C 396 -16.40 34.60 -14.02
N LEU C 397 -16.12 35.76 -13.43
CA LEU C 397 -15.28 35.82 -12.23
C LEU C 397 -13.91 35.20 -12.47
N LYS C 398 -13.28 35.57 -13.59
CA LYS C 398 -11.91 35.15 -13.92
C LYS C 398 -11.81 33.65 -14.22
N GLN C 399 -12.92 32.94 -14.32
CA GLN C 399 -12.88 31.52 -14.67
C GLN C 399 -12.47 31.32 -16.13
N SER C 400 -11.67 30.26 -16.37
CA SER C 400 -11.10 30.05 -17.70
C SER C 400 -12.21 29.71 -18.69
N PRO C 401 -12.01 30.01 -19.98
CA PRO C 401 -13.06 29.71 -20.96
C PRO C 401 -13.40 28.23 -21.02
N GLY C 402 -12.40 27.37 -20.89
CA GLY C 402 -12.65 25.94 -20.86
C GLY C 402 -13.59 25.53 -19.74
N THR C 403 -13.46 26.16 -18.57
CA THR C 403 -14.33 25.81 -17.44
C THR C 403 -15.76 26.27 -17.70
N LEU C 404 -15.93 27.51 -18.16
CA LEU C 404 -17.26 28.03 -18.50
C LEU C 404 -17.91 27.18 -19.59
N ARG C 405 -17.18 26.90 -20.67
CA ARG C 405 -17.74 26.11 -21.76
C ARG C 405 -18.18 24.74 -21.27
N ALA C 406 -17.42 24.10 -20.39
CA ALA C 406 -17.84 22.81 -19.85
C ALA C 406 -19.13 22.95 -19.04
N PHE C 407 -19.13 23.88 -18.08
CA PHE C 407 -20.36 24.20 -17.33
C PHE C 407 -21.56 24.30 -18.26
N THR C 408 -21.48 25.19 -19.26
CA THR C 408 -22.59 25.38 -20.19
C THR C 408 -22.88 24.11 -20.97
N ARG C 409 -21.83 23.42 -21.41
CA ARG C 409 -22.01 22.29 -22.29
C ARG C 409 -22.63 21.11 -21.52
N ARG C 410 -22.27 20.95 -20.24
CA ARG C 410 -22.88 19.89 -19.43
C ARG C 410 -24.35 20.19 -19.13
N LEU C 411 -24.68 21.46 -18.89
CA LEU C 411 -26.09 21.84 -18.80
C LEU C 411 -26.85 21.52 -20.09
N ARG C 412 -26.24 21.79 -21.25
CA ARG C 412 -26.94 21.58 -22.51
C ARG C 412 -27.19 20.10 -22.76
N GLY C 413 -26.26 19.24 -22.32
CA GLY C 413 -26.44 17.82 -22.54
C GLY C 413 -27.66 17.28 -21.82
N VAL C 414 -27.94 17.82 -20.64
CA VAL C 414 -28.98 17.31 -19.76
C VAL C 414 -30.28 18.09 -19.87
N GLN C 415 -30.31 19.14 -20.71
CA GLN C 415 -31.45 20.06 -20.71
C GLN C 415 -32.74 19.37 -21.11
N LYS C 416 -32.70 18.51 -22.14
CA LYS C 416 -33.93 17.89 -22.61
C LYS C 416 -34.51 16.96 -21.55
N TYR C 417 -33.66 16.30 -20.79
CA TYR C 417 -34.15 15.35 -19.80
C TYR C 417 -34.76 16.06 -18.61
N LEU C 418 -34.19 17.22 -18.25
CA LEU C 418 -34.69 17.96 -17.09
C LEU C 418 -35.73 19.01 -17.43
N SER C 419 -35.95 19.31 -18.70
CA SER C 419 -36.87 20.40 -19.06
C SER C 419 -38.30 20.19 -18.58
N PRO C 420 -38.90 19.01 -18.71
CA PRO C 420 -40.28 18.85 -18.20
C PRO C 420 -40.40 19.03 -16.71
N LEU C 421 -39.37 18.71 -15.93
CA LEU C 421 -39.47 18.80 -14.48
C LEU C 421 -39.36 20.23 -13.99
N ILE C 422 -38.75 21.12 -14.77
CA ILE C 422 -38.57 22.52 -14.40
C ILE C 422 -39.30 23.37 -15.43
N ARG C 423 -40.41 23.96 -15.01
CA ARG C 423 -41.23 24.79 -15.88
C ARG C 423 -41.48 26.12 -15.19
N GLY C 424 -41.20 27.21 -15.89
CA GLY C 424 -41.70 28.51 -15.50
C GLY C 424 -42.89 28.96 -16.31
N ASP C 425 -43.41 28.09 -17.18
CA ASP C 425 -44.59 28.39 -17.99
C ASP C 425 -45.84 28.53 -17.12
N LEU C 426 -45.96 27.73 -16.08
CA LEU C 426 -47.16 27.70 -15.26
C LEU C 426 -47.33 29.00 -14.47
N THR C 427 -48.58 29.31 -14.14
CA THR C 427 -48.98 30.45 -13.32
C THR C 427 -48.70 30.13 -11.85
N PRO C 428 -48.95 31.07 -10.93
CA PRO C 428 -48.67 30.78 -9.51
C PRO C 428 -49.55 29.73 -8.90
N GLU C 429 -50.83 29.70 -9.28
CA GLU C 429 -51.79 28.94 -8.50
C GLU C 429 -51.50 27.45 -8.57
N GLN C 430 -51.37 26.92 -9.77
CA GLN C 430 -51.19 25.48 -9.88
C GLN C 430 -49.76 25.08 -9.54
N ALA C 431 -48.80 26.00 -9.67
CA ALA C 431 -47.45 25.77 -9.15
C ALA C 431 -47.44 25.39 -7.67
N GLU C 432 -48.28 26.04 -6.85
CA GLU C 432 -48.40 25.65 -5.44
C GLU C 432 -48.98 24.24 -5.32
N GLY C 433 -49.89 23.89 -6.23
CA GLY C 433 -50.53 22.59 -6.17
C GLY C 433 -49.58 21.46 -6.53
N TYR C 434 -48.81 21.63 -7.60
CA TYR C 434 -47.94 20.58 -8.11
C TYR C 434 -46.56 20.60 -7.47
N ARG C 435 -46.30 21.47 -6.52
CA ARG C 435 -45.01 21.45 -5.84
C ARG C 435 -44.96 20.23 -4.92
N PRO C 436 -43.91 19.41 -5.00
CA PRO C 436 -43.81 18.21 -4.15
C PRO C 436 -43.32 18.55 -2.75
N ASP C 437 -44.17 18.29 -1.75
CA ASP C 437 -43.79 18.43 -0.35
C ASP C 437 -43.88 17.06 0.30
N PRO C 438 -42.75 16.39 0.57
CA PRO C 438 -42.80 15.10 1.29
C PRO C 438 -43.23 15.23 2.73
N LEU C 439 -43.35 16.45 3.27
CA LEU C 439 -43.72 16.67 4.66
C LEU C 439 -45.10 17.30 4.79
N ARG C 440 -45.98 17.04 3.83
CA ARG C 440 -47.30 17.67 3.82
C ARG C 440 -48.19 17.08 4.91
N ARG C 441 -49.14 17.89 5.37
CA ARG C 441 -49.99 17.51 6.47
C ARG C 441 -50.77 16.25 6.12
N GLY C 442 -50.76 15.27 7.03
CA GLY C 442 -51.72 14.18 6.96
C GLY C 442 -51.32 13.01 6.10
N ILE C 443 -50.08 12.99 5.62
CA ILE C 443 -49.59 11.95 4.73
C ILE C 443 -48.46 11.23 5.44
N GLN C 444 -48.62 9.94 5.71
CA GLN C 444 -47.57 9.24 6.44
C GLN C 444 -46.45 8.76 5.51
N LEU C 445 -46.78 8.28 4.32
CA LEU C 445 -45.80 7.71 3.42
C LEU C 445 -45.88 8.45 2.10
N THR C 446 -44.73 8.93 1.61
CA THR C 446 -44.64 9.64 0.35
C THR C 446 -43.82 8.80 -0.62
N VAL C 447 -44.40 8.49 -1.77
CA VAL C 447 -43.73 7.73 -2.84
C VAL C 447 -43.56 8.65 -4.03
N VAL C 448 -42.31 8.83 -4.47
CA VAL C 448 -41.97 9.66 -5.62
C VAL C 448 -41.53 8.72 -6.72
N ASP C 449 -42.18 8.82 -7.88
CA ASP C 449 -41.94 7.90 -8.98
C ASP C 449 -40.86 8.49 -9.88
N ILE C 450 -39.75 7.77 -10.05
CA ILE C 450 -38.66 8.22 -10.90
C ILE C 450 -38.25 7.19 -11.95
N HIS C 451 -38.99 6.09 -12.07
CA HIS C 451 -38.51 4.98 -12.89
C HIS C 451 -38.54 5.45 -14.34
N ALA C 452 -39.39 6.42 -14.66
CA ALA C 452 -39.50 6.89 -16.05
C ALA C 452 -38.35 7.83 -16.42
N LEU C 453 -37.76 8.49 -15.43
CA LEU C 453 -36.80 9.55 -15.66
C LEU C 453 -35.41 8.98 -15.93
N SER C 454 -34.58 9.78 -16.62
CA SER C 454 -33.18 9.44 -16.85
C SER C 454 -32.36 9.56 -15.57
N ALA C 455 -31.23 8.84 -15.55
CA ALA C 455 -30.37 8.87 -14.37
C ALA C 455 -30.07 10.29 -13.93
N HIS C 456 -29.93 11.21 -14.89
CA HIS C 456 -29.65 12.60 -14.56
C HIS C 456 -30.85 13.23 -13.87
N ALA C 457 -32.05 12.98 -14.40
CA ALA C 457 -33.25 13.47 -13.74
C ALA C 457 -33.48 12.78 -12.41
N GLN C 458 -33.14 11.49 -12.33
CA GLN C 458 -33.31 10.77 -11.08
C GLN C 458 -32.46 11.40 -9.98
N MET C 459 -31.16 11.52 -10.21
CA MET C 459 -30.27 12.11 -9.20
C MET C 459 -30.70 13.52 -8.85
N PHE C 460 -31.18 14.28 -9.84
CA PHE C 460 -31.61 15.64 -9.60
C PHE C 460 -32.82 15.65 -8.66
N VAL C 461 -33.86 14.87 -8.99
CA VAL C 461 -35.07 14.84 -8.17
C VAL C 461 -34.75 14.37 -6.76
N VAL C 462 -33.94 13.33 -6.63
CA VAL C 462 -33.57 12.85 -5.30
C VAL C 462 -32.76 13.91 -4.55
N GLY C 463 -31.87 14.60 -5.26
CA GLY C 463 -31.03 15.58 -4.60
C GLY C 463 -31.83 16.72 -3.99
N VAL C 464 -32.72 17.31 -4.80
CA VAL C 464 -33.45 18.48 -4.32
C VAL C 464 -34.40 18.11 -3.19
N LEU C 465 -35.04 16.93 -3.28
CA LEU C 465 -35.97 16.53 -2.24
C LEU C 465 -35.24 16.23 -0.94
N LEU C 466 -34.11 15.51 -1.02
CA LEU C 466 -33.37 15.21 0.20
C LEU C 466 -32.84 16.47 0.84
N ARG C 467 -32.38 17.43 0.04
CA ARG C 467 -31.85 18.66 0.60
C ARG C 467 -32.97 19.51 1.16
N GLU C 468 -34.11 19.56 0.46
CA GLU C 468 -35.23 20.38 0.94
C GLU C 468 -35.72 19.88 2.30
N VAL C 469 -35.83 18.57 2.46
CA VAL C 469 -36.24 18.01 3.75
C VAL C 469 -35.20 18.30 4.82
N PHE C 470 -33.92 18.20 4.46
CA PHE C 470 -32.87 18.44 5.45
C PHE C 470 -32.88 19.90 5.91
N GLU C 471 -32.94 20.84 4.96
CA GLU C 471 -33.00 22.25 5.31
C GLU C 471 -34.19 22.55 6.22
N TYR C 472 -35.36 22.01 5.86
CA TYR C 472 -36.57 22.28 6.65
C TYR C 472 -36.38 21.87 8.10
N LYS C 473 -35.69 20.76 8.34
CA LYS C 473 -35.50 20.32 9.72
C LYS C 473 -34.54 21.23 10.47
N GLU C 474 -33.61 21.88 9.79
CA GLU C 474 -32.78 22.88 10.45
C GLU C 474 -33.58 24.15 10.75
N ARG C 475 -34.45 24.57 9.83
CA ARG C 475 -35.27 25.75 10.07
C ARG C 475 -36.35 25.49 11.11
N VAL C 476 -37.16 24.44 10.92
CA VAL C 476 -38.30 24.23 11.79
C VAL C 476 -37.91 23.54 13.11
N GLY C 477 -36.84 22.73 13.11
CA GLY C 477 -36.51 21.87 14.24
C GLY C 477 -36.78 20.42 13.93
N ARG C 478 -36.55 19.56 14.93
CA ARG C 478 -36.65 18.11 14.70
C ARG C 478 -38.03 17.69 14.22
N GLN C 479 -39.09 18.28 14.78
CA GLN C 479 -40.48 17.95 14.44
C GLN C 479 -40.71 16.47 14.73
N ASP C 480 -41.33 15.72 13.83
CA ASP C 480 -41.42 14.27 13.91
C ASP C 480 -40.31 13.61 13.10
N THR C 481 -40.23 12.28 13.22
CA THR C 481 -39.17 11.51 12.59
C THR C 481 -39.50 11.19 11.12
N VAL C 482 -38.54 11.49 10.24
CA VAL C 482 -38.66 11.27 8.81
C VAL C 482 -37.71 10.16 8.41
N PHE C 483 -38.23 9.11 7.79
CA PHE C 483 -37.45 7.98 7.33
C PHE C 483 -37.28 8.08 5.82
N VAL C 484 -36.05 7.91 5.35
CA VAL C 484 -35.76 7.90 3.92
C VAL C 484 -35.34 6.48 3.56
N VAL C 485 -36.07 5.88 2.63
CA VAL C 485 -35.77 4.54 2.16
C VAL C 485 -35.19 4.67 0.76
N LEU C 486 -33.90 4.37 0.64
CA LEU C 486 -33.17 4.53 -0.60
C LEU C 486 -32.44 3.24 -0.92
N ASP C 487 -32.59 2.75 -2.15
CA ASP C 487 -31.95 1.53 -2.64
C ASP C 487 -30.76 1.90 -3.52
N GLU C 488 -29.89 0.91 -3.75
CA GLU C 488 -28.70 1.05 -4.59
C GLU C 488 -27.83 2.20 -4.09
N LEU C 489 -27.54 2.19 -2.78
CA LEU C 489 -26.74 3.26 -2.17
C LEU C 489 -25.41 3.49 -2.89
N ASN C 490 -24.85 2.44 -3.51
CA ASN C 490 -23.63 2.60 -4.27
C ASN C 490 -23.80 3.61 -5.40
N LYS C 491 -24.99 3.69 -6.00
CA LYS C 491 -25.22 4.60 -7.10
C LYS C 491 -25.20 6.06 -6.63
N TYR C 492 -25.89 6.34 -5.51
CA TYR C 492 -26.02 7.70 -5.02
C TYR C 492 -24.82 8.14 -4.18
N ALA C 493 -24.18 7.22 -3.47
CA ALA C 493 -23.05 7.53 -2.59
C ALA C 493 -21.92 6.54 -2.82
N PRO C 494 -21.18 6.70 -3.92
CA PRO C 494 -20.06 5.80 -4.21
C PRO C 494 -18.94 5.93 -3.17
N ARG C 495 -17.97 5.02 -3.27
CA ARG C 495 -16.93 4.99 -2.25
C ARG C 495 -15.90 6.09 -2.44
N GLU C 496 -15.54 6.41 -3.69
CA GLU C 496 -14.54 7.44 -3.95
C GLU C 496 -15.07 8.72 -4.58
N GLY C 497 -16.19 8.68 -5.28
CA GLY C 497 -16.71 9.90 -5.92
C GLY C 497 -17.03 11.02 -4.93
N ASP C 498 -17.29 12.21 -5.50
CA ASP C 498 -17.80 13.35 -4.73
C ASP C 498 -18.88 14.03 -5.55
N SER C 499 -20.08 14.16 -4.99
CA SER C 499 -21.22 14.69 -5.73
C SER C 499 -22.15 15.40 -4.77
N PRO C 500 -23.03 16.28 -5.28
CA PRO C 500 -23.94 16.97 -4.36
C PRO C 500 -24.91 16.04 -3.67
N ILE C 501 -25.37 15.03 -4.38
CA ILE C 501 -26.31 14.09 -3.78
C ILE C 501 -25.60 13.24 -2.73
N LYS C 502 -24.35 12.89 -2.98
CA LYS C 502 -23.56 12.19 -1.96
C LYS C 502 -23.36 13.08 -0.74
N ASP C 503 -23.25 14.40 -0.94
CA ASP C 503 -23.04 15.29 0.20
C ASP C 503 -24.27 15.36 1.10
N VAL C 504 -25.47 15.34 0.51
CA VAL C 504 -26.66 15.43 1.35
C VAL C 504 -26.91 14.10 2.06
N LEU C 505 -26.60 12.98 1.39
CA LEU C 505 -26.62 11.70 2.07
C LEU C 505 -25.61 11.63 3.20
N LEU C 506 -24.43 12.25 3.01
CA LEU C 506 -23.47 12.36 4.10
C LEU C 506 -24.07 13.15 5.26
N ASP C 507 -24.70 14.29 4.96
CA ASP C 507 -25.31 15.11 5.99
C ASP C 507 -26.39 14.33 6.74
N ILE C 508 -27.17 13.54 6.03
CA ILE C 508 -28.20 12.73 6.68
C ILE C 508 -27.56 11.69 7.59
N ALA C 509 -26.44 11.10 7.16
CA ALA C 509 -25.80 10.04 7.94
C ALA C 509 -25.13 10.58 9.20
N GLU C 510 -24.37 11.67 9.07
CA GLU C 510 -23.60 12.15 10.21
C GLU C 510 -24.39 13.12 11.08
N ARG C 511 -25.36 13.86 10.52
CA ARG C 511 -26.13 14.82 11.29
C ARG C 511 -27.60 14.43 11.48
N GLY C 512 -28.07 13.40 10.80
CA GLY C 512 -29.50 13.12 10.78
C GLY C 512 -30.07 12.63 12.09
N ARG C 513 -29.27 11.96 12.91
CA ARG C 513 -29.74 11.49 14.22
C ARG C 513 -30.31 12.64 15.02
N SER C 514 -29.48 13.66 15.28
CA SER C 514 -29.96 14.87 15.95
C SER C 514 -31.04 15.56 15.12
N LEU C 515 -30.93 15.52 13.81
CA LEU C 515 -31.87 16.28 13.02
C LEU C 515 -33.14 15.53 12.67
N GLY C 516 -33.31 14.30 13.15
CA GLY C 516 -34.49 13.48 12.91
C GLY C 516 -34.70 12.93 11.50
N ILE C 517 -33.70 13.00 10.62
CA ILE C 517 -33.80 12.39 9.29
C ILE C 517 -33.04 11.08 9.33
N ILE C 518 -33.75 9.97 9.19
CA ILE C 518 -33.18 8.64 9.38
C ILE C 518 -33.20 7.90 8.04
N LEU C 519 -32.09 7.25 7.70
CA LEU C 519 -31.89 6.67 6.39
C LEU C 519 -31.99 5.15 6.48
N ILE C 520 -32.95 4.57 5.76
CA ILE C 520 -33.03 3.12 5.59
C ILE C 520 -32.44 2.81 4.22
N GLY C 521 -31.13 2.50 4.19
CA GLY C 521 -30.42 2.34 2.94
C GLY C 521 -30.00 0.91 2.67
N ALA C 522 -29.98 0.55 1.39
CA ALA C 522 -29.72 -0.81 0.95
C ALA C 522 -28.77 -0.79 -0.23
N GLN C 523 -27.84 -1.74 -0.22
CA GLN C 523 -26.83 -1.86 -1.26
C GLN C 523 -26.46 -3.32 -1.38
N GLN C 524 -26.06 -3.71 -2.59
CA GLN C 524 -25.61 -5.09 -2.78
C GLN C 524 -24.36 -5.38 -1.97
N THR C 525 -23.39 -4.47 -1.95
CA THR C 525 -22.20 -4.62 -1.12
C THR C 525 -21.87 -3.29 -0.48
N ALA C 526 -21.46 -3.32 0.79
CA ALA C 526 -21.03 -2.09 1.46
C ALA C 526 -19.68 -1.59 0.97
N SER C 527 -18.87 -2.46 0.35
CA SER C 527 -17.62 -2.03 -0.25
C SER C 527 -17.79 -0.95 -1.31
N GLU C 528 -18.93 -0.88 -1.99
CA GLU C 528 -19.13 0.14 -3.02
C GLU C 528 -19.83 1.40 -2.48
N VAL C 529 -19.98 1.53 -1.17
CA VAL C 529 -20.64 2.67 -0.56
C VAL C 529 -19.62 3.41 0.31
N GLU C 530 -19.80 4.72 0.42
CA GLU C 530 -18.88 5.56 1.18
C GLU C 530 -18.78 5.08 2.63
N ARG C 531 -17.55 5.00 3.14
CA ARG C 531 -17.32 4.51 4.49
C ARG C 531 -18.07 5.34 5.54
N ARG C 532 -18.20 6.65 5.33
CA ARG C 532 -18.81 7.45 6.38
C ARG C 532 -20.31 7.21 6.49
N ILE C 533 -20.95 6.85 5.39
CA ILE C 533 -22.38 6.55 5.43
C ILE C 533 -22.64 5.22 6.11
N VAL C 534 -21.90 4.19 5.68
CA VAL C 534 -22.08 2.84 6.23
C VAL C 534 -21.67 2.79 7.70
N SER C 535 -20.61 3.52 8.06
CA SER C 535 -20.12 3.51 9.44
C SER C 535 -21.10 4.09 10.43
N ASN C 536 -22.06 4.92 9.98
CA ASN C 536 -22.99 5.58 10.89
C ASN C 536 -24.30 4.81 11.04
N ALA C 537 -24.36 3.58 10.54
CA ALA C 537 -25.58 2.79 10.64
C ALA C 537 -25.49 1.89 11.88
N ALA C 538 -26.41 2.10 12.82
CA ALA C 538 -26.44 1.32 14.05
C ALA C 538 -27.01 -0.07 13.81
N ILE C 539 -27.98 -0.18 12.91
CA ILE C 539 -28.60 -1.44 12.59
C ILE C 539 -28.04 -1.91 11.26
N ARG C 540 -27.42 -3.09 11.25
CA ARG C 540 -26.86 -3.68 10.04
C ARG C 540 -27.57 -4.99 9.72
N VAL C 541 -28.19 -5.06 8.55
CA VAL C 541 -28.99 -6.21 8.14
C VAL C 541 -28.35 -6.82 6.90
N VAL C 542 -28.23 -8.14 6.90
CA VAL C 542 -27.56 -8.87 5.83
C VAL C 542 -28.50 -9.95 5.32
N GLY C 543 -28.87 -9.86 4.06
CA GLY C 543 -29.49 -10.95 3.33
C GLY C 543 -28.43 -11.92 2.85
N ARG C 544 -28.74 -12.65 1.77
CA ARG C 544 -27.74 -13.50 1.14
C ARG C 544 -26.59 -12.63 0.62
N LEU C 545 -25.39 -12.89 1.11
CA LEU C 545 -24.19 -12.19 0.68
C LEU C 545 -23.57 -12.90 -0.51
N ASP C 546 -22.89 -12.13 -1.35
CA ASP C 546 -22.06 -12.74 -2.37
C ASP C 546 -20.93 -13.50 -1.71
N LEU C 547 -20.44 -14.52 -2.41
CA LEU C 547 -19.46 -15.42 -1.83
C LEU C 547 -18.25 -14.63 -1.38
N ALA C 548 -17.73 -13.80 -2.28
CA ALA C 548 -16.54 -13.02 -1.98
C ALA C 548 -16.80 -11.95 -0.92
N GLU C 549 -17.97 -11.32 -0.93
CA GLU C 549 -18.13 -10.12 -0.12
C GLU C 549 -18.14 -10.39 1.39
N ALA C 550 -18.33 -11.64 1.83
CA ALA C 550 -18.41 -11.88 3.26
C ALA C 550 -17.05 -11.72 3.92
N GLU C 551 -15.99 -12.03 3.18
CA GLU C 551 -14.62 -11.92 3.63
C GLU C 551 -14.14 -10.47 3.73
N ARG C 552 -14.84 -9.53 3.10
CA ARG C 552 -14.36 -8.16 3.04
C ARG C 552 -14.29 -7.55 4.44
N PRO C 553 -13.46 -6.52 4.61
CA PRO C 553 -13.37 -5.88 5.93
C PRO C 553 -14.65 -5.23 6.43
N GLU C 554 -15.60 -4.86 5.56
CA GLU C 554 -16.77 -4.10 6.00
C GLU C 554 -17.83 -5.02 6.58
N TYR C 555 -17.80 -6.30 6.22
CA TYR C 555 -18.69 -7.29 6.82
C TYR C 555 -18.02 -8.04 7.96
N ARG C 556 -17.10 -7.36 8.67
CA ARG C 556 -16.38 -8.01 9.77
C ARG C 556 -17.26 -8.26 10.98
N PHE C 557 -18.39 -7.54 11.09
CA PHE C 557 -19.35 -7.76 12.17
C PHE C 557 -20.10 -9.09 12.06
N LEU C 558 -19.99 -9.81 10.93
CA LEU C 558 -20.43 -11.20 10.87
C LEU C 558 -19.28 -12.10 11.30
N PRO C 559 -19.46 -12.92 12.34
CA PRO C 559 -18.45 -13.92 12.69
C PRO C 559 -18.18 -14.87 11.53
N GLN C 560 -16.97 -15.43 11.52
CA GLN C 560 -16.57 -16.28 10.41
C GLN C 560 -17.53 -17.46 10.24
N SER C 561 -18.11 -17.93 11.34
CA SER C 561 -19.08 -19.03 11.31
C SER C 561 -20.24 -18.73 10.38
N PHE C 562 -20.67 -17.48 10.30
CA PHE C 562 -21.85 -17.14 9.52
C PHE C 562 -21.59 -17.14 8.02
N ARG C 563 -20.33 -17.10 7.60
CA ARG C 563 -20.04 -16.79 6.20
C ARG C 563 -20.54 -17.89 5.28
N GLY C 564 -20.19 -19.14 5.58
CA GLY C 564 -20.70 -20.23 4.77
C GLY C 564 -22.22 -20.29 4.79
N ARG C 565 -22.81 -20.05 5.95
CA ARG C 565 -24.27 -20.02 6.04
C ARG C 565 -24.85 -18.86 5.25
N ALA C 566 -24.21 -17.69 5.32
CA ALA C 566 -24.75 -16.49 4.68
C ALA C 566 -24.72 -16.57 3.17
N GLY C 567 -23.87 -17.44 2.61
CA GLY C 567 -23.82 -17.56 1.16
C GLY C 567 -25.07 -18.16 0.55
N ILE C 568 -25.83 -18.93 1.34
CA ILE C 568 -26.93 -19.72 0.83
C ILE C 568 -28.28 -19.29 1.41
N LEU C 569 -28.34 -18.14 2.08
CA LEU C 569 -29.58 -17.68 2.69
C LEU C 569 -30.71 -17.59 1.67
N GLN C 570 -31.90 -18.03 2.07
CA GLN C 570 -33.02 -18.02 1.14
C GLN C 570 -33.68 -16.66 1.18
N PRO C 571 -34.33 -16.24 0.09
CA PRO C 571 -35.01 -14.95 0.11
C PRO C 571 -36.01 -14.86 1.26
N GLY C 572 -36.05 -13.69 1.89
CA GLY C 572 -36.87 -13.47 3.06
C GLY C 572 -36.16 -13.72 4.36
N THR C 573 -34.95 -14.25 4.31
CA THR C 573 -34.19 -14.69 5.48
C THR C 573 -33.05 -13.71 5.68
N MET C 574 -33.04 -13.04 6.82
CA MET C 574 -32.12 -11.95 7.05
C MET C 574 -31.41 -12.13 8.38
N LEU C 575 -30.16 -11.67 8.43
CA LEU C 575 -29.40 -11.59 9.68
C LEU C 575 -29.35 -10.12 10.12
N VAL C 576 -29.94 -9.81 11.28
CA VAL C 576 -29.94 -8.44 11.80
C VAL C 576 -28.97 -8.34 12.98
N SER C 577 -28.11 -7.33 12.92
CA SER C 577 -27.12 -7.06 13.95
C SER C 577 -27.41 -5.68 14.52
N GLN C 578 -27.55 -5.59 15.83
CA GLN C 578 -27.85 -4.34 16.51
C GLN C 578 -26.93 -4.19 17.71
N PRO C 579 -26.73 -2.94 18.18
CA PRO C 579 -25.71 -2.71 19.22
C PRO C 579 -25.96 -3.46 20.52
N ASP C 580 -27.21 -3.68 20.89
CA ASP C 580 -27.50 -4.26 22.20
C ASP C 580 -27.03 -5.70 22.29
N VAL C 581 -27.11 -6.46 21.19
CA VAL C 581 -26.78 -7.88 21.17
C VAL C 581 -25.47 -8.08 20.42
N PRO C 582 -24.54 -8.90 20.93
CA PRO C 582 -23.21 -8.95 20.33
C PRO C 582 -23.17 -9.60 18.95
N ASN C 583 -23.75 -10.76 18.82
CA ASN C 583 -23.63 -11.40 17.53
C ASN C 583 -24.93 -11.29 16.75
N PRO C 584 -24.89 -11.45 15.42
CA PRO C 584 -26.12 -11.30 14.63
C PRO C 584 -27.16 -12.37 14.96
N VAL C 585 -28.41 -12.04 14.66
CA VAL C 585 -29.56 -12.90 14.90
C VAL C 585 -30.28 -13.16 13.57
N LEU C 586 -30.33 -14.44 13.19
CA LEU C 586 -31.12 -14.83 12.03
C LEU C 586 -32.60 -14.58 12.30
N VAL C 587 -33.33 -14.18 11.25
CA VAL C 587 -34.71 -13.73 11.40
C VAL C 587 -35.46 -13.98 10.09
N ASN C 588 -36.77 -14.11 10.20
CA ASN C 588 -37.69 -14.16 9.07
C ASN C 588 -38.75 -13.11 9.26
N TYR C 589 -39.31 -12.64 8.15
CA TYR C 589 -40.30 -11.59 8.22
C TYR C 589 -41.49 -11.91 7.33
N PRO C 590 -42.69 -11.46 7.72
CA PRO C 590 -43.90 -11.77 6.94
C PRO C 590 -43.84 -11.34 5.49
N PHE C 591 -44.64 -12.01 4.67
CA PHE C 591 -44.86 -11.51 3.33
C PHE C 591 -45.62 -10.19 3.41
N PRO C 592 -45.48 -9.33 2.39
CA PRO C 592 -46.07 -7.98 2.48
C PRO C 592 -47.59 -8.02 2.53
N ALA C 593 -48.14 -7.35 3.54
CA ALA C 593 -49.58 -7.13 3.63
C ALA C 593 -50.08 -6.06 2.69
N TRP C 594 -49.18 -5.38 2.00
CA TRP C 594 -49.45 -4.33 1.04
C TRP C 594 -49.10 -4.82 -0.35
N ALA C 595 -49.72 -4.23 -1.36
CA ALA C 595 -49.51 -4.69 -2.72
C ALA C 595 -48.20 -4.14 -3.25
N THR C 596 -47.36 -5.04 -3.76
CA THR C 596 -46.13 -4.64 -4.40
C THR C 596 -46.17 -4.84 -5.91
N ARG C 597 -47.32 -5.20 -6.46
CA ARG C 597 -47.44 -5.47 -7.89
C ARG C 597 -48.86 -5.12 -8.32
N ARG C 598 -49.06 -5.01 -9.63
CA ARG C 598 -50.39 -4.60 -10.17
C ARG C 598 -51.42 -5.73 -10.09
N ASP C 599 -50.97 -6.99 -10.09
CA ASP C 599 -51.91 -8.10 -10.05
C ASP C 599 -52.20 -8.58 -8.63
N GLU C 600 -51.54 -8.01 -7.62
CA GLU C 600 -51.82 -8.28 -6.21
C GLU C 600 -52.94 -7.41 -5.65
N VAL C 601 -53.51 -6.55 -6.50
CA VAL C 601 -54.61 -5.64 -6.10
C VAL C 601 -55.93 -6.17 -6.67
N ASP C 602 -57.00 -6.16 -5.87
CA ASP C 602 -58.32 -6.63 -6.34
C ASP C 602 -59.11 -5.43 -6.87
N ASP C 603 -59.39 -5.42 -8.18
CA ASP C 603 -60.12 -4.29 -8.83
C ASP C 603 -60.84 -4.81 -10.08
N ASP D 13 29.91 -26.97 39.00
CA ASP D 13 30.57 -26.63 37.73
C ASP D 13 29.86 -27.30 36.56
N ALA D 14 28.79 -27.99 36.85
CA ALA D 14 27.95 -28.59 35.82
C ALA D 14 26.53 -28.19 36.17
N ILE D 15 25.84 -27.54 35.23
CA ILE D 15 24.45 -27.16 35.41
C ILE D 15 23.50 -28.02 34.60
N GLY D 16 23.99 -28.85 33.70
CA GLY D 16 23.09 -29.63 32.90
C GLY D 16 23.83 -30.51 31.92
N MET D 17 23.04 -31.29 31.18
CA MET D 17 23.57 -32.09 30.08
C MET D 17 22.70 -31.88 28.85
N VAL D 18 23.37 -31.77 27.69
CA VAL D 18 22.66 -31.55 26.44
C VAL D 18 21.64 -32.65 26.25
N LEU D 19 20.42 -32.25 25.92
CA LEU D 19 19.30 -33.16 25.82
C LEU D 19 19.15 -33.68 24.39
N GLY D 20 18.85 -34.97 24.26
CA GLY D 20 18.62 -35.56 22.95
C GLY D 20 17.16 -35.80 22.63
N THR D 21 16.27 -35.47 23.58
CA THR D 21 14.83 -35.58 23.36
C THR D 21 14.29 -34.42 22.54
N GLU D 22 15.05 -33.34 22.46
CA GLU D 22 14.85 -32.27 21.50
C GLU D 22 16.06 -32.24 20.59
N ASP D 23 15.86 -31.82 19.34
CA ASP D 23 16.95 -31.87 18.38
C ASP D 23 18.10 -30.99 18.84
N VAL D 24 19.33 -31.45 18.62
CA VAL D 24 20.53 -30.69 18.91
C VAL D 24 21.08 -30.17 17.60
N THR D 25 21.08 -28.85 17.43
CA THR D 25 21.60 -28.22 16.23
C THR D 25 22.75 -27.28 16.59
N PRO D 26 23.49 -26.76 15.60
CA PRO D 26 24.59 -25.83 15.94
C PRO D 26 24.10 -24.50 16.45
N THR D 27 22.91 -24.09 16.05
CA THR D 27 22.44 -22.75 16.40
C THR D 27 21.50 -22.78 17.61
N VAL D 28 20.79 -23.88 17.79
CA VAL D 28 19.77 -24.00 18.83
C VAL D 28 19.82 -25.40 19.42
N PHE D 29 19.80 -25.48 20.74
CA PHE D 29 19.66 -26.78 21.38
C PHE D 29 19.10 -26.61 22.77
N TRP D 30 18.76 -27.73 23.37
CA TRP D 30 18.25 -27.79 24.73
C TRP D 30 19.24 -28.53 25.61
N PHE D 31 19.11 -28.29 26.92
CA PHE D 31 19.84 -29.06 27.90
C PHE D 31 18.95 -29.23 29.12
N ALA D 32 19.17 -30.34 29.84
CA ALA D 32 18.42 -30.65 31.05
C ALA D 32 19.15 -30.11 32.26
N VAL D 33 18.45 -29.32 33.09
CA VAL D 33 19.08 -28.70 34.25
C VAL D 33 19.31 -29.75 35.34
N SER D 34 20.57 -29.92 35.74
CA SER D 34 20.89 -30.93 36.73
C SER D 34 20.34 -30.54 38.11
N HIS D 35 20.15 -31.56 38.94
CA HIS D 35 19.54 -31.34 40.25
C HIS D 35 20.42 -30.41 41.08
N GLY D 36 19.77 -29.53 41.84
CA GLY D 36 20.51 -28.61 42.67
C GLY D 36 21.00 -27.38 41.95
N ALA D 37 20.60 -27.16 40.70
CA ALA D 37 21.04 -26.00 39.96
C ALA D 37 19.82 -25.28 39.40
N SER D 38 19.88 -23.95 39.34
CA SER D 38 18.79 -23.15 38.80
C SER D 38 19.28 -22.35 37.60
N VAL D 39 18.50 -22.36 36.54
CA VAL D 39 18.87 -21.70 35.31
C VAL D 39 17.82 -20.64 34.99
N GLY D 40 18.27 -19.40 34.89
CA GLY D 40 17.37 -18.31 34.59
C GLY D 40 17.18 -18.09 33.11
N LEU D 41 16.28 -17.17 32.79
CA LEU D 41 15.87 -17.05 31.39
C LEU D 41 16.92 -16.33 30.56
N ASP D 42 17.74 -15.48 31.15
CA ASP D 42 18.73 -14.75 30.35
C ASP D 42 20.17 -15.20 30.61
N ASP D 43 20.37 -16.43 31.07
CA ASP D 43 21.69 -16.83 31.56
C ASP D 43 22.64 -17.17 30.41
N LEU D 44 23.92 -16.89 30.62
CA LEU D 44 24.95 -17.15 29.64
C LEU D 44 25.61 -18.49 29.96
N VAL D 45 25.61 -19.40 28.98
CA VAL D 45 26.03 -20.80 29.15
C VAL D 45 27.07 -21.14 28.09
N VAL D 46 27.99 -22.03 28.46
CA VAL D 46 29.00 -22.53 27.53
C VAL D 46 28.94 -24.06 27.54
N VAL D 47 29.01 -24.66 26.34
CA VAL D 47 28.96 -26.10 26.16
C VAL D 47 30.16 -26.46 25.31
N GLU D 48 30.84 -27.55 25.66
CA GLU D 48 31.96 -28.01 24.88
C GLU D 48 31.70 -29.44 24.41
N THR D 49 31.91 -29.68 23.12
CA THR D 49 31.76 -30.98 22.47
C THR D 49 33.11 -31.40 21.89
N ARG D 50 33.25 -32.69 21.58
CA ARG D 50 34.48 -33.23 21.00
C ARG D 50 34.18 -33.90 19.67
N LYS D 51 34.93 -33.53 18.64
CA LYS D 51 34.85 -34.15 17.33
C LYS D 51 35.32 -35.60 17.40
N PRO D 52 34.98 -36.42 16.41
CA PRO D 52 35.53 -37.78 16.38
C PRO D 52 37.05 -37.81 16.45
N ASP D 53 37.74 -36.82 15.89
CA ASP D 53 39.21 -36.84 15.92
C ASP D 53 39.79 -36.27 17.19
N GLY D 54 38.93 -35.90 18.15
CA GLY D 54 39.34 -35.42 19.43
C GLY D 54 39.48 -33.92 19.55
N THR D 55 39.16 -33.17 18.50
CA THR D 55 39.24 -31.72 18.54
C THR D 55 38.11 -31.16 19.39
N PRO D 56 38.38 -30.22 20.30
CA PRO D 56 37.27 -29.61 21.06
C PRO D 56 36.66 -28.42 20.34
N VAL D 57 35.34 -28.30 20.45
CA VAL D 57 34.59 -27.19 19.89
C VAL D 57 33.70 -26.59 20.98
N ARG D 58 33.79 -25.27 21.17
CA ARG D 58 33.06 -24.60 22.24
C ARG D 58 31.85 -23.87 21.67
N PHE D 59 30.71 -24.00 22.35
CA PHE D 59 29.48 -23.29 21.97
C PHE D 59 29.11 -22.33 23.08
N TYR D 60 29.20 -21.04 22.81
CA TYR D 60 28.77 -20.04 23.77
C TYR D 60 27.36 -19.61 23.40
N GLY D 61 26.52 -19.43 24.41
CA GLY D 61 25.11 -19.23 24.13
C GLY D 61 24.38 -18.59 25.28
N LEU D 62 23.10 -18.33 25.04
CA LEU D 62 22.22 -17.62 25.94
C LEU D 62 20.89 -18.36 25.99
N VAL D 63 20.33 -18.52 27.18
CA VAL D 63 19.05 -19.22 27.32
C VAL D 63 17.96 -18.32 26.78
N ASP D 64 17.00 -18.88 26.02
CA ASP D 64 15.88 -18.07 25.58
C ASP D 64 14.53 -18.66 25.94
N ASN D 65 14.50 -19.90 26.41
CA ASN D 65 13.30 -20.58 26.85
C ASN D 65 13.70 -21.47 28.00
N VAL D 66 12.80 -21.61 28.96
CA VAL D 66 13.02 -22.47 30.11
C VAL D 66 11.66 -22.98 30.56
N ARG D 67 11.60 -24.23 31.02
CA ARG D 67 10.31 -24.85 31.28
C ARG D 67 10.45 -25.93 32.34
N LYS D 68 9.30 -26.30 32.92
CA LYS D 68 9.23 -27.46 33.80
C LYS D 68 8.00 -28.29 33.45
N ARG D 69 8.16 -29.62 33.43
CA ARG D 69 7.08 -30.56 33.12
C ARG D 69 7.00 -31.66 34.17
N HIS D 70 5.88 -32.38 34.19
CA HIS D 70 5.77 -33.69 34.84
C HIS D 70 5.89 -34.77 33.79
N GLU D 71 6.77 -35.74 34.06
CA GLU D 71 6.95 -36.92 33.20
C GLU D 71 6.02 -38.04 33.70
N GLY D 72 5.24 -38.64 32.79
CA GLY D 72 4.39 -39.80 33.09
C GLY D 72 3.22 -39.53 34.04
N VAL D 73 2.92 -38.27 34.36
CA VAL D 73 1.76 -38.00 35.27
C VAL D 73 0.48 -38.46 34.58
N THR D 74 0.35 -38.20 33.27
CA THR D 74 -0.79 -38.58 32.37
C THR D 74 -2.07 -37.78 32.64
N PHE D 75 -2.62 -37.84 33.84
CA PHE D 75 -3.87 -37.10 34.17
C PHE D 75 -3.54 -35.92 35.09
N GLU D 76 -4.07 -34.73 34.81
CA GLU D 76 -3.77 -33.59 35.72
C GLU D 76 -4.65 -33.71 36.97
N SER D 77 -5.69 -34.55 36.89
CA SER D 77 -6.57 -34.79 38.02
C SER D 77 -5.62 -35.39 39.04
N ASP D 78 -4.55 -36.05 38.59
CA ASP D 78 -3.64 -36.74 39.49
C ASP D 78 -2.76 -35.78 40.28
N VAL D 79 -2.69 -34.50 39.89
CA VAL D 79 -1.58 -33.63 40.31
C VAL D 79 -1.43 -33.61 41.82
N GLU D 80 -2.54 -33.45 42.54
CA GLU D 80 -2.49 -33.42 44.00
C GLU D 80 -1.96 -34.74 44.57
N ASP D 81 -2.50 -35.87 44.12
CA ASP D 81 -1.96 -37.18 44.49
C ASP D 81 -0.49 -37.29 44.14
N VAL D 82 -0.10 -36.82 42.95
CA VAL D 82 1.28 -36.94 42.48
C VAL D 82 2.22 -36.13 43.38
N VAL D 83 1.77 -34.95 43.82
CA VAL D 83 2.61 -34.12 44.69
C VAL D 83 2.75 -34.73 46.08
N ALA D 84 1.73 -35.47 46.53
CA ALA D 84 1.81 -36.12 47.83
C ALA D 84 2.89 -37.22 47.87
N GLY D 85 3.22 -37.76 46.70
CA GLY D 85 4.25 -38.82 46.60
C GLY D 85 3.64 -40.19 46.42
N LEU D 86 2.31 -40.26 46.32
CA LEU D 86 1.59 -41.55 46.14
C LEU D 86 1.83 -42.06 44.71
N LEU D 87 1.73 -41.17 43.73
CA LEU D 87 1.89 -41.52 42.33
C LEU D 87 3.30 -41.25 41.83
N PRO D 88 3.76 -41.98 40.80
CA PRO D 88 5.15 -41.82 40.33
C PRO D 88 5.33 -40.71 39.31
N ALA D 89 6.08 -39.67 39.66
CA ALA D 89 6.42 -38.67 38.66
C ALA D 89 7.70 -37.95 39.03
N SER D 90 8.38 -37.45 38.02
CA SER D 90 9.60 -36.67 38.17
C SER D 90 9.40 -35.32 37.52
N VAL D 91 10.00 -34.30 38.09
CA VAL D 91 9.92 -32.96 37.54
C VAL D 91 11.05 -32.78 36.52
N SER D 92 10.70 -32.23 35.37
CA SER D 92 11.61 -32.08 34.25
C SER D 92 11.97 -30.61 34.08
N TYR D 93 13.23 -30.29 34.28
CA TYR D 93 13.70 -28.90 34.28
C TYR D 93 14.61 -28.74 33.08
N ALA D 94 14.15 -28.01 32.07
CA ALA D 94 14.83 -27.94 30.78
C ALA D 94 14.94 -26.50 30.30
N ALA D 95 16.03 -26.22 29.60
CA ALA D 95 16.29 -24.90 29.07
C ALA D 95 16.71 -25.01 27.60
N ARG D 96 16.40 -23.97 26.83
CA ARG D 96 16.80 -23.90 25.43
C ARG D 96 17.92 -22.88 25.26
N VAL D 97 18.96 -23.23 24.53
CA VAL D 97 20.14 -22.37 24.40
C VAL D 97 20.16 -21.78 23.00
N LEU D 98 20.34 -20.47 22.91
CA LEU D 98 20.45 -19.76 21.65
C LEU D 98 21.92 -19.43 21.47
N VAL D 99 22.57 -20.07 20.50
CA VAL D 99 24.01 -19.97 20.35
C VAL D 99 24.39 -18.59 19.80
N THR D 100 25.26 -17.88 20.54
CA THR D 100 25.77 -16.59 20.10
C THR D 100 27.15 -16.70 19.45
N ARG D 101 28.00 -17.63 19.91
CA ARG D 101 29.35 -17.77 19.37
C ARG D 101 29.72 -19.26 19.34
N VAL D 102 30.56 -19.62 18.36
CA VAL D 102 31.14 -20.96 18.23
C VAL D 102 32.62 -20.75 17.97
N ASP D 103 33.48 -21.21 18.90
CA ASP D 103 34.82 -20.62 18.98
C ASP D 103 35.70 -21.05 17.83
N PRO D 104 36.01 -22.34 17.66
CA PRO D 104 36.68 -22.74 16.42
C PRO D 104 35.80 -22.51 15.20
N GLU D 105 34.46 -22.42 15.36
CA GLU D 105 33.52 -22.13 14.27
C GLU D 105 33.44 -23.30 13.29
N ASN D 106 33.20 -24.48 13.87
CA ASN D 106 32.68 -25.61 13.11
C ASN D 106 31.20 -25.74 13.45
N PHE D 107 30.34 -25.48 12.49
CA PHE D 107 28.90 -25.58 12.73
C PHE D 107 28.50 -27.05 12.73
N ILE D 108 28.91 -27.74 13.80
CA ILE D 108 28.52 -29.13 14.03
C ILE D 108 27.56 -29.13 15.22
N PRO D 109 26.69 -30.12 15.36
CA PRO D 109 25.81 -30.14 16.52
C PRO D 109 26.54 -30.68 17.75
N PRO D 110 26.36 -30.04 18.92
CA PRO D 110 26.91 -30.60 20.15
C PRO D 110 26.37 -32.00 20.42
N GLN D 111 27.14 -32.78 21.14
CA GLN D 111 26.61 -34.12 21.32
C GLN D 111 25.73 -34.18 22.57
N PRO D 112 24.62 -34.91 22.54
CA PRO D 112 23.82 -35.07 23.76
C PRO D 112 24.64 -35.72 24.86
N GLY D 113 24.39 -35.28 26.09
CA GLY D 113 25.20 -35.72 27.20
C GLY D 113 26.39 -34.84 27.50
N ASP D 114 26.74 -33.91 26.62
CA ASP D 114 27.78 -32.95 26.96
C ASP D 114 27.36 -32.10 28.15
N HIS D 115 28.35 -31.64 28.89
CA HIS D 115 28.10 -30.84 30.09
C HIS D 115 27.96 -29.37 29.73
N VAL D 116 26.90 -28.77 30.26
CA VAL D 116 26.61 -27.35 30.16
C VAL D 116 27.03 -26.69 31.46
N ARG D 117 27.67 -25.53 31.37
CA ARG D 117 28.04 -24.79 32.56
C ARG D 117 27.75 -23.30 32.36
N HIS D 118 27.59 -22.60 33.47
CA HIS D 118 27.44 -21.15 33.42
C HIS D 118 28.71 -20.53 32.86
N ALA D 119 28.53 -19.39 32.18
CA ALA D 119 29.66 -18.73 31.56
C ALA D 119 30.65 -18.26 32.64
N ALA D 120 31.87 -18.78 32.57
CA ALA D 120 32.92 -18.48 33.53
C ALA D 120 33.67 -17.23 33.12
N GLY D 121 34.71 -16.89 33.89
CA GLY D 121 35.42 -15.63 33.70
C GLY D 121 35.89 -15.41 32.28
N ARG D 122 36.87 -16.21 31.83
CA ARG D 122 37.29 -16.17 30.43
C ARG D 122 36.13 -16.55 29.49
N GLU D 123 35.35 -17.58 29.83
CA GLU D 123 34.22 -17.97 28.98
C GLU D 123 33.19 -16.83 28.84
N LEU D 124 32.95 -16.08 29.92
CA LEU D 124 32.03 -14.94 29.82
C LEU D 124 32.56 -13.90 28.85
N ALA D 125 33.87 -13.64 28.90
CA ALA D 125 34.46 -12.71 27.95
C ALA D 125 34.22 -13.19 26.53
N MET D 126 34.42 -14.47 26.30
CA MET D 126 34.20 -15.03 24.97
C MET D 126 32.74 -14.91 24.56
N ALA D 127 31.83 -15.20 25.50
CA ALA D 127 30.40 -15.19 25.20
C ALA D 127 29.90 -13.80 24.84
N LEU D 128 30.45 -12.77 25.49
CA LEU D 128 30.07 -11.39 25.25
C LEU D 128 31.04 -10.66 24.32
N SER D 129 31.84 -11.41 23.55
CA SER D 129 32.72 -10.84 22.52
C SER D 129 33.69 -9.80 23.08
N ALA D 130 34.16 -10.01 24.32
CA ALA D 130 35.07 -9.04 24.94
C ALA D 130 36.42 -9.00 24.24
N ASP D 131 36.85 -10.13 23.66
CA ASP D 131 38.10 -10.17 22.92
C ASP D 131 38.07 -9.23 21.73
N LYS D 132 36.90 -8.96 21.16
CA LYS D 132 36.81 -8.04 20.04
C LYS D 132 37.01 -6.60 20.50
N MET D 133 36.58 -6.29 21.72
CA MET D 133 36.76 -4.93 22.30
C MET D 133 37.85 -5.06 23.37
N GLU D 134 39.11 -5.20 22.94
CA GLU D 134 40.23 -5.49 23.88
C GLU D 134 40.45 -4.38 24.92
N GLU D 135 40.48 -3.10 24.53
CA GLU D 135 40.72 -2.06 25.57
C GLU D 135 39.59 -1.05 25.54
N ALA D 136 38.65 -1.24 24.62
CA ALA D 136 37.52 -0.32 24.53
C ALA D 136 36.32 -0.75 25.38
N ALA D 137 36.41 -1.90 26.03
CA ALA D 137 35.31 -2.35 26.86
C ALA D 137 35.23 -1.50 28.12
N PHE D 138 34.02 -1.12 28.48
CA PHE D 138 33.79 -0.33 29.67
C PHE D 138 32.45 -0.78 30.24
N PRO D 139 32.21 -0.61 31.53
CA PRO D 139 30.99 -1.16 32.14
C PRO D 139 29.72 -0.59 31.50
N GLY D 140 28.85 -1.49 31.05
CA GLY D 140 27.53 -1.12 30.54
C GLY D 140 26.40 -1.53 31.48
N GLY D 141 26.77 -2.17 32.58
CA GLY D 141 25.82 -2.51 33.63
C GLY D 141 26.23 -3.78 34.32
N LEU D 142 25.27 -4.37 35.04
CA LEU D 142 25.48 -5.61 35.78
C LEU D 142 24.60 -6.74 35.24
N LEU D 143 25.20 -7.91 35.07
CA LEU D 143 24.52 -9.15 34.72
C LEU D 143 23.92 -9.83 35.94
N ALA D 144 23.21 -10.94 35.69
CA ALA D 144 22.55 -11.68 36.77
C ALA D 144 23.52 -12.10 37.85
N ASP D 145 24.64 -12.71 37.45
CA ASP D 145 25.66 -13.22 38.37
C ASP D 145 26.39 -12.08 39.10
N GLY D 146 26.13 -10.83 38.72
CA GLY D 146 26.80 -9.70 39.30
C GLY D 146 28.08 -9.31 38.60
N GLN D 147 28.41 -9.94 37.49
CA GLN D 147 29.61 -9.52 36.79
C GLN D 147 29.25 -8.39 35.81
N PRO D 148 30.21 -7.53 35.43
CA PRO D 148 29.88 -6.42 34.53
C PRO D 148 29.72 -6.85 33.08
N LEU D 149 28.85 -6.13 32.35
CA LEU D 149 28.63 -6.33 30.92
C LEU D 149 29.53 -5.41 30.13
N PRO D 150 30.46 -5.93 29.32
CA PRO D 150 31.37 -5.06 28.57
C PRO D 150 30.65 -4.42 27.39
N LEU D 151 30.83 -3.11 27.23
CA LEU D 151 30.26 -2.35 26.13
C LEU D 151 31.41 -1.83 25.28
N ASN D 152 31.27 -1.89 23.97
CA ASN D 152 32.37 -1.45 23.13
C ASN D 152 32.25 0.05 22.91
N PHE D 153 33.11 0.83 23.58
CA PHE D 153 33.09 2.29 23.43
C PHE D 153 33.31 2.70 21.98
N ARG D 154 33.94 1.86 21.15
CA ARG D 154 34.22 2.27 19.78
C ARG D 154 32.97 2.30 18.91
N PHE D 155 31.89 1.66 19.35
CA PHE D 155 30.60 1.78 18.67
C PHE D 155 29.75 2.90 19.23
N ILE D 156 30.25 3.64 20.21
CA ILE D 156 29.55 4.78 20.79
C ILE D 156 30.23 6.08 20.40
N ASN D 157 31.55 6.12 20.34
CA ASN D 157 32.27 7.37 20.11
C ASN D 157 32.52 7.65 18.64
N GLY D 158 32.09 6.78 17.75
CA GLY D 158 32.15 7.08 16.34
C GLY D 158 33.25 6.38 15.58
N GLU D 159 34.18 5.71 16.27
CA GLU D 159 35.31 5.09 15.60
C GLU D 159 34.85 4.05 14.59
N SER D 160 34.16 3.03 15.06
CA SER D 160 33.70 1.99 14.11
C SER D 160 32.18 1.90 14.14
N GLY D 161 31.57 2.65 15.07
CA GLY D 161 30.10 2.67 15.25
C GLY D 161 29.52 4.03 15.61
N GLY D 162 28.19 4.10 15.70
CA GLY D 162 27.43 5.35 15.88
C GLY D 162 27.02 5.76 17.27
N HIS D 163 25.72 6.04 17.43
CA HIS D 163 25.15 6.64 18.68
C HIS D 163 24.41 5.61 19.51
N ILE D 164 23.71 6.07 20.56
CA ILE D 164 22.94 5.18 21.47
C ILE D 164 21.46 5.54 21.37
N ASN D 165 20.56 4.55 21.43
CA ASN D 165 19.14 4.85 21.38
C ASN D 165 18.42 4.03 22.44
N ILE D 166 17.78 4.69 23.39
CA ILE D 166 17.16 4.01 24.52
C ILE D 166 15.65 4.07 24.36
N SER D 167 14.99 2.96 24.60
CA SER D 167 13.56 2.90 24.32
C SER D 167 12.85 2.22 25.49
N GLY D 168 11.63 2.70 25.81
CA GLY D 168 10.91 2.17 26.94
C GLY D 168 9.69 2.99 27.31
N ILE D 169 8.73 2.42 28.04
CA ILE D 169 7.54 3.18 28.43
C ILE D 169 7.93 4.27 29.41
N SER D 170 7.67 5.52 29.06
CA SER D 170 8.04 6.61 29.95
C SER D 170 7.21 6.56 31.22
N GLY D 171 7.88 6.75 32.36
CA GLY D 171 7.28 6.64 33.69
C GLY D 171 7.59 5.30 34.34
N VAL D 172 7.51 4.24 33.56
CA VAL D 172 7.84 2.90 34.06
C VAL D 172 9.28 2.55 33.76
N ALA D 173 9.67 2.62 32.48
CA ALA D 173 11.05 2.36 32.13
C ALA D 173 11.93 3.47 32.67
N THR D 174 13.12 3.09 33.07
CA THR D 174 14.05 3.98 33.75
C THR D 174 15.06 4.58 32.75
N LYS D 175 14.55 5.19 31.67
CA LYS D 175 15.41 5.48 30.50
C LYS D 175 16.53 6.45 30.84
N THR D 176 16.18 7.65 31.33
CA THR D 176 17.19 8.68 31.59
C THR D 176 18.18 8.25 32.67
N SER D 177 17.70 7.52 33.68
CA SER D 177 18.59 7.03 34.72
C SER D 177 19.66 6.11 34.14
N TYR D 178 19.29 5.33 33.12
CA TYR D 178 20.28 4.51 32.46
C TYR D 178 21.20 5.36 31.59
N ALA D 179 20.66 6.41 30.99
CA ALA D 179 21.48 7.32 30.21
C ALA D 179 22.53 7.98 31.08
N LEU D 180 22.11 8.54 32.22
CA LEU D 180 23.06 9.15 33.12
C LEU D 180 24.07 8.13 33.62
N PHE D 181 23.63 6.89 33.85
CA PHE D 181 24.56 5.86 34.26
C PHE D 181 25.64 5.62 33.21
N LEU D 182 25.24 5.57 31.94
CA LEU D 182 26.23 5.40 30.88
C LEU D 182 27.22 6.55 30.87
N LEU D 183 26.72 7.79 30.92
CA LEU D 183 27.62 8.93 30.98
C LEU D 183 28.60 8.78 32.13
N HIS D 184 28.09 8.44 33.33
CA HIS D 184 28.96 8.21 34.47
C HIS D 184 30.00 7.15 34.16
N SER D 185 29.56 6.00 33.63
CA SER D 185 30.50 4.93 33.33
C SER D 185 31.53 5.38 32.29
N ILE D 186 31.11 6.13 31.28
CA ILE D 186 32.04 6.58 30.23
C ILE D 186 33.10 7.51 30.82
N PHE D 187 32.67 8.47 31.63
CA PHE D 187 33.61 9.43 32.17
C PHE D 187 34.53 8.77 33.20
N ARG D 188 33.96 8.03 34.14
CA ARG D 188 34.77 7.55 35.26
C ARG D 188 35.60 6.31 34.94
N SER D 189 35.21 5.49 33.98
CA SER D 189 35.90 4.22 33.76
C SER D 189 37.31 4.39 33.23
N GLY D 190 37.65 5.55 32.71
CA GLY D 190 38.91 5.66 32.02
C GLY D 190 38.90 5.15 30.61
N VAL D 191 37.74 4.74 30.09
CA VAL D 191 37.70 4.17 28.76
C VAL D 191 38.15 5.18 27.72
N MET D 192 38.11 6.47 28.05
CA MET D 192 38.46 7.47 27.05
C MET D 192 39.96 7.54 26.83
N ASP D 193 40.73 7.34 27.91
CA ASP D 193 42.18 7.41 27.76
C ASP D 193 42.68 6.20 26.99
N ARG D 194 42.11 5.02 27.26
CA ARG D 194 42.50 3.81 26.55
C ARG D 194 42.25 3.93 25.06
N THR D 195 41.08 4.45 24.67
CA THR D 195 40.73 4.54 23.26
C THR D 195 41.60 5.56 22.54
N ALA D 196 41.87 6.70 23.17
CA ALA D 196 42.74 7.71 22.56
C ALA D 196 44.14 7.16 22.32
N GLN D 197 44.67 6.41 23.29
CA GLN D 197 46.01 5.83 23.20
C GLN D 197 46.16 4.96 21.95
N THR D 206 43.38 15.18 22.40
CA THR D 206 42.06 14.79 21.90
C THR D 206 41.52 13.57 22.69
N ALA D 207 41.71 13.59 24.01
CA ALA D 207 41.38 12.45 24.86
C ALA D 207 40.32 12.80 25.89
N GLY D 208 39.46 13.77 25.59
CA GLY D 208 38.49 14.28 26.53
C GLY D 208 37.07 13.89 26.16
N GLY D 209 36.16 14.14 27.11
CA GLY D 209 34.73 13.91 26.93
C GLY D 209 33.84 14.97 27.55
N ARG D 210 32.77 15.34 26.85
CA ARG D 210 31.81 16.35 27.29
C ARG D 210 30.40 15.85 27.11
N ALA D 211 29.46 16.43 27.86
CA ALA D 211 28.05 16.11 27.67
C ALA D 211 27.16 17.34 27.83
N LEU D 212 26.07 17.36 27.06
CA LEU D 212 25.06 18.44 27.10
C LEU D 212 23.69 17.82 27.34
N ILE D 213 23.09 18.07 28.50
CA ILE D 213 21.75 17.51 28.82
C ILE D 213 20.61 18.52 28.96
N PHE D 214 19.48 18.27 28.29
CA PHE D 214 18.31 19.19 28.31
C PHE D 214 17.38 18.68 29.41
N ASN D 215 17.08 19.54 30.39
CA ASN D 215 16.26 19.17 31.52
C ASN D 215 14.85 19.61 31.20
N VAL D 216 14.09 18.67 30.62
CA VAL D 216 12.65 18.91 30.29
C VAL D 216 11.82 18.42 31.47
N LYS D 217 12.38 17.49 32.25
CA LYS D 217 11.72 16.99 33.49
C LYS D 217 11.77 18.16 34.47
N GLY D 218 10.78 18.33 35.34
CA GLY D 218 10.83 19.54 36.17
C GLY D 218 11.79 19.44 37.34
N GLU D 219 12.97 20.08 37.17
CA GLU D 219 14.07 20.21 38.16
C GLU D 219 14.74 18.89 38.55
N ASP D 220 14.45 17.76 37.88
CA ASP D 220 15.08 16.52 38.35
C ASP D 220 16.59 16.53 38.09
N LEU D 221 17.01 16.92 36.88
CA LEU D 221 18.43 16.89 36.60
C LEU D 221 19.15 18.10 37.07
N LEU D 222 18.56 18.89 37.95
CA LEU D 222 19.19 20.13 38.41
C LEU D 222 20.19 19.93 39.55
N PHE D 223 20.34 18.70 40.06
CA PHE D 223 21.22 18.43 41.21
C PHE D 223 22.17 17.27 40.90
N LEU D 224 22.77 17.29 39.71
CA LEU D 224 23.70 16.26 39.28
C LEU D 224 25.10 16.44 39.87
N ASP D 225 25.34 17.52 40.63
CA ASP D 225 26.59 17.69 41.33
C ASP D 225 26.55 17.26 42.80
N LYS D 226 25.38 16.86 43.32
CA LYS D 226 25.11 16.50 44.71
C LYS D 226 25.09 14.99 44.91
N PRO D 227 25.78 14.50 45.93
CA PRO D 227 25.68 13.07 46.27
C PRO D 227 24.29 12.76 46.79
N ASN D 228 23.84 11.54 46.52
CA ASN D 228 22.51 11.08 46.90
C ASN D 228 22.61 10.35 48.23
N ALA D 229 21.87 10.89 49.20
CA ALA D 229 21.80 10.39 50.59
C ALA D 229 21.03 9.07 50.59
N ARG D 230 20.01 8.96 49.74
CA ARG D 230 19.18 7.72 49.70
C ARG D 230 19.81 6.65 48.81
N MET D 231 20.97 6.90 48.21
CA MET D 231 21.54 5.86 47.32
C MET D 231 22.21 4.76 48.14
N VAL D 232 22.98 5.08 49.19
CA VAL D 232 23.66 4.00 49.96
C VAL D 232 22.57 3.15 50.62
N GLU D 233 21.56 3.80 51.17
CA GLU D 233 20.43 3.09 51.81
C GLU D 233 19.88 2.11 50.77
N LYS D 234 19.49 2.62 49.61
CA LYS D 234 18.88 1.79 48.53
C LYS D 234 19.90 0.79 47.98
N GLU D 235 21.17 1.17 47.91
CA GLU D 235 22.19 0.25 47.36
C GLU D 235 22.37 -0.94 48.29
N ASP D 236 22.81 -0.70 49.53
CA ASP D 236 23.16 -1.82 50.43
C ASP D 236 22.00 -2.79 50.56
N LYS D 237 20.76 -2.29 50.43
CA LYS D 237 19.60 -3.18 50.35
C LYS D 237 19.80 -4.24 49.26
N VAL D 238 20.29 -3.83 48.09
CA VAL D 238 20.49 -4.77 47.00
C VAL D 238 21.66 -5.71 47.28
N VAL D 239 22.73 -5.20 47.90
CA VAL D 239 23.89 -6.02 48.24
C VAL D 239 23.48 -7.17 49.16
N ARG D 240 22.66 -6.88 50.18
CA ARG D 240 22.14 -7.93 51.03
C ARG D 240 21.31 -8.93 50.23
N ALA D 241 20.50 -8.43 49.29
CA ALA D 241 19.56 -9.31 48.57
C ALA D 241 20.29 -10.40 47.80
N LYS D 242 21.32 -10.01 47.03
CA LYS D 242 22.03 -10.92 46.13
C LYS D 242 23.40 -11.32 46.63
N GLY D 243 24.01 -10.56 47.54
CA GLY D 243 25.24 -11.01 48.14
C GLY D 243 26.49 -10.60 47.40
N LEU D 244 26.47 -9.46 46.73
CA LEU D 244 27.69 -8.98 46.12
C LEU D 244 28.73 -8.72 47.21
N SER D 245 30.00 -8.97 46.88
CA SER D 245 31.11 -8.79 47.82
C SER D 245 31.43 -7.31 48.07
N ALA D 246 31.34 -6.44 47.06
CA ALA D 246 31.44 -5.00 47.26
C ALA D 246 30.11 -4.35 46.86
N ASP D 247 30.07 -3.00 46.88
CA ASP D 247 28.89 -2.29 46.42
C ASP D 247 28.83 -2.30 44.90
N ARG D 248 27.60 -2.27 44.36
CA ARG D 248 27.37 -2.37 42.92
C ARG D 248 28.28 -1.47 42.09
N TYR D 249 28.62 -0.28 42.60
CA TYR D 249 29.55 0.59 41.89
C TYR D 249 30.97 0.02 41.90
N ALA D 250 31.39 -0.58 43.02
CA ALA D 250 32.72 -1.15 43.09
C ALA D 250 32.86 -2.38 42.20
N LEU D 251 31.77 -3.13 41.99
CA LEU D 251 31.79 -4.25 41.07
C LEU D 251 32.12 -3.78 39.66
N LEU D 252 31.56 -2.65 39.25
CA LEU D 252 31.84 -2.13 37.92
C LEU D 252 33.23 -1.52 37.81
N GLY D 253 33.92 -1.31 38.93
CA GLY D 253 35.16 -0.56 38.92
C GLY D 253 34.98 0.94 38.84
N LEU D 254 33.78 1.44 39.20
CA LEU D 254 33.36 2.81 39.02
C LEU D 254 33.14 3.49 40.36
N PRO D 255 33.67 4.70 40.55
CA PRO D 255 33.43 5.42 41.81
C PRO D 255 31.95 5.77 41.97
N ALA D 256 31.50 5.80 43.22
CA ALA D 256 30.12 6.20 43.55
C ALA D 256 30.15 7.65 44.01
N GLU D 257 30.14 8.54 43.03
CA GLU D 257 30.24 9.97 43.26
C GLU D 257 29.40 10.67 42.21
N PRO D 258 29.06 11.93 42.42
CA PRO D 258 28.28 12.69 41.45
C PRO D 258 29.19 13.27 40.36
N PHE D 259 28.55 13.97 39.42
CA PHE D 259 29.27 14.54 38.27
C PHE D 259 30.10 15.73 38.72
N ARG D 260 31.35 15.78 38.27
CA ARG D 260 32.30 16.64 38.98
C ARG D 260 32.26 18.09 38.50
N ASP D 261 32.25 18.33 37.18
CA ASP D 261 32.33 19.71 36.67
C ASP D 261 31.06 20.06 35.89
N VAL D 262 30.10 20.68 36.58
CA VAL D 262 28.74 20.84 36.08
C VAL D 262 28.36 22.31 35.97
N GLN D 263 27.62 22.64 34.91
CA GLN D 263 27.17 23.99 34.59
C GLN D 263 25.66 23.92 34.39
N LEU D 264 24.94 24.75 35.11
CA LEU D 264 23.49 24.75 35.12
C LEU D 264 23.02 26.07 34.56
N LEU D 265 22.26 26.03 33.47
CA LEU D 265 21.78 27.23 32.82
C LEU D 265 20.26 27.21 32.78
N ALA D 266 19.64 28.37 32.99
CA ALA D 266 18.17 28.45 32.99
C ALA D 266 17.67 29.71 32.26
N PRO D 267 16.32 29.82 31.77
CA PRO D 267 15.33 30.95 30.99
C PRO D 267 15.49 32.15 31.95
N PRO D 268 15.62 33.40 31.48
CA PRO D 268 15.84 34.50 32.40
C PRO D 268 14.62 35.12 33.10
N ARG D 269 13.88 34.29 33.83
CA ARG D 269 12.71 34.70 34.66
C ARG D 269 11.66 35.44 33.82
N ALA D 270 11.71 35.31 32.50
CA ALA D 270 10.74 35.97 31.60
C ALA D 270 10.60 37.45 31.97
N GLY D 271 11.71 38.06 32.34
CA GLY D 271 11.73 39.50 32.71
C GLY D 271 11.17 40.33 31.57
N ALA D 272 11.55 39.97 30.33
CA ALA D 272 11.16 40.56 29.03
C ALA D 272 11.80 41.95 28.80
N ALA D 273 11.55 42.92 29.69
CA ALA D 273 12.13 44.27 29.58
C ALA D 273 12.95 44.57 30.85
N GLY D 274 13.00 43.64 31.80
CA GLY D 274 13.77 43.91 33.02
C GLY D 274 15.27 43.72 32.83
N THR D 275 16.04 44.81 32.94
CA THR D 275 17.48 44.81 32.64
C THR D 275 18.24 43.80 33.49
N ALA D 276 17.79 43.56 34.73
CA ALA D 276 18.35 42.51 35.56
C ALA D 276 17.74 41.17 35.18
N ILE D 277 18.60 40.17 35.06
CA ILE D 277 18.20 38.87 34.57
C ILE D 277 18.38 37.89 35.70
N VAL D 278 17.32 37.14 36.00
CA VAL D 278 17.38 36.19 37.09
C VAL D 278 16.94 34.87 36.50
N PRO D 279 17.53 33.73 36.89
CA PRO D 279 17.01 32.45 36.42
C PRO D 279 15.63 32.15 37.00
N GLN D 280 14.84 31.42 36.20
CA GLN D 280 13.51 30.92 36.53
C GLN D 280 13.52 29.81 37.56
N THR D 281 14.68 29.33 38.01
CA THR D 281 14.73 28.25 38.98
C THR D 281 14.08 28.65 40.30
N ASP D 282 13.24 27.76 40.83
CA ASP D 282 12.64 27.87 42.15
C ASP D 282 13.13 26.81 43.11
N GLN D 283 13.42 25.61 42.62
CA GLN D 283 13.81 24.53 43.52
C GLN D 283 15.29 24.63 43.86
N ARG D 284 16.11 24.96 42.88
CA ARG D 284 17.55 25.16 43.10
C ARG D 284 17.94 26.49 42.52
N SER D 285 18.30 27.43 43.39
CA SER D 285 18.69 28.76 42.95
C SER D 285 20.19 28.98 42.98
N GLU D 286 20.96 28.07 43.55
CA GLU D 286 22.38 28.30 43.77
C GLU D 286 23.20 27.62 42.68
N GLY D 287 24.21 28.34 42.16
CA GLY D 287 25.05 27.81 41.11
C GLY D 287 24.44 27.82 39.73
N VAL D 288 23.21 28.29 39.59
CA VAL D 288 22.54 28.31 38.30
C VAL D 288 22.82 29.67 37.64
N THR D 289 23.11 29.64 36.35
CA THR D 289 23.43 30.82 35.57
C THR D 289 22.34 31.06 34.55
N PRO D 290 21.83 32.27 34.43
CA PRO D 290 20.84 32.52 33.38
C PRO D 290 21.50 32.56 32.03
N PHE D 291 20.72 32.22 31.00
CA PHE D 291 21.20 32.25 29.63
C PHE D 291 20.26 33.09 28.77
N VAL D 292 20.83 33.96 27.95
CA VAL D 292 20.06 34.73 26.99
C VAL D 292 20.80 34.74 25.66
N PHE D 293 20.03 34.81 24.57
CA PHE D 293 20.57 35.06 23.24
C PHE D 293 20.46 36.54 22.93
N THR D 294 21.41 37.04 22.16
CA THR D 294 21.45 38.44 21.79
C THR D 294 20.90 38.62 20.37
N ILE D 295 20.18 39.73 20.16
CA ILE D 295 19.54 39.94 18.86
C ILE D 295 20.57 39.94 17.74
N ARG D 296 21.73 40.58 17.96
CA ARG D 296 22.75 40.57 16.93
C ARG D 296 23.18 39.15 16.61
N GLU D 297 23.41 38.33 17.63
CA GLU D 297 23.81 36.95 17.40
C GLU D 297 22.69 36.15 16.75
N PHE D 298 21.44 36.41 17.13
CA PHE D 298 20.30 35.80 16.45
C PHE D 298 20.38 36.03 14.94
N CYS D 299 20.80 37.23 14.54
CA CYS D 299 20.92 37.51 13.12
C CYS D 299 22.21 36.94 12.56
N ALA D 300 23.33 37.17 13.23
CA ALA D 300 24.62 36.74 12.71
C ALA D 300 24.77 35.22 12.67
N ARG D 301 24.06 34.50 13.53
CA ARG D 301 24.26 33.06 13.56
C ARG D 301 23.08 32.30 12.97
N ARG D 302 22.22 32.99 12.23
CA ARG D 302 21.11 32.41 11.45
C ARG D 302 20.18 31.56 12.30
N MET D 303 19.80 32.08 13.46
CA MET D 303 18.83 31.38 14.29
C MET D 303 17.42 31.40 13.74
N LEU D 304 17.08 32.32 12.83
CA LEU D 304 15.69 32.50 12.44
C LEU D 304 14.97 31.20 12.09
N PRO D 305 15.56 30.23 11.36
CA PRO D 305 14.78 29.05 10.99
C PRO D 305 14.32 28.24 12.17
N TYR D 306 15.05 28.29 13.29
CA TYR D 306 14.66 27.51 14.46
C TYR D 306 13.43 28.05 15.16
N VAL D 307 12.94 29.24 14.76
CA VAL D 307 11.67 29.75 15.26
C VAL D 307 10.50 28.95 14.71
N PHE D 308 10.66 28.34 13.53
CA PHE D 308 9.59 27.61 12.86
C PHE D 308 9.81 26.13 13.14
N SER D 309 9.41 25.72 14.34
CA SER D 309 9.60 24.38 14.84
C SER D 309 8.37 23.50 14.65
N ASP D 310 7.33 24.04 14.02
CA ASP D 310 6.09 23.32 13.78
C ASP D 310 6.28 22.56 12.48
N ALA D 311 6.73 21.32 12.62
CA ALA D 311 6.97 20.44 11.49
C ALA D 311 5.93 19.35 11.36
N SER D 312 4.96 19.29 12.28
CA SER D 312 3.91 18.28 12.20
C SER D 312 3.22 18.29 10.85
N ALA D 313 2.81 19.48 10.39
CA ALA D 313 2.19 19.71 9.09
C ALA D 313 2.12 21.21 8.88
N SER D 314 2.72 21.74 7.81
CA SER D 314 2.84 23.19 7.71
C SER D 314 3.02 23.61 6.24
N LEU D 315 3.12 24.93 6.03
CA LEU D 315 3.34 25.57 4.74
C LEU D 315 4.78 25.40 4.29
N ASN D 316 5.03 25.83 3.03
CA ASN D 316 6.39 25.94 2.50
C ASN D 316 6.79 27.41 2.60
N LEU D 317 7.34 27.78 3.76
CA LEU D 317 7.84 29.12 4.00
C LEU D 317 9.34 29.24 3.76
N GLY D 318 9.95 28.19 3.22
CA GLY D 318 11.40 28.09 3.24
C GLY D 318 12.08 29.21 2.48
N PHE D 319 11.49 29.65 1.36
CA PHE D 319 12.05 30.75 0.59
C PHE D 319 12.02 32.05 1.37
N VAL D 320 10.90 32.33 2.03
CA VAL D 320 10.86 33.55 2.85
C VAL D 320 11.86 33.45 3.97
N ILE D 321 11.94 32.28 4.61
CA ILE D 321 12.79 32.15 5.79
C ILE D 321 14.25 32.31 5.42
N GLY D 322 14.70 31.56 4.40
CA GLY D 322 16.08 31.69 3.99
C GLY D 322 16.39 33.08 3.51
N ASN D 323 15.40 33.73 2.91
CA ASN D 323 15.57 35.08 2.39
C ASN D 323 15.74 36.09 3.52
N ILE D 324 14.82 36.10 4.49
CA ILE D 324 14.97 37.03 5.61
C ILE D 324 16.19 36.69 6.46
N GLU D 325 16.50 35.40 6.63
CA GLU D 325 17.75 34.99 7.28
C GLU D 325 18.96 35.60 6.58
N GLU D 326 18.99 35.54 5.24
CA GLU D 326 20.09 36.17 4.52
C GLU D 326 20.14 37.66 4.79
N LYS D 327 18.99 38.33 4.74
CA LYS D 327 19.01 39.77 4.90
C LYS D 327 19.46 40.15 6.29
N LEU D 328 18.94 39.45 7.31
CA LEU D 328 19.33 39.76 8.69
C LEU D 328 20.81 39.50 8.92
N PHE D 329 21.36 38.46 8.28
CA PHE D 329 22.75 38.11 8.46
C PHE D 329 23.67 39.19 7.91
N ARG D 330 23.33 39.70 6.72
CA ARG D 330 24.11 40.75 6.10
C ARG D 330 23.99 42.04 6.88
N LEU D 331 22.81 42.27 7.45
CA LEU D 331 22.58 43.44 8.27
C LEU D 331 23.37 43.38 9.59
N ALA D 332 23.50 42.18 10.18
CA ALA D 332 24.39 42.03 11.33
C ALA D 332 25.83 42.21 10.91
N ALA D 333 26.18 41.70 9.73
CA ALA D 333 27.55 41.82 9.25
C ALA D 333 27.93 43.28 9.05
N ALA D 334 26.96 44.09 8.61
CA ALA D 334 27.22 45.50 8.37
C ALA D 334 27.40 46.30 9.65
N GLN D 335 26.99 45.75 10.78
CA GLN D 335 27.07 46.47 12.03
C GLN D 335 28.51 46.84 12.34
N THR D 336 28.76 48.13 12.51
CA THR D 336 30.07 48.58 12.95
C THR D 336 30.19 48.63 14.46
N GLY D 337 29.09 48.87 15.17
CA GLY D 337 29.15 48.98 16.62
C GLY D 337 29.40 47.65 17.31
N LYS D 338 29.80 47.74 18.56
CA LYS D 338 29.93 46.56 19.40
C LYS D 338 28.63 46.21 20.12
N GLY D 339 27.55 46.96 19.88
CA GLY D 339 26.30 46.73 20.57
C GLY D 339 25.67 45.38 20.28
N THR D 340 24.76 44.98 21.18
CA THR D 340 24.06 43.71 21.05
C THR D 340 22.76 43.82 20.27
N GLY D 341 22.27 45.01 20.04
CA GLY D 341 21.13 45.17 19.17
C GLY D 341 21.54 45.29 17.73
N LEU D 342 20.51 45.31 16.89
CA LEU D 342 20.65 45.57 15.46
C LEU D 342 20.22 47.00 15.16
N ILE D 343 21.04 47.70 14.38
CA ILE D 343 20.81 49.08 13.95
C ILE D 343 20.32 49.05 12.51
N VAL D 344 19.08 49.48 12.28
CA VAL D 344 18.55 49.60 10.92
C VAL D 344 18.24 51.07 10.65
N HIS D 345 18.39 51.48 9.39
CA HIS D 345 18.24 52.89 9.05
C HIS D 345 17.09 53.17 8.11
N ASP D 346 16.34 52.15 7.68
CA ASP D 346 15.28 52.34 6.70
C ASP D 346 13.89 52.16 7.30
N TRP D 347 13.73 52.35 8.61
CA TRP D 347 12.46 52.10 9.29
C TRP D 347 11.78 53.44 9.57
N GLN D 348 10.64 53.65 8.92
CA GLN D 348 9.91 54.93 9.11
C GLN D 348 8.45 54.62 9.44
N PHE D 349 7.80 55.44 10.26
CA PHE D 349 6.46 55.01 10.75
C PHE D 349 5.29 55.99 10.81
N GLU D 350 5.15 56.93 9.87
CA GLU D 350 3.91 57.75 10.00
C GLU D 350 2.59 57.05 9.53
N ASP D 351 2.71 56.15 8.56
CA ASP D 351 1.55 55.34 8.11
C ASP D 351 1.82 53.89 8.53
N SER D 352 2.70 53.70 9.52
CA SER D 352 3.08 52.36 10.03
C SER D 352 2.13 51.91 11.14
N GLU D 353 1.16 52.77 11.50
CA GLU D 353 0.07 52.54 12.51
C GLU D 353 0.58 52.46 13.95
N THR D 354 1.48 51.51 14.28
CA THR D 354 2.04 51.36 15.63
C THR D 354 3.27 52.25 15.77
N PRO D 355 3.26 53.40 16.73
CA PRO D 355 4.16 54.48 17.17
C PRO D 355 5.33 54.02 18.07
N PRO D 356 6.49 54.74 18.08
CA PRO D 356 7.60 54.41 18.97
C PRO D 356 7.20 54.39 20.44
N GLU D 357 7.94 53.60 21.23
CA GLU D 357 7.67 53.56 22.68
C GLU D 357 9.00 53.86 23.37
N ASN D 358 9.72 52.80 23.72
CA ASN D 358 11.06 52.97 24.34
C ASN D 358 12.10 52.74 23.24
N LEU D 359 11.78 53.10 22.00
CA LEU D 359 12.71 52.84 20.87
C LEU D 359 14.05 53.52 21.13
N ASP D 360 15.15 52.80 20.94
CA ASP D 360 16.49 53.43 21.09
C ASP D 360 16.91 53.95 19.71
N PHE D 361 17.56 55.12 19.65
CA PHE D 361 17.94 55.70 18.38
C PHE D 361 19.46 55.81 18.31
N SER D 362 20.01 55.43 17.15
CA SER D 362 21.45 55.47 16.92
C SER D 362 21.91 56.92 16.75
N GLU D 363 23.23 57.12 16.90
CA GLU D 363 23.79 58.45 16.73
C GLU D 363 23.63 58.97 15.30
N LEU D 364 23.48 58.06 14.34
CA LEU D 364 23.31 58.43 12.93
C LEU D 364 21.86 58.32 12.49
N GLY D 365 20.92 58.48 13.42
CA GLY D 365 19.52 58.46 13.05
C GLY D 365 18.95 57.10 12.76
N GLY D 366 19.68 56.04 13.10
CA GLY D 366 19.18 54.69 12.94
C GLY D 366 18.43 54.20 14.17
N VAL D 367 17.43 53.36 13.94
CA VAL D 367 16.71 52.70 15.03
C VAL D 367 17.49 51.46 15.46
N ASN D 368 17.83 51.39 16.74
CA ASN D 368 18.52 50.24 17.29
C ASN D 368 17.50 49.26 17.88
N LEU D 369 17.36 48.10 17.27
CA LEU D 369 16.36 47.14 17.74
C LEU D 369 16.88 46.43 18.98
N GLN D 370 16.22 46.62 20.14
CA GLN D 370 16.67 45.94 21.35
C GLN D 370 15.78 44.78 21.76
N THR D 371 14.58 44.68 21.24
CA THR D 371 13.67 43.63 21.67
C THR D 371 13.16 42.85 20.45
N PHE D 372 12.85 41.57 20.70
CA PHE D 372 12.38 40.68 19.64
C PHE D 372 11.13 41.24 18.96
N GLU D 373 10.24 41.87 19.73
CA GLU D 373 9.03 42.42 19.12
C GLU D 373 9.39 43.55 18.17
N GLN D 374 10.36 44.37 18.55
CA GLN D 374 10.84 45.40 17.63
C GLN D 374 11.33 44.77 16.33
N LEU D 375 12.06 43.66 16.43
CA LEU D 375 12.55 42.97 15.23
C LEU D 375 11.39 42.49 14.37
N ILE D 376 10.36 41.94 14.99
CA ILE D 376 9.22 41.46 14.22
C ILE D 376 8.46 42.62 13.61
N SER D 377 8.35 43.73 14.33
CA SER D 377 7.69 44.88 13.75
C SER D 377 8.47 45.42 12.56
N TYR D 378 9.80 45.41 12.65
CA TYR D 378 10.63 45.86 11.52
C TYR D 378 10.47 44.93 10.33
N LEU D 379 10.50 43.61 10.58
CA LEU D 379 10.27 42.66 9.50
C LEU D 379 8.90 42.87 8.87
N GLU D 380 7.88 43.06 9.71
CA GLU D 380 6.53 43.34 9.24
C GLU D 380 6.50 44.61 8.40
N TYR D 381 7.39 45.55 8.73
CA TYR D 381 7.49 46.81 7.96
C TYR D 381 8.03 46.52 6.56
N LYS D 382 9.26 45.99 6.47
CA LYS D 382 9.89 45.69 5.17
C LYS D 382 8.97 44.83 4.30
N LEU D 383 8.45 43.75 4.86
CA LEU D 383 7.59 42.78 4.14
C LEU D 383 6.17 43.27 3.77
N LEU D 384 5.50 44.06 4.61
CA LEU D 384 4.07 44.34 4.27
C LEU D 384 3.67 45.83 4.32
N GLU D 385 4.56 46.74 4.72
CA GLU D 385 4.15 48.13 4.84
C GLU D 385 4.96 49.12 4.04
N GLU D 386 6.13 48.76 3.49
CA GLU D 386 7.14 49.77 3.17
C GLU D 386 6.71 50.68 2.02
N ARG D 387 6.25 50.11 0.92
CA ARG D 387 5.94 50.92 -0.27
C ARG D 387 4.45 50.85 -0.53
N GLU D 388 3.67 51.50 0.34
CA GLU D 388 2.23 51.54 0.19
C GLU D 388 1.63 50.14 0.23
N GLY D 389 2.31 49.24 0.95
CA GLY D 389 1.90 47.85 1.07
C GLY D 389 2.62 46.89 0.14
N GLU D 390 3.35 47.39 -0.86
CA GLU D 390 4.04 46.50 -1.79
C GLU D 390 5.25 45.84 -1.11
N GLY D 391 5.79 46.45 -0.05
CA GLY D 391 7.01 45.96 0.58
C GLY D 391 8.24 46.35 -0.21
N ASP D 392 9.39 46.19 0.44
CA ASP D 392 10.68 46.37 -0.22
C ASP D 392 10.93 45.19 -1.17
N PRO D 393 11.15 45.43 -2.46
CA PRO D 393 11.32 44.31 -3.40
C PRO D 393 12.53 43.46 -3.09
N LYS D 394 13.55 44.05 -2.48
CA LYS D 394 14.75 43.31 -2.13
C LYS D 394 14.48 42.30 -1.02
N TRP D 395 13.43 42.50 -0.23
CA TRP D 395 13.09 41.60 0.87
C TRP D 395 11.96 40.65 0.54
N VAL D 396 10.92 41.12 -0.16
CA VAL D 396 9.81 40.21 -0.45
C VAL D 396 10.11 39.28 -1.61
N LEU D 397 10.96 39.68 -2.57
CA LEU D 397 11.44 38.80 -3.63
C LEU D 397 10.31 38.02 -4.29
N LYS D 398 9.29 38.76 -4.70
CA LYS D 398 8.19 38.24 -5.53
C LYS D 398 7.40 37.15 -4.83
N GLN D 399 7.46 37.13 -3.51
CA GLN D 399 6.65 36.21 -2.74
C GLN D 399 5.21 36.70 -2.67
N SER D 400 4.27 35.75 -2.66
CA SER D 400 2.86 36.11 -2.64
C SER D 400 2.53 36.84 -1.34
N PRO D 401 1.49 37.69 -1.35
CA PRO D 401 1.11 38.37 -0.10
C PRO D 401 0.67 37.40 0.98
N GLY D 402 -0.04 36.34 0.62
CA GLY D 402 -0.43 35.38 1.62
C GLY D 402 0.75 34.75 2.33
N THR D 403 1.80 34.40 1.57
CA THR D 403 2.93 33.69 2.16
C THR D 403 3.66 34.58 3.15
N LEU D 404 3.99 35.81 2.73
CA LEU D 404 4.53 36.80 3.65
C LEU D 404 3.67 36.91 4.91
N ARG D 405 2.35 37.01 4.74
CA ARG D 405 1.50 37.20 5.91
C ARG D 405 1.53 35.98 6.83
N ALA D 406 1.62 34.78 6.26
CA ALA D 406 1.82 33.58 7.07
C ALA D 406 3.12 33.66 7.87
N PHE D 407 4.20 34.07 7.21
CA PHE D 407 5.49 34.22 7.88
C PHE D 407 5.40 35.21 9.03
N THR D 408 4.75 36.35 8.79
CA THR D 408 4.66 37.40 9.80
C THR D 408 3.81 36.96 10.97
N ARG D 409 2.62 36.44 10.68
CA ARG D 409 1.73 36.15 11.79
C ARG D 409 2.26 34.98 12.60
N ARG D 410 3.00 34.04 11.99
CA ARG D 410 3.61 32.97 12.78
C ARG D 410 4.71 33.51 13.70
N LEU D 411 5.48 34.49 13.23
CA LEU D 411 6.41 35.19 14.11
C LEU D 411 5.69 35.87 15.28
N ARG D 412 4.59 36.57 15.00
CA ARG D 412 3.84 37.24 16.07
C ARG D 412 3.30 36.24 17.09
N GLY D 413 2.88 35.06 16.64
CA GLY D 413 2.30 34.10 17.57
C GLY D 413 3.30 33.60 18.59
N VAL D 414 4.57 33.50 18.18
CA VAL D 414 5.60 32.93 19.02
C VAL D 414 6.42 34.00 19.72
N GLN D 415 6.14 35.28 19.45
CA GLN D 415 7.01 36.33 19.96
C GLN D 415 6.95 36.40 21.49
N LYS D 416 5.78 36.13 22.08
CA LYS D 416 5.69 36.26 23.54
C LYS D 416 6.53 35.20 24.23
N TYR D 417 6.64 34.00 23.65
CA TYR D 417 7.40 32.92 24.27
C TYR D 417 8.90 33.13 24.13
N LEU D 418 9.34 33.72 23.03
CA LEU D 418 10.77 33.82 22.77
C LEU D 418 11.37 35.14 23.21
N SER D 419 10.53 36.13 23.51
CA SER D 419 11.05 37.47 23.79
C SER D 419 11.98 37.53 25.00
N PRO D 420 11.77 36.79 26.09
CA PRO D 420 12.78 36.83 27.18
C PRO D 420 14.11 36.21 26.80
N LEU D 421 14.15 35.30 25.82
CA LEU D 421 15.38 34.60 25.48
C LEU D 421 16.25 35.41 24.53
N ILE D 422 15.63 36.21 23.66
CA ILE D 422 16.35 36.98 22.63
C ILE D 422 16.24 38.46 22.97
N ARG D 423 17.37 39.08 23.29
CA ARG D 423 17.35 40.40 23.86
C ARG D 423 18.53 41.18 23.30
N GLY D 424 18.26 42.35 22.73
CA GLY D 424 19.27 43.33 22.37
C GLY D 424 19.40 44.47 23.37
N ASP D 425 18.75 44.36 24.54
CA ASP D 425 18.86 45.31 25.64
C ASP D 425 20.26 45.34 26.25
N LEU D 426 20.97 44.22 26.20
CA LEU D 426 22.15 44.04 27.02
C LEU D 426 23.37 44.77 26.47
N THR D 427 24.40 44.82 27.28
CA THR D 427 25.72 45.31 26.91
C THR D 427 26.56 44.16 26.38
N PRO D 428 27.75 44.41 25.84
CA PRO D 428 28.55 43.28 25.32
C PRO D 428 29.08 42.33 26.38
N GLU D 429 29.53 42.86 27.52
CA GLU D 429 30.06 42.03 28.59
C GLU D 429 28.95 41.24 29.27
N GLN D 430 27.83 41.92 29.55
CA GLN D 430 26.66 41.24 30.11
C GLN D 430 26.20 40.12 29.19
N ALA D 431 26.09 40.41 27.89
CA ALA D 431 25.66 39.39 26.93
C ALA D 431 26.68 38.27 26.83
N GLU D 432 27.96 38.61 26.81
CA GLU D 432 29.00 37.59 26.73
C GLU D 432 28.92 36.63 27.91
N GLY D 433 28.65 37.16 29.10
CA GLY D 433 28.53 36.31 30.28
C GLY D 433 27.43 35.27 30.16
N TYR D 434 26.26 35.68 29.67
CA TYR D 434 25.03 34.89 29.72
C TYR D 434 24.78 34.07 28.46
N ARG D 435 25.72 34.04 27.53
CA ARG D 435 25.56 33.19 26.36
C ARG D 435 25.68 31.73 26.77
N PRO D 436 24.82 30.88 26.30
CA PRO D 436 24.95 29.45 26.61
C PRO D 436 26.06 28.83 25.78
N ASP D 437 27.17 28.50 26.43
CA ASP D 437 28.24 27.75 25.77
C ASP D 437 28.40 26.39 26.41
N PRO D 438 27.95 25.31 25.77
CA PRO D 438 28.23 23.96 26.30
C PRO D 438 29.67 23.53 26.12
N LEU D 439 30.53 24.38 25.55
CA LEU D 439 31.89 24.01 25.21
C LEU D 439 32.92 24.86 25.95
N ARG D 440 32.51 25.49 27.05
CA ARG D 440 33.45 26.31 27.80
C ARG D 440 34.45 25.43 28.53
N ARG D 441 35.72 25.84 28.52
CA ARG D 441 36.81 25.02 29.03
C ARG D 441 36.64 24.79 30.52
N GLY D 442 36.96 23.58 30.98
CA GLY D 442 36.77 23.25 32.37
C GLY D 442 35.38 22.79 32.75
N ILE D 443 34.50 22.56 31.78
CA ILE D 443 33.14 22.08 32.04
C ILE D 443 32.98 20.73 31.32
N GLN D 444 32.54 19.72 32.05
CA GLN D 444 32.31 18.39 31.48
C GLN D 444 30.84 18.09 31.19
N LEU D 445 29.95 18.49 32.11
CA LEU D 445 28.52 18.27 31.95
C LEU D 445 27.80 19.61 32.01
N THR D 446 26.96 19.87 31.00
CA THR D 446 26.16 21.08 30.93
C THR D 446 24.69 20.69 30.95
N VAL D 447 23.91 21.30 31.82
CA VAL D 447 22.47 21.05 31.91
C VAL D 447 21.74 22.33 31.56
N VAL D 448 20.90 22.28 30.52
CA VAL D 448 20.13 23.44 30.07
C VAL D 448 18.69 23.26 30.51
N ASP D 449 18.20 24.15 31.37
CA ASP D 449 16.87 23.96 31.93
C ASP D 449 15.81 24.45 30.94
N ILE D 450 14.92 23.55 30.57
CA ILE D 450 13.96 23.76 29.48
C ILE D 450 12.52 23.70 29.95
N HIS D 451 12.24 23.04 31.09
CA HIS D 451 10.88 22.76 31.52
C HIS D 451 10.04 24.04 31.70
N ALA D 452 10.67 25.17 32.01
CA ALA D 452 9.86 26.38 32.21
C ALA D 452 9.32 26.92 30.90
N LEU D 453 10.00 26.62 29.79
CA LEU D 453 9.69 27.21 28.51
C LEU D 453 8.59 26.42 27.81
N SER D 454 7.88 27.12 26.92
CA SER D 454 6.84 26.53 26.09
C SER D 454 7.47 25.66 25.00
N ALA D 455 6.64 24.78 24.43
CA ALA D 455 7.12 23.89 23.38
C ALA D 455 7.89 24.65 22.31
N HIS D 456 7.42 25.85 21.95
CA HIS D 456 8.07 26.61 20.90
C HIS D 456 9.44 27.09 21.33
N ALA D 457 9.54 27.63 22.55
CA ALA D 457 10.84 28.00 23.09
C ALA D 457 11.75 26.79 23.25
N GLN D 458 11.18 25.66 23.67
CA GLN D 458 11.98 24.44 23.83
C GLN D 458 12.68 24.08 22.52
N MET D 459 11.90 23.89 21.45
CA MET D 459 12.47 23.50 20.17
C MET D 459 13.44 24.55 19.64
N PHE D 460 13.16 25.84 19.89
CA PHE D 460 14.08 26.88 19.50
C PHE D 460 15.42 26.73 20.21
N VAL D 461 15.39 26.56 21.53
CA VAL D 461 16.62 26.49 22.29
C VAL D 461 17.39 25.22 21.96
N VAL D 462 16.69 24.12 21.78
CA VAL D 462 17.41 22.91 21.42
C VAL D 462 18.02 23.06 20.03
N GLY D 463 17.25 23.66 19.11
CA GLY D 463 17.75 23.84 17.75
C GLY D 463 19.02 24.67 17.70
N VAL D 464 18.97 25.88 18.25
CA VAL D 464 20.11 26.79 18.19
C VAL D 464 21.34 26.19 18.89
N LEU D 465 21.14 25.54 20.03
CA LEU D 465 22.28 25.01 20.78
C LEU D 465 22.93 23.86 20.02
N LEU D 466 22.14 22.85 19.67
CA LEU D 466 22.69 21.74 18.89
C LEU D 466 23.33 22.24 17.60
N ARG D 467 22.70 23.21 16.92
CA ARG D 467 23.28 23.67 15.66
C ARG D 467 24.58 24.44 15.89
N GLU D 468 24.67 25.19 17.00
CA GLU D 468 25.93 25.86 17.29
C GLU D 468 27.04 24.86 17.53
N VAL D 469 26.74 23.82 18.33
CA VAL D 469 27.77 22.83 18.64
C VAL D 469 28.22 22.12 17.40
N PHE D 470 27.27 21.79 16.52
CA PHE D 470 27.59 21.11 15.26
C PHE D 470 28.52 21.97 14.39
N GLU D 471 28.17 23.24 14.19
CA GLU D 471 29.01 24.09 13.35
C GLU D 471 30.40 24.25 13.94
N TYR D 472 30.49 24.47 15.25
CA TYR D 472 31.79 24.59 15.89
C TYR D 472 32.64 23.36 15.62
N LYS D 473 32.04 22.17 15.68
CA LYS D 473 32.80 20.96 15.37
C LYS D 473 33.19 20.91 13.89
N GLU D 474 32.36 21.44 12.99
CA GLU D 474 32.71 21.42 11.57
C GLU D 474 33.98 22.23 11.32
N ARG D 475 33.99 23.49 11.74
CA ARG D 475 35.14 24.33 11.43
C ARG D 475 36.35 23.94 12.27
N VAL D 476 36.15 23.71 13.57
CA VAL D 476 37.30 23.46 14.43
C VAL D 476 37.79 22.02 14.29
N GLY D 477 36.90 21.04 14.23
CA GLY D 477 37.30 19.65 14.15
C GLY D 477 36.89 18.90 15.41
N ARG D 478 37.14 17.58 15.43
CA ARG D 478 36.65 16.80 16.60
C ARG D 478 37.60 16.98 17.79
N GLN D 479 37.44 18.08 18.51
CA GLN D 479 38.29 18.36 19.69
C GLN D 479 38.05 17.29 20.77
N ASP D 480 36.80 16.96 21.05
CA ASP D 480 36.49 15.99 22.13
C ASP D 480 35.08 15.45 21.92
N THR D 481 34.84 14.22 22.37
CA THR D 481 33.52 13.60 22.12
C THR D 481 32.45 14.39 22.86
N VAL D 482 31.53 15.01 22.14
CA VAL D 482 30.41 15.72 22.82
C VAL D 482 29.20 14.78 22.83
N PHE D 483 28.67 14.49 24.03
CA PHE D 483 27.49 13.64 24.18
C PHE D 483 26.25 14.50 24.35
N VAL D 484 25.27 14.32 23.45
CA VAL D 484 23.98 14.99 23.55
C VAL D 484 22.94 14.00 24.04
N VAL D 485 22.35 14.27 25.20
CA VAL D 485 21.38 13.40 25.83
C VAL D 485 20.03 14.06 25.66
N LEU D 486 19.14 13.40 24.91
CA LEU D 486 17.85 13.97 24.54
C LEU D 486 16.75 12.94 24.71
N ASP D 487 15.74 13.29 25.49
CA ASP D 487 14.57 12.44 25.70
C ASP D 487 13.44 12.94 24.82
N GLU D 488 12.39 12.13 24.72
CA GLU D 488 11.22 12.45 23.92
C GLU D 488 11.61 12.73 22.46
N LEU D 489 12.39 11.82 21.87
CA LEU D 489 12.90 12.05 20.51
C LEU D 489 11.77 12.18 19.50
N ASN D 490 10.64 11.52 19.73
CA ASN D 490 9.51 11.69 18.82
C ASN D 490 9.04 13.15 18.75
N LYS D 491 9.19 13.94 19.82
CA LYS D 491 8.79 15.35 19.70
C LYS D 491 9.70 16.11 18.74
N TYR D 492 11.02 15.92 18.87
CA TYR D 492 11.93 16.75 18.10
C TYR D 492 12.18 16.18 16.71
N ALA D 493 12.02 14.88 16.55
CA ALA D 493 12.32 14.20 15.29
C ALA D 493 11.19 13.24 14.97
N PRO D 494 10.01 13.75 14.61
CA PRO D 494 8.90 12.87 14.29
C PRO D 494 9.18 12.06 13.04
N ARG D 495 8.37 11.03 12.83
CA ARG D 495 8.63 10.07 11.78
C ARG D 495 8.38 10.69 10.41
N GLU D 496 7.33 11.48 10.25
CA GLU D 496 7.03 12.02 8.93
C GLU D 496 7.25 13.52 8.79
N GLY D 497 7.26 14.28 9.87
CA GLY D 497 7.45 15.71 9.78
C GLY D 497 8.80 16.09 9.15
N ASP D 498 8.95 17.39 8.91
CA ASP D 498 10.18 17.97 8.38
C ASP D 498 10.38 19.35 9.01
N SER D 499 11.46 19.53 9.77
CA SER D 499 11.71 20.75 10.53
C SER D 499 13.20 21.06 10.52
N PRO D 500 13.58 22.28 10.91
CA PRO D 500 15.00 22.57 11.10
C PRO D 500 15.60 21.87 12.30
N ILE D 501 14.82 21.67 13.36
CA ILE D 501 15.33 20.93 14.51
C ILE D 501 15.57 19.48 14.13
N LYS D 502 14.67 18.91 13.34
CA LYS D 502 14.87 17.55 12.86
C LYS D 502 16.07 17.46 11.96
N ASP D 503 16.35 18.53 11.22
CA ASP D 503 17.50 18.49 10.34
C ASP D 503 18.81 18.46 11.14
N VAL D 504 18.90 19.22 12.24
CA VAL D 504 20.17 19.24 12.96
C VAL D 504 20.38 17.91 13.67
N LEU D 505 19.29 17.30 14.13
CA LEU D 505 19.38 15.94 14.68
C LEU D 505 19.76 14.94 13.61
N LEU D 506 19.24 15.09 12.38
CA LEU D 506 19.69 14.23 11.29
C LEU D 506 21.18 14.44 11.02
N ASP D 507 21.63 15.69 11.02
CA ASP D 507 23.06 15.94 10.83
C ASP D 507 23.89 15.29 11.93
N ILE D 508 23.38 15.30 13.15
CA ILE D 508 24.10 14.63 14.24
C ILE D 508 24.11 13.12 14.01
N ALA D 509 22.98 12.54 13.61
CA ALA D 509 22.94 11.09 13.46
C ALA D 509 23.83 10.62 12.31
N GLU D 510 23.74 11.26 11.15
CA GLU D 510 24.43 10.76 9.98
C GLU D 510 25.87 11.23 9.91
N ARG D 511 26.16 12.40 10.44
CA ARG D 511 27.50 12.94 10.35
C ARG D 511 28.22 13.05 11.68
N GLY D 512 27.57 12.78 12.80
CA GLY D 512 28.21 12.98 14.09
C GLY D 512 29.40 12.07 14.35
N ARG D 513 29.36 10.83 13.87
CA ARG D 513 30.45 9.91 14.19
C ARG D 513 31.78 10.56 13.85
N SER D 514 31.96 10.97 12.58
CA SER D 514 33.23 11.56 12.18
C SER D 514 33.43 12.92 12.83
N LEU D 515 32.36 13.61 13.12
CA LEU D 515 32.48 14.95 13.67
C LEU D 515 32.64 14.94 15.18
N GLY D 516 32.42 13.79 15.83
CA GLY D 516 32.52 13.67 17.26
C GLY D 516 31.30 14.09 18.06
N ILE D 517 30.13 14.20 17.44
CA ILE D 517 28.89 14.52 18.15
C ILE D 517 28.08 13.24 18.27
N ILE D 518 27.86 12.79 19.49
CA ILE D 518 27.25 11.50 19.75
C ILE D 518 25.93 11.71 20.45
N LEU D 519 24.87 11.07 19.96
CA LEU D 519 23.51 11.26 20.46
C LEU D 519 23.11 10.11 21.38
N ILE D 520 22.79 10.42 22.64
CA ILE D 520 22.20 9.46 23.58
C ILE D 520 20.74 9.85 23.69
N GLY D 521 19.90 9.26 22.84
CA GLY D 521 18.53 9.68 22.69
C GLY D 521 17.59 8.63 23.24
N ALA D 522 16.42 9.08 23.66
CA ALA D 522 15.44 8.19 24.26
C ALA D 522 14.06 8.55 23.76
N GLN D 523 13.27 7.52 23.46
CA GLN D 523 11.90 7.68 23.05
C GLN D 523 11.09 6.54 23.63
N GLN D 524 9.79 6.77 23.82
CA GLN D 524 8.95 5.67 24.29
C GLN D 524 8.87 4.56 23.26
N THR D 525 8.78 4.92 21.98
CA THR D 525 8.73 3.91 20.93
C THR D 525 9.59 4.39 19.77
N ALA D 526 10.43 3.51 19.24
CA ALA D 526 11.14 3.88 18.03
C ALA D 526 10.21 4.04 16.84
N SER D 527 8.99 3.49 16.92
CA SER D 527 8.04 3.60 15.81
C SER D 527 7.63 5.02 15.52
N GLU D 528 7.84 5.93 16.48
CA GLU D 528 7.41 7.31 16.35
C GLU D 528 8.56 8.23 15.95
N VAL D 529 9.77 7.69 15.76
CA VAL D 529 10.95 8.50 15.45
C VAL D 529 11.34 8.31 13.99
N GLU D 530 11.97 9.36 13.43
CA GLU D 530 12.50 9.34 12.08
C GLU D 530 13.39 8.13 11.84
N ARG D 531 13.10 7.38 10.76
CA ARG D 531 13.81 6.12 10.54
C ARG D 531 15.32 6.34 10.43
N ARG D 532 15.75 7.48 9.90
CA ARG D 532 17.18 7.70 9.71
C ARG D 532 17.91 7.95 11.02
N ILE D 533 17.23 8.48 12.04
CA ILE D 533 17.89 8.70 13.32
C ILE D 533 17.98 7.40 14.13
N VAL D 534 16.90 6.64 14.14
CA VAL D 534 16.93 5.36 14.88
C VAL D 534 17.91 4.41 14.21
N SER D 535 18.02 4.48 12.88
CA SER D 535 18.79 3.50 12.13
C SER D 535 20.28 3.66 12.38
N ASN D 536 20.70 4.88 12.70
CA ASN D 536 22.12 5.17 12.88
C ASN D 536 22.62 4.93 14.30
N ALA D 537 21.80 4.37 15.18
CA ALA D 537 22.21 4.08 16.54
C ALA D 537 22.85 2.69 16.59
N ALA D 538 24.13 2.64 16.96
CA ALA D 538 24.82 1.36 17.10
C ALA D 538 24.32 0.59 18.32
N ILE D 539 24.06 1.30 19.42
CA ILE D 539 23.68 0.71 20.69
C ILE D 539 22.20 0.96 20.92
N ARG D 540 21.45 -0.11 21.13
CA ARG D 540 20.02 -0.05 21.31
C ARG D 540 19.68 -0.65 22.67
N VAL D 541 19.01 0.14 23.51
CA VAL D 541 18.68 -0.25 24.88
C VAL D 541 17.17 -0.20 25.04
N VAL D 542 16.60 -1.25 25.59
CA VAL D 542 15.15 -1.41 25.70
C VAL D 542 14.78 -1.63 27.17
N GLY D 543 13.97 -0.74 27.72
CA GLY D 543 13.30 -0.95 28.98
C GLY D 543 11.99 -1.67 28.76
N ARG D 544 11.11 -1.60 29.76
CA ARG D 544 9.79 -2.22 29.61
C ARG D 544 9.09 -1.67 28.38
N LEU D 545 8.80 -2.55 27.44
CA LEU D 545 8.13 -2.20 26.19
C LEU D 545 6.63 -2.36 26.33
N ASP D 546 5.90 -1.58 25.53
CA ASP D 546 4.47 -1.75 25.40
C ASP D 546 4.15 -3.08 24.71
N LEU D 547 2.92 -3.55 24.93
CA LEU D 547 2.53 -4.88 24.45
C LEU D 547 2.59 -4.93 22.93
N ALA D 548 2.01 -3.92 22.28
CA ALA D 548 2.00 -3.82 20.82
C ALA D 548 3.39 -3.61 20.24
N GLU D 549 4.16 -2.67 20.80
CA GLU D 549 5.37 -2.21 20.13
C GLU D 549 6.40 -3.31 19.89
N ALA D 550 6.41 -4.40 20.69
CA ALA D 550 7.45 -5.40 20.48
C ALA D 550 7.28 -6.12 19.15
N GLU D 551 6.04 -6.29 18.69
CA GLU D 551 5.76 -6.93 17.41
C GLU D 551 6.17 -6.06 16.22
N ARG D 552 6.49 -4.78 16.44
CA ARG D 552 6.63 -3.82 15.35
C ARG D 552 7.99 -3.94 14.68
N PRO D 553 8.11 -3.48 13.42
CA PRO D 553 9.39 -3.68 12.71
C PRO D 553 10.56 -2.98 13.36
N GLU D 554 10.36 -1.93 14.14
CA GLU D 554 11.51 -1.21 14.64
C GLU D 554 12.22 -1.99 15.73
N TYR D 555 11.58 -3.03 16.28
CA TYR D 555 12.11 -3.82 17.37
C TYR D 555 12.35 -5.26 16.94
N ARG D 556 12.75 -5.45 15.67
CA ARG D 556 13.10 -6.75 15.15
C ARG D 556 14.42 -7.26 15.72
N PHE D 557 15.27 -6.37 16.23
CA PHE D 557 16.51 -6.79 16.88
C PHE D 557 16.28 -7.56 18.17
N LEU D 558 15.05 -7.56 18.69
CA LEU D 558 14.67 -8.45 19.77
C LEU D 558 14.13 -9.75 19.20
N PRO D 559 14.69 -10.90 19.58
CA PRO D 559 14.05 -12.18 19.26
C PRO D 559 12.65 -12.28 19.84
N GLN D 560 11.79 -13.04 19.13
CA GLN D 560 10.42 -13.25 19.60
C GLN D 560 10.38 -13.78 21.03
N SER D 561 11.36 -14.60 21.42
CA SER D 561 11.47 -15.09 22.81
C SER D 561 11.41 -13.96 23.82
N PHE D 562 12.08 -12.86 23.54
CA PHE D 562 12.19 -11.77 24.50
C PHE D 562 10.90 -10.97 24.65
N ARG D 563 9.98 -11.01 23.67
CA ARG D 563 8.85 -10.07 23.64
C ARG D 563 7.98 -10.20 24.89
N GLY D 564 7.51 -11.41 25.20
CA GLY D 564 6.67 -11.59 26.36
C GLY D 564 7.32 -11.11 27.65
N ARG D 565 8.55 -11.56 27.90
CA ARG D 565 9.36 -11.05 29.00
C ARG D 565 9.50 -9.53 28.98
N ALA D 566 9.84 -8.92 27.83
CA ALA D 566 9.98 -7.47 27.77
C ALA D 566 8.71 -6.74 28.16
N GLY D 567 7.55 -7.39 28.09
CA GLY D 567 6.31 -6.70 28.43
C GLY D 567 6.20 -6.35 29.91
N ILE D 568 6.97 -7.05 30.76
CA ILE D 568 6.84 -7.02 32.21
C ILE D 568 8.15 -6.65 32.91
N LEU D 569 9.16 -6.21 32.16
CA LEU D 569 10.44 -5.85 32.77
C LEU D 569 10.27 -4.82 33.88
N GLN D 570 11.03 -4.99 34.95
CA GLN D 570 10.98 -4.14 36.13
C GLN D 570 11.78 -2.86 35.90
N PRO D 571 11.41 -1.76 36.57
CA PRO D 571 12.24 -0.55 36.52
C PRO D 571 13.66 -0.83 36.98
N GLY D 572 14.62 -0.27 36.26
CA GLY D 572 16.01 -0.57 36.50
C GLY D 572 16.58 -1.64 35.60
N THR D 573 15.73 -2.36 34.88
CA THR D 573 16.11 -3.51 34.08
C THR D 573 16.07 -3.14 32.61
N MET D 574 17.22 -3.23 31.94
CA MET D 574 17.35 -2.88 30.53
C MET D 574 17.97 -4.05 29.75
N LEU D 575 17.51 -4.23 28.52
CA LEU D 575 18.13 -5.12 27.53
C LEU D 575 18.97 -4.26 26.61
N VAL D 576 20.29 -4.47 26.59
CA VAL D 576 21.18 -3.69 25.72
C VAL D 576 21.66 -4.57 24.58
N SER D 577 21.73 -3.98 23.40
CA SER D 577 22.08 -4.68 22.17
C SER D 577 23.17 -3.89 21.48
N GLN D 578 24.27 -4.55 21.15
CA GLN D 578 25.42 -3.88 20.54
C GLN D 578 25.99 -4.75 19.43
N PRO D 579 26.73 -4.16 18.49
CA PRO D 579 27.07 -4.90 17.28
C PRO D 579 27.96 -6.13 17.49
N ASP D 580 28.85 -6.12 18.49
CA ASP D 580 29.77 -7.26 18.68
C ASP D 580 29.05 -8.53 19.14
N VAL D 581 27.94 -8.39 19.84
CA VAL D 581 27.22 -9.51 20.43
C VAL D 581 25.86 -9.62 19.73
N PRO D 582 25.54 -10.75 19.16
CA PRO D 582 24.37 -10.82 18.29
C PRO D 582 23.03 -10.58 18.99
N ASN D 583 22.82 -11.21 20.12
CA ASN D 583 21.52 -11.10 20.75
C ASN D 583 21.56 -10.12 21.91
N PRO D 584 20.40 -9.60 22.35
CA PRO D 584 20.42 -8.64 23.46
C PRO D 584 20.75 -9.29 24.80
N VAL D 585 21.32 -8.47 25.69
CA VAL D 585 21.78 -8.87 27.01
C VAL D 585 20.99 -8.10 28.06
N LEU D 586 20.26 -8.83 28.91
CA LEU D 586 19.57 -8.24 30.05
C LEU D 586 20.58 -7.84 31.11
N VAL D 587 20.31 -6.75 31.82
CA VAL D 587 21.35 -6.10 32.59
C VAL D 587 20.68 -5.18 33.59
N ASN D 588 21.34 -4.97 34.72
CA ASN D 588 20.89 -4.05 35.77
C ASN D 588 21.99 -3.02 36.02
N TYR D 589 21.61 -1.89 36.59
CA TYR D 589 22.61 -0.88 36.90
C TYR D 589 22.30 -0.27 38.26
N PRO D 590 23.32 0.20 38.99
CA PRO D 590 23.10 0.67 40.36
C PRO D 590 22.24 1.93 40.42
N PHE D 591 21.82 2.26 41.65
CA PHE D 591 21.06 3.48 41.87
C PHE D 591 21.98 4.68 41.77
N PRO D 592 21.44 5.83 41.38
CA PRO D 592 22.31 6.97 41.07
C PRO D 592 23.09 7.44 42.30
N ALA D 593 24.37 7.67 42.08
CA ALA D 593 25.20 8.35 43.07
C ALA D 593 25.01 9.86 43.04
N TRP D 594 24.22 10.38 42.10
CA TRP D 594 23.88 11.79 41.97
C TRP D 594 22.44 11.99 42.38
N ALA D 595 22.12 13.23 42.77
CA ALA D 595 20.77 13.54 43.20
C ALA D 595 19.88 13.77 41.99
N THR D 596 18.71 13.13 41.97
CA THR D 596 17.73 13.35 40.93
C THR D 596 16.50 14.10 41.42
N ARG D 597 16.51 14.56 42.67
CA ARG D 597 15.35 15.24 43.24
C ARG D 597 15.85 16.21 44.30
N ARG D 598 15.01 17.20 44.60
CA ARG D 598 15.33 18.09 45.71
C ARG D 598 15.44 17.33 47.03
N ASP D 599 14.75 16.20 47.16
CA ASP D 599 14.78 15.41 48.39
C ASP D 599 16.06 14.63 48.56
N GLU D 600 16.87 14.51 47.50
CA GLU D 600 18.07 13.64 47.58
C GLU D 600 19.31 14.41 48.01
N VAL D 601 19.18 15.65 48.50
CA VAL D 601 20.40 16.41 48.87
C VAL D 601 20.56 16.48 50.40
N ASP D 602 21.65 15.92 50.91
CA ASP D 602 21.98 15.94 52.36
C ASP D 602 22.31 17.36 52.83
N ASP D 603 23.09 18.09 52.03
CA ASP D 603 23.55 19.46 52.39
C ASP D 603 24.26 19.39 53.75
N ASP E 13 -6.68 -22.45 52.30
CA ASP E 13 -6.55 -21.02 51.98
C ASP E 13 -5.86 -20.83 50.61
N ALA E 14 -5.35 -21.92 50.06
CA ALA E 14 -4.87 -21.96 48.68
C ALA E 14 -6.02 -22.24 47.74
N ILE E 15 -5.81 -21.91 46.47
CA ILE E 15 -6.84 -22.08 45.45
C ILE E 15 -6.42 -23.04 44.35
N GLY E 16 -5.23 -23.62 44.46
CA GLY E 16 -4.83 -24.62 43.49
C GLY E 16 -3.33 -24.84 43.49
N MET E 17 -2.91 -25.66 42.56
CA MET E 17 -1.52 -26.07 42.45
C MET E 17 -1.02 -26.01 41.03
N VAL E 18 0.22 -25.54 40.87
CA VAL E 18 0.83 -25.38 39.55
C VAL E 18 0.87 -26.72 38.85
N LEU E 19 0.41 -26.72 37.61
CA LEU E 19 0.21 -27.94 36.85
C LEU E 19 1.49 -28.27 36.08
N GLY E 20 1.83 -29.56 36.06
CA GLY E 20 2.95 -30.06 35.29
C GLY E 20 2.58 -30.76 33.98
N THR E 21 1.28 -30.90 33.72
CA THR E 21 0.79 -31.46 32.46
C THR E 21 0.89 -30.46 31.32
N GLU E 22 0.90 -29.16 31.64
CA GLU E 22 1.21 -28.09 30.72
C GLU E 22 2.54 -27.47 31.12
N ASP E 23 3.28 -26.96 30.15
CA ASP E 23 4.60 -26.41 30.45
C ASP E 23 4.51 -25.25 31.41
N VAL E 24 5.45 -25.18 32.35
CA VAL E 24 5.54 -24.10 33.30
C VAL E 24 6.70 -23.23 32.88
N THR E 25 6.41 -21.99 32.54
CA THR E 25 7.37 -20.99 32.09
C THR E 25 7.27 -19.79 33.00
N PRO E 26 8.30 -18.94 33.04
CA PRO E 26 8.20 -17.76 33.90
C PRO E 26 7.09 -16.83 33.50
N THR E 27 6.76 -16.75 32.23
CA THR E 27 5.80 -15.73 31.82
C THR E 27 4.39 -16.30 31.78
N VAL E 28 4.26 -17.58 31.43
CA VAL E 28 2.98 -18.25 31.29
C VAL E 28 3.03 -19.61 31.97
N PHE E 29 1.96 -19.95 32.71
CA PHE E 29 1.83 -21.28 33.27
C PHE E 29 0.36 -21.56 33.58
N TRP E 30 0.07 -22.83 33.85
CA TRP E 30 -1.24 -23.30 34.26
C TRP E 30 -1.19 -23.80 35.69
N PHE E 31 -2.36 -23.77 36.33
CA PHE E 31 -2.55 -24.36 37.65
C PHE E 31 -3.92 -25.02 37.69
N ALA E 32 -4.05 -26.07 38.51
CA ALA E 32 -5.29 -26.81 38.69
C ALA E 32 -6.07 -26.26 39.89
N VAL E 33 -7.32 -25.86 39.65
CA VAL E 33 -8.13 -25.27 40.71
C VAL E 33 -8.51 -26.36 41.70
N SER E 34 -8.17 -26.15 42.98
CA SER E 34 -8.47 -27.15 43.98
C SER E 34 -9.98 -27.23 44.22
N HIS E 35 -10.41 -28.35 44.78
CA HIS E 35 -11.83 -28.56 45.02
C HIS E 35 -12.37 -27.49 45.97
N GLY E 36 -13.58 -27.04 45.71
CA GLY E 36 -14.20 -26.06 46.59
C GLY E 36 -13.81 -24.62 46.34
N ALA E 37 -13.07 -24.34 45.28
CA ALA E 37 -12.68 -22.99 44.93
C ALA E 37 -13.13 -22.71 43.51
N SER E 38 -13.53 -21.47 43.23
CA SER E 38 -13.90 -21.07 41.87
C SER E 38 -12.96 -19.98 41.41
N VAL E 39 -12.46 -20.10 40.19
CA VAL E 39 -11.49 -19.19 39.63
C VAL E 39 -12.10 -18.51 38.42
N GLY E 40 -12.14 -17.19 38.44
CA GLY E 40 -12.72 -16.44 37.36
C GLY E 40 -11.71 -16.07 36.30
N LEU E 41 -12.23 -15.50 35.23
CA LEU E 41 -11.40 -15.27 34.06
C LEU E 41 -10.42 -14.11 34.26
N ASP E 42 -10.77 -13.12 35.08
CA ASP E 42 -9.87 -11.98 35.22
C ASP E 42 -9.24 -11.91 36.60
N ASP E 43 -9.09 -13.05 37.26
CA ASP E 43 -8.69 -13.03 38.66
C ASP E 43 -7.19 -12.82 38.79
N LEU E 44 -6.81 -12.10 39.83
CA LEU E 44 -5.43 -11.83 40.16
C LEU E 44 -4.94 -12.86 41.17
N VAL E 45 -3.83 -13.53 40.84
CA VAL E 45 -3.32 -14.65 41.62
C VAL E 45 -1.83 -14.43 41.89
N VAL E 46 -1.36 -15.02 42.99
CA VAL E 46 0.04 -14.98 43.36
C VAL E 46 0.50 -16.38 43.73
N VAL E 47 1.72 -16.72 43.32
CA VAL E 47 2.30 -18.05 43.46
C VAL E 47 3.75 -17.82 43.88
N GLU E 48 4.20 -18.60 44.84
CA GLU E 48 5.55 -18.47 45.33
C GLU E 48 6.26 -19.80 45.20
N THR E 49 7.46 -19.76 44.63
CA THR E 49 8.32 -20.91 44.42
C THR E 49 9.62 -20.67 45.17
N ARG E 50 10.36 -21.75 45.38
CA ARG E 50 11.61 -21.70 46.13
C ARG E 50 12.74 -22.22 45.27
N LYS E 51 13.81 -21.41 45.14
CA LYS E 51 15.01 -21.81 44.44
C LYS E 51 15.63 -23.02 45.12
N PRO E 52 16.58 -23.69 44.47
CA PRO E 52 17.32 -24.75 45.18
C PRO E 52 18.03 -24.26 46.43
N ASP E 53 18.52 -23.02 46.44
CA ASP E 53 19.23 -22.52 47.61
C ASP E 53 18.30 -22.04 48.71
N GLY E 54 16.98 -22.14 48.49
CA GLY E 54 15.99 -21.74 49.45
C GLY E 54 15.48 -20.32 49.30
N THR E 55 15.98 -19.56 48.33
CA THR E 55 15.46 -18.23 48.12
C THR E 55 14.03 -18.31 47.60
N PRO E 56 13.12 -17.47 48.11
CA PRO E 56 11.77 -17.47 47.55
C PRO E 56 11.64 -16.48 46.40
N VAL E 57 10.85 -16.87 45.40
CA VAL E 57 10.54 -16.00 44.27
C VAL E 57 9.02 -15.96 44.10
N ARG E 58 8.45 -14.77 44.09
CA ARG E 58 6.97 -14.65 44.01
C ARG E 58 6.56 -14.27 42.60
N PHE E 59 5.54 -14.95 42.07
CA PHE E 59 5.03 -14.63 40.71
C PHE E 59 3.62 -14.06 40.84
N TYR E 60 3.41 -12.85 40.33
CA TYR E 60 2.06 -12.23 40.37
C TYR E 60 1.51 -12.33 38.95
N GLY E 61 0.31 -12.91 38.82
CA GLY E 61 -0.25 -13.13 37.47
C GLY E 61 -1.74 -12.90 37.39
N LEU E 62 -2.25 -12.80 36.17
CA LEU E 62 -3.68 -12.60 35.87
C LEU E 62 -4.16 -13.82 35.09
N VAL E 63 -5.34 -14.35 35.42
CA VAL E 63 -5.86 -15.56 34.71
C VAL E 63 -6.48 -15.12 33.39
N ASP E 64 -5.94 -15.62 32.27
CA ASP E 64 -6.48 -15.25 30.94
C ASP E 64 -7.24 -16.43 30.32
N ASN E 65 -6.97 -17.65 30.80
CA ASN E 65 -7.68 -18.85 30.28
C ASN E 65 -8.19 -19.70 31.45
N VAL E 66 -9.48 -20.07 31.40
CA VAL E 66 -10.12 -20.94 32.43
C VAL E 66 -10.86 -22.05 31.68
N ARG E 67 -10.65 -23.32 32.05
CA ARG E 67 -11.34 -24.41 31.32
C ARG E 67 -11.69 -25.59 32.25
N LYS E 68 -12.67 -26.39 31.83
CA LYS E 68 -13.11 -27.62 32.55
C LYS E 68 -13.14 -28.77 31.54
N ARG E 69 -12.57 -29.92 31.91
CA ARG E 69 -12.51 -31.10 30.99
C ARG E 69 -12.74 -32.39 31.77
N HIS E 70 -13.08 -33.48 31.07
CA HIS E 70 -13.26 -34.81 31.70
C HIS E 70 -11.97 -35.61 31.47
N GLU E 71 -11.22 -35.91 32.54
CA GLU E 71 -9.94 -36.64 32.42
C GLU E 71 -10.12 -38.09 31.92
N GLY E 72 -11.10 -38.83 32.46
CA GLY E 72 -11.23 -40.26 32.10
C GLY E 72 -12.24 -40.59 31.03
N VAL E 73 -13.05 -39.64 30.56
CA VAL E 73 -14.07 -39.97 29.53
C VAL E 73 -13.39 -40.23 28.18
N THR E 74 -13.81 -41.28 27.47
CA THR E 74 -13.23 -41.62 26.15
C THR E 74 -14.26 -41.48 25.03
N PHE E 75 -15.54 -41.26 25.36
CA PHE E 75 -16.56 -41.15 24.28
C PHE E 75 -17.53 -39.98 24.56
N GLU E 76 -17.93 -39.31 23.49
CA GLU E 76 -18.87 -38.15 23.56
C GLU E 76 -20.21 -38.62 24.11
N SER E 77 -20.69 -39.79 23.67
CA SER E 77 -22.00 -40.37 24.09
C SER E 77 -22.01 -40.79 25.56
N ASP E 78 -20.84 -41.06 26.14
CA ASP E 78 -20.68 -41.53 27.55
C ASP E 78 -20.94 -40.42 28.58
N VAL E 79 -21.02 -39.16 28.16
CA VAL E 79 -21.20 -38.03 29.13
C VAL E 79 -22.50 -38.23 29.92
N GLU E 80 -23.58 -38.66 29.28
CA GLU E 80 -24.86 -38.83 30.02
C GLU E 80 -24.66 -39.89 31.11
N ASP E 81 -23.99 -41.00 30.77
CA ASP E 81 -23.70 -42.09 31.74
C ASP E 81 -22.79 -41.55 32.85
N VAL E 82 -21.80 -40.72 32.47
CA VAL E 82 -20.82 -40.16 33.44
C VAL E 82 -21.56 -39.31 34.47
N VAL E 83 -22.57 -38.54 34.02
CA VAL E 83 -23.34 -37.65 34.94
C VAL E 83 -24.02 -38.53 36.00
N ALA E 84 -24.60 -39.66 35.58
CA ALA E 84 -25.27 -40.61 36.49
C ALA E 84 -24.26 -41.22 37.46
N GLY E 85 -23.03 -41.45 36.99
CA GLY E 85 -21.95 -42.04 37.81
C GLY E 85 -21.71 -43.51 37.53
N LEU E 86 -22.41 -44.06 36.53
CA LEU E 86 -22.22 -45.46 36.12
C LEU E 86 -20.74 -45.63 35.74
N LEU E 87 -20.24 -44.80 34.84
CA LEU E 87 -18.81 -44.87 34.44
C LEU E 87 -17.97 -44.03 35.40
N PRO E 88 -16.52 -44.15 35.41
CA PRO E 88 -15.18 -43.49 36.20
C PRO E 88 -14.82 -42.21 35.44
N ALA E 89 -15.14 -41.03 36.01
CA ALA E 89 -14.86 -39.76 35.32
C ALA E 89 -14.67 -38.63 36.33
N SER E 90 -13.52 -37.97 36.30
CA SER E 90 -13.23 -36.85 37.24
C SER E 90 -13.13 -35.55 36.45
N VAL E 91 -13.87 -34.52 36.87
CA VAL E 91 -13.84 -33.19 36.21
C VAL E 91 -12.49 -32.52 36.52
N SER E 92 -11.84 -31.94 35.50
CA SER E 92 -10.54 -31.26 35.69
C SER E 92 -10.74 -29.75 35.53
N TYR E 93 -10.37 -28.98 36.56
CA TYR E 93 -10.51 -27.50 36.53
C TYR E 93 -9.11 -26.90 36.51
N ALA E 94 -8.79 -26.13 35.47
CA ALA E 94 -7.44 -25.54 35.35
C ALA E 94 -7.55 -24.08 34.85
N ALA E 95 -6.69 -23.21 35.37
CA ALA E 95 -6.68 -21.80 34.95
C ALA E 95 -5.27 -21.41 34.48
N ARG E 96 -5.15 -20.79 33.31
CA ARG E 96 -3.83 -20.35 32.79
C ARG E 96 -3.50 -19.00 33.44
N VAL E 97 -2.27 -18.83 33.92
CA VAL E 97 -1.89 -17.54 34.58
C VAL E 97 -0.89 -16.80 33.69
N LEU E 98 -1.15 -15.53 33.41
CA LEU E 98 -0.22 -14.68 32.63
C LEU E 98 0.60 -13.88 33.63
N VAL E 99 1.90 -14.17 33.75
CA VAL E 99 2.74 -13.47 34.77
C VAL E 99 2.81 -11.98 34.45
N THR E 100 2.58 -11.13 35.45
CA THR E 100 2.66 -9.66 35.26
C THR E 100 3.82 -9.09 36.08
N ARG E 101 4.28 -9.82 37.10
CA ARG E 101 5.39 -9.29 37.94
C ARG E 101 6.06 -10.43 38.74
N VAL E 102 7.37 -10.33 38.95
CA VAL E 102 8.14 -11.27 39.81
C VAL E 102 8.88 -10.39 40.82
N ASP E 103 8.62 -10.54 42.13
CA ASP E 103 9.20 -9.65 43.17
C ASP E 103 10.72 -9.73 43.20
N PRO E 104 11.40 -11.01 43.28
CA PRO E 104 12.97 -11.61 43.22
C PRO E 104 12.88 -11.78 41.71
N GLU E 105 13.50 -10.90 40.92
CA GLU E 105 13.34 -10.98 39.44
C GLU E 105 14.30 -12.01 38.84
N ASN E 106 13.99 -13.29 39.06
CA ASN E 106 14.73 -14.45 38.52
C ASN E 106 13.79 -15.06 37.50
N PHE E 107 14.25 -15.27 36.27
CA PHE E 107 13.31 -15.82 35.27
C PHE E 107 13.29 -17.34 35.31
N ILE E 108 13.58 -17.91 36.48
CA ILE E 108 13.47 -19.38 36.64
C ILE E 108 11.98 -19.73 36.57
N PRO E 109 11.57 -20.86 35.95
CA PRO E 109 10.16 -21.22 35.86
C PRO E 109 9.67 -21.74 37.22
N PRO E 110 8.44 -21.42 37.66
CA PRO E 110 7.95 -21.93 38.93
C PRO E 110 7.85 -23.45 38.81
N GLN E 111 8.22 -24.17 39.88
CA GLN E 111 8.16 -25.66 39.89
C GLN E 111 6.70 -26.12 40.05
N PRO E 112 6.25 -27.19 39.35
CA PRO E 112 4.87 -27.65 39.47
C PRO E 112 4.61 -28.20 40.87
N GLY E 113 3.42 -27.93 41.42
CA GLY E 113 3.06 -28.39 42.76
C GLY E 113 3.01 -27.24 43.75
N ASP E 114 3.48 -26.06 43.33
CA ASP E 114 3.48 -24.87 44.17
C ASP E 114 2.05 -24.38 44.36
N HIS E 115 1.81 -23.72 45.49
CA HIS E 115 0.46 -23.30 45.82
C HIS E 115 0.14 -21.97 45.16
N VAL E 116 -1.06 -21.90 44.57
CA VAL E 116 -1.63 -20.70 43.97
C VAL E 116 -2.68 -20.17 44.93
N ARG E 117 -2.70 -18.86 45.14
CA ARG E 117 -3.72 -18.23 45.95
C ARG E 117 -4.19 -16.94 45.29
N HIS E 118 -5.44 -16.57 45.55
CA HIS E 118 -5.94 -15.26 45.17
C HIS E 118 -5.09 -14.17 45.83
N ALA E 119 -4.62 -13.22 45.02
CA ALA E 119 -3.81 -12.15 45.58
C ALA E 119 -4.71 -11.22 46.38
N ALA E 120 -4.30 -10.90 47.61
CA ALA E 120 -5.04 -9.97 48.45
C ALA E 120 -4.08 -9.22 49.36
N GLY E 121 -4.49 -8.07 49.87
CA GLY E 121 -3.65 -7.41 50.87
C GLY E 121 -2.39 -6.87 50.23
N ARG E 122 -1.24 -7.04 50.88
CA ARG E 122 0.04 -6.65 50.28
C ARG E 122 0.25 -7.30 48.92
N GLU E 123 -0.20 -8.55 48.73
CA GLU E 123 -0.06 -9.21 47.44
C GLU E 123 -0.85 -8.48 46.36
N LEU E 124 -2.07 -8.05 46.66
CA LEU E 124 -2.86 -7.34 45.67
C LEU E 124 -2.21 -6.01 45.30
N ALA E 125 -1.71 -5.27 46.30
CA ALA E 125 -0.96 -4.06 46.03
C ALA E 125 0.21 -4.34 45.08
N MET E 126 0.95 -5.43 45.33
CA MET E 126 2.10 -5.74 44.50
C MET E 126 1.67 -6.09 43.08
N ALA E 127 0.55 -6.80 42.93
CA ALA E 127 0.13 -7.25 41.60
C ALA E 127 -0.31 -6.09 40.74
N LEU E 128 -0.91 -5.08 41.35
CA LEU E 128 -1.35 -3.91 40.62
C LEU E 128 -0.34 -2.79 40.65
N SER E 129 0.92 -3.08 41.02
CA SER E 129 1.99 -2.09 41.01
C SER E 129 1.64 -0.85 41.84
N ALA E 130 0.95 -1.07 42.95
CA ALA E 130 0.57 0.06 43.80
C ALA E 130 1.77 0.69 44.48
N ASP E 131 2.87 -0.06 44.64
CA ASP E 131 4.07 0.50 45.28
C ASP E 131 4.76 1.53 44.39
N LYS E 132 4.54 1.45 43.07
CA LYS E 132 5.02 2.49 42.19
C LYS E 132 4.18 3.76 42.33
N MET E 133 2.87 3.63 42.48
CA MET E 133 2.01 4.79 42.70
C MET E 133 1.69 4.91 44.18
N GLU E 134 2.66 5.36 44.96
CA GLU E 134 2.52 5.32 46.40
C GLU E 134 1.34 6.18 46.84
N GLU E 135 1.42 7.48 46.57
CA GLU E 135 0.37 8.38 46.99
C GLU E 135 -0.47 8.84 45.81
N ALA E 136 -0.01 8.60 44.60
CA ALA E 136 -0.82 8.99 43.47
C ALA E 136 -1.99 8.06 43.26
N ALA E 137 -2.07 6.97 44.02
CA ALA E 137 -3.11 5.98 43.75
C ALA E 137 -4.45 6.53 44.20
N PHE E 138 -5.45 6.38 43.34
CA PHE E 138 -6.83 6.71 43.70
C PHE E 138 -7.76 5.66 43.14
N PRO E 139 -8.99 5.58 43.65
CA PRO E 139 -9.96 4.58 43.16
C PRO E 139 -10.26 4.74 41.67
N GLY E 140 -9.96 3.69 40.91
CA GLY E 140 -10.31 3.62 39.50
C GLY E 140 -11.52 2.73 39.26
N GLY E 141 -11.99 2.12 40.32
CA GLY E 141 -13.16 1.25 40.26
C GLY E 141 -12.97 0.05 41.16
N LEU E 142 -13.95 -0.87 41.11
CA LEU E 142 -13.91 -2.11 41.94
C LEU E 142 -13.53 -3.29 41.06
N LEU E 143 -12.66 -4.17 41.55
CA LEU E 143 -12.23 -5.35 40.74
C LEU E 143 -12.64 -6.67 41.38
N ALA E 144 -13.33 -7.52 40.61
CA ALA E 144 -13.74 -8.88 41.05
C ALA E 144 -14.51 -8.84 42.37
N ASP E 145 -15.43 -7.89 42.52
CA ASP E 145 -16.26 -7.74 43.75
C ASP E 145 -15.39 -7.83 45.00
N GLY E 146 -14.25 -7.13 45.01
CA GLY E 146 -13.39 -7.13 46.15
C GLY E 146 -12.85 -5.73 46.46
N GLN E 147 -11.55 -5.57 46.29
CA GLN E 147 -10.89 -4.35 46.70
C GLN E 147 -11.14 -3.24 45.67
N PRO E 148 -10.56 -2.04 45.87
CA PRO E 148 -10.53 -1.06 44.78
C PRO E 148 -9.33 -1.26 43.87
N LEU E 149 -9.45 -0.70 42.67
CA LEU E 149 -8.35 -0.73 41.71
C LEU E 149 -7.59 0.59 41.77
N PRO E 150 -6.30 0.56 42.08
CA PRO E 150 -5.52 1.80 42.15
C PRO E 150 -5.18 2.33 40.76
N LEU E 151 -5.43 3.62 40.57
CA LEU E 151 -5.07 4.35 39.35
C LEU E 151 -4.00 5.36 39.70
N ASN E 152 -2.93 5.40 38.91
CA ASN E 152 -1.87 6.36 39.16
C ASN E 152 -2.26 7.73 38.61
N PHE E 153 -2.59 8.67 39.50
CA PHE E 153 -3.00 10.01 39.05
C PHE E 153 -1.86 10.71 38.31
N ARG E 154 -0.60 10.35 38.61
CA ARG E 154 0.53 10.98 37.92
C ARG E 154 0.50 10.73 36.41
N PHE E 155 -0.17 9.66 35.98
CA PHE E 155 -0.35 9.44 34.55
C PHE E 155 -1.61 10.08 34.00
N ILE E 156 -2.35 10.81 34.83
CA ILE E 156 -3.54 11.51 34.38
C ILE E 156 -3.34 13.03 34.41
N ASN E 157 -2.59 13.53 35.37
CA ASN E 157 -2.48 14.97 35.52
C ASN E 157 -1.29 15.57 34.79
N GLY E 158 -0.53 14.76 34.07
CA GLY E 158 0.56 15.26 33.26
C GLY E 158 1.93 15.14 33.88
N GLU E 159 2.01 14.64 35.10
CA GLU E 159 3.33 14.52 35.78
C GLU E 159 4.26 13.57 35.02
N SER E 160 3.93 12.29 34.99
CA SER E 160 4.75 11.32 34.20
C SER E 160 3.86 10.70 33.13
N GLY E 161 2.56 10.93 33.23
CA GLY E 161 1.54 10.37 32.32
C GLY E 161 0.68 11.46 31.77
N GLY E 162 -0.13 11.15 30.77
CA GLY E 162 -0.88 12.23 30.12
C GLY E 162 -2.37 12.29 30.33
N HIS E 163 -3.10 11.56 29.51
CA HIS E 163 -4.55 11.79 29.25
C HIS E 163 -5.34 10.49 29.36
N ILE E 164 -6.64 10.53 29.09
CA ILE E 164 -7.49 9.31 29.21
C ILE E 164 -8.34 9.11 27.95
N ASN E 165 -8.29 7.90 27.37
CA ASN E 165 -9.12 7.58 26.18
C ASN E 165 -10.05 6.43 26.53
N ILE E 166 -11.36 6.65 26.46
CA ILE E 166 -12.36 5.63 26.77
C ILE E 166 -12.99 5.16 25.48
N SER E 167 -13.11 3.86 25.31
CA SER E 167 -13.61 3.33 24.05
C SER E 167 -14.71 2.30 24.32
N GLY E 168 -15.68 2.20 23.40
CA GLY E 168 -16.80 1.31 23.59
C GLY E 168 -17.99 1.60 22.69
N ILE E 169 -18.85 0.61 22.47
CA ILE E 169 -20.03 0.80 21.63
C ILE E 169 -20.98 1.79 22.30
N SER E 170 -21.23 2.92 21.64
CA SER E 170 -22.11 3.93 22.20
C SER E 170 -23.53 3.40 22.30
N GLY E 171 -24.13 3.53 23.48
CA GLY E 171 -25.45 3.01 23.72
C GLY E 171 -25.45 1.85 24.67
N VAL E 172 -24.49 0.95 24.50
CA VAL E 172 -24.33 -0.20 25.39
C VAL E 172 -23.12 -0.03 26.32
N ALA E 173 -21.99 0.42 25.80
CA ALA E 173 -20.87 0.73 26.66
C ALA E 173 -21.12 2.06 27.36
N THR E 174 -20.85 2.09 28.66
CA THR E 174 -21.20 3.25 29.48
C THR E 174 -20.04 4.23 29.57
N LYS E 175 -19.58 4.74 28.42
CA LYS E 175 -18.34 5.51 28.37
C LYS E 175 -18.42 6.76 29.23
N THR E 176 -19.44 7.56 29.00
CA THR E 176 -19.55 8.86 29.66
C THR E 176 -19.73 8.70 31.17
N SER E 177 -20.44 7.65 31.58
CA SER E 177 -20.66 7.43 33.01
C SER E 177 -19.36 7.11 33.72
N TYR E 178 -18.49 6.30 33.10
CA TYR E 178 -17.19 6.03 33.70
C TYR E 178 -16.35 7.30 33.76
N ALA E 179 -16.43 8.15 32.74
CA ALA E 179 -15.73 9.43 32.81
C ALA E 179 -16.19 10.24 34.01
N LEU E 180 -17.50 10.41 34.16
CA LEU E 180 -18.03 11.16 35.29
C LEU E 180 -17.63 10.52 36.61
N PHE E 181 -17.66 9.19 36.69
CA PHE E 181 -17.17 8.54 37.88
C PHE E 181 -15.69 8.84 38.12
N LEU E 182 -14.90 8.91 37.05
CA LEU E 182 -13.48 9.21 37.22
C LEU E 182 -13.29 10.62 37.75
N LEU E 183 -14.08 11.58 37.26
CA LEU E 183 -14.02 12.94 37.77
C LEU E 183 -14.41 12.99 39.24
N HIS E 184 -15.54 12.36 39.58
CA HIS E 184 -15.91 12.25 40.99
C HIS E 184 -14.77 11.66 41.81
N SER E 185 -14.17 10.57 41.34
CA SER E 185 -13.09 9.95 42.08
C SER E 185 -11.91 10.90 42.27
N ILE E 186 -11.54 11.63 41.20
CA ILE E 186 -10.39 12.53 41.27
C ILE E 186 -10.65 13.68 42.23
N PHE E 187 -11.85 14.25 42.17
CA PHE E 187 -12.21 15.38 43.03
C PHE E 187 -12.34 14.95 44.49
N ARG E 188 -13.06 13.85 44.75
CA ARG E 188 -13.43 13.52 46.12
C ARG E 188 -12.34 12.78 46.88
N SER E 189 -11.50 12.00 46.19
CA SER E 189 -10.55 11.14 46.88
C SER E 189 -9.49 11.91 47.65
N GLY E 190 -9.33 13.20 47.39
CA GLY E 190 -8.22 13.96 47.93
C GLY E 190 -6.90 13.66 47.27
N VAL E 191 -6.91 13.04 46.10
CA VAL E 191 -5.65 12.63 45.49
C VAL E 191 -4.88 13.82 44.98
N MET E 192 -5.59 14.87 44.54
CA MET E 192 -4.90 16.05 44.02
C MET E 192 -4.07 16.74 45.10
N ASP E 193 -4.57 16.77 46.34
CA ASP E 193 -3.76 17.29 47.43
C ASP E 193 -2.48 16.47 47.61
N ARG E 194 -2.59 15.14 47.53
CA ARG E 194 -1.43 14.29 47.74
C ARG E 194 -0.41 14.46 46.62
N THR E 195 -0.86 14.51 45.36
CA THR E 195 0.07 14.60 44.24
C THR E 195 0.77 15.96 44.21
N ALA E 196 0.06 17.02 44.60
CA ALA E 196 0.70 18.34 44.69
C ALA E 196 1.82 18.33 45.73
N GLN E 197 1.59 17.69 46.87
CA GLN E 197 2.60 17.49 47.90
C GLN E 197 3.69 16.49 47.46
N THR E 206 -2.38 23.85 40.93
CA THR E 206 -1.58 23.59 42.11
C THR E 206 -2.51 23.24 43.25
N ALA E 207 -2.72 21.93 43.42
CA ALA E 207 -3.55 21.30 44.45
C ALA E 207 -5.05 21.48 44.20
N GLY E 208 -5.45 22.04 43.05
CA GLY E 208 -6.85 22.22 42.73
C GLY E 208 -7.22 21.48 41.45
N GLY E 209 -8.53 21.42 41.19
CA GLY E 209 -9.03 20.71 40.03
C GLY E 209 -10.32 21.27 39.45
N ARG E 210 -10.41 21.30 38.13
CA ARG E 210 -11.56 21.84 37.43
C ARG E 210 -11.92 20.91 36.29
N ALA E 211 -13.13 21.07 35.76
CA ALA E 211 -13.63 20.21 34.70
C ALA E 211 -14.59 20.99 33.80
N LEU E 212 -14.45 20.78 32.50
CA LEU E 212 -15.34 21.36 31.49
C LEU E 212 -15.91 20.23 30.65
N ILE E 213 -17.24 20.16 30.57
CA ILE E 213 -17.91 19.04 29.91
C ILE E 213 -19.06 19.58 29.07
N PHE E 214 -19.21 19.05 27.86
CA PHE E 214 -20.21 19.54 26.93
C PHE E 214 -21.40 18.59 26.91
N ASN E 215 -22.59 19.15 27.15
CA ASN E 215 -23.83 18.41 27.10
C ASN E 215 -24.26 18.31 25.63
N VAL E 216 -23.59 17.42 24.90
CA VAL E 216 -24.06 17.03 23.57
C VAL E 216 -25.27 16.11 23.66
N LYS E 217 -25.45 15.40 24.77
CA LYS E 217 -26.61 14.54 24.99
C LYS E 217 -27.88 15.37 25.17
N GLY E 218 -29.03 14.70 25.18
CA GLY E 218 -30.33 15.32 25.38
C GLY E 218 -30.62 15.63 26.84
N GLU E 219 -29.89 16.60 27.38
CA GLU E 219 -30.11 17.11 28.74
C GLU E 219 -29.76 16.10 29.83
N ASP E 220 -29.04 15.04 29.47
CA ASP E 220 -28.55 14.12 30.50
C ASP E 220 -27.60 14.81 31.47
N LEU E 221 -26.68 15.64 30.98
CA LEU E 221 -25.66 16.23 31.85
C LEU E 221 -26.16 17.47 32.59
N LEU E 222 -27.44 17.80 32.50
CA LEU E 222 -27.95 19.03 33.07
C LEU E 222 -28.33 18.91 34.55
N PHE E 223 -28.17 17.74 35.17
CA PHE E 223 -28.54 17.59 36.57
C PHE E 223 -27.42 16.94 37.37
N LEU E 224 -26.20 17.45 37.24
CA LEU E 224 -25.04 16.88 37.92
C LEU E 224 -24.88 17.39 39.35
N ASP E 225 -25.83 18.22 39.82
CA ASP E 225 -25.80 18.77 41.17
C ASP E 225 -26.86 18.18 42.06
N LYS E 226 -27.66 17.27 41.53
CA LYS E 226 -28.75 16.70 42.28
C LYS E 226 -28.34 15.36 42.85
N PRO E 227 -28.73 15.06 44.10
CA PRO E 227 -28.58 13.69 44.59
C PRO E 227 -29.42 12.75 43.75
N ASN E 228 -28.95 11.52 43.62
CA ASN E 228 -29.61 10.55 42.76
C ASN E 228 -30.48 9.63 43.59
N ALA E 229 -31.79 9.80 43.40
CA ALA E 229 -32.86 9.10 44.12
C ALA E 229 -32.87 7.63 43.75
N ARG E 230 -32.51 7.30 42.51
CA ARG E 230 -32.53 5.89 42.09
C ARG E 230 -31.15 5.25 42.30
N MET E 231 -30.22 5.94 42.96
CA MET E 231 -28.91 5.25 43.13
C MET E 231 -28.97 4.29 44.32
N VAL E 232 -29.51 4.72 45.46
CA VAL E 232 -29.52 3.84 46.67
C VAL E 232 -30.27 2.55 46.36
N GLU E 233 -31.41 2.65 45.68
CA GLU E 233 -32.20 1.44 45.34
C GLU E 233 -31.30 0.43 44.63
N LYS E 234 -30.67 0.82 43.53
CA LYS E 234 -29.82 -0.12 42.74
C LYS E 234 -28.52 -0.43 43.49
N GLU E 235 -27.98 0.55 44.20
CA GLU E 235 -26.72 0.34 44.91
C GLU E 235 -26.87 -0.73 45.99
N ASP E 236 -27.96 -0.64 46.77
CA ASP E 236 -28.20 -1.62 47.82
C ASP E 236 -28.51 -2.98 47.23
N LYS E 237 -29.18 -3.00 46.06
CA LYS E 237 -29.43 -4.24 45.35
C LYS E 237 -28.13 -4.97 45.01
N VAL E 238 -27.13 -4.24 44.50
CA VAL E 238 -25.84 -4.85 44.18
C VAL E 238 -25.13 -5.31 45.45
N VAL E 239 -25.27 -4.56 46.55
CA VAL E 239 -24.66 -4.98 47.82
C VAL E 239 -25.20 -6.33 48.26
N ARG E 240 -26.50 -6.55 48.10
CA ARG E 240 -27.09 -7.84 48.43
C ARG E 240 -26.54 -8.95 47.55
N ALA E 241 -26.35 -8.67 46.26
CA ALA E 241 -25.97 -9.70 45.30
C ALA E 241 -24.62 -10.31 45.67
N LYS E 242 -23.64 -9.47 45.97
CA LYS E 242 -22.27 -9.90 46.20
C LYS E 242 -21.87 -9.85 47.67
N GLY E 243 -22.49 -8.99 48.47
CA GLY E 243 -22.20 -9.02 49.90
C GLY E 243 -21.09 -8.11 50.34
N LEU E 244 -20.96 -6.96 49.69
CA LEU E 244 -20.03 -5.97 50.20
C LEU E 244 -20.48 -5.52 51.58
N SER E 245 -19.51 -5.29 52.48
CA SER E 245 -19.77 -4.89 53.86
C SER E 245 -20.30 -3.45 53.97
N ALA E 246 -19.88 -2.54 53.09
CA ALA E 246 -20.47 -1.21 53.01
C ALA E 246 -21.03 -1.01 51.59
N ASP E 247 -21.49 0.21 51.31
CA ASP E 247 -21.95 0.53 49.97
C ASP E 247 -20.75 0.76 49.05
N ARG E 248 -20.94 0.41 47.77
CA ARG E 248 -19.87 0.49 46.75
C ARG E 248 -19.05 1.78 46.87
N TYR E 249 -19.72 2.92 47.08
CA TYR E 249 -19.00 4.17 47.27
C TYR E 249 -18.13 4.13 48.52
N ALA E 250 -18.61 3.48 49.58
CA ALA E 250 -17.82 3.45 50.80
C ALA E 250 -16.62 2.54 50.66
N LEU E 251 -16.69 1.55 49.78
CA LEU E 251 -15.57 0.64 49.56
C LEU E 251 -14.40 1.38 48.93
N LEU E 252 -14.69 2.27 47.97
CA LEU E 252 -13.67 3.11 47.38
C LEU E 252 -13.18 4.23 48.31
N GLY E 253 -13.85 4.48 49.42
CA GLY E 253 -13.49 5.63 50.23
C GLY E 253 -13.99 6.95 49.70
N LEU E 254 -15.02 6.92 48.87
CA LEU E 254 -15.56 8.07 48.18
C LEU E 254 -16.96 8.39 48.65
N PRO E 255 -17.27 9.66 48.92
CA PRO E 255 -18.63 10.03 49.31
C PRO E 255 -19.62 9.83 48.17
N ALA E 256 -20.84 9.48 48.54
CA ALA E 256 -21.89 9.25 47.56
C ALA E 256 -22.77 10.50 47.49
N GLU E 257 -22.29 11.49 46.75
CA GLU E 257 -22.91 12.80 46.70
C GLU E 257 -22.74 13.34 45.29
N PRO E 258 -23.56 14.30 44.89
CA PRO E 258 -23.43 14.89 43.55
C PRO E 258 -22.28 15.92 43.52
N PHE E 259 -22.08 16.49 42.34
CA PHE E 259 -20.99 17.45 42.16
C PHE E 259 -21.33 18.76 42.83
N ARG E 260 -20.37 19.34 43.56
CA ARG E 260 -20.76 20.36 44.53
C ARG E 260 -20.88 21.75 43.90
N ASP E 261 -19.90 22.18 43.09
CA ASP E 261 -19.88 23.54 42.54
C ASP E 261 -20.01 23.49 41.03
N VAL E 262 -21.23 23.69 40.52
CA VAL E 262 -21.56 23.40 39.12
C VAL E 262 -22.18 24.63 38.48
N GLN E 263 -21.82 24.86 37.20
CA GLN E 263 -22.27 25.99 36.40
C GLN E 263 -22.80 25.45 35.07
N LEU E 264 -24.03 25.85 34.73
CA LEU E 264 -24.77 25.30 33.59
C LEU E 264 -25.04 26.42 32.62
N LEU E 265 -24.56 26.27 31.38
CA LEU E 265 -24.60 27.34 30.38
C LEU E 265 -25.33 26.82 29.15
N ALA E 266 -26.16 27.67 28.55
CA ALA E 266 -27.01 27.33 27.43
C ALA E 266 -27.09 28.49 26.44
N PRO E 267 -27.48 28.22 25.19
CA PRO E 267 -27.46 29.29 24.17
C PRO E 267 -28.73 30.12 24.21
N PRO E 268 -28.76 31.27 23.51
CA PRO E 268 -29.99 32.09 23.48
C PRO E 268 -31.07 31.45 22.63
N ARG E 269 -32.32 31.61 23.06
CA ARG E 269 -33.42 30.81 22.53
C ARG E 269 -34.11 31.50 21.36
N ALA E 270 -34.86 32.57 21.69
CA ALA E 270 -35.63 33.37 20.72
C ALA E 270 -34.81 33.70 19.49
N GLY E 271 -35.39 33.47 18.30
CA GLY E 271 -34.74 33.75 17.01
C GLY E 271 -35.28 35.04 16.40
N ALA E 272 -36.02 35.81 17.20
CA ALA E 272 -36.67 37.07 16.76
C ALA E 272 -35.73 38.27 16.97
N ALA E 273 -34.49 38.02 17.41
CA ALA E 273 -33.45 39.04 17.68
C ALA E 273 -33.91 40.01 18.77
N GLY E 274 -34.64 39.49 19.77
CA GLY E 274 -35.09 40.31 20.92
C GLY E 274 -33.91 40.64 21.80
N THR E 275 -33.89 41.84 22.39
CA THR E 275 -32.78 42.22 23.30
C THR E 275 -32.62 41.16 24.39
N ALA E 276 -33.74 40.70 24.97
CA ALA E 276 -33.67 39.72 26.04
C ALA E 276 -33.17 38.40 25.48
N ILE E 277 -32.34 37.70 26.23
CA ILE E 277 -31.90 36.38 25.85
C ILE E 277 -32.30 35.39 26.93
N VAL E 278 -32.81 34.24 26.52
CA VAL E 278 -33.32 33.25 27.45
C VAL E 278 -32.70 31.90 27.13
N PRO E 279 -32.36 31.06 28.12
CA PRO E 279 -31.71 29.78 27.80
C PRO E 279 -32.64 28.86 27.03
N GLN E 280 -32.03 28.03 26.14
CA GLN E 280 -32.67 26.95 25.36
C GLN E 280 -33.11 25.82 26.23
N THR E 281 -32.94 25.99 27.54
CA THR E 281 -33.39 24.98 28.49
C THR E 281 -34.89 24.72 28.36
N ASP E 282 -35.23 23.43 28.44
CA ASP E 282 -36.63 23.01 28.55
C ASP E 282 -36.89 22.23 29.82
N GLN E 283 -36.19 21.12 30.08
CA GLN E 283 -36.51 20.31 31.26
C GLN E 283 -36.04 20.99 32.54
N ARG E 284 -34.79 21.47 32.55
CA ARG E 284 -34.26 22.24 33.67
C ARG E 284 -34.07 23.70 33.29
N SER E 285 -34.92 24.59 33.78
CA SER E 285 -34.74 26.01 33.54
C SER E 285 -34.17 26.78 34.73
N GLU E 286 -33.94 26.13 35.86
CA GLU E 286 -33.47 26.80 37.06
C GLU E 286 -31.97 26.58 37.18
N GLY E 287 -31.23 27.63 37.58
CA GLY E 287 -29.80 27.53 37.74
C GLY E 287 -29.00 27.61 36.46
N VAL E 288 -29.64 27.74 35.32
CA VAL E 288 -28.96 27.76 34.04
C VAL E 288 -28.74 29.21 33.60
N THR E 289 -27.55 29.48 33.10
CA THR E 289 -27.16 30.80 32.63
C THR E 289 -27.02 30.79 31.12
N PRO E 290 -27.61 31.73 30.40
CA PRO E 290 -27.36 31.80 28.96
C PRO E 290 -25.96 32.30 28.68
N PHE E 291 -25.40 31.85 27.56
CA PHE E 291 -24.08 32.31 27.16
C PHE E 291 -24.17 32.88 25.75
N VAL E 292 -23.50 34.01 25.54
CA VAL E 292 -23.37 34.61 24.22
C VAL E 292 -21.93 35.06 24.01
N PHE E 293 -21.52 35.09 22.75
CA PHE E 293 -20.28 35.72 22.36
C PHE E 293 -20.58 37.09 21.80
N THR E 294 -19.67 38.02 22.01
CA THR E 294 -19.84 39.36 21.48
C THR E 294 -19.04 39.52 20.19
N ILE E 295 -19.56 40.35 19.29
CA ILE E 295 -18.92 40.54 17.99
C ILE E 295 -17.52 41.12 18.14
N ARG E 296 -17.33 42.01 19.10
CA ARG E 296 -16.00 42.57 19.29
C ARG E 296 -15.02 41.51 19.75
N GLU E 297 -15.44 40.63 20.68
CA GLU E 297 -14.54 39.56 21.12
C GLU E 297 -14.33 38.52 20.03
N PHE E 298 -15.34 38.28 19.18
CA PHE E 298 -15.19 37.45 17.99
C PHE E 298 -14.03 37.92 17.14
N CYS E 299 -13.89 39.24 16.99
CA CYS E 299 -12.81 39.84 16.23
C CYS E 299 -11.52 39.88 17.04
N ALA E 300 -11.61 40.28 18.31
CA ALA E 300 -10.41 40.47 19.12
C ALA E 300 -9.78 39.15 19.54
N ARG E 301 -10.56 38.08 19.64
CA ARG E 301 -10.03 36.79 20.06
C ARG E 301 -9.93 35.78 18.92
N ARG E 302 -9.97 36.26 17.68
CA ARG E 302 -9.64 35.47 16.50
C ARG E 302 -10.51 34.22 16.40
N MET E 303 -11.81 34.41 16.58
CA MET E 303 -12.77 33.32 16.55
C MET E 303 -13.11 32.89 15.12
N LEU E 304 -12.72 33.66 14.11
CA LEU E 304 -13.15 33.39 12.75
C LEU E 304 -12.77 32.00 12.23
N PRO E 305 -11.56 31.46 12.47
CA PRO E 305 -11.26 30.13 11.93
C PRO E 305 -12.24 29.05 12.38
N TYR E 306 -12.78 29.16 13.60
CA TYR E 306 -13.60 28.09 14.15
C TYR E 306 -14.99 28.04 13.54
N VAL E 307 -15.30 28.99 12.65
CA VAL E 307 -16.49 28.88 11.82
C VAL E 307 -16.33 27.78 10.79
N PHE E 308 -15.11 27.56 10.30
CA PHE E 308 -14.86 26.63 9.20
C PHE E 308 -14.44 25.28 9.79
N SER E 309 -15.44 24.44 10.06
CA SER E 309 -15.15 23.13 10.70
C SER E 309 -15.44 21.93 9.78
N ASP E 310 -15.59 22.14 8.47
CA ASP E 310 -15.87 21.00 7.56
C ASP E 310 -14.76 19.96 7.74
N ALA E 311 -13.52 20.31 7.37
CA ALA E 311 -12.30 19.51 7.61
C ALA E 311 -12.26 18.16 6.87
N SER E 312 -13.09 17.96 5.85
CA SER E 312 -13.08 16.69 5.07
C SER E 312 -12.98 17.08 3.61
N ALA E 313 -11.82 16.78 3.00
CA ALA E 313 -11.52 17.12 1.59
C ALA E 313 -12.02 18.54 1.28
N SER E 314 -11.71 19.53 2.15
CA SER E 314 -12.21 20.87 1.88
C SER E 314 -11.25 21.63 0.94
N LEU E 315 -11.57 22.89 0.65
CA LEU E 315 -10.72 23.84 -0.05
C LEU E 315 -9.66 24.39 0.89
N ASN E 316 -8.59 24.95 0.33
CA ASN E 316 -7.63 25.64 1.17
C ASN E 316 -8.00 27.12 1.21
N LEU E 317 -8.82 27.49 2.20
CA LEU E 317 -9.18 28.88 2.51
C LEU E 317 -8.26 29.49 3.58
N GLY E 318 -7.16 28.83 3.89
CA GLY E 318 -6.36 29.25 5.03
C GLY E 318 -5.81 30.65 4.87
N PHE E 319 -5.36 30.98 3.67
CA PHE E 319 -4.85 32.34 3.46
C PHE E 319 -5.94 33.37 3.69
N VAL E 320 -7.12 33.17 3.11
CA VAL E 320 -8.18 34.15 3.27
C VAL E 320 -8.62 34.24 4.72
N ILE E 321 -8.73 33.09 5.38
CA ILE E 321 -9.22 33.08 6.76
C ILE E 321 -8.22 33.77 7.68
N GLY E 322 -6.94 33.40 7.59
CA GLY E 322 -5.95 34.08 8.40
C GLY E 322 -5.90 35.56 8.09
N ASN E 323 -6.13 35.89 6.83
CA ASN E 323 -6.01 37.26 6.39
C ASN E 323 -7.16 38.10 6.94
N ILE E 324 -8.40 37.64 6.78
CA ILE E 324 -9.53 38.39 7.32
C ILE E 324 -9.50 38.38 8.85
N GLU E 325 -9.04 37.28 9.46
CA GLU E 325 -8.84 37.27 10.91
C GLU E 325 -7.91 38.40 11.32
N GLU E 326 -6.80 38.56 10.60
CA GLU E 326 -5.87 39.65 10.89
C GLU E 326 -6.54 41.00 10.81
N LYS E 327 -7.24 41.25 9.70
CA LYS E 327 -7.93 42.54 9.52
C LYS E 327 -8.98 42.76 10.62
N LEU E 328 -9.80 41.75 10.90
CA LEU E 328 -10.80 41.90 11.95
C LEU E 328 -10.17 42.09 13.32
N PHE E 329 -9.02 41.49 13.56
CA PHE E 329 -8.30 41.71 14.82
C PHE E 329 -7.76 43.15 14.91
N ARG E 330 -7.11 43.63 13.84
CA ARG E 330 -6.64 45.02 13.84
C ARG E 330 -7.80 45.97 14.04
N LEU E 331 -8.92 45.68 13.37
CA LEU E 331 -10.08 46.57 13.47
C LEU E 331 -10.62 46.59 14.88
N ALA E 332 -10.64 45.44 15.54
CA ALA E 332 -11.12 45.44 16.93
C ALA E 332 -10.15 46.19 17.86
N ALA E 333 -8.84 46.06 17.61
CA ALA E 333 -7.87 46.75 18.47
C ALA E 333 -7.97 48.25 18.32
N ALA E 334 -8.37 48.72 17.13
CA ALA E 334 -8.52 50.13 16.85
C ALA E 334 -9.76 50.72 17.52
N GLN E 335 -10.68 49.89 17.97
CA GLN E 335 -11.90 50.41 18.58
C GLN E 335 -11.58 51.16 19.84
N THR E 336 -12.05 52.41 19.89
CA THR E 336 -11.90 53.22 21.08
C THR E 336 -13.09 53.08 22.03
N GLY E 337 -14.25 52.71 21.51
CA GLY E 337 -15.42 52.75 22.32
C GLY E 337 -15.50 51.59 23.31
N LYS E 338 -16.51 51.71 24.15
CA LYS E 338 -16.85 50.69 25.14
C LYS E 338 -17.83 49.65 24.59
N GLY E 339 -18.29 49.79 23.35
CA GLY E 339 -19.35 48.92 22.86
C GLY E 339 -18.87 47.52 22.52
N THR E 340 -19.87 46.65 22.33
CA THR E 340 -19.71 45.25 21.94
C THR E 340 -19.75 45.02 20.42
N GLY E 341 -20.30 45.93 19.66
CA GLY E 341 -20.20 45.82 18.22
C GLY E 341 -18.88 46.33 17.69
N LEU E 342 -18.70 46.15 16.39
CA LEU E 342 -17.53 46.65 15.67
C LEU E 342 -17.95 47.89 14.88
N ILE E 343 -17.10 48.90 14.90
CA ILE E 343 -17.35 50.17 14.22
C ILE E 343 -16.46 50.24 13.00
N VAL E 344 -17.06 50.33 11.82
CA VAL E 344 -16.32 50.43 10.56
C VAL E 344 -16.74 51.70 9.85
N HIS E 345 -15.78 52.35 9.19
CA HIS E 345 -16.05 53.64 8.58
C HIS E 345 -15.94 53.62 7.07
N ASP E 346 -15.65 52.48 6.46
CA ASP E 346 -15.45 52.39 5.02
C ASP E 346 -16.53 51.58 4.31
N TRP E 347 -17.73 51.53 4.87
CA TRP E 347 -18.82 50.74 4.30
C TRP E 347 -19.81 51.69 3.65
N GLN E 348 -20.00 51.54 2.34
CA GLN E 348 -20.84 52.45 1.58
C GLN E 348 -21.85 51.68 0.75
N PHE E 349 -22.96 52.34 0.43
CA PHE E 349 -24.13 51.70 -0.14
C PHE E 349 -24.27 52.19 -1.57
N GLU E 350 -24.14 51.28 -2.54
CA GLU E 350 -24.30 51.67 -3.95
C GLU E 350 -25.39 50.84 -4.62
N ASP E 351 -24.98 49.72 -5.19
CA ASP E 351 -25.84 48.71 -5.88
C ASP E 351 -25.69 47.40 -5.10
N SER E 352 -25.34 47.51 -3.82
CA SER E 352 -25.11 46.35 -2.91
C SER E 352 -26.42 45.60 -2.69
N GLU E 353 -26.32 44.28 -2.46
CA GLU E 353 -27.50 43.42 -2.25
C GLU E 353 -28.23 43.87 -0.98
N THR E 354 -27.50 44.31 0.05
CA THR E 354 -28.13 44.71 1.35
C THR E 354 -28.45 46.20 1.42
N PRO E 355 -29.68 46.58 1.87
CA PRO E 355 -30.12 47.97 2.03
C PRO E 355 -29.72 48.60 3.39
N PRO E 356 -29.92 49.92 3.60
CA PRO E 356 -29.54 50.60 4.85
C PRO E 356 -30.58 50.60 5.99
N GLU E 357 -31.40 49.56 6.07
CA GLU E 357 -32.41 49.46 7.14
C GLU E 357 -31.79 48.83 8.38
N ASN E 358 -32.28 49.19 9.57
CA ASN E 358 -31.81 48.56 10.83
C ASN E 358 -30.30 48.70 10.98
N LEU E 359 -29.73 49.85 10.63
CA LEU E 359 -28.25 50.00 10.70
C LEU E 359 -27.89 51.12 11.68
N ASP E 360 -27.44 50.77 12.88
CA ASP E 360 -27.01 51.77 13.89
C ASP E 360 -25.78 52.50 13.34
N PHE E 361 -25.74 53.83 13.53
CA PHE E 361 -24.61 54.62 12.99
C PHE E 361 -23.82 55.23 14.14
N SER E 362 -22.49 55.25 14.01
CA SER E 362 -21.63 55.82 15.05
C SER E 362 -21.80 57.33 15.10
N GLU E 363 -21.35 57.93 16.21
CA GLU E 363 -21.38 59.38 16.33
C GLU E 363 -20.48 60.05 15.28
N LEU E 364 -19.49 59.34 14.76
CA LEU E 364 -18.58 59.88 13.75
C LEU E 364 -18.91 59.39 12.34
N GLY E 365 -20.18 59.06 12.08
CA GLY E 365 -20.59 58.57 10.77
C GLY E 365 -20.18 57.15 10.46
N GLY E 366 -19.77 56.37 11.45
CA GLY E 366 -19.41 54.98 11.24
C GLY E 366 -20.59 54.05 11.43
N VAL E 367 -20.55 52.93 10.71
CA VAL E 367 -21.54 51.86 10.88
C VAL E 367 -21.06 50.95 12.00
N ASN E 368 -21.91 50.76 13.00
CA ASN E 368 -21.63 49.84 14.11
C ASN E 368 -22.30 48.51 13.81
N LEU E 369 -21.50 47.47 13.59
CA LEU E 369 -22.08 46.17 13.27
C LEU E 369 -22.52 45.49 14.57
N GLN E 370 -23.81 45.18 14.69
CA GLN E 370 -24.34 44.55 15.89
C GLN E 370 -24.76 43.11 15.68
N THR E 371 -24.87 42.66 14.44
CA THR E 371 -25.33 41.31 14.16
C THR E 371 -24.34 40.60 13.25
N PHE E 372 -24.27 39.28 13.40
CA PHE E 372 -23.37 38.46 12.61
C PHE E 372 -23.63 38.64 11.12
N GLU E 373 -24.91 38.83 10.75
CA GLU E 373 -25.22 38.99 9.34
C GLU E 373 -24.67 40.30 8.80
N GLN E 374 -24.68 41.35 9.60
CA GLN E 374 -24.08 42.60 9.16
C GLN E 374 -22.58 42.43 8.94
N LEU E 375 -21.91 41.72 9.86
CA LEU E 375 -20.49 41.45 9.70
C LEU E 375 -20.20 40.71 8.40
N ILE E 376 -21.03 39.72 8.06
CA ILE E 376 -20.81 38.98 6.82
C ILE E 376 -21.09 39.85 5.61
N SER E 377 -22.08 40.74 5.70
CA SER E 377 -22.34 41.66 4.60
C SER E 377 -21.19 42.66 4.45
N TYR E 378 -20.55 43.04 5.55
CA TYR E 378 -19.42 43.97 5.48
C TYR E 378 -18.21 43.30 4.85
N LEU E 379 -17.86 42.10 5.31
CA LEU E 379 -16.82 41.33 4.66
C LEU E 379 -17.14 41.09 3.19
N GLU E 380 -18.42 40.82 2.88
CA GLU E 380 -18.82 40.62 1.49
C GLU E 380 -18.56 41.86 0.66
N TYR E 381 -18.75 43.02 1.27
CA TYR E 381 -18.49 44.29 0.61
C TYR E 381 -16.99 44.53 0.40
N LYS E 382 -16.17 44.33 1.44
CA LYS E 382 -14.75 44.58 1.30
C LYS E 382 -14.09 43.65 0.29
N LEU E 383 -14.56 42.40 0.21
CA LEU E 383 -13.92 41.43 -0.66
C LEU E 383 -14.48 41.46 -2.08
N LEU E 384 -15.79 41.69 -2.23
CA LEU E 384 -16.44 41.41 -3.50
C LEU E 384 -17.08 42.61 -4.17
N GLU E 385 -17.31 43.71 -3.44
CA GLU E 385 -18.09 44.83 -3.96
C GLU E 385 -17.40 46.18 -3.93
N GLU E 386 -16.31 46.36 -3.18
CA GLU E 386 -15.87 47.70 -2.81
C GLU E 386 -15.49 48.55 -4.03
N ARG E 387 -14.62 48.05 -4.90
CA ARG E 387 -14.07 48.88 -5.98
C ARG E 387 -14.53 48.33 -7.32
N GLU E 388 -15.83 48.46 -7.60
CA GLU E 388 -16.41 47.98 -8.86
C GLU E 388 -16.28 46.47 -8.99
N GLY E 389 -16.31 45.75 -7.88
CA GLY E 389 -16.11 44.32 -7.88
C GLY E 389 -14.66 43.85 -7.70
N GLU E 390 -13.67 44.75 -7.79
CA GLU E 390 -12.28 44.33 -7.55
C GLU E 390 -12.01 44.14 -6.06
N GLY E 391 -12.78 44.80 -5.19
CA GLY E 391 -12.55 44.70 -3.77
C GLY E 391 -11.39 45.55 -3.31
N ASP E 392 -11.31 45.71 -1.99
CA ASP E 392 -10.21 46.45 -1.38
C ASP E 392 -8.94 45.61 -1.44
N PRO E 393 -7.89 46.08 -2.11
CA PRO E 393 -6.65 45.28 -2.19
C PRO E 393 -6.07 44.92 -0.82
N LYS E 394 -6.20 45.79 0.18
CA LYS E 394 -5.66 45.46 1.48
C LYS E 394 -6.40 44.28 2.11
N TRP E 395 -7.65 44.05 1.73
CA TRP E 395 -8.40 42.92 2.26
C TRP E 395 -8.24 41.65 1.42
N VAL E 396 -8.52 41.71 0.12
CA VAL E 396 -8.22 40.57 -0.75
C VAL E 396 -6.75 40.68 -1.16
N LEU E 397 -5.90 39.81 -0.64
CA LEU E 397 -4.48 39.87 -0.97
C LEU E 397 -4.21 39.05 -2.23
N LYS E 398 -4.60 39.61 -3.38
CA LYS E 398 -4.45 38.94 -4.66
C LYS E 398 -5.07 37.54 -4.66
N GLN E 399 -6.08 37.31 -3.83
CA GLN E 399 -6.78 36.04 -3.84
C GLN E 399 -7.74 35.95 -5.02
N SER E 400 -7.84 34.75 -5.61
CA SER E 400 -8.72 34.55 -6.74
C SER E 400 -10.17 34.88 -6.37
N PRO E 401 -10.94 35.46 -7.29
CA PRO E 401 -12.36 35.72 -7.00
C PRO E 401 -13.11 34.47 -6.55
N GLY E 402 -12.85 33.29 -7.13
CA GLY E 402 -13.56 32.10 -6.71
C GLY E 402 -13.25 31.69 -5.29
N THR E 403 -12.01 31.89 -4.86
CA THR E 403 -11.67 31.59 -3.47
C THR E 403 -12.43 32.50 -2.52
N LEU E 404 -12.42 33.81 -2.78
CA LEU E 404 -13.16 34.76 -1.95
C LEU E 404 -14.65 34.42 -1.91
N ARG E 405 -15.23 34.07 -3.07
CA ARG E 405 -16.64 33.72 -3.07
C ARG E 405 -16.90 32.45 -2.28
N ALA E 406 -15.94 31.51 -2.26
CA ALA E 406 -16.13 30.29 -1.47
C ALA E 406 -16.12 30.61 0.01
N PHE E 407 -15.21 31.49 0.43
CA PHE E 407 -15.18 31.97 1.81
C PHE E 407 -16.49 32.66 2.17
N THR E 408 -16.90 33.62 1.35
CA THR E 408 -18.16 34.32 1.61
C THR E 408 -19.38 33.40 1.54
N ARG E 409 -19.45 32.56 0.53
CA ARG E 409 -20.55 31.61 0.40
C ARG E 409 -20.68 30.76 1.66
N ARG E 410 -19.55 30.29 2.22
CA ARG E 410 -19.61 29.39 3.37
C ARG E 410 -20.05 30.14 4.63
N LEU E 411 -19.59 31.38 4.77
CA LEU E 411 -20.06 32.23 5.87
C LEU E 411 -21.56 32.46 5.79
N ARG E 412 -22.08 32.68 4.59
CA ARG E 412 -23.53 32.83 4.44
C ARG E 412 -24.24 31.54 4.83
N GLY E 413 -23.68 30.39 4.48
CA GLY E 413 -24.33 29.14 4.81
C GLY E 413 -24.48 28.93 6.31
N VAL E 414 -23.49 29.37 7.07
CA VAL E 414 -23.43 29.10 8.50
C VAL E 414 -23.97 30.26 9.34
N GLN E 415 -24.47 31.32 8.70
CA GLN E 415 -24.79 32.53 9.45
C GLN E 415 -26.07 32.38 10.26
N LYS E 416 -27.05 31.64 9.74
CA LYS E 416 -28.30 31.48 10.47
C LYS E 416 -28.08 30.69 11.77
N TYR E 417 -27.20 29.67 11.74
CA TYR E 417 -26.95 28.85 12.94
C TYR E 417 -26.14 29.60 14.00
N LEU E 418 -25.20 30.47 13.57
CA LEU E 418 -24.25 31.14 14.45
C LEU E 418 -24.72 32.52 14.90
N SER E 419 -25.72 33.10 14.23
CA SER E 419 -26.14 34.45 14.58
C SER E 419 -26.62 34.63 16.02
N PRO E 420 -27.44 33.74 16.61
CA PRO E 420 -27.81 33.96 18.02
C PRO E 420 -26.64 33.90 19.00
N LEU E 421 -25.58 33.17 18.67
CA LEU E 421 -24.46 33.03 19.60
C LEU E 421 -23.55 34.25 19.58
N ILE E 422 -23.40 34.88 18.42
CA ILE E 422 -22.49 36.00 18.22
C ILE E 422 -23.32 37.26 18.03
N ARG E 423 -23.21 38.18 18.99
CA ARG E 423 -24.10 39.32 19.04
C ARG E 423 -23.31 40.54 19.46
N GLY E 424 -23.44 41.62 18.68
CA GLY E 424 -23.00 42.94 19.07
C GLY E 424 -24.13 43.87 19.50
N ASP E 425 -25.36 43.35 19.60
CA ASP E 425 -26.52 44.09 20.10
C ASP E 425 -26.35 44.54 21.56
N LEU E 426 -25.66 43.75 22.37
CA LEU E 426 -25.63 43.96 23.81
C LEU E 426 -24.81 45.17 24.19
N THR E 427 -25.07 45.66 25.39
CA THR E 427 -24.22 46.63 26.05
C THR E 427 -23.00 45.92 26.64
N PRO E 428 -22.01 46.67 27.14
CA PRO E 428 -20.81 45.98 27.62
C PRO E 428 -21.07 45.09 28.82
N GLU E 429 -21.87 45.55 29.78
CA GLU E 429 -21.94 44.78 31.03
C GLU E 429 -22.90 43.60 30.93
N GLN E 430 -24.00 43.75 30.16
CA GLN E 430 -24.81 42.62 29.75
C GLN E 430 -23.92 41.54 29.24
N ALA E 431 -22.98 41.91 28.38
CA ALA E 431 -22.21 40.89 27.71
C ALA E 431 -21.25 40.25 28.69
N GLU E 432 -20.75 41.05 29.62
CA GLU E 432 -19.79 40.49 30.59
C GLU E 432 -20.41 39.39 31.42
N GLY E 433 -21.70 39.54 31.76
CA GLY E 433 -22.35 38.51 32.54
C GLY E 433 -22.49 37.21 31.78
N TYR E 434 -22.65 37.30 30.47
CA TYR E 434 -23.08 36.16 29.68
C TYR E 434 -21.94 35.50 28.91
N ARG E 435 -20.72 35.98 29.04
CA ARG E 435 -19.61 35.31 28.41
C ARG E 435 -19.39 33.94 29.06
N PRO E 436 -19.13 32.93 28.31
CA PRO E 436 -18.83 31.62 28.89
C PRO E 436 -17.41 31.59 29.42
N ASP E 437 -17.26 31.54 30.73
CA ASP E 437 -15.95 31.37 31.35
C ASP E 437 -15.91 30.07 32.12
N PRO E 438 -15.24 29.03 31.60
CA PRO E 438 -15.04 27.80 32.39
C PRO E 438 -14.05 27.95 33.51
N LEU E 439 -13.43 29.12 33.65
CA LEU E 439 -12.39 29.33 34.63
C LEU E 439 -12.79 30.34 35.69
N ARG E 440 -14.10 30.57 35.89
CA ARG E 440 -14.53 31.51 36.91
C ARG E 440 -14.29 30.94 38.30
N ARG E 441 -13.78 31.77 39.21
CA ARG E 441 -13.40 31.31 40.52
C ARG E 441 -14.61 30.76 41.27
N GLY E 442 -14.39 29.71 42.05
CA GLY E 442 -15.47 29.10 42.80
C GLY E 442 -16.29 28.09 42.04
N ILE E 443 -15.87 27.73 40.82
CA ILE E 443 -16.58 26.79 39.97
C ILE E 443 -15.64 25.61 39.70
N GLN E 444 -16.12 24.39 39.94
CA GLN E 444 -15.29 23.20 39.76
C GLN E 444 -15.70 22.39 38.52
N LEU E 445 -16.98 22.39 38.18
CA LEU E 445 -17.51 21.65 37.05
C LEU E 445 -18.40 22.58 36.22
N THR E 446 -18.08 22.71 34.95
CA THR E 446 -18.80 23.60 34.04
C THR E 446 -19.40 22.75 32.93
N VAL E 447 -20.70 22.90 32.73
CA VAL E 447 -21.42 22.12 31.72
C VAL E 447 -21.96 23.09 30.69
N VAL E 448 -21.57 22.91 29.44
CA VAL E 448 -22.04 23.77 28.35
C VAL E 448 -23.01 22.98 27.51
N ASP E 449 -24.25 23.46 27.43
CA ASP E 449 -25.29 22.73 26.72
C ASP E 449 -25.16 22.99 25.22
N ILE E 450 -25.02 21.91 24.46
CA ILE E 450 -24.71 21.97 23.03
C ILE E 450 -25.78 21.32 22.17
N HIS E 451 -26.62 20.45 22.75
CA HIS E 451 -27.51 19.59 21.98
C HIS E 451 -28.52 20.36 21.15
N ALA E 452 -28.88 21.58 21.58
CA ALA E 452 -29.83 22.38 20.82
C ALA E 452 -29.20 22.96 19.56
N LEU E 453 -27.88 23.09 19.52
CA LEU E 453 -27.20 23.73 18.41
C LEU E 453 -26.94 22.74 17.28
N SER E 454 -26.84 23.27 16.06
CA SER E 454 -26.46 22.47 14.90
C SER E 454 -24.99 22.11 14.95
N ALA E 455 -24.61 21.14 14.09
CA ALA E 455 -23.24 20.62 14.11
C ALA E 455 -22.23 21.75 13.93
N HIS E 456 -22.56 22.73 13.09
CA HIS E 456 -21.65 23.85 12.86
C HIS E 456 -21.50 24.71 14.11
N ALA E 457 -22.62 24.98 14.79
CA ALA E 457 -22.56 25.75 16.03
C ALA E 457 -21.89 24.96 17.14
N GLN E 458 -22.14 23.64 17.23
CA GLN E 458 -21.41 22.79 18.16
C GLN E 458 -19.90 22.91 17.97
N MET E 459 -19.42 22.67 16.74
CA MET E 459 -17.98 22.68 16.49
C MET E 459 -17.39 24.05 16.79
N PHE E 460 -18.16 25.10 16.50
CA PHE E 460 -17.73 26.46 16.80
C PHE E 460 -17.56 26.68 18.30
N VAL E 461 -18.60 26.36 19.08
CA VAL E 461 -18.55 26.62 20.51
C VAL E 461 -17.45 25.78 21.18
N VAL E 462 -17.33 24.52 20.78
CA VAL E 462 -16.27 23.69 21.36
C VAL E 462 -14.91 24.25 21.00
N GLY E 463 -14.74 24.65 19.73
CA GLY E 463 -13.46 25.19 19.31
C GLY E 463 -13.05 26.45 20.06
N VAL E 464 -13.96 27.42 20.13
CA VAL E 464 -13.61 28.70 20.75
C VAL E 464 -13.36 28.52 22.25
N LEU E 465 -14.18 27.68 22.90
CA LEU E 465 -14.02 27.49 24.34
C LEU E 465 -12.70 26.80 24.64
N LEU E 466 -12.42 25.70 23.94
CA LEU E 466 -11.19 24.95 24.19
C LEU E 466 -9.97 25.78 23.85
N ARG E 467 -10.05 26.61 22.80
CA ARG E 467 -8.91 27.44 22.45
C ARG E 467 -8.68 28.52 23.50
N GLU E 468 -9.76 29.12 24.02
CA GLU E 468 -9.63 30.16 25.05
C GLU E 468 -8.95 29.60 26.30
N VAL E 469 -9.40 28.42 26.74
CA VAL E 469 -8.81 27.80 27.91
C VAL E 469 -7.34 27.48 27.67
N PHE E 470 -7.01 27.08 26.43
CA PHE E 470 -5.62 26.74 26.12
C PHE E 470 -4.74 27.98 26.15
N GLU E 471 -5.19 29.07 25.52
CA GLU E 471 -4.40 30.30 25.56
C GLU E 471 -4.24 30.82 26.98
N TYR E 472 -5.32 30.81 27.75
CA TYR E 472 -5.23 31.26 29.14
C TYR E 472 -4.15 30.49 29.89
N LYS E 473 -4.10 29.18 29.72
CA LYS E 473 -3.07 28.38 30.36
C LYS E 473 -1.68 28.72 29.83
N GLU E 474 -1.56 29.13 28.56
CA GLU E 474 -0.25 29.45 27.99
C GLU E 474 0.36 30.68 28.65
N ARG E 475 -0.38 31.80 28.67
CA ARG E 475 0.16 33.02 29.24
C ARG E 475 0.23 32.94 30.77
N VAL E 476 -0.86 32.50 31.41
CA VAL E 476 -0.93 32.50 32.87
C VAL E 476 -0.08 31.39 33.48
N GLY E 477 -0.15 30.18 32.95
CA GLY E 477 0.56 29.04 33.53
C GLY E 477 -0.40 27.97 34.00
N ARG E 478 0.14 26.86 34.49
CA ARG E 478 -0.76 25.81 35.02
C ARG E 478 -1.17 26.20 36.45
N GLN E 479 -2.20 27.04 36.58
CA GLN E 479 -2.70 27.49 37.90
C GLN E 479 -3.24 26.25 38.63
N ASP E 480 -3.96 25.41 37.90
CA ASP E 480 -4.55 24.14 38.40
C ASP E 480 -4.86 23.24 37.20
N THR E 481 -5.22 21.98 37.44
CA THR E 481 -5.50 21.08 36.34
C THR E 481 -6.94 21.24 35.86
N VAL E 482 -7.12 21.32 34.54
CA VAL E 482 -8.44 21.44 33.93
C VAL E 482 -8.70 20.15 33.15
N PHE E 483 -9.86 19.54 33.38
CA PHE E 483 -10.25 18.32 32.68
C PHE E 483 -11.31 18.65 31.63
N VAL E 484 -11.05 18.23 30.40
CA VAL E 484 -12.00 18.41 29.31
C VAL E 484 -12.62 17.07 28.99
N VAL E 485 -13.93 16.95 29.15
CA VAL E 485 -14.61 15.69 28.92
C VAL E 485 -15.38 15.79 27.61
N LEU E 486 -14.97 15.00 26.62
CA LEU E 486 -15.47 15.11 25.26
C LEU E 486 -15.76 13.71 24.72
N ASP E 487 -17.01 13.51 24.31
CA ASP E 487 -17.48 12.29 23.68
C ASP E 487 -17.55 12.51 22.17
N GLU E 488 -17.78 11.41 21.44
CA GLU E 488 -17.80 11.39 19.98
C GLU E 488 -16.51 12.01 19.41
N LEU E 489 -15.36 11.53 19.89
CA LEU E 489 -14.09 12.14 19.49
C LEU E 489 -13.89 12.07 17.98
N ASN E 490 -14.42 11.03 17.34
CA ASN E 490 -14.28 10.92 15.88
C ASN E 490 -14.87 12.11 15.13
N LYS E 491 -15.92 12.74 15.67
CA LYS E 491 -16.49 13.90 14.98
C LYS E 491 -15.55 15.09 15.01
N TYR E 492 -14.94 15.35 16.17
CA TYR E 492 -14.14 16.57 16.31
C TYR E 492 -12.73 16.39 15.76
N ALA E 493 -12.19 15.19 15.87
CA ALA E 493 -10.81 14.90 15.45
C ALA E 493 -10.79 13.66 14.57
N PRO E 494 -11.29 13.77 13.33
CA PRO E 494 -11.28 12.61 12.44
C PRO E 494 -9.86 12.15 12.15
N ARG E 495 -9.75 10.94 11.63
CA ARG E 495 -8.43 10.35 11.43
C ARG E 495 -7.67 11.07 10.33
N GLU E 496 -8.33 11.42 9.23
CA GLU E 496 -7.63 12.01 8.10
C GLU E 496 -7.95 13.47 7.85
N GLY E 497 -9.07 13.98 8.34
CA GLY E 497 -9.40 15.39 8.16
C GLY E 497 -8.35 16.32 8.77
N ASP E 498 -8.53 17.61 8.48
CA ASP E 498 -7.70 18.65 9.06
C ASP E 498 -8.55 19.88 9.33
N SER E 499 -8.70 20.27 10.61
CA SER E 499 -9.59 21.35 10.99
C SER E 499 -8.97 22.19 12.09
N PRO E 500 -9.48 23.41 12.31
CA PRO E 500 -9.04 24.18 13.49
C PRO E 500 -9.45 23.55 14.81
N ILE E 501 -10.64 22.96 14.89
CA ILE E 501 -11.05 22.25 16.09
C ILE E 501 -10.18 21.04 16.34
N LYS E 502 -9.83 20.30 15.28
CA LYS E 502 -8.87 19.21 15.44
C LYS E 502 -7.51 19.75 15.89
N ASP E 503 -7.17 20.96 15.45
CA ASP E 503 -5.85 21.48 15.81
C ASP E 503 -5.78 21.82 17.30
N VAL E 504 -6.85 22.36 17.87
CA VAL E 504 -6.77 22.70 19.29
C VAL E 504 -6.76 21.43 20.13
N LEU E 505 -7.50 20.40 19.70
CA LEU E 505 -7.46 19.12 20.38
C LEU E 505 -6.09 18.46 20.26
N LEU E 506 -5.45 18.59 19.10
CA LEU E 506 -4.05 18.16 18.97
C LEU E 506 -3.15 18.93 19.93
N ASP E 507 -3.36 20.24 20.08
CA ASP E 507 -2.58 21.00 21.04
C ASP E 507 -2.81 20.47 22.45
N ILE E 508 -4.07 20.18 22.79
CA ILE E 508 -4.36 19.65 24.12
C ILE E 508 -3.66 18.31 24.31
N ALA E 509 -3.69 17.44 23.30
CA ALA E 509 -3.09 16.13 23.47
C ALA E 509 -1.58 16.20 23.60
N GLU E 510 -0.92 16.98 22.75
CA GLU E 510 0.53 16.92 22.70
C GLU E 510 1.16 17.87 23.71
N ARG E 511 0.51 18.98 24.01
CA ARG E 511 1.09 19.96 24.93
C ARG E 511 0.35 20.08 26.24
N GLY E 512 -0.75 19.34 26.43
CA GLY E 512 -1.59 19.58 27.60
C GLY E 512 -1.00 19.12 28.91
N ARG E 513 -0.17 18.06 28.89
CA ARG E 513 0.46 17.60 30.12
C ARG E 513 1.19 18.74 30.82
N SER E 514 2.15 19.35 30.13
CA SER E 514 2.91 20.42 30.77
C SER E 514 2.03 21.63 31.08
N LEU E 515 1.03 21.90 30.23
CA LEU E 515 0.15 23.06 30.34
C LEU E 515 -0.98 22.88 31.34
N GLY E 516 -1.22 21.66 31.82
CA GLY E 516 -2.27 21.39 32.77
C GLY E 516 -3.63 21.11 32.17
N ILE E 517 -3.76 20.94 30.86
CA ILE E 517 -5.04 20.64 30.22
C ILE E 517 -5.10 19.16 29.91
N ILE E 518 -6.01 18.44 30.56
CA ILE E 518 -6.10 16.99 30.45
C ILE E 518 -7.39 16.63 29.75
N LEU E 519 -7.32 15.71 28.80
CA LEU E 519 -8.44 15.32 27.97
C LEU E 519 -8.97 13.95 28.40
N ILE E 520 -10.22 13.90 28.82
CA ILE E 520 -10.94 12.65 29.04
C ILE E 520 -11.86 12.49 27.83
N GLY E 521 -11.41 11.71 26.85
CA GLY E 521 -12.10 11.62 25.57
C GLY E 521 -12.64 10.22 25.34
N ALA E 522 -13.73 10.16 24.60
CA ALA E 522 -14.41 8.90 24.37
C ALA E 522 -14.80 8.82 22.91
N GLN E 523 -14.63 7.65 22.34
CA GLN E 523 -15.05 7.40 20.97
C GLN E 523 -15.57 5.98 20.93
N GLN E 524 -16.40 5.70 19.93
CA GLN E 524 -16.86 4.34 19.75
C GLN E 524 -15.72 3.44 19.31
N THR E 525 -14.86 3.92 18.42
CA THR E 525 -13.69 3.17 18.00
C THR E 525 -12.51 4.12 17.93
N ALA E 526 -11.35 3.68 18.42
CA ALA E 526 -10.16 4.51 18.28
C ALA E 526 -9.69 4.58 16.83
N SER E 527 -10.17 3.65 15.99
CA SER E 527 -9.76 3.61 14.58
C SER E 527 -10.21 4.84 13.81
N GLU E 528 -11.28 5.48 14.26
CA GLU E 528 -11.85 6.63 13.60
C GLU E 528 -11.30 7.95 14.12
N VAL E 529 -10.33 7.91 15.04
CA VAL E 529 -9.80 9.11 15.67
C VAL E 529 -8.34 9.27 15.23
N GLU E 530 -7.93 10.54 15.09
CA GLU E 530 -6.56 10.89 14.78
C GLU E 530 -5.57 10.11 15.62
N ARG E 531 -4.59 9.50 14.94
CA ARG E 531 -3.58 8.68 15.63
C ARG E 531 -2.82 9.47 16.70
N ARG E 532 -2.59 10.77 16.49
CA ARG E 532 -1.78 11.51 17.46
C ARG E 532 -2.53 11.77 18.76
N ILE E 533 -3.86 11.97 18.69
CA ILE E 533 -4.64 12.18 19.92
C ILE E 533 -4.77 10.88 20.70
N VAL E 534 -5.08 9.78 20.02
CA VAL E 534 -5.23 8.49 20.71
C VAL E 534 -3.90 8.04 21.27
N SER E 535 -2.82 8.32 20.56
CA SER E 535 -1.50 7.88 21.00
C SER E 535 -1.03 8.57 22.27
N ASN E 536 -1.55 9.74 22.58
CA ASN E 536 -1.07 10.49 23.73
C ASN E 536 -1.86 10.20 25.00
N ALA E 537 -2.76 9.24 24.99
CA ALA E 537 -3.52 8.86 26.18
C ALA E 537 -2.75 7.80 26.97
N ALA E 538 -2.42 8.11 28.23
CA ALA E 538 -1.72 7.13 29.07
C ALA E 538 -2.68 6.11 29.67
N ILE E 539 -3.93 6.51 29.87
CA ILE E 539 -4.95 5.65 30.42
C ILE E 539 -5.93 5.30 29.30
N ARG E 540 -6.09 4.01 29.03
CA ARG E 540 -7.01 3.53 28.01
C ARG E 540 -8.04 2.62 28.66
N VAL E 541 -9.32 2.92 28.42
CA VAL E 541 -10.43 2.21 29.02
C VAL E 541 -11.29 1.68 27.89
N VAL E 542 -11.74 0.44 28.02
CA VAL E 542 -12.49 -0.23 26.97
C VAL E 542 -13.78 -0.78 27.56
N GLY E 543 -14.91 -0.34 27.02
CA GLY E 543 -16.19 -0.96 27.26
C GLY E 543 -16.40 -2.07 26.25
N ARG E 544 -17.63 -2.56 26.19
CA ARG E 544 -17.97 -3.59 25.21
C ARG E 544 -17.54 -3.12 23.82
N LEU E 545 -16.64 -3.89 23.20
CA LEU E 545 -16.08 -3.54 21.90
C LEU E 545 -16.83 -4.25 20.78
N ASP E 546 -16.87 -3.60 19.62
CA ASP E 546 -17.43 -4.26 18.47
C ASP E 546 -16.57 -5.47 18.09
N LEU E 547 -17.20 -6.43 17.40
CA LEU E 547 -16.53 -7.68 17.07
C LEU E 547 -15.30 -7.41 16.21
N ALA E 548 -15.47 -6.57 15.20
CA ALA E 548 -14.39 -6.28 14.27
C ALA E 548 -13.25 -5.50 14.92
N GLU E 549 -13.57 -4.55 15.81
CA GLU E 549 -12.61 -3.55 16.25
C GLU E 549 -11.54 -4.08 17.21
N ALA E 550 -11.81 -5.19 17.90
CA ALA E 550 -10.78 -5.74 18.78
C ALA E 550 -9.54 -6.18 17.99
N GLU E 551 -9.74 -6.74 16.79
CA GLU E 551 -8.64 -7.22 15.96
C GLU E 551 -7.78 -6.10 15.40
N ARG E 552 -8.24 -4.86 15.48
CA ARG E 552 -7.62 -3.76 14.76
C ARG E 552 -6.33 -3.33 15.45
N PRO E 553 -5.47 -2.59 14.74
CA PRO E 553 -4.20 -2.17 15.36
C PRO E 553 -4.32 -1.20 16.51
N GLU E 554 -5.40 -0.43 16.60
CA GLU E 554 -5.49 0.54 17.69
C GLU E 554 -5.74 -0.14 19.05
N TYR E 555 -6.23 -1.39 19.06
CA TYR E 555 -6.53 -2.09 20.29
C TYR E 555 -5.57 -3.26 20.50
N ARG E 556 -4.30 -3.09 20.11
CA ARG E 556 -3.31 -4.12 20.37
C ARG E 556 -2.95 -4.23 21.83
N PHE E 557 -3.23 -3.19 22.63
CA PHE E 557 -2.97 -3.24 24.07
C PHE E 557 -3.89 -4.21 24.81
N LEU E 558 -4.92 -4.72 24.14
CA LEU E 558 -5.68 -5.85 24.65
C LEU E 558 -5.05 -7.14 24.16
N PRO E 559 -4.67 -8.07 25.03
CA PRO E 559 -4.23 -9.40 24.58
C PRO E 559 -5.33 -10.14 23.83
N GLN E 560 -4.90 -11.07 22.96
CA GLN E 560 -5.87 -11.81 22.16
C GLN E 560 -6.91 -12.51 23.03
N SER E 561 -6.50 -12.96 24.24
CA SER E 561 -7.42 -13.61 25.18
C SER E 561 -8.61 -12.74 25.50
N PHE E 562 -8.41 -11.42 25.58
CA PHE E 562 -9.48 -10.55 26.03
C PHE E 562 -10.52 -10.30 24.95
N ARG E 563 -10.19 -10.57 23.68
CA ARG E 563 -11.05 -10.12 22.57
C ARG E 563 -12.44 -10.73 22.65
N GLY E 564 -12.53 -12.06 22.68
CA GLY E 564 -13.83 -12.70 22.73
C GLY E 564 -14.65 -12.23 23.92
N ARG E 565 -14.00 -12.12 25.08
CA ARG E 565 -14.67 -11.63 26.28
C ARG E 565 -15.14 -10.18 26.11
N ALA E 566 -14.30 -9.32 25.53
CA ALA E 566 -14.68 -7.90 25.39
C ALA E 566 -15.83 -7.69 24.41
N GLY E 567 -16.17 -8.71 23.62
CA GLY E 567 -17.28 -8.54 22.69
C GLY E 567 -18.62 -8.58 23.38
N ILE E 568 -18.68 -9.14 24.60
CA ILE E 568 -19.91 -9.41 25.32
C ILE E 568 -19.96 -8.71 26.67
N LEU E 569 -18.99 -7.85 26.98
CA LEU E 569 -18.97 -7.14 28.25
C LEU E 569 -20.29 -6.45 28.53
N GLN E 570 -20.68 -6.46 29.79
CA GLN E 570 -21.97 -5.89 30.20
C GLN E 570 -21.82 -4.40 30.51
N PRO E 571 -22.89 -3.61 30.30
CA PRO E 571 -22.87 -2.20 30.74
C PRO E 571 -22.42 -2.07 32.18
N GLY E 572 -21.55 -1.08 32.42
CA GLY E 572 -20.95 -0.88 33.72
C GLY E 572 -19.63 -1.56 33.91
N THR E 573 -19.23 -2.42 32.98
CA THR E 573 -17.99 -3.20 33.04
C THR E 573 -16.99 -2.60 32.06
N MET E 574 -15.82 -2.22 32.58
CA MET E 574 -14.77 -1.59 31.80
C MET E 574 -13.45 -2.30 32.06
N LEU E 575 -12.63 -2.40 31.01
CA LEU E 575 -11.24 -2.84 31.12
C LEU E 575 -10.36 -1.60 31.06
N VAL E 576 -9.62 -1.34 32.14
CA VAL E 576 -8.77 -0.15 32.20
C VAL E 576 -7.32 -0.60 32.12
N SER E 577 -6.54 0.13 31.34
CA SER E 577 -5.14 -0.16 31.10
C SER E 577 -4.32 1.09 31.39
N GLN E 578 -3.32 0.95 32.26
CA GLN E 578 -2.49 2.06 32.68
C GLN E 578 -1.04 1.64 32.62
N PRO E 579 -0.12 2.60 32.45
CA PRO E 579 1.29 2.23 32.19
C PRO E 579 1.94 1.39 33.28
N ASP E 580 1.60 1.62 34.55
CA ASP E 580 2.33 0.96 35.63
C ASP E 580 2.12 -0.55 35.59
N VAL E 581 0.93 -1.00 35.25
CA VAL E 581 0.55 -2.41 35.29
C VAL E 581 0.47 -2.93 33.86
N PRO E 582 1.12 -4.06 33.53
CA PRO E 582 1.31 -4.44 32.12
C PRO E 582 0.04 -4.79 31.36
N ASN E 583 -0.85 -5.54 31.94
CA ASN E 583 -2.02 -6.00 31.21
C ASN E 583 -3.26 -5.28 31.70
N PRO E 584 -4.36 -5.34 30.95
CA PRO E 584 -5.58 -4.63 31.39
C PRO E 584 -6.23 -5.30 32.59
N VAL E 585 -6.97 -4.50 33.35
CA VAL E 585 -7.66 -4.96 34.55
C VAL E 585 -9.15 -4.70 34.35
N LEU E 586 -9.95 -5.76 34.45
CA LEU E 586 -11.39 -5.60 34.43
C LEU E 586 -11.84 -4.99 35.75
N VAL E 587 -12.91 -4.18 35.69
CA VAL E 587 -13.28 -3.34 36.82
C VAL E 587 -14.75 -2.92 36.67
N ASN E 588 -15.42 -2.70 37.81
CA ASN E 588 -16.79 -2.21 37.86
C ASN E 588 -16.84 -0.97 38.74
N TYR E 589 -17.81 -0.10 38.47
CA TYR E 589 -17.90 1.15 39.20
C TYR E 589 -19.35 1.43 39.60
N PRO E 590 -19.58 2.07 40.74
CA PRO E 590 -20.94 2.20 41.26
C PRO E 590 -21.84 3.03 40.37
N PHE E 591 -23.15 2.96 40.67
CA PHE E 591 -24.11 3.76 39.94
C PHE E 591 -23.98 5.22 40.33
N PRO E 592 -24.35 6.15 39.44
CA PRO E 592 -24.03 7.56 39.69
C PRO E 592 -24.76 8.12 40.91
N ALA E 593 -24.01 8.80 41.77
CA ALA E 593 -24.58 9.56 42.86
C ALA E 593 -25.20 10.88 42.42
N TRP E 594 -25.08 11.21 41.15
CA TRP E 594 -25.64 12.40 40.55
C TRP E 594 -26.76 12.02 39.60
N ALA E 595 -27.64 12.97 39.33
CA ALA E 595 -28.75 12.71 38.43
C ALA E 595 -28.27 12.77 36.98
N THR E 596 -28.67 11.78 36.18
CA THR E 596 -28.40 11.77 34.75
C THR E 596 -29.66 11.91 33.91
N ARG E 597 -30.82 12.12 34.53
CA ARG E 597 -32.08 12.26 33.81
C ARG E 597 -33.00 13.17 34.62
N ARG E 598 -34.06 13.66 33.95
CA ARG E 598 -35.05 14.47 34.67
C ARG E 598 -35.83 13.65 35.68
N ASP E 599 -36.00 12.35 35.45
CA ASP E 599 -36.70 11.47 36.38
C ASP E 599 -35.85 11.05 37.57
N GLU E 600 -34.55 11.31 37.57
CA GLU E 600 -33.71 10.95 38.72
C GLU E 600 -33.79 11.97 39.85
N VAL E 601 -34.68 12.95 39.73
CA VAL E 601 -34.90 13.95 40.77
C VAL E 601 -36.26 13.67 41.42
N ASP E 602 -36.32 13.61 42.75
CA ASP E 602 -37.67 13.44 43.35
C ASP E 602 -38.22 14.82 43.76
N ASP E 603 -37.38 15.86 43.68
CA ASP E 603 -37.78 17.25 44.00
C ASP E 603 -38.55 17.30 45.32
N ASP F 13 -31.44 -46.65 -6.72
CA ASP F 13 -31.27 -45.30 -7.29
C ASP F 13 -30.76 -44.33 -6.22
N ALA F 14 -29.98 -44.84 -5.29
CA ALA F 14 -29.23 -44.05 -4.33
C ALA F 14 -27.75 -44.16 -4.64
N ILE F 15 -27.03 -43.04 -4.49
CA ILE F 15 -25.61 -43.01 -4.84
C ILE F 15 -24.69 -43.10 -3.63
N GLY F 16 -25.20 -42.91 -2.41
CA GLY F 16 -24.39 -43.19 -1.25
C GLY F 16 -25.08 -42.76 0.03
N MET F 17 -24.29 -42.79 1.09
CA MET F 17 -24.78 -42.57 2.45
C MET F 17 -23.86 -41.63 3.20
N VAL F 18 -24.46 -40.75 4.00
CA VAL F 18 -23.73 -39.72 4.71
C VAL F 18 -22.71 -40.36 5.65
N LEU F 19 -21.48 -39.90 5.57
CA LEU F 19 -20.37 -40.49 6.29
C LEU F 19 -20.26 -39.87 7.66
N GLY F 20 -20.02 -40.71 8.66
CA GLY F 20 -19.78 -40.24 10.02
C GLY F 20 -18.31 -40.08 10.38
N THR F 21 -17.42 -40.60 9.53
CA THR F 21 -15.99 -40.50 9.84
C THR F 21 -15.50 -39.07 9.66
N GLU F 22 -16.18 -38.28 8.84
CA GLU F 22 -15.93 -36.86 8.69
C GLU F 22 -17.11 -36.11 9.29
N ASP F 23 -16.85 -34.94 9.87
CA ASP F 23 -17.92 -34.19 10.53
C ASP F 23 -19.03 -33.89 9.54
N VAL F 24 -20.26 -33.93 10.03
CA VAL F 24 -21.45 -33.61 9.23
C VAL F 24 -22.01 -32.30 9.75
N THR F 25 -21.93 -31.27 8.91
CA THR F 25 -22.41 -29.94 9.23
C THR F 25 -23.48 -29.53 8.24
N PRO F 26 -24.30 -28.54 8.58
CA PRO F 26 -25.34 -28.10 7.62
C PRO F 26 -24.79 -27.57 6.30
N THR F 27 -23.61 -26.95 6.30
CA THR F 27 -23.09 -26.33 5.08
C THR F 27 -22.21 -27.29 4.29
N VAL F 28 -21.47 -28.15 4.99
CA VAL F 28 -20.48 -29.04 4.39
C VAL F 28 -20.54 -30.41 5.05
N PHE F 29 -20.55 -31.47 4.23
CA PHE F 29 -20.48 -32.83 4.75
C PHE F 29 -19.93 -33.77 3.67
N TRP F 30 -19.59 -34.97 4.11
CA TRP F 30 -19.08 -36.06 3.28
C TRP F 30 -20.10 -37.17 3.17
N PHE F 31 -20.07 -37.91 2.06
CA PHE F 31 -20.86 -39.12 1.91
C PHE F 31 -20.04 -40.18 1.19
N ALA F 32 -20.31 -41.45 1.50
CA ALA F 32 -19.61 -42.58 0.91
C ALA F 32 -20.33 -43.08 -0.33
N VAL F 33 -19.62 -43.14 -1.46
CA VAL F 33 -20.28 -43.53 -2.71
C VAL F 33 -20.54 -45.03 -2.66
N SER F 34 -21.80 -45.41 -2.85
CA SER F 34 -22.12 -46.83 -2.77
C SER F 34 -21.59 -47.57 -3.99
N HIS F 35 -21.39 -48.88 -3.82
CA HIS F 35 -20.81 -49.71 -4.86
C HIS F 35 -21.65 -49.65 -6.12
N GLY F 36 -20.98 -49.60 -7.27
CA GLY F 36 -21.69 -49.57 -8.53
C GLY F 36 -22.18 -48.21 -8.96
N ALA F 37 -21.84 -47.16 -8.22
CA ALA F 37 -22.18 -45.79 -8.59
C ALA F 37 -20.88 -45.01 -8.77
N SER F 38 -20.90 -44.05 -9.70
CA SER F 38 -19.78 -43.13 -9.90
C SER F 38 -20.27 -41.70 -9.66
N VAL F 39 -19.49 -40.96 -8.88
CA VAL F 39 -19.83 -39.60 -8.49
C VAL F 39 -18.76 -38.68 -9.04
N GLY F 40 -19.17 -37.73 -9.90
CA GLY F 40 -18.25 -36.80 -10.51
C GLY F 40 -18.02 -35.55 -9.67
N LEU F 41 -17.08 -34.73 -10.10
CA LEU F 41 -16.66 -33.64 -9.23
C LEU F 41 -17.70 -32.54 -9.16
N ASP F 42 -18.47 -32.32 -10.22
CA ASP F 42 -19.42 -31.20 -10.25
C ASP F 42 -20.87 -31.66 -10.18
N ASP F 43 -21.10 -32.82 -9.57
CA ASP F 43 -22.41 -33.44 -9.59
C ASP F 43 -23.33 -32.81 -8.55
N LEU F 44 -24.59 -32.66 -8.93
CA LEU F 44 -25.62 -32.09 -8.06
C LEU F 44 -26.34 -33.21 -7.33
N VAL F 45 -26.38 -33.13 -6.00
CA VAL F 45 -26.90 -34.21 -5.15
C VAL F 45 -27.95 -33.64 -4.21
N VAL F 46 -28.85 -34.51 -3.75
CA VAL F 46 -29.85 -34.15 -2.75
C VAL F 46 -29.88 -35.24 -1.68
N VAL F 47 -30.01 -34.81 -0.41
CA VAL F 47 -29.95 -35.65 0.76
C VAL F 47 -31.12 -35.22 1.63
N GLU F 48 -31.86 -36.19 2.18
CA GLU F 48 -32.97 -35.90 3.06
C GLU F 48 -32.76 -36.54 4.42
N THR F 49 -32.89 -35.74 5.47
CA THR F 49 -32.77 -36.16 6.87
C THR F 49 -34.10 -35.92 7.57
N ARG F 50 -34.22 -36.46 8.77
CA ARG F 50 -35.45 -36.37 9.53
C ARG F 50 -35.15 -35.85 10.93
N LYS F 51 -35.87 -34.82 11.33
CA LYS F 51 -35.81 -34.33 12.69
C LYS F 51 -36.31 -35.38 13.66
N PRO F 52 -35.96 -35.26 14.95
CA PRO F 52 -36.56 -36.15 15.95
C PRO F 52 -38.09 -36.14 15.97
N ASP F 53 -38.74 -35.03 15.61
CA ASP F 53 -40.20 -35.00 15.61
C ASP F 53 -40.78 -35.54 14.31
N GLY F 54 -39.91 -35.95 13.39
CA GLY F 54 -40.33 -36.62 12.20
C GLY F 54 -40.43 -35.75 10.96
N THR F 55 -40.27 -34.43 11.10
CA THR F 55 -40.38 -33.59 9.94
C THR F 55 -39.17 -33.74 9.05
N PRO F 56 -39.35 -33.68 7.71
CA PRO F 56 -38.19 -33.87 6.82
C PRO F 56 -37.48 -32.57 6.44
N VAL F 57 -36.16 -32.66 6.31
CA VAL F 57 -35.34 -31.54 5.88
C VAL F 57 -34.46 -31.96 4.70
N ARG F 58 -34.53 -31.21 3.61
CA ARG F 58 -33.81 -31.54 2.38
C ARG F 58 -32.59 -30.65 2.22
N PHE F 59 -31.47 -31.27 1.83
CA PHE F 59 -30.21 -30.59 1.56
C PHE F 59 -29.89 -30.74 0.09
N TYR F 60 -29.90 -29.62 -0.65
CA TYR F 60 -29.46 -29.62 -2.04
C TYR F 60 -28.01 -29.12 -2.08
N GLY F 61 -27.15 -29.85 -2.77
CA GLY F 61 -25.74 -29.52 -2.71
C GLY F 61 -25.03 -29.87 -4.00
N LEU F 62 -23.76 -29.52 -4.04
CA LEU F 62 -22.86 -29.80 -5.15
C LEU F 62 -21.60 -30.45 -4.59
N VAL F 63 -21.07 -31.41 -5.31
CA VAL F 63 -19.81 -32.03 -4.92
C VAL F 63 -18.69 -31.06 -5.23
N ASP F 64 -17.75 -30.92 -4.31
CA ASP F 64 -16.57 -30.09 -4.58
C ASP F 64 -15.27 -30.82 -4.39
N ASN F 65 -15.28 -31.97 -3.71
CA ASN F 65 -14.13 -32.82 -3.47
C ASN F 65 -14.56 -34.27 -3.63
N VAL F 66 -13.71 -35.08 -4.23
CA VAL F 66 -13.99 -36.51 -4.37
C VAL F 66 -12.66 -37.25 -4.30
N ARG F 67 -12.66 -38.41 -3.63
CA ARG F 67 -11.40 -39.09 -3.38
C ARG F 67 -11.60 -40.60 -3.29
N LYS F 68 -10.48 -41.31 -3.42
CA LYS F 68 -10.44 -42.76 -3.21
C LYS F 68 -9.19 -43.12 -2.40
N ARG F 69 -9.35 -44.02 -1.44
CA ARG F 69 -8.19 -44.43 -0.61
C ARG F 69 -8.24 -45.93 -0.31
N HIS F 70 -7.10 -46.49 0.12
CA HIS F 70 -7.03 -47.90 0.58
C HIS F 70 -7.18 -47.83 2.10
N GLU F 71 -8.22 -48.47 2.63
CA GLU F 71 -8.53 -48.33 4.05
C GLU F 71 -7.56 -49.11 4.92
N GLY F 72 -7.28 -50.36 4.56
CA GLY F 72 -6.57 -51.24 5.46
C GLY F 72 -5.10 -51.49 5.20
N VAL F 73 -4.53 -50.89 4.15
CA VAL F 73 -3.14 -51.18 3.82
C VAL F 73 -2.23 -50.49 4.82
N THR F 74 -1.31 -51.26 5.41
CA THR F 74 -0.42 -50.77 6.45
C THR F 74 0.86 -50.16 5.90
N PHE F 75 1.33 -50.62 4.74
CA PHE F 75 2.55 -50.12 4.11
C PHE F 75 2.26 -49.80 2.65
N GLU F 76 2.91 -48.74 2.14
CA GLU F 76 2.73 -48.38 0.73
C GLU F 76 3.31 -49.45 -0.18
N SER F 77 4.45 -50.06 0.19
CA SER F 77 5.05 -51.12 -0.61
C SER F 77 4.10 -52.28 -0.89
N ASP F 78 3.06 -52.46 -0.06
CA ASP F 78 2.14 -53.58 -0.20
C ASP F 78 1.26 -53.48 -1.44
N VAL F 79 1.20 -52.30 -2.09
CA VAL F 79 0.13 -52.03 -3.05
C VAL F 79 0.02 -53.14 -4.08
N GLU F 80 1.16 -53.55 -4.64
CA GLU F 80 1.13 -54.58 -5.69
C GLU F 80 0.51 -55.87 -5.16
N ASP F 81 0.98 -56.34 -3.99
CA ASP F 81 0.37 -57.51 -3.35
C ASP F 81 -1.11 -57.27 -3.06
N VAL F 82 -1.46 -56.09 -2.56
CA VAL F 82 -2.84 -55.80 -2.17
C VAL F 82 -3.76 -55.87 -3.37
N VAL F 83 -3.30 -55.37 -4.52
CA VAL F 83 -4.12 -55.43 -5.73
C VAL F 83 -4.31 -56.87 -6.18
N ALA F 84 -3.29 -57.71 -6.01
CA ALA F 84 -3.39 -59.11 -6.44
C ALA F 84 -4.44 -59.89 -5.65
N GLY F 85 -4.76 -59.47 -4.43
CA GLY F 85 -5.67 -60.19 -3.58
C GLY F 85 -5.02 -60.97 -2.45
N LEU F 86 -3.69 -60.99 -2.38
CA LEU F 86 -3.00 -61.72 -1.33
C LEU F 86 -3.13 -61.04 0.04
N LEU F 87 -3.30 -59.70 0.07
CA LEU F 87 -3.48 -58.93 1.29
C LEU F 87 -4.86 -58.31 1.32
N PRO F 88 -5.44 -58.07 2.50
CA PRO F 88 -6.80 -57.53 2.56
C PRO F 88 -6.89 -56.01 2.53
N ALA F 89 -7.64 -55.45 1.60
CA ALA F 89 -7.94 -54.02 1.67
C ALA F 89 -9.19 -53.73 0.88
N SER F 90 -9.80 -52.61 1.21
CA SER F 90 -11.01 -52.16 0.55
C SER F 90 -10.79 -50.76 0.00
N VAL F 91 -11.40 -50.49 -1.16
CA VAL F 91 -11.33 -49.18 -1.78
C VAL F 91 -12.42 -48.29 -1.19
N SER F 92 -12.03 -47.10 -0.72
CA SER F 92 -12.93 -46.16 -0.08
C SER F 92 -13.23 -45.00 -1.02
N TYR F 93 -14.47 -44.89 -1.47
CA TYR F 93 -14.88 -43.92 -2.48
C TYR F 93 -15.78 -42.92 -1.79
N ALA F 94 -15.30 -41.68 -1.63
CA ALA F 94 -15.99 -40.68 -0.84
C ALA F 94 -16.04 -39.36 -1.60
N ALA F 95 -17.09 -38.60 -1.34
CA ALA F 95 -17.28 -37.29 -1.95
C ALA F 95 -17.71 -36.29 -0.88
N ARG F 96 -17.33 -35.03 -1.08
CA ARG F 96 -17.72 -33.95 -0.17
C ARG F 96 -18.76 -33.08 -0.86
N VAL F 97 -19.78 -32.69 -0.10
CA VAL F 97 -20.93 -31.97 -0.64
C VAL F 97 -20.88 -30.53 -0.13
N LEU F 98 -20.95 -29.58 -1.04
CA LEU F 98 -21.06 -28.17 -0.71
C LEU F 98 -22.55 -27.81 -0.79
N VAL F 99 -23.16 -27.50 0.34
CA VAL F 99 -24.61 -27.27 0.37
C VAL F 99 -24.95 -25.93 -0.28
N THR F 100 -25.79 -25.98 -1.32
CA THR F 100 -26.28 -24.78 -1.99
C THR F 100 -27.64 -24.34 -1.48
N ARG F 101 -28.51 -25.28 -1.10
CA ARG F 101 -29.85 -24.97 -0.65
C ARG F 101 -30.29 -25.93 0.45
N VAL F 102 -31.09 -25.41 1.36
CA VAL F 102 -31.76 -26.21 2.38
C VAL F 102 -33.24 -25.90 2.27
N ASP F 103 -34.03 -26.87 1.83
CA ASP F 103 -35.40 -26.57 1.41
C ASP F 103 -36.31 -26.18 2.57
N PRO F 104 -36.26 -26.80 3.74
CA PRO F 104 -36.98 -26.23 4.89
C PRO F 104 -36.17 -25.23 5.71
N GLU F 105 -34.95 -24.87 5.25
CA GLU F 105 -34.05 -23.90 5.89
C GLU F 105 -33.98 -24.12 7.40
N ASN F 106 -33.77 -25.37 7.80
CA ASN F 106 -33.38 -25.72 9.15
C ASN F 106 -31.90 -26.10 9.14
N PHE F 107 -31.05 -25.19 9.62
CA PHE F 107 -29.60 -25.40 9.60
C PHE F 107 -29.19 -26.41 10.67
N ILE F 108 -29.63 -27.66 10.46
CA ILE F 108 -29.31 -28.81 11.30
C ILE F 108 -28.41 -29.76 10.52
N PRO F 109 -27.56 -30.54 11.18
CA PRO F 109 -26.67 -31.43 10.43
C PRO F 109 -27.44 -32.63 9.91
N PRO F 110 -27.21 -33.02 8.66
CA PRO F 110 -27.76 -34.31 8.20
C PRO F 110 -27.25 -35.44 9.07
N GLN F 111 -28.04 -36.48 9.19
CA GLN F 111 -27.58 -37.55 10.05
C GLN F 111 -26.78 -38.56 9.24
N PRO F 112 -25.68 -39.08 9.80
CA PRO F 112 -24.89 -40.08 9.08
C PRO F 112 -25.71 -41.31 8.79
N GLY F 113 -25.52 -41.86 7.59
CA GLY F 113 -26.36 -42.93 7.10
C GLY F 113 -27.51 -42.49 6.23
N ASP F 114 -27.84 -41.20 6.18
CA ASP F 114 -28.89 -40.74 5.30
C ASP F 114 -28.52 -41.03 3.86
N HIS F 115 -29.54 -41.23 3.02
CA HIS F 115 -29.31 -41.61 1.64
C HIS F 115 -29.06 -40.39 0.77
N VAL F 116 -27.99 -40.47 -0.02
CA VAL F 116 -27.60 -39.42 -0.96
C VAL F 116 -28.01 -39.88 -2.35
N ARG F 117 -28.59 -38.97 -3.13
CA ARG F 117 -28.98 -39.30 -4.50
C ARG F 117 -28.67 -38.13 -5.44
N HIS F 118 -28.45 -38.47 -6.71
CA HIS F 118 -28.33 -37.47 -7.76
C HIS F 118 -29.59 -36.61 -7.82
N ALA F 119 -29.42 -35.33 -8.12
CA ALA F 119 -30.55 -34.44 -8.24
C ALA F 119 -31.46 -34.88 -9.40
N ALA F 120 -32.75 -35.13 -9.07
CA ALA F 120 -33.77 -35.54 -10.02
C ALA F 120 -34.45 -34.32 -10.64
N GLY F 121 -35.31 -34.58 -11.63
CA GLY F 121 -36.01 -33.55 -12.36
C GLY F 121 -36.51 -32.39 -11.51
N ARG F 122 -37.42 -32.66 -10.58
CA ARG F 122 -37.88 -31.61 -9.67
C ARG F 122 -36.79 -31.25 -8.66
N GLU F 123 -36.05 -32.24 -8.16
CA GLU F 123 -34.96 -31.94 -7.23
C GLU F 123 -33.89 -31.07 -7.88
N LEU F 124 -33.62 -31.29 -9.17
CA LEU F 124 -32.66 -30.47 -9.91
C LEU F 124 -33.14 -29.03 -10.00
N ALA F 125 -34.43 -28.84 -10.30
CA ALA F 125 -34.99 -27.49 -10.30
C ALA F 125 -34.74 -26.80 -8.96
N MET F 126 -35.01 -27.51 -7.86
CA MET F 126 -34.80 -26.90 -6.55
C MET F 126 -33.33 -26.58 -6.31
N ALA F 127 -32.44 -27.47 -6.74
CA ALA F 127 -31.00 -27.28 -6.51
C ALA F 127 -30.46 -26.10 -7.31
N LEU F 128 -30.97 -25.88 -8.52
CA LEU F 128 -30.55 -24.75 -9.35
C LEU F 128 -31.50 -23.57 -9.23
N SER F 129 -32.29 -23.50 -8.16
CA SER F 129 -33.17 -22.36 -7.87
C SER F 129 -34.06 -22.01 -9.05
N ALA F 130 -34.50 -23.03 -9.80
CA ALA F 130 -35.40 -22.79 -10.92
C ALA F 130 -36.75 -22.25 -10.47
N ASP F 131 -37.15 -22.52 -9.23
CA ASP F 131 -38.42 -22.00 -8.76
C ASP F 131 -38.40 -20.47 -8.66
N LYS F 132 -37.23 -19.89 -8.41
CA LYS F 132 -37.09 -18.44 -8.39
C LYS F 132 -37.20 -17.86 -9.79
N MET F 133 -36.78 -18.62 -10.80
CA MET F 133 -36.92 -18.22 -12.21
C MET F 133 -38.24 -18.80 -12.71
N GLU F 134 -39.33 -18.14 -12.33
CA GLU F 134 -40.68 -18.64 -12.59
C GLU F 134 -40.80 -19.08 -14.02
N GLU F 135 -40.67 -18.14 -14.94
CA GLU F 135 -40.73 -18.45 -16.36
C GLU F 135 -39.60 -17.80 -17.12
N ALA F 136 -38.76 -17.01 -16.44
CA ALA F 136 -37.61 -16.39 -17.08
C ALA F 136 -36.49 -17.37 -17.34
N ALA F 137 -36.55 -18.57 -16.79
CA ALA F 137 -35.51 -19.56 -17.06
C ALA F 137 -35.50 -19.91 -18.54
N PHE F 138 -34.29 -19.93 -19.12
CA PHE F 138 -34.06 -20.38 -20.49
C PHE F 138 -32.78 -21.21 -20.49
N PRO F 139 -32.54 -21.98 -21.56
CA PRO F 139 -31.36 -22.86 -21.58
C PRO F 139 -30.04 -22.09 -21.56
N GLY F 140 -29.16 -22.45 -20.64
CA GLY F 140 -27.85 -21.83 -20.56
C GLY F 140 -26.73 -22.80 -20.91
N GLY F 141 -27.12 -24.03 -21.21
CA GLY F 141 -26.17 -25.08 -21.54
C GLY F 141 -26.64 -26.39 -20.96
N LEU F 142 -25.80 -27.41 -21.12
CA LEU F 142 -26.05 -28.76 -20.65
C LEU F 142 -25.14 -29.06 -19.47
N LEU F 143 -25.71 -29.57 -18.38
CA LEU F 143 -24.89 -29.79 -17.16
C LEU F 143 -24.82 -31.26 -16.76
N ALA F 144 -23.65 -31.68 -16.27
CA ALA F 144 -23.39 -33.04 -15.73
C ALA F 144 -23.78 -34.13 -16.74
N ASP F 145 -23.46 -33.95 -18.02
CA ASP F 145 -23.79 -34.94 -19.08
C ASP F 145 -25.27 -35.32 -18.95
N GLY F 146 -26.10 -34.35 -18.55
CA GLY F 146 -27.50 -34.57 -18.36
C GLY F 146 -28.43 -33.52 -18.96
N GLN F 147 -28.95 -32.66 -18.11
CA GLN F 147 -30.14 -31.87 -18.39
C GLN F 147 -29.77 -30.40 -18.55
N PRO F 148 -30.66 -29.57 -19.12
CA PRO F 148 -30.30 -28.17 -19.37
C PRO F 148 -30.19 -27.40 -18.06
N LEU F 149 -29.19 -26.52 -17.99
CA LEU F 149 -29.03 -25.67 -16.81
C LEU F 149 -29.82 -24.39 -16.98
N PRO F 150 -30.77 -24.08 -16.09
CA PRO F 150 -31.62 -22.91 -16.30
C PRO F 150 -30.91 -21.61 -15.97
N LEU F 151 -31.06 -20.63 -16.86
CA LEU F 151 -30.51 -19.30 -16.69
C LEU F 151 -31.65 -18.32 -16.52
N ASN F 152 -31.52 -17.43 -15.53
CA ASN F 152 -32.55 -16.44 -15.24
C ASN F 152 -32.39 -15.25 -16.18
N PHE F 153 -33.30 -15.12 -17.15
CA PHE F 153 -33.22 -14.01 -18.10
C PHE F 153 -33.44 -12.67 -17.44
N ARG F 154 -34.05 -12.64 -16.26
CA ARG F 154 -34.30 -11.36 -15.61
C ARG F 154 -33.02 -10.73 -15.07
N PHE F 155 -31.97 -11.53 -14.90
CA PHE F 155 -30.67 -10.98 -14.54
C PHE F 155 -29.80 -10.64 -15.72
N ILE F 156 -30.30 -10.82 -16.95
CA ILE F 156 -29.57 -10.51 -18.16
C ILE F 156 -30.16 -9.30 -18.88
N ASN F 157 -31.49 -9.16 -18.82
CA ASN F 157 -32.16 -8.04 -19.53
C ASN F 157 -32.30 -6.82 -18.61
N GLY F 158 -31.84 -6.91 -17.37
CA GLY F 158 -31.86 -5.71 -16.50
C GLY F 158 -33.07 -5.58 -15.60
N GLU F 159 -34.05 -6.48 -15.65
CA GLU F 159 -35.18 -6.28 -14.72
C GLU F 159 -34.65 -6.40 -13.29
N SER F 160 -33.88 -7.45 -13.03
CA SER F 160 -33.27 -7.64 -11.69
C SER F 160 -31.76 -7.79 -11.84
N GLY F 161 -31.29 -8.02 -13.07
CA GLY F 161 -29.86 -8.29 -13.29
C GLY F 161 -29.25 -7.47 -14.41
N GLY F 162 -27.92 -7.41 -14.43
CA GLY F 162 -27.20 -6.57 -15.39
C GLY F 162 -26.80 -7.28 -16.67
N HIS F 163 -25.50 -7.46 -16.90
CA HIS F 163 -25.05 -8.03 -18.21
C HIS F 163 -24.26 -9.32 -17.99
N ILE F 164 -23.60 -9.79 -19.05
CA ILE F 164 -22.81 -11.05 -18.98
C ILE F 164 -21.32 -10.76 -19.22
N ASN F 165 -20.46 -11.36 -18.39
CA ASN F 165 -19.01 -11.21 -18.52
C ASN F 165 -18.34 -12.57 -18.57
N ILE F 166 -17.72 -12.88 -19.70
CA ILE F 166 -17.15 -14.19 -19.99
C ILE F 166 -15.64 -14.08 -19.90
N SER F 167 -15.00 -15.04 -19.26
CA SER F 167 -13.59 -14.92 -18.98
C SER F 167 -12.88 -16.25 -19.22
N GLY F 168 -11.67 -16.18 -19.78
CA GLY F 168 -10.96 -17.39 -20.15
C GLY F 168 -9.82 -17.12 -21.12
N ILE F 169 -8.94 -18.12 -21.22
CA ILE F 169 -7.74 -17.98 -22.03
C ILE F 169 -8.11 -17.97 -23.50
N SER F 170 -7.90 -16.83 -24.16
CA SER F 170 -8.23 -16.72 -25.56
C SER F 170 -7.42 -17.75 -26.34
N GLY F 171 -8.09 -18.47 -27.22
CA GLY F 171 -7.41 -19.45 -28.03
C GLY F 171 -7.76 -20.85 -27.58
N VAL F 172 -7.79 -21.07 -26.27
CA VAL F 172 -8.23 -22.35 -25.72
C VAL F 172 -9.65 -22.25 -25.16
N ALA F 173 -9.96 -21.25 -24.35
CA ALA F 173 -11.34 -21.06 -23.89
C ALA F 173 -12.21 -20.65 -25.05
N THR F 174 -13.41 -21.22 -25.10
CA THR F 174 -14.30 -21.09 -26.23
C THR F 174 -15.26 -19.89 -26.07
N LYS F 175 -14.68 -18.71 -25.80
CA LYS F 175 -15.42 -17.59 -25.22
C LYS F 175 -16.49 -17.06 -26.17
N THR F 176 -16.11 -16.76 -27.40
CA THR F 176 -17.06 -16.19 -28.35
C THR F 176 -18.15 -17.18 -28.72
N SER F 177 -17.80 -18.47 -28.84
CA SER F 177 -18.81 -19.47 -29.18
C SER F 177 -19.89 -19.56 -28.10
N TYR F 178 -19.50 -19.45 -26.83
CA TYR F 178 -20.51 -19.47 -25.78
C TYR F 178 -21.37 -18.22 -25.80
N ALA F 179 -20.80 -17.10 -26.25
CA ALA F 179 -21.59 -15.88 -26.36
C ALA F 179 -22.63 -16.02 -27.46
N LEU F 180 -22.22 -16.53 -28.62
CA LEU F 180 -23.16 -16.75 -29.71
C LEU F 180 -24.22 -17.79 -29.32
N PHE F 181 -23.83 -18.82 -28.59
CA PHE F 181 -24.82 -19.79 -28.13
C PHE F 181 -25.86 -19.15 -27.23
N LEU F 182 -25.43 -18.28 -26.31
CA LEU F 182 -26.38 -17.58 -25.45
C LEU F 182 -27.32 -16.72 -26.26
N LEU F 183 -26.80 -16.06 -27.31
CA LEU F 183 -27.67 -15.26 -28.17
C LEU F 183 -28.69 -16.14 -28.85
N HIS F 184 -28.22 -17.25 -29.42
CA HIS F 184 -29.14 -18.20 -30.03
C HIS F 184 -30.19 -18.67 -29.03
N SER F 185 -29.77 -18.97 -27.80
CA SER F 185 -30.73 -19.44 -26.80
C SER F 185 -31.73 -18.37 -26.43
N ILE F 186 -31.28 -17.14 -26.26
CA ILE F 186 -32.20 -16.06 -25.89
C ILE F 186 -33.23 -15.84 -26.99
N PHE F 187 -32.75 -15.79 -28.22
CA PHE F 187 -33.54 -15.45 -29.42
C PHE F 187 -34.43 -16.59 -29.91
N ARG F 188 -34.21 -17.83 -29.48
CA ARG F 188 -35.02 -18.94 -30.03
C ARG F 188 -35.83 -19.62 -28.93
N SER F 189 -35.33 -19.57 -27.70
CA SER F 189 -36.08 -20.20 -26.62
C SER F 189 -37.45 -19.59 -26.42
N GLY F 190 -37.67 -18.37 -26.91
CA GLY F 190 -38.89 -17.66 -26.61
C GLY F 190 -38.91 -17.06 -25.22
N VAL F 191 -37.77 -17.03 -24.53
CA VAL F 191 -37.77 -16.49 -23.18
C VAL F 191 -38.04 -15.00 -23.20
N MET F 192 -37.80 -14.35 -24.33
CA MET F 192 -38.18 -12.95 -24.48
C MET F 192 -39.69 -12.76 -24.41
N ASP F 193 -40.43 -13.68 -25.05
CA ASP F 193 -41.88 -13.67 -24.94
C ASP F 193 -42.31 -13.88 -23.49
N ARG F 194 -41.73 -14.88 -22.83
CA ARG F 194 -42.22 -15.22 -21.48
C ARG F 194 -41.96 -14.08 -20.51
N THR F 195 -40.74 -13.53 -20.55
CA THR F 195 -40.36 -12.50 -19.59
C THR F 195 -41.12 -11.21 -19.81
N ALA F 196 -41.55 -10.95 -21.06
CA ALA F 196 -42.47 -9.86 -21.36
C ALA F 196 -43.71 -9.92 -20.50
N GLN F 197 -44.37 -11.07 -20.50
CA GLN F 197 -45.63 -11.26 -19.80
C GLN F 197 -45.43 -11.15 -18.29
N THR F 206 -42.04 -3.93 -27.11
CA THR F 206 -41.16 -3.61 -25.96
C THR F 206 -40.50 -4.90 -25.46
N ALA F 207 -40.82 -6.04 -26.08
CA ALA F 207 -40.22 -7.33 -25.69
C ALA F 207 -39.70 -8.03 -26.94
N GLY F 208 -38.63 -7.47 -27.51
CA GLY F 208 -37.96 -7.98 -28.72
C GLY F 208 -36.47 -8.06 -28.51
N GLY F 209 -35.74 -8.76 -29.39
CA GLY F 209 -34.29 -8.89 -29.19
C GLY F 209 -33.47 -8.37 -30.37
N ARG F 210 -32.38 -7.66 -30.09
CA ARG F 210 -31.46 -7.17 -31.14
C ARG F 210 -30.04 -7.44 -30.69
N ALA F 211 -29.11 -7.62 -31.62
CA ALA F 211 -27.71 -7.86 -31.21
C ALA F 211 -26.74 -7.15 -32.14
N LEU F 212 -25.70 -6.55 -31.57
CA LEU F 212 -24.64 -5.90 -32.38
C LEU F 212 -23.34 -6.64 -32.07
N ILE F 213 -22.64 -7.11 -33.09
CA ILE F 213 -21.38 -7.84 -32.85
C ILE F 213 -20.35 -7.33 -33.85
N PHE F 214 -19.10 -7.22 -33.42
CA PHE F 214 -18.00 -6.72 -34.28
C PHE F 214 -17.10 -7.88 -34.64
N ASN F 215 -16.82 -8.05 -35.92
CA ASN F 215 -15.93 -9.17 -36.33
C ASN F 215 -14.51 -8.63 -36.33
N VAL F 216 -13.69 -9.03 -35.37
CA VAL F 216 -12.28 -8.56 -35.30
C VAL F 216 -11.36 -9.70 -35.77
N LYS F 217 -11.93 -10.90 -35.90
CA LYS F 217 -11.21 -12.11 -36.38
C LYS F 217 -11.18 -12.10 -37.92
N GLY F 218 -10.45 -12.99 -38.55
CA GLY F 218 -10.40 -12.92 -40.02
C GLY F 218 -11.62 -13.53 -40.67
N GLU F 219 -12.73 -12.76 -40.69
CA GLU F 219 -14.03 -13.11 -41.34
C GLU F 219 -14.73 -14.28 -40.63
N ASP F 220 -14.40 -14.55 -39.38
CA ASP F 220 -15.01 -15.67 -38.61
C ASP F 220 -16.50 -15.43 -38.39
N LEU F 221 -16.91 -14.20 -38.09
CA LEU F 221 -18.34 -13.92 -37.79
C LEU F 221 -19.11 -13.49 -39.03
N LEU F 222 -18.50 -13.55 -40.21
CA LEU F 222 -19.19 -13.08 -41.43
C LEU F 222 -20.15 -14.13 -42.01
N PHE F 223 -20.17 -15.35 -41.46
CA PHE F 223 -21.04 -16.41 -42.03
C PHE F 223 -22.06 -16.92 -41.02
N LEU F 224 -22.60 -16.06 -40.17
CA LEU F 224 -23.57 -16.48 -39.13
C LEU F 224 -24.95 -16.84 -39.70
N ASP F 225 -25.25 -16.45 -40.94
CA ASP F 225 -26.58 -16.75 -41.53
C ASP F 225 -26.50 -18.04 -42.34
N LYS F 226 -25.34 -18.71 -42.33
CA LYS F 226 -25.13 -19.96 -43.10
C LYS F 226 -25.11 -21.15 -42.13
N PRO F 227 -25.75 -22.30 -42.47
CA PRO F 227 -25.78 -23.46 -41.59
C PRO F 227 -24.40 -24.10 -41.49
N ASN F 228 -24.10 -24.68 -40.32
CA ASN F 228 -22.81 -25.34 -40.00
C ASN F 228 -22.77 -26.70 -40.67
N ALA F 229 -21.88 -26.87 -41.65
CA ALA F 229 -21.77 -28.12 -42.43
C ALA F 229 -21.15 -29.28 -41.63
N ARG F 230 -20.53 -29.03 -40.48
CA ARG F 230 -19.94 -30.15 -39.71
C ARG F 230 -20.53 -30.17 -38.30
N MET F 231 -21.66 -29.51 -38.10
CA MET F 231 -22.26 -29.48 -36.74
C MET F 231 -23.07 -30.74 -36.52
N VAL F 232 -23.49 -31.41 -37.59
CA VAL F 232 -24.32 -32.64 -37.42
C VAL F 232 -23.39 -33.78 -37.00
N GLU F 233 -22.35 -34.03 -37.79
CA GLU F 233 -21.40 -35.11 -37.46
C GLU F 233 -20.87 -34.87 -36.05
N LYS F 234 -20.32 -33.68 -35.81
CA LYS F 234 -19.74 -33.39 -34.47
C LYS F 234 -20.79 -33.60 -33.40
N GLU F 235 -22.01 -33.10 -33.57
CA GLU F 235 -23.01 -33.30 -32.50
C GLU F 235 -23.31 -34.80 -32.41
N ASP F 236 -23.49 -35.45 -33.55
CA ASP F 236 -23.80 -36.90 -33.56
C ASP F 236 -22.72 -37.65 -32.79
N LYS F 237 -21.45 -37.35 -33.06
CA LYS F 237 -20.34 -38.06 -32.38
C LYS F 237 -20.50 -37.92 -30.87
N VAL F 238 -20.84 -36.74 -30.39
CA VAL F 238 -21.04 -36.52 -28.94
C VAL F 238 -22.23 -37.36 -28.48
N VAL F 239 -23.28 -37.42 -29.28
CA VAL F 239 -24.50 -38.19 -28.88
C VAL F 239 -24.11 -39.66 -28.72
N ARG F 240 -23.31 -40.19 -29.64
CA ARG F 240 -22.90 -41.62 -29.55
C ARG F 240 -22.07 -41.84 -28.28
N ALA F 241 -21.13 -40.93 -28.02
CA ALA F 241 -20.20 -41.08 -26.88
C ALA F 241 -20.94 -41.04 -25.53
N LYS F 242 -21.90 -40.14 -25.35
CA LYS F 242 -22.58 -40.02 -24.03
C LYS F 242 -23.99 -40.64 -24.04
N GLY F 243 -24.41 -41.22 -25.16
CA GLY F 243 -25.74 -41.86 -25.22
C GLY F 243 -26.87 -40.93 -24.85
N LEU F 244 -26.84 -39.69 -25.33
CA LEU F 244 -27.96 -38.74 -25.05
C LEU F 244 -29.19 -39.24 -25.80
N SER F 245 -30.38 -39.03 -25.24
CA SER F 245 -31.63 -39.49 -25.89
C SER F 245 -31.80 -38.77 -27.23
N ALA F 246 -31.49 -37.48 -27.27
CA ALA F 246 -31.65 -36.66 -28.50
C ALA F 246 -30.45 -35.73 -28.67
N ASP F 247 -30.48 -34.90 -29.73
CA ASP F 247 -29.39 -33.92 -30.02
C ASP F 247 -29.29 -32.87 -28.93
N ARG F 248 -28.08 -32.31 -28.75
CA ARG F 248 -27.86 -31.31 -27.67
C ARG F 248 -28.79 -30.12 -27.88
N TYR F 249 -28.95 -29.65 -29.12
CA TYR F 249 -29.88 -28.52 -29.37
C TYR F 249 -31.30 -28.98 -29.00
N ALA F 250 -31.65 -30.21 -29.40
CA ALA F 250 -32.98 -30.75 -29.09
C ALA F 250 -33.16 -30.84 -27.58
N LEU F 251 -32.13 -31.28 -26.85
CA LEU F 251 -32.25 -31.42 -25.39
C LEU F 251 -32.55 -30.06 -24.76
N LEU F 252 -31.87 -29.02 -25.22
CA LEU F 252 -32.09 -27.64 -24.72
C LEU F 252 -33.47 -27.12 -25.14
N GLY F 253 -33.99 -27.58 -26.28
CA GLY F 253 -35.30 -27.08 -26.73
C GLY F 253 -35.14 -25.95 -27.73
N LEU F 254 -33.91 -25.77 -28.23
CA LEU F 254 -33.61 -24.68 -29.17
C LEU F 254 -33.39 -25.27 -30.56
N PRO F 255 -33.93 -24.66 -31.63
CA PRO F 255 -33.79 -25.19 -32.97
C PRO F 255 -32.33 -25.16 -33.42
N ALA F 256 -31.91 -26.15 -34.18
CA ALA F 256 -30.52 -26.26 -34.65
C ALA F 256 -30.32 -25.58 -36.00
N GLU F 257 -30.92 -24.40 -36.19
CA GLU F 257 -30.72 -23.58 -37.42
C GLU F 257 -29.90 -22.35 -37.03
N PRO F 258 -29.18 -21.42 -37.98
CA PRO F 258 -28.42 -20.20 -37.83
C PRO F 258 -29.31 -18.97 -37.60
N PHE F 259 -28.68 -17.83 -37.31
CA PHE F 259 -29.38 -16.53 -37.07
C PHE F 259 -30.18 -16.16 -38.30
N ARG F 260 -31.49 -15.99 -38.13
CA ARG F 260 -32.44 -15.72 -39.25
C ARG F 260 -32.30 -14.35 -39.92
N ASP F 261 -32.19 -13.26 -39.16
CA ASP F 261 -32.11 -11.92 -39.80
C ASP F 261 -30.74 -11.31 -39.53
N VAL F 262 -29.89 -11.26 -40.55
CA VAL F 262 -28.49 -10.84 -40.29
C VAL F 262 -28.09 -9.71 -41.22
N GLN F 263 -27.42 -8.69 -40.68
CA GLN F 263 -26.91 -7.56 -41.47
C GLN F 263 -25.37 -7.63 -41.40
N LEU F 264 -24.69 -7.63 -42.54
CA LEU F 264 -23.21 -7.68 -42.52
C LEU F 264 -22.69 -6.37 -43.08
N LEU F 265 -21.89 -5.64 -42.31
CA LEU F 265 -21.38 -4.31 -42.72
C LEU F 265 -19.86 -4.34 -42.79
N ALA F 266 -19.28 -3.79 -43.86
CA ALA F 266 -17.82 -3.76 -44.01
C ALA F 266 -17.36 -2.39 -44.51
N PRO F 267 -16.11 -1.96 -44.27
CA PRO F 267 -15.63 -0.66 -44.73
C PRO F 267 -15.36 -0.65 -46.24
N PRO F 268 -15.30 0.52 -46.91
CA PRO F 268 -15.11 0.60 -48.34
C PRO F 268 -13.65 0.44 -48.82
N ARG F 269 -13.43 -0.49 -49.75
CA ARG F 269 -12.08 -0.74 -50.33
C ARG F 269 -11.81 0.35 -51.35
N ALA F 270 -10.55 0.78 -51.48
CA ALA F 270 -10.13 1.85 -52.42
C ALA F 270 -10.95 3.11 -52.18
N GLY F 271 -11.13 3.48 -50.91
CA GLY F 271 -11.94 4.64 -50.51
C GLY F 271 -11.38 5.95 -51.02
N ALA F 272 -10.06 6.12 -50.97
CA ALA F 272 -9.50 7.43 -51.41
C ALA F 272 -9.57 7.56 -52.93
N ALA F 273 -10.24 8.63 -53.39
CA ALA F 273 -10.41 9.07 -54.80
C ALA F 273 -11.40 8.21 -55.60
N GLY F 274 -12.06 7.23 -54.99
CA GLY F 274 -13.00 6.40 -55.77
C GLY F 274 -14.43 6.61 -55.29
N THR F 275 -15.27 7.19 -56.16
CA THR F 275 -16.69 7.47 -55.83
C THR F 275 -17.47 6.16 -55.64
N ALA F 276 -17.19 5.15 -56.46
CA ALA F 276 -17.89 3.85 -56.34
C ALA F 276 -17.55 3.26 -54.97
N ILE F 277 -18.55 2.76 -54.25
CA ILE F 277 -18.27 2.20 -52.89
C ILE F 277 -18.44 0.69 -52.91
N VAL F 278 -17.37 -0.03 -52.58
CA VAL F 278 -17.38 -1.53 -52.55
C VAL F 278 -16.84 -1.97 -51.18
N PRO F 279 -17.44 -2.98 -50.53
CA PRO F 279 -16.97 -3.46 -49.24
C PRO F 279 -15.59 -4.15 -49.31
N GLN F 280 -14.86 -4.16 -48.21
CA GLN F 280 -13.48 -4.71 -48.12
C GLN F 280 -13.48 -6.22 -47.91
N THR F 281 -14.65 -6.84 -47.77
CA THR F 281 -14.71 -8.31 -47.54
C THR F 281 -14.12 -9.08 -48.73
N ASP F 282 -13.34 -10.12 -48.44
CA ASP F 282 -12.73 -10.97 -49.51
C ASP F 282 -13.40 -12.35 -49.55
N GLN F 283 -13.52 -13.01 -48.39
CA GLN F 283 -14.10 -14.38 -48.34
C GLN F 283 -15.58 -14.39 -48.73
N ARG F 284 -16.37 -13.43 -48.26
CA ARG F 284 -17.81 -13.42 -48.64
C ARG F 284 -18.10 -12.16 -49.45
N SER F 285 -18.54 -12.31 -50.70
CA SER F 285 -18.85 -11.14 -51.56
C SER F 285 -20.36 -10.98 -51.72
N GLU F 286 -21.15 -11.78 -51.02
CA GLU F 286 -22.62 -11.71 -51.22
C GLU F 286 -23.35 -11.36 -49.93
N GLY F 287 -24.26 -10.39 -50.00
CA GLY F 287 -25.08 -9.99 -48.84
C GLY F 287 -24.36 -9.04 -47.90
N VAL F 288 -23.17 -8.57 -48.28
CA VAL F 288 -22.42 -7.65 -47.38
C VAL F 288 -22.60 -6.22 -47.89
N THR F 289 -23.00 -5.31 -47.00
CA THR F 289 -23.26 -3.89 -47.35
C THR F 289 -22.15 -2.98 -46.84
N PRO F 290 -21.54 -2.14 -47.69
CA PRO F 290 -20.48 -1.24 -47.24
C PRO F 290 -21.07 -0.17 -46.33
N PHE F 291 -20.34 0.22 -45.27
CA PHE F 291 -20.86 1.25 -44.34
C PHE F 291 -19.90 2.42 -44.31
N VAL F 292 -20.42 3.63 -44.44
CA VAL F 292 -19.55 4.84 -44.39
C VAL F 292 -20.19 5.88 -43.48
N PHE F 293 -19.36 6.77 -42.94
CA PHE F 293 -19.81 7.89 -42.08
C PHE F 293 -19.75 9.15 -42.93
N THR F 294 -20.52 10.17 -42.57
CA THR F 294 -20.50 11.39 -43.42
C THR F 294 -19.94 12.57 -42.63
N ILE F 295 -19.24 13.47 -43.30
CA ILE F 295 -18.60 14.61 -42.60
C ILE F 295 -19.67 15.44 -41.89
N ARG F 296 -20.80 15.72 -42.52
CA ARG F 296 -21.83 16.53 -41.81
C ARG F 296 -22.29 15.76 -40.58
N GLU F 297 -22.53 14.46 -40.71
CA GLU F 297 -22.97 13.60 -39.58
C GLU F 297 -21.85 13.56 -38.54
N PHE F 298 -20.60 13.50 -38.99
CA PHE F 298 -19.48 13.46 -38.03
C PHE F 298 -19.54 14.70 -37.16
N CYS F 299 -19.72 15.88 -37.77
CA CYS F 299 -19.84 17.13 -37.01
C CYS F 299 -21.16 17.15 -36.23
N ALA F 300 -22.25 16.75 -36.88
CA ALA F 300 -23.58 16.78 -36.24
C ALA F 300 -23.70 15.83 -35.07
N ARG F 301 -23.08 14.66 -35.16
CA ARG F 301 -23.23 13.63 -34.11
C ARG F 301 -22.09 13.71 -33.08
N ARG F 302 -21.27 14.76 -33.14
CA ARG F 302 -20.17 14.96 -32.16
C ARG F 302 -19.31 13.70 -32.07
N MET F 303 -18.82 13.23 -33.22
CA MET F 303 -17.98 12.01 -33.27
C MET F 303 -16.51 12.36 -33.06
N LEU F 304 -16.17 13.64 -32.89
CA LEU F 304 -14.74 14.02 -32.78
C LEU F 304 -14.06 13.36 -31.57
N PRO F 305 -14.70 13.27 -30.39
CA PRO F 305 -14.06 12.67 -29.22
C PRO F 305 -13.60 11.23 -29.43
N TYR F 306 -14.34 10.45 -30.21
CA TYR F 306 -14.04 9.02 -30.51
C TYR F 306 -12.75 8.84 -31.33
N VAL F 307 -12.29 9.88 -32.02
CA VAL F 307 -11.00 9.84 -32.77
C VAL F 307 -9.83 9.66 -31.80
N PHE F 308 -9.93 10.25 -30.61
CA PHE F 308 -8.85 10.15 -29.60
C PHE F 308 -9.08 8.93 -28.72
N SER F 309 -8.63 7.76 -29.18
CA SER F 309 -8.83 6.47 -28.46
C SER F 309 -7.58 6.04 -27.68
N ASP F 310 -6.50 6.82 -27.72
CA ASP F 310 -5.28 6.39 -27.01
C ASP F 310 -5.34 6.87 -25.55
N ALA F 311 -6.03 6.13 -24.71
CA ALA F 311 -6.17 6.50 -23.29
C ALA F 311 -5.11 5.82 -22.44
N SER F 312 -4.14 5.14 -23.05
CA SER F 312 -3.13 4.41 -22.22
C SER F 312 -2.40 5.43 -21.35
N ALA F 313 -1.96 6.52 -21.96
CA ALA F 313 -1.29 7.64 -21.27
C ALA F 313 -1.55 8.85 -22.14
N SER F 314 -2.22 9.88 -21.61
CA SER F 314 -2.56 11.01 -22.50
C SER F 314 -2.48 12.38 -21.80
N LEU F 315 -2.42 13.41 -22.64
CA LEU F 315 -2.43 14.86 -22.26
C LEU F 315 -3.88 15.29 -22.00
N ASN F 316 -4.07 16.41 -21.32
CA ASN F 316 -5.44 16.88 -21.00
C ASN F 316 -5.98 17.69 -22.18
N LEU F 317 -6.43 16.99 -23.22
CA LEU F 317 -6.99 17.57 -24.47
C LEU F 317 -8.51 17.68 -24.33
N GLY F 318 -9.05 17.42 -23.16
CA GLY F 318 -10.52 17.40 -23.02
C GLY F 318 -11.13 18.73 -23.40
N PHE F 319 -10.53 19.84 -22.98
CA PHE F 319 -11.10 21.17 -23.31
C PHE F 319 -11.06 21.44 -24.81
N VAL F 320 -9.94 21.14 -25.45
CA VAL F 320 -9.82 21.44 -26.90
C VAL F 320 -10.84 20.60 -27.67
N ILE F 321 -10.95 19.31 -27.32
CA ILE F 321 -11.91 18.43 -28.02
C ILE F 321 -13.32 18.93 -27.78
N GLY F 322 -13.63 19.29 -26.53
CA GLY F 322 -14.99 19.80 -26.26
C GLY F 322 -15.22 21.08 -27.01
N ASN F 323 -14.22 21.97 -27.01
CA ASN F 323 -14.36 23.28 -27.67
C ASN F 323 -14.64 23.08 -29.15
N ILE F 324 -13.84 22.26 -29.82
CA ILE F 324 -14.03 22.01 -31.29
C ILE F 324 -15.31 21.23 -31.56
N GLU F 325 -15.65 20.27 -30.70
CA GLU F 325 -16.87 19.47 -30.96
C GLU F 325 -18.08 20.43 -30.99
N GLU F 326 -18.17 21.34 -30.03
CA GLU F 326 -19.31 22.29 -30.02
C GLU F 326 -19.24 23.17 -31.26
N LYS F 327 -18.06 23.66 -31.62
CA LYS F 327 -17.99 24.54 -32.81
C LYS F 327 -18.42 23.76 -34.04
N LEU F 328 -17.96 22.52 -34.18
CA LEU F 328 -18.35 21.67 -35.33
C LEU F 328 -19.85 21.40 -35.27
N PHE F 329 -20.39 21.16 -34.07
CA PHE F 329 -21.84 20.86 -33.98
C PHE F 329 -22.66 22.05 -34.47
N ARG F 330 -22.30 23.25 -34.01
CA ARG F 330 -23.03 24.49 -34.40
C ARG F 330 -22.86 24.70 -35.90
N LEU F 331 -21.68 24.44 -36.44
CA LEU F 331 -21.44 24.61 -37.89
C LEU F 331 -22.35 23.67 -38.66
N ALA F 332 -22.50 22.43 -38.20
CA ALA F 332 -23.37 21.47 -38.91
C ALA F 332 -24.81 21.98 -38.91
N ALA F 333 -25.26 22.52 -37.78
CA ALA F 333 -26.64 23.03 -37.63
C ALA F 333 -26.88 24.17 -38.62
N ALA F 334 -25.87 25.03 -38.79
CA ALA F 334 -25.93 26.20 -39.71
C ALA F 334 -26.08 25.77 -41.18
N GLN F 335 -25.60 24.58 -41.55
CA GLN F 335 -25.69 24.16 -42.97
C GLN F 335 -27.15 24.24 -43.42
N THR F 336 -27.38 24.86 -44.58
CA THR F 336 -28.73 25.05 -45.15
C THR F 336 -29.03 23.95 -46.17
N GLY F 337 -27.97 23.38 -46.74
CA GLY F 337 -28.08 22.33 -47.78
C GLY F 337 -28.38 20.97 -47.21
N LYS F 338 -28.74 20.03 -48.08
CA LYS F 338 -28.99 18.61 -47.68
C LYS F 338 -27.71 17.81 -47.93
N GLY F 339 -26.65 18.47 -48.42
CA GLY F 339 -25.36 17.84 -48.77
C GLY F 339 -24.63 17.25 -47.58
N THR F 340 -23.92 16.15 -47.84
CA THR F 340 -23.10 15.38 -46.87
C THR F 340 -21.87 16.15 -46.41
N GLY F 341 -21.30 17.00 -47.26
CA GLY F 341 -20.10 17.78 -46.92
C GLY F 341 -20.39 18.96 -46.00
N LEU F 342 -19.36 19.56 -45.43
CA LEU F 342 -19.54 20.75 -44.56
C LEU F 342 -19.08 21.98 -45.32
N ILE F 343 -19.87 23.06 -45.29
CA ILE F 343 -19.52 24.30 -46.03
C ILE F 343 -18.96 25.33 -45.05
N VAL F 344 -17.75 25.84 -45.32
CA VAL F 344 -17.13 26.85 -44.43
C VAL F 344 -16.78 28.07 -45.28
N HIS F 345 -17.13 29.26 -44.80
CA HIS F 345 -16.86 30.52 -45.56
C HIS F 345 -15.68 31.30 -44.99
N ASP F 346 -15.06 30.84 -43.91
CA ASP F 346 -13.98 31.66 -43.29
C ASP F 346 -12.59 31.05 -43.48
N TRP F 347 -12.41 30.20 -44.49
CA TRP F 347 -11.08 29.57 -44.67
C TRP F 347 -10.33 30.20 -45.85
N GLN F 348 -9.12 30.68 -45.61
CA GLN F 348 -8.29 31.32 -46.66
C GLN F 348 -6.89 30.71 -46.62
N PHE F 349 -6.13 30.75 -47.71
CA PHE F 349 -4.80 30.10 -47.68
C PHE F 349 -3.72 31.08 -48.16
N GLU F 350 -3.49 32.14 -47.39
CA GLU F 350 -2.45 33.12 -47.83
C GLU F 350 -1.07 32.45 -47.85
N ASP F 351 -0.69 31.76 -46.78
CA ASP F 351 0.65 31.13 -46.75
C ASP F 351 0.56 29.66 -46.32
N SER F 352 -0.63 29.20 -45.94
CA SER F 352 -0.80 27.78 -45.53
C SER F 352 -0.51 26.87 -46.72
N GLU F 353 0.20 25.76 -46.51
CA GLU F 353 0.56 24.84 -47.62
C GLU F 353 -0.60 23.86 -47.91
N THR F 354 -1.73 24.37 -48.38
CA THR F 354 -2.90 23.53 -48.74
C THR F 354 -3.43 24.01 -50.09
N PRO F 355 -2.83 23.62 -51.23
CA PRO F 355 -3.28 24.10 -52.54
C PRO F 355 -4.77 23.83 -52.77
N PRO F 356 -5.50 24.83 -53.31
CA PRO F 356 -6.94 24.74 -53.52
C PRO F 356 -7.32 24.31 -54.95
N GLU F 357 -6.34 23.90 -55.76
CA GLU F 357 -6.66 23.50 -57.16
C GLU F 357 -7.67 22.35 -57.11
N ASN F 358 -7.44 21.35 -56.27
CA ASN F 358 -8.48 20.32 -56.12
C ASN F 358 -9.29 20.70 -54.88
N LEU F 359 -10.41 21.40 -55.08
CA LEU F 359 -11.29 21.79 -53.95
C LEU F 359 -12.68 22.11 -54.51
N ASP F 360 -13.70 22.06 -53.66
CA ASP F 360 -15.09 22.34 -54.13
C ASP F 360 -15.54 23.65 -53.50
N PHE F 361 -16.00 24.59 -54.32
CA PHE F 361 -16.42 25.93 -53.82
C PHE F 361 -17.93 26.08 -53.95
N SER F 362 -18.54 26.63 -52.89
CA SER F 362 -19.99 26.88 -52.81
C SER F 362 -20.38 28.09 -53.65
N GLU F 363 -21.69 28.23 -53.89
CA GLU F 363 -22.28 29.33 -54.69
C GLU F 363 -22.00 30.68 -54.04
N LEU F 364 -21.97 30.75 -52.71
CA LEU F 364 -21.73 32.02 -51.97
C LEU F 364 -20.26 32.20 -51.59
N GLY F 365 -19.35 31.45 -52.23
CA GLY F 365 -17.91 31.61 -51.98
C GLY F 365 -17.40 30.76 -50.84
N GLY F 366 -18.27 29.95 -50.25
CA GLY F 366 -17.88 29.03 -49.17
C GLY F 366 -17.13 27.82 -49.69
N VAL F 367 -16.39 27.13 -48.84
CA VAL F 367 -15.66 25.91 -49.28
C VAL F 367 -16.38 24.70 -48.69
N ASN F 368 -16.66 23.70 -49.52
CA ASN F 368 -17.34 22.49 -49.03
C ASN F 368 -16.27 21.45 -48.73
N LEU F 369 -16.13 21.05 -47.47
CA LEU F 369 -15.07 20.06 -47.14
C LEU F 369 -15.65 18.69 -47.44
N GLN F 370 -15.02 17.96 -48.37
CA GLN F 370 -15.54 16.63 -48.77
C GLN F 370 -14.61 15.52 -48.29
N THR F 371 -13.44 15.88 -47.77
CA THR F 371 -12.47 14.83 -47.36
C THR F 371 -12.05 15.05 -45.90
N PHE F 372 -11.69 13.98 -45.19
CA PHE F 372 -11.29 14.07 -43.77
C PHE F 372 -10.04 14.92 -43.64
N GLU F 373 -9.10 14.80 -44.58
CA GLU F 373 -7.87 15.63 -44.53
C GLU F 373 -8.24 17.11 -44.60
N GLN F 374 -9.19 17.45 -45.47
CA GLN F 374 -9.62 18.86 -45.62
C GLN F 374 -10.19 19.35 -44.29
N LEU F 375 -10.98 18.53 -43.61
CA LEU F 375 -11.54 18.99 -42.32
C LEU F 375 -10.39 19.27 -41.35
N ILE F 376 -9.41 18.38 -41.29
CA ILE F 376 -8.26 18.58 -40.37
C ILE F 376 -7.49 19.83 -40.81
N SER F 377 -7.34 20.03 -42.12
CA SER F 377 -6.60 21.22 -42.60
C SER F 377 -7.35 22.48 -42.15
N TYR F 378 -8.67 22.47 -42.26
CA TYR F 378 -9.47 23.64 -41.81
C TYR F 378 -9.25 23.83 -40.31
N LEU F 379 -9.27 22.74 -39.54
CA LEU F 379 -9.07 22.84 -38.07
C LEU F 379 -7.66 23.37 -37.80
N GLU F 380 -6.67 22.90 -38.56
CA GLU F 380 -5.28 23.37 -38.36
C GLU F 380 -5.23 24.87 -38.63
N TYR F 381 -5.90 25.33 -39.69
CA TYR F 381 -5.90 26.77 -40.02
C TYR F 381 -6.59 27.59 -38.93
N LYS F 382 -7.76 27.16 -38.47
CA LYS F 382 -8.47 27.95 -37.45
C LYS F 382 -7.63 27.99 -36.17
N LEU F 383 -7.12 26.83 -35.76
CA LEU F 383 -6.28 26.70 -34.54
C LEU F 383 -4.87 27.28 -34.68
N LEU F 384 -4.19 27.06 -35.81
CA LEU F 384 -2.77 27.47 -35.83
C LEU F 384 -2.39 28.52 -36.86
N GLU F 385 -3.23 28.85 -37.85
CA GLU F 385 -2.75 29.84 -38.86
C GLU F 385 -3.70 31.02 -39.03
N GLU F 386 -4.84 31.04 -38.35
CA GLU F 386 -5.85 32.07 -38.67
C GLU F 386 -5.37 33.51 -38.49
N ARG F 387 -4.68 33.85 -37.41
CA ARG F 387 -4.33 35.28 -37.29
C ARG F 387 -2.84 35.43 -36.99
N GLU F 388 -2.01 35.18 -37.99
CA GLU F 388 -0.52 35.23 -37.88
C GLU F 388 -0.06 34.27 -36.77
N GLY F 389 -0.66 33.08 -36.69
CA GLY F 389 -0.33 32.02 -35.73
C GLY F 389 -1.10 32.13 -34.43
N GLU F 390 -1.77 33.26 -34.19
CA GLU F 390 -2.55 33.42 -32.93
C GLU F 390 -3.73 32.47 -32.97
N GLY F 391 -4.40 32.40 -34.13
CA GLY F 391 -5.58 31.55 -34.35
C GLY F 391 -6.88 32.28 -34.03
N ASP F 392 -7.99 31.79 -34.55
CA ASP F 392 -9.27 32.48 -34.24
C ASP F 392 -9.46 32.39 -32.73
N PRO F 393 -9.73 33.51 -32.02
CA PRO F 393 -9.85 33.50 -30.57
C PRO F 393 -11.03 32.65 -30.11
N LYS F 394 -12.12 32.67 -30.86
CA LYS F 394 -13.31 31.87 -30.50
C LYS F 394 -12.97 30.38 -30.57
N TRP F 395 -12.23 29.96 -31.60
CA TRP F 395 -11.85 28.54 -31.72
C TRP F 395 -10.83 28.09 -30.67
N VAL F 396 -9.79 28.86 -30.40
CA VAL F 396 -8.83 28.40 -29.35
C VAL F 396 -9.13 29.21 -28.09
N LEU F 397 -9.77 28.62 -27.10
CA LEU F 397 -10.15 29.41 -25.91
C LEU F 397 -9.01 29.48 -24.91
N LYS F 398 -7.99 30.27 -25.24
CA LYS F 398 -6.79 30.49 -24.39
C LYS F 398 -6.10 29.16 -24.08
N GLN F 399 -6.01 28.28 -25.07
CA GLN F 399 -5.35 26.97 -24.90
C GLN F 399 -3.88 27.17 -25.30
N SER F 400 -2.96 26.54 -24.58
CA SER F 400 -1.51 26.72 -24.85
C SER F 400 -1.20 26.23 -26.25
N PRO F 401 -0.22 26.82 -26.96
CA PRO F 401 0.10 26.43 -28.32
C PRO F 401 0.48 24.95 -28.39
N GLY F 402 1.25 24.44 -27.42
CA GLY F 402 1.62 23.02 -27.44
C GLY F 402 0.40 22.14 -27.37
N THR F 403 -0.58 22.51 -26.55
CA THR F 403 -1.83 21.71 -26.42
C THR F 403 -2.55 21.68 -27.77
N LEU F 404 -2.62 22.80 -28.46
CA LEU F 404 -3.32 22.82 -29.77
C LEU F 404 -2.58 21.93 -30.76
N ARG F 405 -1.24 21.98 -30.77
CA ARG F 405 -0.44 21.15 -31.71
C ARG F 405 -0.67 19.67 -31.39
N ALA F 406 -0.73 19.33 -30.11
CA ALA F 406 -0.92 17.91 -29.77
C ALA F 406 -2.27 17.44 -30.34
N PHE F 407 -3.31 18.24 -30.18
CA PHE F 407 -4.63 17.85 -30.73
C PHE F 407 -4.53 17.76 -32.24
N THR F 408 -3.90 18.74 -32.87
CA THR F 408 -3.78 18.74 -34.35
C THR F 408 -2.91 17.56 -34.81
N ARG F 409 -1.80 17.32 -34.13
CA ARG F 409 -0.85 16.24 -34.55
C ARG F 409 -1.53 14.88 -34.49
N ARG F 410 -2.33 14.62 -33.46
CA ARG F 410 -3.01 13.31 -33.35
C ARG F 410 -3.96 13.11 -34.54
N LEU F 411 -4.68 14.17 -34.92
CA LEU F 411 -5.61 14.06 -36.08
C LEU F 411 -4.82 13.74 -37.34
N ARG F 412 -3.70 14.43 -37.56
CA ARG F 412 -2.90 14.15 -38.78
C ARG F 412 -2.38 12.72 -38.70
N GLY F 413 -1.94 12.29 -37.52
CA GLY F 413 -1.38 10.92 -37.42
C GLY F 413 -2.40 9.87 -37.81
N VAL F 414 -3.65 10.04 -37.40
CA VAL F 414 -4.72 9.04 -37.65
C VAL F 414 -5.51 9.36 -38.93
N GLN F 415 -5.16 10.42 -39.65
CA GLN F 415 -6.00 10.82 -40.81
C GLN F 415 -6.05 9.76 -41.91
N LYS F 416 -4.94 9.11 -42.24
CA LYS F 416 -5.00 8.14 -43.37
C LYS F 416 -5.97 7.00 -43.03
N TYR F 417 -5.95 6.51 -41.81
CA TYR F 417 -6.80 5.37 -41.36
C TYR F 417 -8.28 5.71 -41.32
N LEU F 418 -8.65 6.90 -40.86
CA LEU F 418 -10.09 7.26 -40.76
C LEU F 418 -10.59 7.93 -42.03
N SER F 419 -9.70 8.26 -42.96
CA SER F 419 -10.17 8.98 -44.16
C SER F 419 -11.16 8.14 -44.98
N PRO F 420 -10.93 6.84 -45.21
CA PRO F 420 -11.88 6.06 -46.00
C PRO F 420 -13.24 5.97 -45.30
N LEU F 421 -13.23 5.84 -43.97
CA LEU F 421 -14.47 5.74 -43.17
C LEU F 421 -15.29 7.03 -43.18
N ILE F 422 -14.67 8.22 -43.13
CA ILE F 422 -15.48 9.47 -43.09
C ILE F 422 -15.43 10.15 -44.47
N ARG F 423 -16.58 10.22 -45.13
CA ARG F 423 -16.63 10.76 -46.51
C ARG F 423 -17.68 11.86 -46.63
N GLY F 424 -17.31 12.99 -47.23
CA GLY F 424 -18.27 14.08 -47.50
C GLY F 424 -18.59 14.17 -48.98
N ASP F 425 -17.88 13.36 -49.78
CA ASP F 425 -17.97 13.28 -51.25
C ASP F 425 -19.33 12.75 -51.74
N LEU F 426 -19.92 11.81 -51.01
CA LEU F 426 -21.18 11.14 -51.42
C LEU F 426 -22.41 12.05 -51.39
N THR F 427 -23.43 11.68 -52.15
CA THR F 427 -24.74 12.38 -52.21
C THR F 427 -25.58 11.97 -51.00
N PRO F 428 -26.66 12.68 -50.63
CA PRO F 428 -27.43 12.33 -49.45
C PRO F 428 -28.06 10.94 -49.54
N GLU F 429 -28.62 10.59 -50.70
CA GLU F 429 -29.28 9.27 -50.84
C GLU F 429 -28.23 8.17 -50.66
N GLN F 430 -27.06 8.35 -51.28
CA GLN F 430 -25.99 7.33 -51.19
C GLN F 430 -25.58 7.19 -49.72
N ALA F 431 -25.42 8.33 -49.04
CA ALA F 431 -25.01 8.33 -47.63
C ALA F 431 -26.09 7.67 -46.77
N GLU F 432 -27.35 7.96 -47.05
CA GLU F 432 -28.45 7.40 -46.22
C GLU F 432 -28.43 5.88 -46.32
N GLY F 433 -28.23 5.36 -47.52
CA GLY F 433 -28.18 3.89 -47.67
C GLY F 433 -27.01 3.29 -46.93
N TYR F 434 -25.85 3.95 -46.99
CA TYR F 434 -24.59 3.41 -46.41
C TYR F 434 -24.42 3.66 -44.90
N ARG F 435 -25.19 4.53 -44.26
CA ARG F 435 -24.93 4.76 -42.82
C ARG F 435 -25.15 3.46 -42.06
N PRO F 436 -24.29 3.09 -41.09
CA PRO F 436 -24.43 1.85 -40.37
C PRO F 436 -25.45 2.01 -39.25
N ASP F 437 -26.60 1.35 -39.38
CA ASP F 437 -27.62 1.45 -38.30
C ASP F 437 -27.88 0.06 -37.75
N PRO F 438 -27.52 -0.21 -36.48
CA PRO F 438 -27.78 -1.50 -35.83
C PRO F 438 -29.27 -1.71 -35.54
N LEU F 439 -30.02 -0.62 -35.41
CA LEU F 439 -31.46 -0.65 -35.04
C LEU F 439 -32.34 -0.66 -36.29
N ARG F 440 -31.77 -0.92 -37.47
CA ARG F 440 -32.58 -0.92 -38.72
C ARG F 440 -33.73 -1.91 -38.56
N ARG F 441 -34.93 -1.51 -38.98
CA ARG F 441 -36.15 -2.36 -38.86
C ARG F 441 -35.95 -3.64 -39.67
N GLY F 442 -36.43 -4.77 -39.14
CA GLY F 442 -36.37 -6.05 -39.84
C GLY F 442 -35.03 -6.75 -39.69
N ILE F 443 -34.16 -6.22 -38.84
CA ILE F 443 -32.81 -6.81 -38.61
C ILE F 443 -32.70 -7.23 -37.14
N GLN F 444 -32.28 -8.46 -36.88
CA GLN F 444 -32.15 -8.93 -35.48
C GLN F 444 -30.68 -8.97 -35.06
N LEU F 445 -29.79 -9.32 -35.99
CA LEU F 445 -28.34 -9.40 -35.69
C LEU F 445 -27.57 -8.54 -36.68
N THR F 446 -26.67 -7.69 -36.17
CA THR F 446 -25.84 -6.83 -37.06
C THR F 446 -24.38 -7.18 -36.84
N VAL F 447 -23.66 -7.51 -37.90
CA VAL F 447 -22.22 -7.86 -37.78
C VAL F 447 -21.42 -6.78 -38.51
N VAL F 448 -20.52 -6.12 -37.80
CA VAL F 448 -19.70 -5.05 -38.45
C VAL F 448 -18.30 -5.60 -38.63
N ASP F 449 -17.78 -5.55 -39.86
CA ASP F 449 -16.43 -6.10 -40.08
C ASP F 449 -15.39 -5.02 -39.75
N ILE F 450 -14.55 -5.33 -38.77
CA ILE F 450 -13.53 -4.37 -38.25
C ILE F 450 -12.14 -4.95 -38.47
N HIS F 451 -12.05 -6.19 -38.96
CA HIS F 451 -10.73 -6.85 -39.11
C HIS F 451 -9.85 -6.10 -40.10
N ALA F 452 -10.41 -5.60 -41.18
CA ALA F 452 -9.62 -4.89 -42.22
C ALA F 452 -9.02 -3.61 -41.65
N LEU F 453 -9.78 -2.90 -40.82
CA LEU F 453 -9.37 -1.58 -40.28
C LEU F 453 -8.21 -1.69 -39.29
N SER F 454 -7.48 -0.59 -39.14
CA SER F 454 -6.35 -0.46 -38.18
C SER F 454 -6.90 -0.24 -36.78
N ALA F 455 -6.06 -0.34 -35.75
CA ALA F 455 -6.56 -0.24 -34.36
C ALA F 455 -7.27 1.08 -34.12
N HIS F 456 -6.73 2.19 -34.63
CA HIS F 456 -7.39 3.49 -34.41
C HIS F 456 -8.77 3.52 -35.07
N ALA F 457 -8.86 3.03 -36.31
CA ALA F 457 -10.17 2.98 -36.99
C ALA F 457 -11.09 2.03 -36.22
N GLN F 458 -10.55 0.90 -35.77
CA GLN F 458 -11.41 -0.06 -35.03
C GLN F 458 -11.93 0.62 -33.78
N MET F 459 -11.05 1.31 -33.05
CA MET F 459 -11.51 1.97 -31.81
C MET F 459 -12.54 3.05 -32.14
N PHE F 460 -12.31 3.80 -33.22
CA PHE F 460 -13.28 4.88 -33.59
C PHE F 460 -14.63 4.28 -33.95
N VAL F 461 -14.66 3.22 -34.75
CA VAL F 461 -15.96 2.64 -35.19
C VAL F 461 -16.73 2.08 -34.00
N VAL F 462 -16.07 1.36 -33.10
CA VAL F 462 -16.84 0.77 -31.97
C VAL F 462 -17.42 1.88 -31.12
N GLY F 463 -16.65 2.91 -30.81
CA GLY F 463 -17.17 3.99 -29.95
C GLY F 463 -18.33 4.72 -30.56
N VAL F 464 -18.23 5.06 -31.84
CA VAL F 464 -19.33 5.83 -32.49
C VAL F 464 -20.61 5.00 -32.51
N LEU F 465 -20.52 3.74 -32.92
CA LEU F 465 -21.74 2.91 -33.01
C LEU F 465 -22.32 2.70 -31.61
N LEU F 466 -21.48 2.42 -30.64
CA LEU F 466 -22.01 2.18 -29.28
C LEU F 466 -22.66 3.47 -28.75
N ARG F 467 -22.02 4.61 -28.95
CA ARG F 467 -22.60 5.88 -28.45
C ARG F 467 -23.87 6.20 -29.22
N GLU F 468 -23.90 5.97 -30.52
CA GLU F 468 -25.14 6.30 -31.27
C GLU F 468 -26.30 5.48 -30.73
N VAL F 469 -26.06 4.19 -30.53
CA VAL F 469 -27.13 3.29 -30.01
C VAL F 469 -27.50 3.75 -28.61
N PHE F 470 -26.49 4.03 -27.78
CA PHE F 470 -26.80 4.44 -26.38
C PHE F 470 -27.57 5.76 -26.36
N GLU F 471 -27.15 6.72 -27.17
CA GLU F 471 -27.86 8.04 -27.20
C GLU F 471 -29.28 7.86 -27.71
N TYR F 472 -29.47 7.04 -28.74
CA TYR F 472 -30.82 6.85 -29.34
C TYR F 472 -31.77 6.28 -28.30
N LYS F 473 -31.28 5.32 -27.51
CA LYS F 473 -32.11 4.70 -26.46
C LYS F 473 -32.49 5.75 -25.41
N GLU F 474 -31.57 6.66 -25.08
CA GLU F 474 -31.87 7.67 -24.05
C GLU F 474 -33.04 8.57 -24.48
N ARG F 475 -33.04 9.07 -25.73
CA ARG F 475 -34.16 9.94 -26.14
C ARG F 475 -35.46 9.15 -26.37
N VAL F 476 -35.37 8.06 -27.12
CA VAL F 476 -36.55 7.21 -27.48
C VAL F 476 -37.12 6.43 -26.30
N GLY F 477 -36.26 5.91 -25.43
CA GLY F 477 -36.71 5.04 -24.33
C GLY F 477 -36.34 3.59 -24.64
N ARG F 478 -36.61 2.64 -23.73
CA ARG F 478 -36.18 1.25 -24.02
C ARG F 478 -37.28 0.46 -24.76
N GLN F 479 -37.26 0.52 -26.08
CA GLN F 479 -38.29 -0.20 -26.88
C GLN F 479 -37.74 -1.53 -27.39
N ASP F 480 -36.48 -1.83 -27.13
CA ASP F 480 -35.91 -3.09 -27.64
C ASP F 480 -34.76 -3.51 -26.75
N THR F 481 -34.39 -4.79 -26.77
CA THR F 481 -33.23 -5.24 -25.98
C THR F 481 -32.05 -5.36 -26.93
N VAL F 482 -31.07 -4.46 -26.83
CA VAL F 482 -29.89 -4.51 -27.73
C VAL F 482 -28.76 -5.21 -27.00
N PHE F 483 -28.30 -6.32 -27.56
CA PHE F 483 -27.19 -7.07 -26.94
C PHE F 483 -25.92 -6.70 -27.70
N VAL F 484 -24.95 -6.17 -26.97
CA VAL F 484 -23.68 -5.81 -27.55
C VAL F 484 -22.65 -6.85 -27.14
N VAL F 485 -22.08 -7.54 -28.12
CA VAL F 485 -21.17 -8.64 -27.88
C VAL F 485 -19.77 -8.17 -28.21
N LEU F 486 -18.91 -8.07 -27.20
CA LEU F 486 -17.62 -7.43 -27.39
C LEU F 486 -16.54 -8.26 -26.70
N ASP F 487 -15.58 -8.71 -27.49
CA ASP F 487 -14.42 -9.45 -27.01
C ASP F 487 -13.23 -8.51 -26.81
N GLU F 488 -12.21 -9.02 -26.14
CA GLU F 488 -11.00 -8.27 -25.79
C GLU F 488 -11.37 -7.01 -25.00
N LEU F 489 -12.20 -7.17 -23.96
CA LEU F 489 -12.66 -6.02 -23.18
C LEU F 489 -11.52 -5.21 -22.57
N ASN F 490 -10.37 -5.85 -22.28
CA ASN F 490 -9.24 -5.11 -21.73
C ASN F 490 -8.73 -4.05 -22.71
N LYS F 491 -8.82 -4.34 -24.01
CA LYS F 491 -8.39 -3.38 -25.02
C LYS F 491 -9.24 -2.11 -24.94
N TYR F 492 -10.59 -2.25 -24.89
CA TYR F 492 -11.50 -1.10 -24.96
C TYR F 492 -11.72 -0.42 -23.62
N ALA F 493 -11.69 -1.19 -22.53
CA ALA F 493 -11.95 -0.69 -21.17
C ALA F 493 -10.82 -1.11 -20.23
N PRO F 494 -9.62 -0.53 -20.39
CA PRO F 494 -8.50 -0.92 -19.52
C PRO F 494 -8.81 -0.60 -18.06
N ARG F 495 -8.03 -1.21 -17.17
CA ARG F 495 -8.28 -1.01 -15.74
C ARG F 495 -7.98 0.41 -15.28
N GLU F 496 -6.89 1.02 -15.76
CA GLU F 496 -6.52 2.34 -15.26
C GLU F 496 -6.64 3.47 -16.28
N GLY F 497 -6.59 3.20 -17.58
CA GLY F 497 -6.79 4.24 -18.57
C GLY F 497 -8.12 4.98 -18.41
N ASP F 498 -8.27 6.05 -19.19
CA ASP F 498 -9.51 6.82 -19.23
C ASP F 498 -9.72 7.35 -20.65
N SER F 499 -10.77 6.89 -21.32
CA SER F 499 -10.95 7.14 -22.75
C SER F 499 -12.43 7.34 -23.04
N PRO F 500 -12.77 7.90 -24.20
CA PRO F 500 -14.20 8.05 -24.54
C PRO F 500 -14.89 6.73 -24.79
N ILE F 501 -14.19 5.79 -25.41
CA ILE F 501 -14.75 4.48 -25.65
C ILE F 501 -14.96 3.76 -24.34
N LYS F 502 -14.10 4.03 -23.36
CA LYS F 502 -14.31 3.44 -22.05
C LYS F 502 -15.52 4.07 -21.40
N ASP F 503 -15.74 5.35 -21.66
CA ASP F 503 -16.85 6.04 -21.04
C ASP F 503 -18.19 5.53 -21.55
N VAL F 504 -18.28 5.22 -22.85
CA VAL F 504 -19.55 4.69 -23.38
C VAL F 504 -19.78 3.27 -22.89
N LEU F 505 -18.70 2.49 -22.75
CA LEU F 505 -18.84 1.19 -22.11
C LEU F 505 -19.28 1.33 -20.66
N LEU F 506 -18.77 2.34 -19.95
CA LEU F 506 -19.19 2.55 -18.56
C LEU F 506 -20.66 2.93 -18.50
N ASP F 507 -21.11 3.81 -19.39
CA ASP F 507 -22.53 4.15 -19.44
C ASP F 507 -23.37 2.91 -19.70
N ILE F 508 -22.91 2.03 -20.58
CA ILE F 508 -23.67 0.82 -20.87
C ILE F 508 -23.73 -0.06 -19.64
N ALA F 509 -22.63 -0.14 -18.89
CA ALA F 509 -22.61 -1.05 -17.76
C ALA F 509 -23.49 -0.53 -16.64
N GLU F 510 -23.37 0.77 -16.35
CA GLU F 510 -24.01 1.31 -15.15
C GLU F 510 -25.44 1.77 -15.40
N ARG F 511 -25.76 2.17 -16.63
CA ARG F 511 -27.11 2.60 -16.94
C ARG F 511 -27.85 1.72 -17.92
N GLY F 512 -27.21 0.67 -18.45
CA GLY F 512 -27.82 -0.07 -19.54
C GLY F 512 -29.01 -0.91 -19.13
N ARG F 513 -29.07 -1.33 -17.87
CA ARG F 513 -30.19 -2.15 -17.41
C ARG F 513 -31.50 -1.43 -17.66
N SER F 514 -31.66 -0.26 -17.05
CA SER F 514 -32.88 0.51 -17.26
C SER F 514 -33.02 0.93 -18.71
N LEU F 515 -31.92 1.18 -19.41
CA LEU F 515 -31.98 1.67 -20.78
C LEU F 515 -32.16 0.56 -21.80
N GLY F 516 -32.03 -0.69 -21.40
CA GLY F 516 -32.17 -1.81 -22.30
C GLY F 516 -30.95 -2.16 -23.12
N ILE F 517 -29.77 -1.69 -22.73
CA ILE F 517 -28.54 -2.01 -23.45
C ILE F 517 -27.77 -3.02 -22.62
N ILE F 518 -27.59 -4.22 -23.16
CA ILE F 518 -27.01 -5.33 -22.40
C ILE F 518 -25.67 -5.70 -23.03
N LEU F 519 -24.65 -5.81 -22.18
CA LEU F 519 -23.28 -6.05 -22.60
C LEU F 519 -22.91 -7.51 -22.38
N ILE F 520 -22.68 -8.23 -23.47
CA ILE F 520 -22.10 -9.57 -23.41
C ILE F 520 -20.63 -9.41 -23.77
N GLY F 521 -19.80 -9.29 -22.74
CA GLY F 521 -18.41 -8.92 -22.91
C GLY F 521 -17.49 -10.05 -22.43
N ALA F 522 -16.36 -10.16 -23.09
CA ALA F 522 -15.41 -11.24 -22.85
C ALA F 522 -14.02 -10.67 -22.80
N GLN F 523 -13.24 -11.14 -21.83
CA GLN F 523 -11.84 -10.79 -21.68
C GLN F 523 -11.09 -12.04 -21.25
N GLN F 524 -9.78 -12.04 -21.49
CA GLN F 524 -8.96 -13.15 -21.02
C GLN F 524 -8.85 -13.17 -19.51
N THR F 525 -8.83 -11.99 -18.88
CA THR F 525 -8.75 -11.87 -17.42
C THR F 525 -9.55 -10.66 -17.00
N ALA F 526 -10.42 -10.84 -16.00
CA ALA F 526 -11.11 -9.67 -15.46
C ALA F 526 -10.14 -8.72 -14.75
N SER F 527 -8.92 -9.15 -14.47
CA SER F 527 -7.99 -8.31 -13.74
C SER F 527 -7.50 -7.15 -14.58
N GLU F 528 -7.55 -7.26 -15.90
CA GLU F 528 -7.13 -6.21 -16.80
C GLU F 528 -8.26 -5.26 -17.20
N VAL F 529 -9.48 -5.47 -16.66
CA VAL F 529 -10.64 -4.69 -17.08
C VAL F 529 -11.06 -3.75 -15.96
N GLU F 530 -11.67 -2.62 -16.35
CA GLU F 530 -12.15 -1.62 -15.41
C GLU F 530 -13.09 -2.24 -14.37
N ARG F 531 -12.83 -1.94 -13.10
CA ARG F 531 -13.54 -2.63 -12.02
C ARG F 531 -15.04 -2.40 -12.11
N ARG F 532 -15.46 -1.25 -12.60
CA ARG F 532 -16.88 -0.94 -12.66
C ARG F 532 -17.60 -1.75 -13.73
N ILE F 533 -16.92 -2.02 -14.84
CA ILE F 533 -17.57 -2.78 -15.90
C ILE F 533 -17.74 -4.24 -15.50
N VAL F 534 -16.70 -4.84 -14.93
CA VAL F 534 -16.80 -6.23 -14.51
C VAL F 534 -17.75 -6.35 -13.32
N SER F 535 -17.75 -5.35 -12.44
CA SER F 535 -18.57 -5.44 -11.24
C SER F 535 -20.06 -5.41 -11.53
N ASN F 536 -20.47 -4.86 -12.69
CA ASN F 536 -21.86 -4.71 -13.05
C ASN F 536 -22.40 -5.87 -13.89
N ALA F 537 -21.65 -6.95 -14.00
CA ALA F 537 -22.12 -8.14 -14.72
C ALA F 537 -22.75 -9.11 -13.74
N ALA F 538 -24.05 -9.36 -13.91
CA ALA F 538 -24.75 -10.28 -13.02
C ALA F 538 -24.36 -11.72 -13.31
N ILE F 539 -24.16 -12.07 -14.57
CA ILE F 539 -23.76 -13.41 -15.00
C ILE F 539 -22.27 -13.41 -15.28
N ARG F 540 -21.53 -14.33 -14.65
CA ARG F 540 -20.11 -14.53 -14.86
C ARG F 540 -19.83 -15.95 -15.34
N VAL F 541 -19.23 -16.07 -16.53
CA VAL F 541 -18.89 -17.35 -17.13
C VAL F 541 -17.37 -17.43 -17.22
N VAL F 542 -16.81 -18.59 -16.86
CA VAL F 542 -15.36 -18.83 -16.80
C VAL F 542 -15.03 -20.07 -17.64
N GLY F 543 -14.24 -19.89 -18.69
CA GLY F 543 -13.58 -20.98 -19.38
C GLY F 543 -12.29 -21.35 -18.67
N ARG F 544 -11.46 -22.15 -19.36
CA ARG F 544 -10.15 -22.53 -18.79
C ARG F 544 -9.39 -21.29 -18.36
N LEU F 545 -9.08 -21.21 -17.07
CA LEU F 545 -8.42 -20.05 -16.50
C LEU F 545 -6.92 -20.24 -16.40
N ASP F 546 -6.18 -19.15 -16.57
CA ASP F 546 -4.74 -19.20 -16.36
C ASP F 546 -4.43 -19.58 -14.91
N LEU F 547 -3.27 -20.18 -14.72
CA LEU F 547 -2.86 -20.64 -13.39
C LEU F 547 -2.87 -19.49 -12.40
N ALA F 548 -2.25 -18.37 -12.77
CA ALA F 548 -2.14 -17.23 -11.88
C ALA F 548 -3.50 -16.62 -11.55
N GLU F 549 -4.39 -16.50 -12.54
CA GLU F 549 -5.53 -15.61 -12.45
C GLU F 549 -6.63 -16.11 -11.52
N ALA F 550 -6.68 -17.41 -11.24
CA ALA F 550 -7.72 -17.93 -10.35
C ALA F 550 -7.53 -17.41 -8.92
N GLU F 551 -6.28 -17.24 -8.49
CA GLU F 551 -5.98 -16.77 -7.14
C GLU F 551 -6.33 -15.30 -6.95
N ARG F 552 -6.59 -14.57 -8.02
CA ARG F 552 -6.70 -13.14 -7.94
C ARG F 552 -8.06 -12.74 -7.35
N PRO F 553 -8.19 -11.50 -6.90
CA PRO F 553 -9.47 -11.06 -6.30
C PRO F 553 -10.63 -10.92 -7.27
N GLU F 554 -10.39 -10.76 -8.57
CA GLU F 554 -11.53 -10.66 -9.47
C GLU F 554 -12.24 -12.00 -9.64
N TYR F 555 -11.60 -13.11 -9.25
CA TYR F 555 -12.16 -14.45 -9.40
C TYR F 555 -12.44 -15.11 -8.05
N ARG F 556 -12.84 -14.30 -7.07
CA ARG F 556 -13.23 -14.84 -5.77
C ARG F 556 -14.55 -15.57 -5.83
N PHE F 557 -15.38 -15.32 -6.83
CA PHE F 557 -16.65 -16.04 -6.93
C PHE F 557 -16.45 -17.52 -7.25
N LEU F 558 -15.24 -17.95 -7.63
CA LEU F 558 -14.90 -19.36 -7.69
C LEU F 558 -14.37 -19.82 -6.35
N PRO F 559 -15.00 -20.80 -5.71
CA PRO F 559 -14.40 -21.40 -4.50
C PRO F 559 -13.05 -22.02 -4.80
N GLN F 560 -12.23 -22.12 -3.75
CA GLN F 560 -10.86 -22.60 -3.91
C GLN F 560 -10.83 -24.01 -4.52
N SER F 561 -11.86 -24.83 -4.25
CA SER F 561 -11.96 -26.18 -4.82
C SER F 561 -11.95 -26.16 -6.34
N PHE F 562 -12.52 -25.12 -6.92
CA PHE F 562 -12.65 -25.06 -8.36
C PHE F 562 -11.33 -24.73 -9.04
N ARG F 563 -10.37 -24.13 -8.31
CA ARG F 563 -9.25 -23.49 -9.00
C ARG F 563 -8.42 -24.51 -9.76
N GLY F 564 -8.03 -25.60 -9.11
CA GLY F 564 -7.19 -26.58 -9.80
C GLY F 564 -7.88 -27.22 -10.98
N ARG F 565 -9.18 -27.44 -10.85
CA ARG F 565 -9.97 -27.95 -11.97
C ARG F 565 -10.03 -26.91 -13.09
N ALA F 566 -10.24 -25.64 -12.73
CA ALA F 566 -10.38 -24.59 -13.74
C ALA F 566 -9.10 -24.44 -14.57
N GLY F 567 -7.97 -24.91 -14.05
CA GLY F 567 -6.74 -24.76 -14.78
C GLY F 567 -6.67 -25.63 -16.01
N ILE F 568 -7.48 -26.69 -16.07
CA ILE F 568 -7.34 -27.72 -17.08
C ILE F 568 -8.64 -27.93 -17.86
N LEU F 569 -9.66 -27.10 -17.65
CA LEU F 569 -10.93 -27.23 -18.35
C LEU F 569 -10.76 -27.33 -19.86
N GLN F 570 -11.56 -28.19 -20.50
CA GLN F 570 -11.46 -28.40 -21.94
C GLN F 570 -12.20 -27.31 -22.71
N PRO F 571 -11.80 -27.04 -23.96
CA PRO F 571 -12.64 -26.18 -24.82
C PRO F 571 -14.06 -26.71 -24.92
N GLY F 572 -15.01 -25.80 -24.83
CA GLY F 572 -16.42 -26.13 -24.81
C GLY F 572 -17.01 -26.19 -23.42
N THR F 573 -16.17 -26.17 -22.39
CA THR F 573 -16.54 -26.40 -20.99
C THR F 573 -16.44 -25.10 -20.22
N MET F 574 -17.54 -24.66 -19.65
CA MET F 574 -17.62 -23.37 -18.99
C MET F 574 -18.26 -23.53 -17.61
N LEU F 575 -17.82 -22.71 -16.66
CA LEU F 575 -18.50 -22.55 -15.38
C LEU F 575 -19.30 -21.27 -15.42
N VAL F 576 -20.63 -21.36 -15.31
CA VAL F 576 -21.49 -20.19 -15.29
C VAL F 576 -21.95 -19.95 -13.87
N SER F 577 -21.96 -18.68 -13.47
CA SER F 577 -22.33 -18.27 -12.13
C SER F 577 -23.38 -17.18 -12.29
N GLN F 578 -24.50 -17.34 -11.59
CA GLN F 578 -25.61 -16.40 -11.65
C GLN F 578 -26.11 -16.17 -10.24
N PRO F 579 -26.77 -15.04 -10.00
CA PRO F 579 -27.10 -14.68 -8.61
C PRO F 579 -28.04 -15.65 -7.92
N ASP F 580 -28.94 -16.31 -8.66
CA ASP F 580 -29.97 -17.12 -8.00
C ASP F 580 -29.35 -18.35 -7.33
N VAL F 581 -28.31 -18.94 -7.91
CA VAL F 581 -27.68 -20.15 -7.39
C VAL F 581 -26.32 -19.77 -6.80
N PRO F 582 -25.99 -20.24 -5.57
CA PRO F 582 -24.81 -19.72 -4.87
C PRO F 582 -23.47 -20.07 -5.50
N ASN F 583 -23.25 -21.30 -5.91
CA ASN F 583 -21.93 -21.64 -6.43
C ASN F 583 -21.95 -21.81 -7.94
N PRO F 584 -20.79 -21.79 -8.61
CA PRO F 584 -20.79 -21.92 -10.08
C PRO F 584 -21.23 -23.32 -10.51
N VAL F 585 -21.70 -23.40 -11.76
CA VAL F 585 -22.23 -24.64 -12.33
C VAL F 585 -21.46 -24.95 -13.61
N LEU F 586 -20.79 -26.11 -13.62
CA LEU F 586 -20.09 -26.56 -14.81
C LEU F 586 -21.07 -26.99 -15.89
N VAL F 587 -20.79 -26.59 -17.14
CA VAL F 587 -21.76 -26.64 -18.21
C VAL F 587 -21.04 -27.03 -19.50
N ASN F 588 -21.78 -27.64 -20.43
CA ASN F 588 -21.34 -27.78 -21.81
C ASN F 588 -22.42 -27.24 -22.72
N TYR F 589 -22.04 -26.87 -23.93
CA TYR F 589 -23.03 -26.36 -24.88
C TYR F 589 -22.75 -26.95 -26.26
N PRO F 590 -23.77 -27.07 -27.12
CA PRO F 590 -23.57 -27.76 -28.40
C PRO F 590 -22.66 -27.01 -29.35
N PHE F 591 -22.20 -27.71 -30.38
CA PHE F 591 -21.41 -27.07 -31.42
C PHE F 591 -22.30 -26.14 -32.23
N PRO F 592 -21.74 -25.08 -32.81
CA PRO F 592 -22.58 -24.06 -33.43
C PRO F 592 -23.35 -24.59 -34.64
N ALA F 593 -24.63 -24.31 -34.66
CA ALA F 593 -25.48 -24.54 -35.82
C ALA F 593 -25.25 -23.53 -36.93
N TRP F 594 -24.43 -22.51 -36.69
CA TRP F 594 -24.07 -21.49 -37.66
C TRP F 594 -22.62 -21.70 -38.08
N ALA F 595 -22.27 -21.19 -39.25
CA ALA F 595 -20.89 -21.29 -39.74
C ALA F 595 -19.99 -20.28 -39.04
N THR F 596 -18.85 -20.74 -38.55
CA THR F 596 -17.82 -19.89 -37.98
C THR F 596 -16.58 -19.78 -38.87
N ARG F 597 -16.59 -20.40 -40.04
CA ARG F 597 -15.46 -20.40 -40.95
C ARG F 597 -15.97 -20.52 -42.38
N ARG F 598 -15.10 -20.23 -43.34
CA ARG F 598 -15.49 -20.29 -44.74
C ARG F 598 -15.72 -21.72 -45.21
N ASP F 599 -14.98 -22.68 -44.67
CA ASP F 599 -15.12 -24.09 -45.03
C ASP F 599 -16.31 -24.75 -44.35
N GLU F 600 -16.84 -24.13 -43.30
CA GLU F 600 -17.98 -24.71 -42.55
C GLU F 600 -19.31 -24.34 -43.23
N VAL F 601 -19.24 -23.64 -44.36
CA VAL F 601 -20.47 -23.23 -45.09
C VAL F 601 -21.08 -24.45 -45.77
N ASP F 602 -22.40 -24.62 -45.64
CA ASP F 602 -23.12 -25.78 -46.22
C ASP F 602 -24.01 -25.29 -47.37
N ASP F 603 -23.79 -25.81 -48.58
CA ASP F 603 -24.60 -25.42 -49.76
C ASP F 603 -25.61 -26.53 -50.06
#